data_7P77
#
_entry.id   7P77
#
_cell.length_a   1.00
_cell.length_b   1.00
_cell.length_c   1.00
_cell.angle_alpha   90.00
_cell.angle_beta   90.00
_cell.angle_gamma   90.00
#
_symmetry.space_group_name_H-M   'P 1'
#
loop_
_entity.id
_entity.type
_entity.pdbx_description
1 polymer 'Spike glycoprotein'
2 polymer sybody#15
3 polymer sybody#68
4 branched 2-acetamido-2-deoxy-beta-D-glucopyranose-(1-4)-2-acetamido-2-deoxy-beta-D-glucopyranose
5 branched beta-D-mannopyranose-(1-4)-2-acetamido-2-deoxy-beta-D-glucopyranose-(1-4)-2-acetamido-2-deoxy-beta-D-glucopyranose
6 branched beta-D-mannopyranose-(1-4)-2-acetamido-2-deoxy-beta-D-glucopyranose
7 branched 2-acetamido-2-deoxy-beta-D-glucopyranose-(1-4)-2-acetamido-2-deoxy-beta-D-glucopyranose-(5-4)-2-acetamido-2-deoxy-beta-D-glucopyranose
8 non-polymer 2-acetamido-2-deoxy-beta-D-glucopyranose
#
loop_
_entity_poly.entity_id
_entity_poly.type
_entity_poly.pdbx_seq_one_letter_code
_entity_poly.pdbx_strand_id
1 'polypeptide(L)'
;MFVFLVLLPLVSSQCVNLTTRTQLPPAYTNSFTRGVYYPDKVFRSSVLHSTQDLFLPFFSNVTWFHAIHVSGTNGTKRFD
NPVLPFNDGVYFASTEKSNIIRGWIFGTTLDSKTQSLLIVNNATNVVIKVCEFQFCNDPFLGVYYHKNNKSWMESEFRVY
SSANNCTFEYVSQPFLMDLEGKQGNFKNLREFVFKNIDGYFKIYSKHTPINLVRDLPQGFSALEPLVDLPIGINITRFQT
LLALHRSYLTPGDSSSGWTAGAAAYYVGYLQPRTFLLKYNENGTITDAVDCALDPLSETKCTLKSFTVEKGIYQTSNFRV
QPTESIVRFPNITNLCPFGEVFNATRFASVYAWNRKRISNCVADYSVLYNSASFSTFKCYGVSPTKLNDLCFTNVYADSF
VIRGDEVRQIAPGQTGKIADYNYKLPDDFTGCVIAWNSNNLDSKVGGNYNYLYRLFRKSNLKPFERDISTEIYQAGSTPC
NGVEGFNCYFPLQSYGFQPTNGVGYQPYRVVVLSFELLHAPATVCGPKKSTNLVKNKCVNFNFNGLTGTGVLTESNKKFL
PFQQFGRDIADTTDAVRDPQTLEILDITPCSFGGVSVITPGTNTSNQVAVLYQDVNCTEVPVAIHADQLTPTWRVYSTGS
NVFQTRAGCLIGAEHVNNSYECDIPIGAGICASYQTQTNSPGSASSVASQSIIAYTMSLGAENSVAYSNNSIAIPTNFTI
SVTTEILPVSMTKTSVDCTMYICGDSTECSNLLLQYGSFCTQLNRALTGIAVEQDKNTQEVFAQVKQIYKTPPIKDFGGF
NFSQILPDPSKPSKRSFIEDLLFNKVTLADAGFIKQYGDCLGDIAARDLICAQKFNGLTVLPPLLTDEMIAQYTSALLAG
TITSGWTFGAGAALQIPFAMQMAYRFNGIGVTQNVLYENQKLIANQFNSAIGKIQDSLSSTASALGKLQDVVNQNAQALN
TLVKQLSSNFGAISSVLNDILSRLDPPEAEVQIDRLITGRLQSLQTYVTQQLIRAAEIRASANLAATKMSECVLGQSKRV
DFCGKGYHLMSFPQSAPHGVVFLHVTYVPAQEKNFTTAPAICHDGKAHFPREGVFVSNGTHWFVTQRNFYEPQIITTDNT
FVSGNCDVVIGIVNNTVYDPLQPELDSFKEELDKYFKNHTSPDVDLGDISGINASVVNIQKEIDRLNEVAKNLNESLIDL
QELGKYEQGSGYIPEAPRDGQAYVRKDGEWVLLSTFLGRSLEVLFQGPGHHHHHHHHSAWSHPQFEKGGGSGGGGSGGSA
WSHPQFEK
;
B,C,E
2 'polypeptide(L)'
;QVQLVESGGGLVQAGGSLRLSCAASGFPVKNFEMEWYRKAPGKEREWVAAIQSGGVETYYADSVKGRFTISRDNAKNTVY
LQMNSLKPEDTAVYYCFVYVGRSYIGQGTQVTVS
;
A,D,H
3 'polypeptide(L)'
;QVQLVESGGGSVQAGGSLRLSCAASGSISSITYLGWFRQAPGKEREGVAALITVNGHTYYADSVKGRFTVSLDNAKNTVY
LQMNSLKPEDTALYYCAAAAWGYAWPLHQDDYWYWGQGTQVTVS
;
W,Y,X
#
# COMPACT_ATOMS: atom_id res chain seq x y z
N PRO A 26 -27.83 26.93 43.95
CA PRO A 26 -28.13 26.07 45.10
C PRO A 26 -29.07 24.92 44.73
N ALA A 27 -29.27 24.00 45.71
CA ALA A 27 -30.17 22.84 45.62
C ALA A 27 -29.79 21.91 44.46
N TYR A 28 -28.63 21.28 44.60
CA TYR A 28 -28.14 20.32 43.64
C TYR A 28 -28.56 18.90 44.02
N THR A 29 -28.82 18.08 43.01
CA THR A 29 -29.35 16.74 43.22
C THR A 29 -28.53 15.77 42.38
N ASN A 30 -28.31 14.57 42.91
CA ASN A 30 -27.52 13.55 42.26
C ASN A 30 -28.41 12.76 41.29
N SER A 31 -27.78 12.27 40.22
CA SER A 31 -28.46 11.51 39.17
C SER A 31 -28.06 10.04 39.28
N PHE A 32 -28.90 9.25 39.92
CA PHE A 32 -28.59 7.85 40.21
C PHE A 32 -28.83 7.00 38.97
N THR A 33 -27.72 6.74 38.25
CA THR A 33 -27.56 5.99 36.96
C THR A 33 -28.69 6.25 35.95
N ARG A 34 -28.98 7.53 35.77
CA ARG A 34 -30.22 8.00 35.17
C ARG A 34 -29.95 8.55 33.78
N GLY A 35 -30.82 8.18 32.83
CA GLY A 35 -30.87 8.88 31.56
C GLY A 35 -30.01 8.39 30.41
N VAL A 36 -30.19 7.13 30.00
CA VAL A 36 -29.48 6.56 28.86
C VAL A 36 -30.50 6.34 27.74
N TYR A 37 -30.19 6.86 26.56
CA TYR A 37 -31.11 6.81 25.43
C TYR A 37 -30.65 5.78 24.42
N TYR A 38 -31.56 5.41 23.52
CA TYR A 38 -31.18 4.62 22.35
C TYR A 38 -30.45 5.54 21.37
N PRO A 39 -29.19 5.24 21.00
CA PRO A 39 -28.43 6.19 20.17
C PRO A 39 -28.83 6.21 18.71
N ASP A 40 -29.53 5.19 18.22
CA ASP A 40 -29.87 5.11 16.80
C ASP A 40 -31.19 4.39 16.64
N LYS A 41 -31.56 4.11 15.39
CA LYS A 41 -32.81 3.46 15.06
C LYS A 41 -32.66 1.95 14.97
N VAL A 42 -31.52 1.42 15.36
CA VAL A 42 -31.13 0.04 15.12
C VAL A 42 -31.65 -0.86 16.23
N PHE A 43 -32.40 -1.90 15.83
CA PHE A 43 -32.80 -2.98 16.71
C PHE A 43 -31.63 -3.96 16.82
N ARG A 44 -31.17 -4.18 18.05
CA ARG A 44 -30.30 -5.32 18.35
C ARG A 44 -30.86 -6.02 19.59
N SER A 45 -30.68 -7.34 19.64
CA SER A 45 -31.31 -8.17 20.66
C SER A 45 -30.27 -9.07 21.31
N SER A 46 -30.27 -9.09 22.65
CA SER A 46 -29.50 -10.00 23.50
C SER A 46 -27.99 -9.87 23.28
N VAL A 47 -27.55 -8.63 23.11
CA VAL A 47 -26.15 -8.35 22.80
C VAL A 47 -25.69 -7.22 23.72
N LEU A 48 -24.41 -7.26 24.09
CA LEU A 48 -23.75 -6.17 24.77
C LEU A 48 -23.04 -5.32 23.72
N HIS A 49 -23.45 -4.06 23.61
CA HIS A 49 -22.98 -3.20 22.54
C HIS A 49 -22.30 -1.96 23.10
N SER A 50 -21.16 -1.60 22.51
CA SER A 50 -20.41 -0.42 22.90
C SER A 50 -20.58 0.66 21.82
N THR A 51 -20.94 1.86 22.25
CA THR A 51 -21.14 2.97 21.34
C THR A 51 -20.55 4.24 21.92
N GLN A 52 -20.30 5.22 21.06
CA GLN A 52 -19.81 6.53 21.46
C GLN A 52 -20.80 7.58 20.97
N ASP A 53 -21.35 8.34 21.90
CA ASP A 53 -22.24 9.45 21.60
C ASP A 53 -22.12 10.44 22.76
N LEU A 54 -22.97 11.47 22.77
CA LEU A 54 -23.02 12.40 23.88
C LEU A 54 -24.09 11.91 24.85
N PHE A 55 -23.65 11.41 26.00
CA PHE A 55 -24.53 10.85 27.01
C PHE A 55 -24.53 11.72 28.25
N LEU A 56 -25.30 11.32 29.25
CA LEU A 56 -25.14 11.85 30.60
C LEU A 56 -24.20 10.92 31.35
N PRO A 57 -23.06 11.39 31.85
CA PRO A 57 -22.23 10.54 32.70
C PRO A 57 -22.90 10.26 34.03
N PHE A 58 -22.57 9.10 34.60
CA PHE A 58 -23.26 8.63 35.80
C PHE A 58 -22.79 9.40 37.03
N PHE A 59 -23.71 9.52 38.00
CA PHE A 59 -23.47 10.05 39.35
C PHE A 59 -22.98 11.49 39.35
N SER A 60 -23.51 12.33 38.46
CA SER A 60 -23.22 13.75 38.47
C SER A 60 -24.34 14.51 39.18
N ASN A 61 -24.22 15.85 39.18
CA ASN A 61 -25.24 16.73 39.72
C ASN A 61 -26.14 17.30 38.63
N VAL A 62 -27.44 17.34 38.93
CA VAL A 62 -28.40 18.13 38.17
C VAL A 62 -28.87 19.26 39.08
N THR A 63 -29.46 20.29 38.48
CA THR A 63 -29.89 21.44 39.26
C THR A 63 -31.39 21.42 39.46
N TRP A 64 -31.80 21.47 40.73
CA TRP A 64 -33.19 21.44 41.11
C TRP A 64 -33.64 22.88 41.31
N PHE A 65 -34.84 23.21 40.85
CA PHE A 65 -35.44 24.51 41.11
C PHE A 65 -36.86 24.33 41.66
N HIS A 66 -37.45 25.44 42.09
CA HIS A 66 -38.85 25.48 42.46
C HIS A 66 -39.64 26.22 41.37
N PHE A 79 -43.37 31.83 40.44
CA PHE A 79 -42.51 31.95 41.62
C PHE A 79 -41.04 32.04 41.22
N ASP A 80 -40.58 31.05 40.45
CA ASP A 80 -39.20 30.98 40.00
C ASP A 80 -39.18 30.73 38.51
N ASN A 81 -38.40 31.54 37.77
CA ASN A 81 -38.20 31.27 36.35
C ASN A 81 -36.75 31.57 35.94
N PRO A 82 -35.81 30.65 36.15
CA PRO A 82 -34.42 30.90 35.76
C PRO A 82 -34.24 30.72 34.26
N VAL A 83 -33.09 31.18 33.77
CA VAL A 83 -32.70 31.07 32.37
C VAL A 83 -31.37 30.33 32.32
N LEU A 84 -31.34 29.20 31.62
CA LEU A 84 -30.21 28.28 31.66
C LEU A 84 -29.54 28.16 30.29
N PRO A 85 -28.22 28.05 30.24
CA PRO A 85 -27.53 27.83 28.96
C PRO A 85 -27.66 26.39 28.50
N PHE A 86 -27.31 26.15 27.24
CA PHE A 86 -27.48 24.85 26.62
C PHE A 86 -26.28 23.93 26.85
N ASN A 87 -25.12 24.31 26.31
CA ASN A 87 -23.83 23.62 26.42
C ASN A 87 -23.89 22.16 25.93
N ASP A 88 -24.24 22.01 24.65
CA ASP A 88 -24.17 20.79 23.83
C ASP A 88 -25.03 19.63 24.32
N GLY A 89 -26.07 19.87 25.10
CA GLY A 89 -26.97 18.82 25.52
C GLY A 89 -27.57 19.13 26.87
N VAL A 90 -28.88 18.91 26.98
CA VAL A 90 -29.65 19.30 28.15
C VAL A 90 -30.58 18.16 28.55
N TYR A 91 -30.48 17.75 29.82
CA TYR A 91 -31.36 16.75 30.41
C TYR A 91 -32.42 17.43 31.26
N PHE A 92 -33.69 17.03 31.11
CA PHE A 92 -34.74 17.39 32.06
C PHE A 92 -35.29 16.17 32.77
N ALA A 93 -35.84 16.41 33.97
CA ALA A 93 -36.89 15.62 34.57
C ALA A 93 -37.84 16.59 35.28
N SER A 94 -39.09 16.16 35.48
CA SER A 94 -40.10 17.04 36.07
C SER A 94 -41.14 16.20 36.80
N THR A 95 -41.51 16.66 38.00
CA THR A 95 -42.46 15.96 38.84
C THR A 95 -43.63 16.88 39.13
N GLU A 96 -44.86 16.37 38.97
CA GLU A 96 -46.04 17.20 39.14
C GLU A 96 -47.19 16.41 39.74
N LYS A 97 -48.15 17.16 40.30
CA LYS A 97 -49.48 16.66 40.61
C LYS A 97 -50.55 17.21 39.67
N SER A 98 -50.58 18.52 39.47
CA SER A 98 -51.45 19.16 38.49
C SER A 98 -50.59 19.80 37.41
N ASN A 99 -51.25 20.24 36.33
CA ASN A 99 -50.54 20.84 35.21
C ASN A 99 -50.10 22.26 35.51
N ILE A 100 -48.84 22.44 35.85
CA ILE A 100 -48.31 23.78 36.14
C ILE A 100 -47.40 24.27 35.03
N ILE A 101 -46.45 23.45 34.60
CA ILE A 101 -45.57 23.81 33.49
C ILE A 101 -46.35 23.73 32.19
N ARG A 102 -46.28 24.79 31.38
CA ARG A 102 -47.04 24.88 30.14
C ARG A 102 -46.13 24.82 28.91
N GLY A 103 -45.14 25.69 28.84
CA GLY A 103 -44.37 25.84 27.63
C GLY A 103 -42.90 26.13 27.84
N TRP A 104 -42.23 26.45 26.73
CA TRP A 104 -40.80 26.71 26.73
C TRP A 104 -40.52 27.86 25.78
N ILE A 105 -39.48 28.63 26.10
CA ILE A 105 -39.00 29.70 25.23
C ILE A 105 -37.52 29.47 24.96
N PHE A 106 -37.19 29.26 23.69
CA PHE A 106 -35.82 29.09 23.24
C PHE A 106 -35.39 30.31 22.46
N GLY A 107 -34.10 30.61 22.52
CA GLY A 107 -33.55 31.71 21.75
C GLY A 107 -32.24 32.18 22.34
N THR A 108 -31.44 32.79 21.47
CA THR A 108 -30.13 33.33 21.84
C THR A 108 -30.25 34.74 22.40
N THR A 109 -31.00 35.61 21.73
CA THR A 109 -31.18 36.98 22.18
C THR A 109 -32.56 37.26 22.76
N LEU A 110 -33.58 36.50 22.31
CA LEU A 110 -34.99 36.59 22.75
C LEU A 110 -35.60 37.97 22.43
N ASP A 111 -35.07 38.65 21.41
CA ASP A 111 -35.50 39.97 21.01
C ASP A 111 -35.87 39.97 19.54
N SER A 112 -36.06 41.17 18.98
CA SER A 112 -36.52 41.35 17.61
C SER A 112 -35.37 41.47 16.61
N LYS A 113 -34.24 40.82 16.88
CA LYS A 113 -33.15 40.73 15.91
C LYS A 113 -32.84 39.32 15.46
N THR A 114 -33.17 38.31 16.27
CA THR A 114 -32.98 36.91 15.89
C THR A 114 -34.26 36.14 16.17
N GLN A 115 -34.53 35.13 15.34
CA GLN A 115 -35.74 34.35 15.47
C GLN A 115 -35.69 33.45 16.70
N SER A 116 -36.83 33.33 17.38
CA SER A 116 -36.90 32.57 18.62
C SER A 116 -37.86 31.40 18.44
N LEU A 117 -37.43 30.23 18.92
CA LEU A 117 -38.25 29.03 18.92
C LEU A 117 -39.26 29.12 20.05
N LEU A 118 -40.43 28.52 19.82
CA LEU A 118 -41.50 28.55 20.81
C LEU A 118 -42.27 27.23 20.79
N ILE A 119 -42.40 26.62 21.96
CA ILE A 119 -43.24 25.45 22.17
C ILE A 119 -44.23 25.78 23.27
N VAL A 120 -45.52 25.69 22.97
CA VAL A 120 -46.57 25.95 23.94
C VAL A 120 -47.54 24.77 23.96
N ASN A 121 -47.72 24.19 25.14
CA ASN A 121 -48.71 23.16 25.37
C ASN A 121 -49.84 23.73 26.22
N ASN A 122 -51.07 23.39 25.85
CA ASN A 122 -52.25 23.79 26.60
C ASN A 122 -53.27 22.65 26.51
N ALA A 123 -54.54 22.97 26.78
CA ALA A 123 -55.61 22.04 27.15
C ALA A 123 -55.91 20.90 26.17
N THR A 124 -56.12 21.21 24.89
CA THR A 124 -56.53 20.17 23.95
C THR A 124 -55.52 19.92 22.84
N ASN A 125 -54.47 20.74 22.73
CA ASN A 125 -53.49 20.60 21.66
C ASN A 125 -52.13 21.09 22.12
N VAL A 126 -51.14 20.97 21.24
CA VAL A 126 -49.82 21.57 21.44
C VAL A 126 -49.54 22.51 20.28
N VAL A 127 -48.64 23.47 20.53
CA VAL A 127 -48.26 24.48 19.54
C VAL A 127 -46.73 24.51 19.49
N ILE A 128 -46.16 24.27 18.31
CA ILE A 128 -44.74 24.41 18.06
C ILE A 128 -44.55 25.30 16.84
N LYS A 129 -43.88 26.44 17.04
CA LYS A 129 -43.67 27.38 15.94
C LYS A 129 -42.42 28.19 16.22
N VAL A 130 -41.75 28.63 15.15
CA VAL A 130 -40.65 29.59 15.22
C VAL A 130 -41.02 30.82 14.40
N CYS A 131 -40.86 31.99 15.02
CA CYS A 131 -41.11 33.28 14.39
C CYS A 131 -40.06 34.26 14.92
N GLU A 132 -40.27 35.54 14.66
CA GLU A 132 -39.52 36.62 15.30
C GLU A 132 -40.30 37.06 16.53
N PHE A 133 -39.75 36.82 17.72
CA PHE A 133 -40.48 36.99 18.96
C PHE A 133 -39.84 38.06 19.83
N GLN A 134 -40.70 38.88 20.44
CA GLN A 134 -40.31 39.86 21.45
C GLN A 134 -41.06 39.50 22.73
N PHE A 135 -40.45 38.65 23.55
CA PHE A 135 -41.09 38.19 24.77
C PHE A 135 -41.00 39.27 25.85
N CYS A 136 -41.83 39.13 26.88
CA CYS A 136 -41.86 40.10 27.96
C CYS A 136 -40.70 39.89 28.92
N ASN A 137 -40.51 40.86 29.82
CA ASN A 137 -39.44 40.76 30.81
C ASN A 137 -39.76 39.71 31.87
N ASP A 138 -41.03 39.52 32.19
CA ASP A 138 -41.49 38.45 33.08
C ASP A 138 -42.49 37.59 32.33
N PRO A 139 -42.01 36.59 31.58
CA PRO A 139 -42.94 35.74 30.82
C PRO A 139 -43.65 34.75 31.73
N PHE A 140 -44.96 34.87 31.79
CA PHE A 140 -45.79 34.06 32.68
C PHE A 140 -47.17 33.95 32.05
N LEU A 141 -47.82 32.80 32.26
CA LEU A 141 -49.13 32.55 31.68
C LEU A 141 -50.23 32.67 32.74
N MET A 153 -60.01 33.68 35.48
CA MET A 153 -59.12 32.85 36.30
C MET A 153 -58.85 31.50 35.65
N GLU A 154 -59.25 31.37 34.38
CA GLU A 154 -58.98 30.18 33.58
C GLU A 154 -58.13 30.49 32.35
N SER A 155 -57.80 31.76 32.12
CA SER A 155 -57.03 32.14 30.93
C SER A 155 -56.22 33.38 31.24
N GLU A 156 -54.95 33.36 30.85
CA GLU A 156 -54.05 34.49 31.02
C GLU A 156 -52.96 34.37 29.96
N PHE A 157 -52.72 35.47 29.24
CA PHE A 157 -51.80 35.41 28.10
C PHE A 157 -51.11 36.77 27.97
N ARG A 158 -49.91 36.87 28.54
CA ARG A 158 -49.09 38.08 28.44
C ARG A 158 -47.62 37.72 28.25
N VAL A 159 -47.37 36.71 27.41
CA VAL A 159 -46.00 36.21 27.27
C VAL A 159 -45.27 36.89 26.10
N TYR A 160 -45.99 37.28 25.04
CA TYR A 160 -45.35 37.96 23.91
C TYR A 160 -46.37 38.84 23.22
N SER A 161 -45.85 39.85 22.48
CA SER A 161 -46.63 40.60 21.49
C SER A 161 -45.71 40.84 20.29
N SER A 162 -45.67 39.87 19.38
CA SER A 162 -44.88 39.91 18.15
C SER A 162 -45.37 38.87 17.17
N ALA A 163 -45.72 39.28 15.94
CA ALA A 163 -46.31 38.34 15.00
C ALA A 163 -45.67 38.45 13.61
N ASN A 164 -44.50 39.08 13.53
CA ASN A 164 -43.84 39.24 12.23
C ASN A 164 -42.84 38.11 11.99
N ASN A 165 -42.63 37.81 10.70
CA ASN A 165 -41.54 36.97 10.17
C ASN A 165 -41.58 35.53 10.69
N CYS A 166 -42.72 34.88 10.53
CA CYS A 166 -42.82 33.45 10.85
C CYS A 166 -42.31 32.60 9.70
N THR A 167 -41.71 31.46 10.05
CA THR A 167 -41.15 30.56 9.05
C THR A 167 -41.81 29.19 9.13
N PHE A 168 -42.03 28.69 10.36
CA PHE A 168 -42.46 27.32 10.57
C PHE A 168 -43.55 27.30 11.64
N GLU A 169 -44.52 26.40 11.46
CA GLU A 169 -45.50 26.06 12.48
C GLU A 169 -45.70 24.55 12.51
N TYR A 170 -46.15 24.05 13.65
CA TYR A 170 -46.44 22.62 13.81
C TYR A 170 -47.47 22.45 14.92
N VAL A 171 -48.56 21.74 14.61
CA VAL A 171 -49.63 21.49 15.56
C VAL A 171 -49.84 19.99 15.68
N SER A 172 -49.81 19.48 16.90
CA SER A 172 -50.00 18.06 17.17
C SER A 172 -50.90 17.91 18.39
N GLN A 173 -50.94 16.70 18.94
CA GLN A 173 -51.74 16.41 20.13
C GLN A 173 -50.84 15.97 21.27
N PRO A 174 -51.12 16.38 22.53
CA PRO A 174 -50.28 15.97 23.66
C PRO A 174 -50.50 14.51 24.06
N PHE A 186 -47.65 14.64 44.85
CA PHE A 186 -47.15 14.54 43.48
C PHE A 186 -47.38 13.12 42.95
N LYS A 187 -47.90 13.03 41.73
CA LYS A 187 -48.27 11.72 41.19
C LYS A 187 -47.63 11.42 39.85
N ASN A 188 -47.29 12.43 39.06
CA ASN A 188 -46.79 12.24 37.70
C ASN A 188 -45.35 12.72 37.61
N LEU A 189 -44.48 11.87 37.07
CA LEU A 189 -43.09 12.21 36.80
C LEU A 189 -42.86 12.24 35.29
N ARG A 190 -42.41 13.38 34.78
CA ARG A 190 -42.20 13.58 33.35
C ARG A 190 -40.72 13.81 33.09
N GLU A 191 -40.23 13.26 31.99
CA GLU A 191 -38.83 13.35 31.61
C GLU A 191 -38.72 13.81 30.16
N PHE A 192 -37.67 14.59 29.86
CA PHE A 192 -37.35 15.02 28.51
C PHE A 192 -35.83 15.12 28.33
N VAL A 193 -35.40 15.01 27.08
CA VAL A 193 -34.02 15.25 26.67
C VAL A 193 -34.02 16.21 25.50
N PHE A 194 -33.30 17.33 25.64
CA PHE A 194 -33.18 18.33 24.59
C PHE A 194 -31.75 18.40 24.10
N LYS A 195 -31.53 18.04 22.83
CA LYS A 195 -30.23 18.21 22.20
C LYS A 195 -30.43 18.59 20.73
N ASN A 196 -29.40 19.20 20.15
CA ASN A 196 -29.47 19.69 18.77
C ASN A 196 -28.13 19.41 18.08
N ILE A 197 -28.13 18.45 17.17
CA ILE A 197 -26.94 18.08 16.39
C ILE A 197 -27.24 18.29 14.92
N ASP A 198 -26.43 19.15 14.28
CA ASP A 198 -26.32 19.32 12.82
C ASP A 198 -27.64 19.74 12.17
N GLY A 199 -28.35 20.65 12.83
CA GLY A 199 -29.63 21.13 12.35
C GLY A 199 -30.81 20.24 12.67
N TYR A 200 -30.61 19.12 13.35
CA TYR A 200 -31.68 18.26 13.81
C TYR A 200 -31.76 18.29 15.32
N PHE A 201 -32.94 18.68 15.81
CA PHE A 201 -33.17 18.95 17.22
C PHE A 201 -34.00 17.80 17.77
N LYS A 202 -33.38 16.95 18.58
CA LYS A 202 -33.90 15.63 18.91
C LYS A 202 -34.54 15.61 20.28
N ILE A 203 -35.66 14.90 20.38
CA ILE A 203 -36.45 14.84 21.60
C ILE A 203 -36.52 13.40 22.05
N TYR A 204 -36.07 13.14 23.27
CA TYR A 204 -36.24 11.83 23.90
C TYR A 204 -37.04 12.02 25.18
N SER A 205 -37.88 11.06 25.52
CA SER A 205 -38.77 11.22 26.67
C SER A 205 -39.22 9.86 27.18
N LYS A 206 -39.60 9.83 28.46
CA LYS A 206 -40.34 8.79 29.16
C LYS A 206 -41.29 9.43 30.16
N HIS A 207 -42.49 8.87 30.27
CA HIS A 207 -43.44 9.24 31.30
C HIS A 207 -43.72 8.04 32.19
N THR A 208 -43.53 8.23 33.49
CA THR A 208 -43.69 7.16 34.47
C THR A 208 -44.30 7.72 35.74
N PRO A 209 -45.10 6.93 36.48
CA PRO A 209 -45.66 7.45 37.74
C PRO A 209 -44.79 7.16 38.96
N ILE A 210 -44.75 8.12 39.89
CA ILE A 210 -44.14 7.95 41.20
C ILE A 210 -44.94 8.75 42.21
N ASN A 211 -44.73 8.44 43.50
CA ASN A 211 -45.48 9.13 44.55
C ASN A 211 -44.54 9.47 45.71
N LEU A 212 -43.85 10.60 45.56
CA LEU A 212 -42.93 11.18 46.53
C LEU A 212 -42.66 12.62 46.11
N VAL A 213 -42.26 13.44 47.09
CA VAL A 213 -42.05 14.87 46.88
C VAL A 213 -40.66 15.30 47.35
N ARG A 214 -39.71 14.36 47.40
CA ARG A 214 -38.48 14.60 48.14
C ARG A 214 -37.26 14.76 47.24
N ASP A 215 -37.06 13.90 46.24
CA ASP A 215 -35.89 13.98 45.36
C ASP A 215 -36.23 13.35 44.01
N LEU A 216 -35.19 13.08 43.23
CA LEU A 216 -35.32 12.22 42.06
C LEU A 216 -35.64 10.80 42.49
N PRO A 217 -36.62 10.15 41.89
CA PRO A 217 -36.81 8.72 42.09
C PRO A 217 -35.68 7.93 41.45
N GLN A 218 -35.46 6.74 41.98
CA GLN A 218 -34.40 5.87 41.50
C GLN A 218 -34.92 5.04 40.31
N GLY A 219 -34.05 4.16 39.81
CA GLY A 219 -34.42 3.24 38.76
C GLY A 219 -33.78 3.57 37.42
N PHE A 220 -33.89 2.62 36.50
CA PHE A 220 -33.36 2.75 35.16
C PHE A 220 -34.50 2.60 34.16
N SER A 221 -34.52 3.49 33.16
CA SER A 221 -35.41 3.34 32.02
C SER A 221 -34.75 3.99 30.82
N ALA A 222 -34.89 3.36 29.66
CA ALA A 222 -34.26 3.82 28.44
C ALA A 222 -35.14 4.84 27.72
N LEU A 223 -34.51 5.73 26.97
CA LEU A 223 -35.17 6.93 26.44
C LEU A 223 -35.31 6.80 24.92
N GLU A 224 -36.55 6.66 24.46
CA GLU A 224 -37.11 6.50 23.13
C GLU A 224 -37.26 7.86 22.43
N PRO A 225 -36.71 8.02 21.23
CA PRO A 225 -36.93 9.27 20.49
C PRO A 225 -38.32 9.37 19.89
N LEU A 226 -38.88 10.58 19.95
CA LEU A 226 -40.25 10.82 19.48
C LEU A 226 -40.34 11.90 18.39
N VAL A 227 -39.76 13.09 18.59
CA VAL A 227 -39.82 14.16 17.60
C VAL A 227 -38.42 14.62 17.22
N ASP A 228 -38.15 14.67 15.91
CA ASP A 228 -37.02 15.41 15.36
C ASP A 228 -37.58 16.61 14.57
N LEU A 229 -37.05 17.80 14.86
CA LEU A 229 -37.49 19.02 14.21
C LEU A 229 -36.51 19.47 13.15
N PRO A 230 -36.99 19.91 11.96
CA PRO A 230 -36.11 20.51 10.95
C PRO A 230 -36.01 22.03 11.06
N ILE A 231 -35.63 22.52 12.25
CA ILE A 231 -35.52 23.97 12.45
C ILE A 231 -34.22 24.49 11.85
N GLY A 232 -33.10 23.95 12.31
CA GLY A 232 -31.80 24.33 11.80
C GLY A 232 -31.32 25.73 12.14
N ILE A 233 -31.61 26.20 13.36
CA ILE A 233 -31.05 27.45 13.84
C ILE A 233 -30.05 27.14 14.93
N ASN A 234 -29.23 28.12 15.29
CA ASN A 234 -28.22 27.95 16.33
C ASN A 234 -28.84 28.13 17.72
N ILE A 235 -28.28 27.42 18.69
CA ILE A 235 -28.92 27.36 20.00
C ILE A 235 -27.85 27.43 21.09
N THR A 236 -28.06 28.33 22.05
CA THR A 236 -27.22 28.46 23.24
C THR A 236 -27.98 28.59 24.54
N ARG A 237 -29.24 29.02 24.52
CA ARG A 237 -29.92 29.48 25.71
C ARG A 237 -31.41 29.13 25.62
N PHE A 238 -32.05 28.93 26.77
CA PHE A 238 -33.46 28.56 26.82
C PHE A 238 -34.08 29.03 28.12
N GLN A 239 -35.40 28.91 28.20
CA GLN A 239 -36.18 29.30 29.38
C GLN A 239 -37.52 28.58 29.32
N THR A 240 -37.92 27.97 30.42
CA THR A 240 -39.21 27.30 30.48
C THR A 240 -40.31 28.28 30.88
N LEU A 241 -41.56 27.80 30.79
CA LEU A 241 -42.73 28.59 31.17
C LEU A 241 -43.60 27.77 32.11
N LEU A 242 -44.42 28.46 32.90
CA LEU A 242 -45.35 27.85 33.83
C LEU A 242 -46.76 28.38 33.57
N ALA A 243 -47.68 28.05 34.48
CA ALA A 243 -49.07 28.47 34.36
C ALA A 243 -49.22 29.96 34.67
N GLY A 261 -50.13 27.13 43.76
CA GLY A 261 -49.44 25.90 43.48
C GLY A 261 -48.00 26.10 43.05
N ALA A 262 -47.18 25.07 43.25
CA ALA A 262 -45.76 25.13 42.89
C ALA A 262 -45.37 23.81 42.23
N ALA A 263 -44.33 23.87 41.40
CA ALA A 263 -43.89 22.70 40.65
C ALA A 263 -42.38 22.58 40.71
N ALA A 264 -41.89 21.41 40.30
CA ALA A 264 -40.50 21.04 40.45
C ALA A 264 -39.93 20.50 39.14
N TYR A 265 -38.67 20.85 38.84
CA TYR A 265 -37.96 20.26 37.72
C TYR A 265 -36.46 20.22 37.97
N TYR A 266 -35.78 19.34 37.26
CA TYR A 266 -34.34 19.07 37.39
C TYR A 266 -33.67 19.25 36.05
N VAL A 267 -32.53 19.95 36.02
CA VAL A 267 -31.84 20.27 34.77
C VAL A 267 -30.42 19.71 34.81
N GLY A 268 -30.06 18.90 33.82
CA GLY A 268 -28.71 18.35 33.73
C GLY A 268 -28.07 18.66 32.39
N TYR A 269 -26.76 18.44 32.34
CA TYR A 269 -25.94 18.72 31.16
C TYR A 269 -25.20 17.48 30.69
N LEU A 270 -25.17 17.29 29.37
CA LEU A 270 -24.58 16.12 28.75
C LEU A 270 -23.13 16.40 28.35
N GLN A 271 -22.41 15.32 28.05
CA GLN A 271 -20.96 15.33 27.88
C GLN A 271 -20.59 14.14 27.00
N PRO A 272 -19.58 14.28 26.13
CA PRO A 272 -19.16 13.15 25.28
C PRO A 272 -18.50 12.04 26.07
N ARG A 273 -19.20 10.92 26.18
CA ARG A 273 -18.76 9.77 26.97
C ARG A 273 -19.03 8.50 26.19
N THR A 274 -18.13 7.53 26.29
CA THR A 274 -18.29 6.20 25.73
C THR A 274 -19.16 5.41 26.69
N PHE A 275 -20.11 4.64 26.17
CA PHE A 275 -20.98 3.80 26.98
C PHE A 275 -20.98 2.37 26.45
N LEU A 276 -21.36 1.44 27.32
CA LEU A 276 -21.60 0.05 26.95
C LEU A 276 -23.05 -0.28 27.27
N LEU A 277 -23.80 -0.72 26.26
CA LEU A 277 -25.24 -0.88 26.35
C LEU A 277 -25.61 -2.36 26.34
N LYS A 278 -26.57 -2.73 27.19
CA LYS A 278 -27.04 -4.11 27.27
C LYS A 278 -28.47 -4.18 26.74
N TYR A 279 -28.70 -5.10 25.81
CA TYR A 279 -29.99 -5.28 25.16
C TYR A 279 -30.61 -6.58 25.63
N ASN A 280 -31.94 -6.59 25.79
CA ASN A 280 -32.65 -7.78 26.21
C ASN A 280 -33.11 -8.57 24.99
N GLU A 281 -33.99 -9.56 25.21
CA GLU A 281 -34.52 -10.35 24.10
C GLU A 281 -35.49 -9.55 23.25
N ASN A 282 -36.16 -8.55 23.84
CA ASN A 282 -37.06 -7.68 23.10
C ASN A 282 -36.38 -6.43 22.58
N GLY A 283 -35.08 -6.25 22.84
CA GLY A 283 -34.35 -5.15 22.27
C GLY A 283 -34.41 -3.84 23.03
N THR A 284 -34.81 -3.86 24.29
CA THR A 284 -34.83 -2.67 25.13
C THR A 284 -33.63 -2.69 26.06
N ILE A 285 -33.20 -1.52 26.50
CA ILE A 285 -32.03 -1.44 27.37
C ILE A 285 -32.47 -1.77 28.80
N THR A 286 -31.88 -2.80 29.38
CA THR A 286 -32.12 -3.12 30.77
C THR A 286 -31.26 -2.32 31.74
N ASP A 287 -29.96 -2.20 31.46
CA ASP A 287 -29.03 -1.33 32.17
C ASP A 287 -27.81 -1.06 31.28
N ALA A 288 -27.01 -0.08 31.69
CA ALA A 288 -25.81 0.29 30.95
C ALA A 288 -24.77 0.79 31.96
N VAL A 289 -23.52 0.84 31.51
CA VAL A 289 -22.41 1.29 32.35
C VAL A 289 -21.69 2.45 31.68
N ASP A 290 -21.34 3.45 32.48
CA ASP A 290 -20.49 4.55 32.05
C ASP A 290 -19.06 4.04 32.05
N CYS A 291 -18.33 4.29 30.98
CA CYS A 291 -17.11 3.55 30.74
C CYS A 291 -15.89 4.23 31.40
N ALA A 292 -16.08 5.44 31.92
CA ALA A 292 -15.01 6.12 32.65
C ALA A 292 -15.44 6.48 34.06
N LEU A 293 -16.47 5.81 34.60
CA LEU A 293 -16.91 6.08 35.96
C LEU A 293 -15.94 5.52 37.00
N ASP A 294 -15.54 4.27 36.84
CA ASP A 294 -14.67 3.58 37.79
C ASP A 294 -13.97 2.44 37.04
N PRO A 295 -12.84 1.93 37.58
CA PRO A 295 -12.11 0.85 36.89
C PRO A 295 -12.88 -0.47 36.73
N LEU A 296 -13.90 -0.73 37.53
CA LEU A 296 -14.71 -1.93 37.34
C LEU A 296 -15.57 -1.84 36.07
N SER A 297 -16.21 -0.69 35.84
CA SER A 297 -16.98 -0.54 34.61
C SER A 297 -16.07 -0.31 33.41
N GLU A 298 -14.86 0.19 33.63
CA GLU A 298 -13.92 0.31 32.53
C GLU A 298 -13.35 -1.06 32.16
N THR A 299 -13.22 -1.96 33.13
CA THR A 299 -12.91 -3.36 32.87
C THR A 299 -14.08 -4.06 32.19
N LYS A 300 -15.30 -3.66 32.53
CA LYS A 300 -16.50 -4.16 31.87
C LYS A 300 -16.55 -3.71 30.41
N CYS A 301 -16.04 -2.51 30.11
CA CYS A 301 -15.84 -2.08 28.74
C CYS A 301 -14.80 -2.92 28.01
N THR A 302 -13.66 -3.17 28.63
CA THR A 302 -12.60 -3.88 27.91
C THR A 302 -12.85 -5.38 27.83
N LEU A 303 -13.81 -5.91 28.60
CA LEU A 303 -14.19 -7.31 28.45
C LEU A 303 -15.51 -7.51 27.72
N LYS A 304 -16.31 -6.44 27.56
CA LYS A 304 -17.65 -6.42 26.96
C LYS A 304 -18.59 -7.42 27.64
N SER A 305 -18.69 -7.27 28.96
CA SER A 305 -19.58 -8.10 29.77
C SER A 305 -19.99 -7.29 31.00
N PHE A 306 -21.07 -7.72 31.63
CA PHE A 306 -21.51 -7.10 32.88
C PHE A 306 -21.14 -7.93 34.10
N THR A 307 -20.79 -9.20 33.91
CA THR A 307 -20.23 -10.01 34.98
C THR A 307 -18.79 -10.31 34.64
N VAL A 308 -17.89 -9.92 35.55
CA VAL A 308 -16.45 -10.03 35.34
C VAL A 308 -15.92 -11.07 36.32
N GLU A 309 -15.24 -12.08 35.79
CA GLU A 309 -14.70 -13.15 36.61
C GLU A 309 -13.46 -12.69 37.35
N LYS A 310 -13.04 -13.50 38.32
CA LYS A 310 -11.95 -13.13 39.21
C LYS A 310 -10.61 -13.28 38.50
N GLY A 311 -9.82 -12.20 38.51
CA GLY A 311 -8.54 -12.21 37.82
C GLY A 311 -8.03 -10.78 37.65
N ILE A 312 -6.99 -10.66 36.82
CA ILE A 312 -6.35 -9.39 36.55
C ILE A 312 -6.43 -9.12 35.04
N TYR A 313 -6.88 -7.93 34.67
CA TYR A 313 -7.11 -7.60 33.27
C TYR A 313 -6.44 -6.27 32.94
N GLN A 314 -5.61 -6.30 31.90
CA GLN A 314 -4.96 -5.10 31.39
C GLN A 314 -5.92 -4.36 30.47
N THR A 315 -6.29 -3.14 30.85
CA THR A 315 -7.35 -2.43 30.17
C THR A 315 -6.88 -1.31 29.27
N SER A 316 -6.05 -0.40 29.77
CA SER A 316 -5.62 0.75 28.98
C SER A 316 -4.19 1.10 29.38
N ASN A 317 -3.73 2.26 28.92
CA ASN A 317 -2.41 2.76 29.21
C ASN A 317 -2.50 4.17 29.77
N PHE A 318 -1.34 4.75 30.05
CA PHE A 318 -1.25 6.11 30.56
C PHE A 318 0.11 6.69 30.21
N ARG A 319 0.15 8.02 30.07
CA ARG A 319 1.38 8.75 29.79
C ARG A 319 1.42 10.03 30.61
N VAL A 320 2.62 10.36 31.09
CA VAL A 320 2.82 11.68 31.68
C VAL A 320 2.98 12.71 30.57
N GLN A 321 2.21 13.80 30.68
CA GLN A 321 2.15 14.80 29.62
C GLN A 321 3.19 15.90 29.84
N PRO A 322 3.74 16.45 28.76
CA PRO A 322 4.68 17.58 28.92
C PRO A 322 3.98 18.86 29.34
N THR A 323 4.75 19.71 30.02
CA THR A 323 4.18 20.92 30.63
C THR A 323 4.75 22.20 30.04
N GLU A 324 6.07 22.40 30.03
CA GLU A 324 6.62 23.72 29.76
C GLU A 324 6.96 23.94 28.29
N SER A 325 7.43 22.89 27.60
CA SER A 325 7.88 22.90 26.20
C SER A 325 9.02 23.91 25.97
N ILE A 326 10.17 23.60 26.59
CA ILE A 326 11.32 24.50 26.62
C ILE A 326 11.98 24.63 25.25
N VAL A 327 12.65 25.77 25.03
CA VAL A 327 13.27 26.13 23.76
C VAL A 327 14.69 26.60 24.04
N ARG A 328 15.67 26.02 23.33
CA ARG A 328 17.07 26.35 23.54
C ARG A 328 17.74 26.81 22.24
N PHE A 329 18.34 28.00 22.30
CA PHE A 329 19.14 28.58 21.23
C PHE A 329 20.47 29.03 21.83
N PRO A 330 21.56 29.02 21.06
CA PRO A 330 22.87 29.38 21.62
C PRO A 330 23.02 30.89 21.86
N ASN A 331 24.19 31.23 22.41
CA ASN A 331 24.67 32.60 22.59
C ASN A 331 24.82 33.24 21.23
N ILE A 332 24.01 34.29 20.98
CA ILE A 332 23.89 34.86 19.65
C ILE A 332 25.11 35.70 19.30
N THR A 333 25.27 36.83 20.01
CA THR A 333 26.47 37.66 20.20
C THR A 333 27.40 37.90 19.00
N ASN A 334 26.85 38.14 17.81
CA ASN A 334 27.70 38.23 16.62
C ASN A 334 27.88 39.65 16.09
N LEU A 335 26.83 40.47 16.11
CA LEU A 335 26.87 41.94 16.06
C LEU A 335 27.49 42.48 14.76
N CYS A 336 26.68 42.38 13.67
CA CYS A 336 26.92 43.04 12.37
C CYS A 336 27.21 44.52 12.53
N PRO A 337 28.12 45.11 11.70
CA PRO A 337 28.36 46.57 11.73
C PRO A 337 27.32 47.39 10.97
N PHE A 338 26.05 47.26 11.37
CA PHE A 338 24.99 48.05 10.76
C PHE A 338 24.71 49.32 11.56
N GLY A 339 25.50 49.59 12.60
CA GLY A 339 25.32 50.81 13.37
C GLY A 339 25.79 52.04 12.62
N GLU A 340 26.75 51.85 11.70
CA GLU A 340 27.22 52.97 10.89
C GLU A 340 26.21 53.32 9.80
N VAL A 341 25.42 52.34 9.33
CA VAL A 341 24.50 52.53 8.22
C VAL A 341 23.11 52.81 8.79
N PHE A 342 23.05 52.99 10.11
CA PHE A 342 21.87 53.54 10.76
C PHE A 342 22.15 54.80 11.56
N ASN A 343 23.42 55.08 11.87
CA ASN A 343 23.82 56.28 12.61
C ASN A 343 25.10 56.90 12.05
N ALA A 344 25.22 56.99 10.73
CA ALA A 344 26.29 57.78 10.13
C ALA A 344 25.71 58.99 9.41
N THR A 345 26.52 60.04 9.29
CA THR A 345 26.06 61.33 8.82
C THR A 345 26.20 61.54 7.31
N ARG A 346 26.79 60.59 6.59
CA ARG A 346 26.91 60.71 5.14
C ARG A 346 26.92 59.30 4.55
N PHE A 347 25.96 59.02 3.68
CA PHE A 347 25.79 57.68 3.14
C PHE A 347 26.32 57.63 1.70
N ALA A 348 26.06 56.52 1.02
CA ALA A 348 26.45 56.38 -0.38
C ALA A 348 25.49 57.14 -1.29
N SER A 349 25.86 57.27 -2.55
CA SER A 349 25.09 57.99 -3.54
C SER A 349 24.32 57.02 -4.42
N VAL A 350 23.43 57.55 -5.27
CA VAL A 350 22.64 56.69 -6.14
C VAL A 350 23.42 56.40 -7.42
N TYR A 351 24.50 57.14 -7.67
CA TYR A 351 25.40 56.71 -8.72
C TYR A 351 26.43 55.71 -8.19
N ALA A 352 26.57 55.59 -6.88
CA ALA A 352 27.59 54.73 -6.28
C ALA A 352 27.06 54.00 -5.05
N TRP A 353 25.85 53.44 -5.13
CA TRP A 353 25.37 52.57 -4.05
C TRP A 353 26.00 51.20 -4.25
N ASN A 354 26.99 50.88 -3.41
CA ASN A 354 27.73 49.63 -3.57
C ASN A 354 26.90 48.44 -3.11
N ARG A 355 27.10 47.30 -3.78
CA ARG A 355 26.45 46.04 -3.40
C ARG A 355 27.30 45.38 -2.31
N LYS A 356 27.19 45.93 -1.10
CA LYS A 356 28.07 45.54 0.00
C LYS A 356 27.61 44.22 0.60
N ARG A 357 28.56 43.31 0.80
CA ARG A 357 28.29 42.00 1.38
C ARG A 357 28.65 42.06 2.85
N ILE A 358 27.63 42.19 3.70
CA ILE A 358 27.78 42.04 5.15
C ILE A 358 27.40 40.60 5.46
N SER A 359 28.34 39.85 6.05
CA SER A 359 28.19 38.40 6.17
C SER A 359 28.66 37.93 7.53
N ASN A 360 28.13 36.74 7.90
CA ASN A 360 28.55 35.92 9.06
C ASN A 360 28.37 36.65 10.39
N CYS A 361 27.22 37.30 10.52
CA CYS A 361 26.84 37.98 11.76
C CYS A 361 25.32 38.03 11.83
N VAL A 362 24.81 38.65 12.89
CA VAL A 362 23.37 38.80 13.10
C VAL A 362 23.02 40.27 13.19
N ALA A 363 21.77 40.60 12.90
CA ALA A 363 21.27 41.97 12.98
C ALA A 363 19.83 41.89 13.49
N ASP A 364 19.61 42.39 14.70
CA ASP A 364 18.26 42.41 15.25
C ASP A 364 17.42 43.50 14.60
N TYR A 365 16.15 43.20 14.37
CA TYR A 365 15.22 44.14 13.78
C TYR A 365 14.15 44.62 14.75
N SER A 366 14.16 44.13 16.00
CA SER A 366 13.31 44.70 17.03
C SER A 366 13.74 46.12 17.38
N VAL A 367 15.04 46.40 17.27
CA VAL A 367 15.55 47.77 17.43
C VAL A 367 15.14 48.64 16.25
N LEU A 368 14.85 48.05 15.09
CA LEU A 368 14.23 48.81 14.02
C LEU A 368 12.75 49.06 14.30
N TYR A 369 12.07 48.07 14.91
CA TYR A 369 10.63 48.21 15.14
C TYR A 369 10.32 49.21 16.24
N ASN A 370 11.13 49.29 17.30
CA ASN A 370 10.86 50.28 18.34
C ASN A 370 11.73 51.54 18.21
N SER A 371 12.18 51.86 16.99
CA SER A 371 13.01 53.02 16.75
C SER A 371 12.21 54.33 16.81
N ALA A 372 10.89 54.26 16.56
CA ALA A 372 9.94 55.39 16.59
C ALA A 372 10.33 56.51 15.63
N SER A 373 10.88 56.15 14.47
CA SER A 373 11.27 57.13 13.48
C SER A 373 10.96 56.73 12.05
N PHE A 374 10.38 55.56 11.81
CA PHE A 374 10.18 55.07 10.45
C PHE A 374 8.95 55.72 9.82
N SER A 375 9.01 55.91 8.51
CA SER A 375 7.97 56.63 7.78
C SER A 375 7.21 55.73 6.82
N THR A 376 7.91 55.06 5.91
CA THR A 376 7.31 54.23 4.86
C THR A 376 7.97 52.85 4.87
N PHE A 377 7.97 52.22 6.05
CA PHE A 377 8.57 50.91 6.24
C PHE A 377 7.76 49.85 5.49
N LYS A 378 8.33 49.33 4.41
CA LYS A 378 7.63 48.44 3.49
C LYS A 378 8.37 47.11 3.44
N CYS A 379 7.62 46.00 3.45
CA CYS A 379 8.19 44.66 3.23
C CYS A 379 7.33 43.88 2.26
N TYR A 380 7.98 43.27 1.28
CA TYR A 380 7.32 42.47 0.27
C TYR A 380 7.65 40.99 0.47
N GLY A 381 6.69 40.14 0.14
CA GLY A 381 6.89 38.71 0.24
C GLY A 381 6.72 38.14 1.62
N VAL A 382 7.62 38.48 2.54
CA VAL A 382 7.59 37.98 3.91
C VAL A 382 7.11 39.10 4.82
N SER A 383 6.35 38.74 5.86
CA SER A 383 5.79 39.73 6.76
C SER A 383 6.86 40.20 7.75
N PRO A 384 6.78 41.46 8.22
CA PRO A 384 7.75 41.91 9.24
C PRO A 384 7.56 41.28 10.61
N THR A 385 6.38 40.70 10.87
CA THR A 385 6.17 39.96 12.12
C THR A 385 6.95 38.66 12.13
N LYS A 386 6.87 37.88 11.05
CA LYS A 386 7.60 36.62 10.92
C LYS A 386 8.89 36.79 10.12
N LEU A 387 9.41 38.01 10.06
CA LEU A 387 10.70 38.29 9.44
C LEU A 387 11.86 37.74 10.28
N ASN A 388 11.73 37.76 11.60
CA ASN A 388 12.88 37.57 12.47
C ASN A 388 13.21 36.09 12.61
N ASP A 389 12.19 35.23 12.75
CA ASP A 389 12.44 33.84 13.09
C ASP A 389 12.93 33.03 11.89
N LEU A 390 12.45 33.36 10.69
CA LEU A 390 12.85 32.65 9.48
C LEU A 390 13.64 33.60 8.59
N CYS A 391 14.78 33.13 8.10
CA CYS A 391 15.68 33.95 7.31
C CYS A 391 15.87 33.34 5.92
N PHE A 392 16.56 34.06 5.05
CA PHE A 392 16.88 33.59 3.70
C PHE A 392 18.35 33.81 3.43
N THR A 393 18.78 33.41 2.24
CA THR A 393 20.13 33.72 1.78
C THR A 393 20.12 34.99 0.92
N ASN A 394 21.32 35.38 0.48
CA ASN A 394 21.60 36.56 -0.37
C ASN A 394 21.10 37.85 0.29
N VAL A 395 21.81 38.22 1.37
CA VAL A 395 21.33 39.18 2.36
C VAL A 395 22.19 40.43 2.10
N TYR A 396 22.42 40.72 0.82
CA TYR A 396 23.11 41.94 0.41
C TYR A 396 22.30 43.18 0.78
N ALA A 397 22.99 44.30 0.97
CA ALA A 397 22.37 45.53 1.45
C ALA A 397 22.66 46.68 0.49
N ASP A 398 21.71 47.62 0.42
CA ASP A 398 21.83 48.82 -0.39
C ASP A 398 21.39 50.02 0.45
N SER A 399 21.85 51.20 0.06
CA SER A 399 21.56 52.41 0.81
C SER A 399 21.66 53.65 -0.08
N PHE A 400 20.67 54.51 0.04
CA PHE A 400 20.63 55.86 -0.52
C PHE A 400 19.56 56.64 0.24
N VAL A 401 19.77 57.93 0.39
CA VAL A 401 18.74 58.83 0.93
C VAL A 401 17.97 59.43 -0.25
N ILE A 402 16.83 58.81 -0.55
CA ILE A 402 16.03 59.20 -1.71
C ILE A 402 15.01 60.27 -1.28
N ARG A 403 14.66 61.14 -2.23
CA ARG A 403 13.70 62.22 -2.00
C ARG A 403 12.31 61.62 -1.80
N GLY A 404 11.59 62.12 -0.81
CA GLY A 404 10.36 61.51 -0.32
C GLY A 404 9.10 61.79 -1.09
N ASP A 405 9.19 62.42 -2.27
CA ASP A 405 8.00 62.69 -3.06
C ASP A 405 7.48 61.44 -3.76
N GLU A 406 8.36 60.48 -4.08
CA GLU A 406 7.99 59.34 -4.90
C GLU A 406 8.44 58.01 -4.28
N VAL A 407 8.17 57.83 -2.98
CA VAL A 407 8.47 56.56 -2.33
C VAL A 407 7.49 55.48 -2.79
N ARG A 408 6.23 55.87 -3.02
CA ARG A 408 5.19 54.96 -3.49
C ARG A 408 5.39 54.47 -4.92
N GLN A 409 6.23 55.16 -5.71
CA GLN A 409 6.58 54.66 -7.04
C GLN A 409 7.50 53.45 -6.98
N ILE A 410 8.22 53.24 -5.88
CA ILE A 410 9.09 52.09 -5.72
C ILE A 410 8.22 50.87 -5.40
N ALA A 411 7.91 50.09 -6.44
CA ALA A 411 7.03 48.94 -6.35
C ALA A 411 7.32 48.05 -7.55
N PRO A 412 7.08 46.73 -7.42
CA PRO A 412 7.16 45.87 -8.61
C PRO A 412 6.01 46.13 -9.57
N GLY A 413 6.34 46.24 -10.85
CA GLY A 413 5.33 46.55 -11.85
C GLY A 413 4.84 47.98 -11.83
N GLN A 414 5.66 48.90 -11.29
CA GLN A 414 5.28 50.30 -11.20
C GLN A 414 6.48 51.14 -11.58
N THR A 415 6.37 51.88 -12.69
CA THR A 415 7.45 52.73 -13.18
C THR A 415 7.26 54.15 -12.63
N GLY A 416 8.02 55.10 -13.16
CA GLY A 416 7.96 56.47 -12.70
C GLY A 416 9.22 57.25 -13.02
N LYS A 417 9.81 57.88 -12.02
CA LYS A 417 11.08 58.58 -12.16
C LYS A 417 12.20 57.84 -11.42
N ILE A 418 11.99 57.53 -10.13
CA ILE A 418 12.99 56.84 -9.34
C ILE A 418 13.13 55.38 -9.80
N ALA A 419 12.01 54.72 -10.09
CA ALA A 419 12.04 53.35 -10.60
C ALA A 419 12.51 53.24 -12.04
N ASP A 420 12.59 54.36 -12.78
CA ASP A 420 13.05 54.36 -14.16
C ASP A 420 14.50 54.79 -14.30
N TYR A 421 14.97 55.68 -13.44
CA TYR A 421 16.30 56.26 -13.59
C TYR A 421 17.23 56.06 -12.40
N ASN A 422 16.72 55.72 -11.22
CA ASN A 422 17.56 55.63 -10.03
C ASN A 422 17.66 54.22 -9.48
N TYR A 423 16.54 53.57 -9.15
CA TYR A 423 16.57 52.24 -8.54
C TYR A 423 15.27 51.49 -8.82
N LYS A 424 15.37 50.35 -9.49
CA LYS A 424 14.21 49.58 -9.93
C LYS A 424 14.09 48.29 -9.11
N LEU A 425 12.88 48.03 -8.61
CA LEU A 425 12.55 46.80 -7.88
C LEU A 425 12.10 45.72 -8.86
N PRO A 426 12.61 44.49 -8.74
CA PRO A 426 12.13 43.41 -9.61
C PRO A 426 10.75 42.91 -9.19
N ASP A 427 10.11 42.20 -10.12
CA ASP A 427 8.80 41.62 -9.84
C ASP A 427 8.94 40.42 -8.90
N ASP A 428 7.91 40.25 -8.06
CA ASP A 428 7.81 39.23 -6.99
C ASP A 428 9.00 39.34 -6.03
N PHE A 429 9.10 40.50 -5.38
CA PHE A 429 10.24 40.78 -4.52
C PHE A 429 10.09 40.13 -3.16
N THR A 430 11.17 39.53 -2.67
CA THR A 430 11.27 39.04 -1.29
C THR A 430 12.30 39.92 -0.60
N GLY A 431 11.84 40.74 0.34
CA GLY A 431 12.72 41.68 1.00
C GLY A 431 11.94 42.90 1.48
N CYS A 432 12.70 43.87 1.98
CA CYS A 432 12.13 45.09 2.55
C CYS A 432 12.88 46.30 2.02
N VAL A 433 12.16 47.39 1.79
CA VAL A 433 12.73 48.72 1.65
C VAL A 433 12.23 49.56 2.84
N ILE A 434 13.15 50.18 3.55
CA ILE A 434 12.85 50.74 4.87
C ILE A 434 13.10 52.24 4.79
N ALA A 435 12.03 53.03 4.75
CA ALA A 435 12.13 54.47 4.56
C ALA A 435 11.80 55.19 5.86
N TRP A 436 12.64 56.16 6.23
CA TRP A 436 12.41 56.98 7.41
C TRP A 436 12.81 58.42 7.09
N ASN A 437 12.29 59.34 7.91
CA ASN A 437 12.57 60.77 7.74
C ASN A 437 13.99 61.07 8.20
N SER A 438 14.67 61.94 7.46
CA SER A 438 16.08 62.27 7.72
C SER A 438 16.28 63.78 7.70
N ASN A 439 15.44 64.51 8.42
CA ASN A 439 15.48 65.97 8.39
C ASN A 439 16.62 66.52 9.25
N ASN A 440 16.93 65.88 10.37
CA ASN A 440 17.73 66.51 11.41
C ASN A 440 19.23 66.47 11.14
N LEU A 441 19.70 65.66 10.20
CA LEU A 441 21.14 65.46 10.03
C LEU A 441 21.63 65.68 8.61
N ASP A 442 20.89 65.28 7.59
CA ASP A 442 21.28 65.61 6.22
C ASP A 442 20.55 66.85 5.70
N SER A 443 20.70 67.95 6.42
CA SER A 443 20.13 69.22 5.99
C SER A 443 21.00 70.34 6.58
N LYS A 444 21.91 70.87 5.76
CA LYS A 444 22.75 71.98 6.17
C LYS A 444 22.12 73.29 5.70
N VAL A 445 22.78 74.41 6.01
CA VAL A 445 22.24 75.72 5.68
C VAL A 445 22.41 75.98 4.18
N GLY A 446 21.35 76.49 3.56
CA GLY A 446 21.37 76.75 2.13
C GLY A 446 21.09 75.55 1.24
N GLY A 447 20.84 74.38 1.82
CA GLY A 447 20.59 73.20 1.03
C GLY A 447 21.71 72.17 1.14
N ASN A 448 21.36 70.90 1.28
CA ASN A 448 22.35 69.83 1.41
C ASN A 448 22.68 69.31 0.02
N TYR A 449 23.70 69.91 -0.59
CA TYR A 449 24.14 69.53 -1.93
C TYR A 449 25.28 68.52 -1.90
N ASN A 450 25.03 67.37 -1.27
CA ASN A 450 26.04 66.32 -1.15
C ASN A 450 25.68 65.05 -1.91
N TYR A 451 24.44 64.90 -2.35
CA TYR A 451 23.98 63.70 -3.05
C TYR A 451 23.47 64.12 -4.43
N LEU A 452 24.31 63.96 -5.44
CA LEU A 452 23.89 64.17 -6.82
C LEU A 452 23.15 62.93 -7.32
N TYR A 453 22.40 63.07 -8.41
CA TYR A 453 21.55 61.99 -8.89
C TYR A 453 21.45 62.08 -10.40
N ARG A 454 21.03 60.99 -11.02
CA ARG A 454 20.91 60.94 -12.47
C ARG A 454 19.47 61.25 -12.86
N LEU A 455 19.29 62.27 -13.68
CA LEU A 455 17.98 62.64 -14.20
C LEU A 455 17.68 62.07 -15.58
N PHE A 456 18.71 61.71 -16.35
CA PHE A 456 18.52 61.31 -17.74
C PHE A 456 19.30 60.04 -18.03
N ARG A 457 18.61 59.05 -18.60
CA ARG A 457 19.22 57.82 -19.06
C ARG A 457 18.51 57.44 -20.37
N LYS A 458 19.27 56.81 -21.28
CA LYS A 458 18.77 56.51 -22.62
C LYS A 458 17.68 55.43 -22.59
N SER A 459 17.84 54.43 -21.73
CA SER A 459 16.89 53.33 -21.65
C SER A 459 16.43 53.14 -20.20
N ASN A 460 15.46 52.25 -20.02
CA ASN A 460 14.99 51.94 -18.67
C ASN A 460 16.01 51.08 -17.94
N LEU A 461 15.95 51.12 -16.61
CA LEU A 461 16.86 50.32 -15.80
C LEU A 461 16.46 48.86 -15.78
N LYS A 462 17.46 47.99 -15.84
CA LYS A 462 17.26 46.62 -15.38
C LYS A 462 17.14 46.63 -13.86
N PRO A 463 16.37 45.72 -13.27
CA PRO A 463 16.26 45.68 -11.80
C PRO A 463 17.54 45.20 -11.14
N PHE A 464 17.86 45.84 -10.01
CA PHE A 464 19.08 45.66 -9.20
C PHE A 464 20.35 45.89 -10.04
N GLU A 465 20.48 47.13 -10.51
CA GLU A 465 21.62 47.54 -11.33
C GLU A 465 22.19 48.83 -10.76
N ARG A 466 23.42 48.78 -10.27
CA ARG A 466 24.12 49.97 -9.81
C ARG A 466 24.70 50.67 -11.04
N ASP A 467 24.23 51.89 -11.30
CA ASP A 467 24.59 52.62 -12.51
C ASP A 467 25.58 53.75 -12.19
N ILE A 468 26.73 53.73 -12.87
CA ILE A 468 27.73 54.79 -12.76
C ILE A 468 28.13 55.23 -14.17
N SER A 469 28.22 56.54 -14.37
CA SER A 469 28.51 57.12 -15.68
C SER A 469 29.04 58.53 -15.48
N THR A 470 29.66 59.04 -16.54
CA THR A 470 30.16 60.42 -16.60
C THR A 470 29.61 61.16 -17.81
N GLU A 471 29.46 60.45 -18.93
CA GLU A 471 28.98 61.01 -20.19
C GLU A 471 27.51 61.43 -20.11
N ILE A 472 27.14 62.36 -20.99
CA ILE A 472 25.90 63.11 -20.87
C ILE A 472 24.84 62.53 -21.80
N TYR A 473 23.60 63.00 -21.61
CA TYR A 473 22.45 62.46 -22.32
C TYR A 473 22.46 62.80 -23.81
N GLN A 474 21.98 61.86 -24.61
CA GLN A 474 21.79 62.07 -26.05
C GLN A 474 20.30 62.10 -26.35
N ALA A 475 19.83 63.23 -26.88
CA ALA A 475 18.43 63.41 -27.23
C ALA A 475 18.20 63.98 -28.62
N GLY A 476 19.17 64.68 -29.20
CA GLY A 476 19.01 65.19 -30.55
C GLY A 476 19.91 64.50 -31.54
N SER A 477 20.28 65.19 -32.62
CA SER A 477 21.16 64.62 -33.63
C SER A 477 22.50 65.33 -33.63
N THR A 478 22.50 66.60 -33.23
CA THR A 478 23.74 67.36 -33.13
C THR A 478 24.50 66.96 -31.88
N PRO A 479 25.74 66.49 -31.98
CA PRO A 479 26.45 66.02 -30.78
C PRO A 479 27.03 67.16 -29.98
N CYS A 480 27.30 66.88 -28.70
CA CYS A 480 27.93 67.86 -27.84
C CYS A 480 29.45 67.77 -27.98
N ASN A 481 30.09 68.94 -28.08
CA ASN A 481 31.54 69.02 -28.29
C ASN A 481 32.29 69.30 -26.99
N GLY A 482 31.79 68.82 -25.87
CA GLY A 482 32.41 69.10 -24.57
C GLY A 482 31.86 70.32 -23.88
N VAL A 483 31.76 71.44 -24.59
CA VAL A 483 31.11 72.63 -24.06
C VAL A 483 29.61 72.38 -24.02
N GLU A 484 28.99 72.70 -22.88
CA GLU A 484 27.55 72.46 -22.70
C GLU A 484 26.72 73.39 -23.59
N GLY A 485 25.77 72.80 -24.31
CA GLY A 485 24.96 73.53 -25.26
C GLY A 485 23.47 73.40 -25.04
N PHE A 486 22.70 73.49 -26.12
CA PHE A 486 21.25 73.48 -26.04
C PHE A 486 20.65 72.09 -25.97
N ASN A 487 21.42 71.04 -26.26
CA ASN A 487 20.92 69.67 -26.24
C ASN A 487 21.91 68.73 -25.57
N CYS A 488 22.71 69.26 -24.65
CA CYS A 488 23.66 68.42 -23.92
C CYS A 488 22.98 67.62 -22.81
N TYR A 489 22.14 68.30 -22.01
CA TYR A 489 21.24 67.73 -21.00
C TYR A 489 22.01 66.95 -19.93
N PHE A 490 22.79 67.70 -19.14
CA PHE A 490 23.59 67.23 -18.02
C PHE A 490 22.73 66.52 -16.98
N PRO A 491 22.86 65.19 -16.84
CA PRO A 491 21.92 64.44 -16.00
C PRO A 491 22.22 64.57 -14.51
N LEU A 492 23.43 64.99 -14.17
CA LEU A 492 23.86 65.04 -12.76
C LEU A 492 23.42 66.37 -12.15
N GLN A 493 22.12 66.47 -11.91
CA GLN A 493 21.54 67.59 -11.19
C GLN A 493 21.70 67.33 -9.69
N SER A 494 21.45 68.35 -8.87
CA SER A 494 21.68 68.26 -7.43
C SER A 494 20.36 68.36 -6.68
N TYR A 495 20.14 67.43 -5.75
CA TYR A 495 19.14 67.57 -4.69
C TYR A 495 19.38 68.80 -3.84
N GLY A 496 18.36 69.65 -3.74
CA GLY A 496 18.36 70.75 -2.80
C GLY A 496 17.58 70.39 -1.55
N PHE A 497 18.29 70.08 -0.47
CA PHE A 497 17.66 69.64 0.78
C PHE A 497 17.91 70.71 1.85
N GLN A 498 16.98 71.62 1.97
CA GLN A 498 16.89 72.75 2.86
C GLN A 498 16.10 72.37 4.12
N PRO A 499 16.42 72.97 5.27
CA PRO A 499 15.65 72.67 6.49
C PRO A 499 14.24 73.24 6.50
N THR A 500 13.90 74.16 5.59
CA THR A 500 12.56 74.69 5.52
C THR A 500 11.64 73.85 4.63
N ASN A 501 12.14 72.75 4.08
CA ASN A 501 11.33 71.88 3.25
C ASN A 501 10.32 71.11 4.10
N GLY A 502 9.23 70.67 3.46
CA GLY A 502 8.20 69.90 4.11
C GLY A 502 8.58 68.44 4.25
N VAL A 503 7.64 67.67 4.81
CA VAL A 503 7.89 66.27 5.10
C VAL A 503 7.92 65.45 3.80
N GLY A 504 7.14 65.84 2.80
CA GLY A 504 7.24 65.20 1.50
C GLY A 504 8.44 65.70 0.70
N TYR A 505 8.94 66.89 1.06
CA TYR A 505 10.05 67.47 0.31
C TYR A 505 11.39 67.10 0.93
N GLN A 506 11.43 66.88 2.24
CA GLN A 506 12.62 66.34 2.87
C GLN A 506 12.79 64.88 2.47
N PRO A 507 14.03 64.40 2.32
CA PRO A 507 14.25 63.05 1.77
C PRO A 507 13.86 61.94 2.73
N TYR A 508 13.54 60.78 2.15
CA TYR A 508 13.18 59.60 2.92
C TYR A 508 14.28 58.56 2.77
N ARG A 509 15.00 58.29 3.85
CA ARG A 509 16.21 57.48 3.80
C ARG A 509 15.86 56.01 3.67
N VAL A 510 16.20 55.41 2.52
CA VAL A 510 15.79 54.04 2.22
C VAL A 510 17.01 53.12 2.32
N VAL A 511 16.83 51.97 2.98
CA VAL A 511 17.79 50.88 2.93
C VAL A 511 17.07 49.65 2.40
N VAL A 512 17.82 48.82 1.69
CA VAL A 512 17.25 47.65 1.02
C VAL A 512 17.85 46.41 1.68
N LEU A 513 17.01 45.60 2.30
CA LEU A 513 17.41 44.27 2.77
C LEU A 513 16.83 43.26 1.80
N SER A 514 17.53 43.06 0.68
CA SER A 514 17.07 42.17 -0.37
C SER A 514 17.33 40.71 0.01
N PHE A 515 16.58 39.81 -0.62
CA PHE A 515 16.72 38.37 -0.39
C PHE A 515 16.51 37.66 -1.72
N GLU A 516 17.61 37.30 -2.38
CA GLU A 516 17.55 36.55 -3.62
C GLU A 516 17.68 35.06 -3.32
N LEU A 517 17.69 34.24 -4.36
CA LEU A 517 17.74 32.78 -4.24
C LEU A 517 18.88 32.29 -5.13
N LEU A 518 20.01 31.98 -4.51
CA LEU A 518 21.16 31.42 -5.21
C LEU A 518 21.62 30.17 -4.46
N HIS A 519 22.46 29.36 -5.11
CA HIS A 519 22.97 28.12 -4.53
C HIS A 519 24.16 28.39 -3.60
N ALA A 520 23.84 29.01 -2.47
CA ALA A 520 24.80 29.38 -1.44
C ALA A 520 24.13 29.35 -0.07
N PRO A 521 24.87 28.98 0.98
CA PRO A 521 24.28 29.03 2.33
C PRO A 521 24.10 30.47 2.81
N ALA A 522 23.13 30.65 3.70
CA ALA A 522 22.87 31.97 4.27
C ALA A 522 23.95 32.37 5.25
N THR A 523 24.27 33.66 5.27
CA THR A 523 25.31 34.20 6.13
C THR A 523 24.75 35.02 7.28
N VAL A 524 23.79 35.90 7.00
CA VAL A 524 23.20 36.77 8.00
C VAL A 524 21.75 36.35 8.21
N CYS A 525 21.41 36.00 9.45
CA CYS A 525 20.04 35.72 9.84
C CYS A 525 19.76 36.45 11.13
N GLY A 526 18.48 36.53 11.49
CA GLY A 526 18.07 37.25 12.67
C GLY A 526 18.33 36.46 13.95
N PRO A 527 18.32 37.14 15.10
CA PRO A 527 18.48 36.47 16.38
C PRO A 527 17.22 35.69 16.75
N LYS A 528 17.40 34.67 17.58
CA LYS A 528 16.31 33.78 17.97
C LYS A 528 16.19 33.78 19.49
N LYS A 529 14.97 34.04 19.97
CA LYS A 529 14.71 34.09 21.40
C LYS A 529 14.66 32.68 21.99
N SER A 530 15.16 32.55 23.21
CA SER A 530 15.23 31.26 23.89
C SER A 530 14.88 31.45 25.35
N THR A 531 14.17 30.48 25.93
CA THR A 531 13.79 30.52 27.32
C THR A 531 14.75 29.68 28.15
N ASN A 532 14.48 29.56 29.45
CA ASN A 532 15.31 28.79 30.35
C ASN A 532 14.92 27.31 30.32
N LEU A 533 15.57 26.52 31.16
CA LEU A 533 15.43 25.07 31.15
C LEU A 533 15.03 24.57 32.52
N VAL A 534 14.08 23.63 32.55
CA VAL A 534 13.62 23.02 33.79
C VAL A 534 14.05 21.55 33.77
N LYS A 535 14.36 21.01 34.95
CA LYS A 535 14.90 19.67 35.06
C LYS A 535 13.98 18.79 35.91
N ASN A 536 14.20 17.48 35.77
CA ASN A 536 13.51 16.41 36.51
C ASN A 536 11.99 16.44 36.30
N LYS A 537 11.57 16.81 35.10
CA LYS A 537 10.16 16.87 34.74
C LYS A 537 10.00 16.35 33.31
N CYS A 538 8.90 15.64 33.08
CA CYS A 538 8.55 15.20 31.72
C CYS A 538 8.11 16.41 30.93
N VAL A 539 8.91 16.81 29.95
CA VAL A 539 8.72 18.08 29.26
C VAL A 539 9.21 17.94 27.82
N ASN A 540 8.53 18.64 26.91
CA ASN A 540 8.99 18.78 25.54
C ASN A 540 10.25 19.65 25.52
N PHE A 541 11.15 19.35 24.60
CA PHE A 541 12.35 20.17 24.48
C PHE A 541 12.66 20.43 23.01
N ASN A 542 13.26 21.60 22.75
CA ASN A 542 13.70 21.96 21.41
C ASN A 542 15.09 22.57 21.59
N PHE A 543 16.12 21.76 21.42
CA PHE A 543 17.50 22.23 21.48
C PHE A 543 17.92 22.74 20.09
N ASN A 544 19.22 22.91 19.90
CA ASN A 544 19.72 23.46 18.63
C ASN A 544 19.73 22.43 17.50
N GLY A 545 18.54 22.04 17.04
CA GLY A 545 18.43 21.13 15.92
C GLY A 545 17.49 19.96 16.12
N LEU A 546 17.42 19.46 17.35
CA LEU A 546 16.68 18.23 17.65
C LEU A 546 15.53 18.52 18.61
N THR A 547 14.44 17.78 18.44
CA THR A 547 13.26 17.88 19.29
C THR A 547 12.95 16.50 19.87
N GLY A 548 12.26 16.49 21.01
CA GLY A 548 11.85 15.24 21.61
C GLY A 548 11.11 15.47 22.90
N THR A 549 10.64 14.35 23.47
CA THR A 549 9.95 14.34 24.76
C THR A 549 10.80 13.55 25.75
N GLY A 550 10.79 13.95 27.01
CA GLY A 550 11.50 13.18 28.01
C GLY A 550 11.63 13.91 29.33
N VAL A 551 12.33 13.26 30.26
CA VAL A 551 12.60 13.78 31.60
C VAL A 551 14.06 14.17 31.66
N LEU A 552 14.33 15.45 31.88
CA LEU A 552 15.67 16.01 31.78
C LEU A 552 16.33 15.91 33.15
N THR A 553 17.33 15.05 33.28
CA THR A 553 17.95 14.76 34.57
C THR A 553 19.43 15.13 34.53
N GLU A 554 20.02 15.20 35.72
CA GLU A 554 21.47 15.34 35.84
C GLU A 554 22.15 14.04 35.44
N SER A 555 23.43 14.14 35.08
CA SER A 555 24.17 13.02 34.52
C SER A 555 25.45 12.76 35.29
N ASN A 556 26.16 11.72 34.86
CA ASN A 556 27.48 11.40 35.36
C ASN A 556 28.50 11.11 34.26
N LYS A 557 28.09 11.12 33.00
CA LYS A 557 28.99 10.82 31.89
C LYS A 557 29.87 12.03 31.59
N LYS A 558 30.90 11.80 30.77
CA LYS A 558 31.75 12.88 30.29
C LYS A 558 31.78 12.78 28.77
N PHE A 559 31.43 13.88 28.10
CA PHE A 559 31.54 13.95 26.66
C PHE A 559 32.94 14.42 26.26
N LEU A 560 33.28 14.15 25.00
CA LEU A 560 34.39 14.85 24.38
C LEU A 560 33.94 16.28 24.05
N PRO A 561 34.87 17.25 23.97
CA PRO A 561 34.44 18.65 23.79
C PRO A 561 33.89 19.07 22.44
N PHE A 562 33.61 18.14 21.52
CA PHE A 562 33.08 18.51 20.22
C PHE A 562 31.68 17.98 19.91
N GLN A 563 31.10 17.13 20.77
CA GLN A 563 29.75 16.66 20.47
C GLN A 563 28.71 17.71 20.84
N GLN A 564 27.51 17.53 20.28
CA GLN A 564 26.34 18.32 20.62
C GLN A 564 25.29 17.50 21.36
N PHE A 565 25.22 16.20 21.08
CA PHE A 565 24.32 15.29 21.79
C PHE A 565 24.95 13.90 21.79
N GLY A 566 24.20 12.92 22.27
CA GLY A 566 24.73 11.56 22.37
C GLY A 566 23.64 10.53 22.27
N ARG A 567 24.02 9.32 21.85
CA ARG A 567 23.09 8.21 21.66
C ARG A 567 23.58 6.96 22.38
N ASP A 568 22.90 5.85 22.10
CA ASP A 568 23.20 4.56 22.70
C ASP A 568 23.07 3.45 21.65
N ILE A 569 22.90 2.21 22.12
CA ILE A 569 22.47 1.10 21.28
C ILE A 569 21.14 1.44 20.59
N ALA A 570 21.10 1.16 19.27
CA ALA A 570 19.97 1.26 18.35
C ALA A 570 19.44 2.67 18.14
N ASP A 571 20.29 3.70 18.29
CA ASP A 571 20.09 5.08 17.80
C ASP A 571 18.88 5.77 18.42
N THR A 572 18.92 5.94 19.74
CA THR A 572 18.01 6.80 20.47
C THR A 572 18.84 7.79 21.29
N THR A 573 18.40 9.04 21.35
CA THR A 573 19.17 10.05 22.06
C THR A 573 19.03 9.88 23.57
N ASP A 574 20.12 10.14 24.31
CA ASP A 574 20.13 9.97 25.75
C ASP A 574 20.74 11.13 26.52
N ALA A 575 21.57 11.96 25.90
CA ALA A 575 22.18 13.09 26.59
C ALA A 575 22.44 14.19 25.57
N VAL A 576 22.06 15.42 25.94
CA VAL A 576 22.19 16.57 25.05
C VAL A 576 22.99 17.64 25.78
N ARG A 577 24.01 18.17 25.10
CA ARG A 577 24.74 19.35 25.54
C ARG A 577 23.87 20.58 25.29
N ASP A 578 23.52 21.29 26.36
CA ASP A 578 22.79 22.54 26.18
C ASP A 578 23.72 23.63 25.66
N PRO A 579 23.25 24.53 24.79
CA PRO A 579 24.19 25.46 24.13
C PRO A 579 24.60 26.66 24.98
N GLN A 580 23.76 27.13 25.90
CA GLN A 580 24.08 28.32 26.68
C GLN A 580 24.94 28.01 27.90
N THR A 581 25.14 26.75 28.24
CA THR A 581 25.85 26.39 29.45
C THR A 581 27.00 25.41 29.18
N LEU A 582 26.86 24.57 28.12
CA LEU A 582 27.75 23.44 27.80
C LEU A 582 27.90 22.51 29.00
N GLU A 583 26.77 22.17 29.61
CA GLU A 583 26.69 21.23 30.72
C GLU A 583 26.04 19.94 30.25
N ILE A 584 26.59 18.81 30.67
CA ILE A 584 26.04 17.51 30.29
C ILE A 584 24.92 17.15 31.25
N LEU A 585 23.79 16.74 30.68
CA LEU A 585 22.58 16.37 31.40
C LEU A 585 21.76 15.39 30.56
N ASP A 586 21.44 14.25 31.16
CA ASP A 586 20.78 13.15 30.45
C ASP A 586 19.31 13.45 30.21
N ILE A 587 18.70 12.64 29.33
CA ILE A 587 17.25 12.57 29.19
C ILE A 587 16.83 11.16 29.58
N THR A 588 15.56 11.01 29.91
CA THR A 588 14.93 9.77 30.33
C THR A 588 13.49 9.81 29.83
N PRO A 589 12.96 8.72 29.24
CA PRO A 589 11.57 8.74 28.77
C PRO A 589 10.57 8.83 29.90
N CYS A 590 9.43 9.46 29.60
CA CYS A 590 8.40 9.69 30.59
C CYS A 590 7.72 8.39 31.00
N SER A 591 7.10 8.41 32.17
CA SER A 591 6.55 7.19 32.76
C SER A 591 5.31 6.73 32.03
N PHE A 592 5.39 5.54 31.44
CA PHE A 592 4.28 4.96 30.70
C PHE A 592 4.15 3.50 31.12
N GLY A 593 3.05 2.90 30.68
CA GLY A 593 2.81 1.50 30.95
C GLY A 593 1.34 1.20 30.87
N GLY A 594 1.01 -0.09 30.88
CA GLY A 594 -0.38 -0.47 30.92
C GLY A 594 -0.91 -0.42 32.33
N VAL A 595 -2.21 -0.19 32.48
CA VAL A 595 -2.86 -0.30 33.78
C VAL A 595 -3.54 -1.65 33.84
N SER A 596 -3.64 -2.22 35.03
CA SER A 596 -4.28 -3.50 35.23
C SER A 596 -5.20 -3.41 36.44
N VAL A 597 -6.41 -3.95 36.27
CA VAL A 597 -7.45 -3.86 37.29
C VAL A 597 -7.64 -5.25 37.88
N ILE A 598 -7.52 -5.35 39.20
CA ILE A 598 -7.60 -6.62 39.91
C ILE A 598 -8.97 -6.69 40.59
N THR A 599 -9.77 -7.66 40.19
CA THR A 599 -11.08 -7.83 40.80
C THR A 599 -11.23 -9.25 41.32
N PRO A 600 -11.98 -9.44 42.41
CA PRO A 600 -12.28 -10.80 42.88
C PRO A 600 -13.57 -11.39 42.30
N GLY A 601 -14.16 -10.75 41.30
CA GLY A 601 -15.43 -11.20 40.78
C GLY A 601 -16.54 -10.23 41.13
N THR A 602 -17.44 -9.96 40.18
CA THR A 602 -18.55 -9.04 40.45
C THR A 602 -19.60 -9.69 41.33
N ASN A 603 -19.71 -11.02 41.30
CA ASN A 603 -20.61 -11.72 42.21
C ASN A 603 -20.04 -11.78 43.62
N THR A 604 -18.73 -11.61 43.80
CA THR A 604 -18.10 -11.69 45.10
C THR A 604 -18.05 -10.33 45.79
N SER A 605 -17.46 -9.34 45.13
CA SER A 605 -17.31 -8.02 45.73
C SER A 605 -17.52 -6.95 44.66
N ASN A 606 -17.53 -5.70 45.11
CA ASN A 606 -17.66 -4.56 44.21
C ASN A 606 -16.35 -3.79 44.10
N GLN A 607 -15.37 -4.10 44.95
CA GLN A 607 -14.12 -3.36 45.02
C GLN A 607 -13.12 -3.90 43.99
N VAL A 608 -12.23 -3.01 43.56
CA VAL A 608 -11.16 -3.35 42.63
C VAL A 608 -9.85 -2.77 43.16
N ALA A 609 -8.74 -3.34 42.67
CA ALA A 609 -7.41 -2.80 42.91
C ALA A 609 -6.76 -2.56 41.56
N VAL A 610 -6.05 -1.44 41.44
CA VAL A 610 -5.52 -0.98 40.17
C VAL A 610 -4.00 -1.03 40.21
N LEU A 611 -3.40 -1.69 39.21
CA LEU A 611 -1.95 -1.82 39.10
C LEU A 611 -1.44 -0.90 38.00
N TYR A 612 -0.74 0.17 38.39
CA TYR A 612 -0.01 1.02 37.44
C TYR A 612 1.40 0.44 37.32
N GLN A 613 1.73 -0.05 36.13
CA GLN A 613 2.93 -0.86 35.97
C GLN A 613 4.19 -0.01 35.85
N ASP A 614 5.28 -0.56 36.41
CA ASP A 614 6.70 -0.12 36.40
C ASP A 614 6.92 1.39 36.50
N VAL A 615 6.25 1.99 37.49
CA VAL A 615 6.40 3.41 37.79
C VAL A 615 6.72 3.59 39.26
N ASN A 616 7.31 4.73 39.60
CA ASN A 616 7.35 5.20 40.97
C ASN A 616 5.93 5.45 41.45
N CYS A 617 5.62 4.98 42.66
CA CYS A 617 4.24 4.97 43.11
C CYS A 617 3.91 6.23 43.91
N THR A 618 4.22 7.39 43.33
CA THR A 618 3.88 8.71 43.86
C THR A 618 3.20 9.60 42.84
N GLU A 619 3.58 9.51 41.56
CA GLU A 619 3.14 10.44 40.54
C GLU A 619 1.95 9.93 39.74
N VAL A 620 1.15 9.03 40.31
CA VAL A 620 -0.06 8.57 39.61
C VAL A 620 -1.21 9.58 39.50
N PRO A 621 -1.49 10.51 40.45
CA PRO A 621 -2.51 11.52 40.12
C PRO A 621 -2.01 12.66 39.25
N VAL A 622 -0.72 12.70 38.91
CA VAL A 622 -0.19 13.65 37.95
C VAL A 622 -0.19 12.91 36.61
N ALA A 623 -0.02 11.58 36.69
CA ALA A 623 -0.02 10.73 35.50
C ALA A 623 -1.40 10.63 34.87
N ILE A 624 -2.43 10.37 35.68
CA ILE A 624 -3.79 10.44 35.19
C ILE A 624 -4.33 11.84 35.46
N HIS A 625 -5.41 12.22 34.76
CA HIS A 625 -6.02 13.53 34.95
C HIS A 625 -7.10 13.40 36.03
N ALA A 626 -6.65 13.30 37.28
CA ALA A 626 -7.56 13.04 38.39
C ALA A 626 -8.40 14.27 38.74
N ASP A 627 -7.91 15.46 38.40
CA ASP A 627 -8.72 16.66 38.53
C ASP A 627 -9.77 16.78 37.44
N GLN A 628 -9.64 16.05 36.34
CA GLN A 628 -10.59 16.09 35.25
C GLN A 628 -11.62 14.97 35.31
N LEU A 629 -11.31 13.85 35.97
CA LEU A 629 -12.23 12.72 36.03
C LEU A 629 -13.19 12.87 37.20
N THR A 630 -13.93 11.78 37.44
CA THR A 630 -14.90 11.71 38.51
C THR A 630 -14.19 11.60 39.87
N PRO A 631 -14.88 11.97 40.97
CA PRO A 631 -14.34 11.66 42.30
C PRO A 631 -14.26 10.18 42.64
N THR A 632 -15.00 9.31 41.93
CA THR A 632 -14.81 7.86 42.04
C THR A 632 -13.46 7.40 41.51
N TRP A 633 -12.91 8.12 40.53
CA TRP A 633 -11.54 7.86 40.09
C TRP A 633 -10.52 8.40 41.07
N ARG A 634 -10.89 9.44 41.84
CA ARG A 634 -9.92 10.12 42.68
C ARG A 634 -9.61 9.37 43.97
N VAL A 635 -10.41 8.35 44.32
CA VAL A 635 -10.08 7.52 45.48
C VAL A 635 -9.16 6.37 45.10
N TYR A 636 -8.88 6.18 43.81
CA TYR A 636 -8.01 5.10 43.35
C TYR A 636 -6.69 5.62 42.81
N SER A 637 -6.33 6.85 43.15
CA SER A 637 -5.04 7.43 42.77
C SER A 637 -4.22 7.87 43.97
N THR A 638 -4.87 8.10 45.11
CA THR A 638 -4.17 8.53 46.33
C THR A 638 -4.96 8.00 47.53
N GLY A 639 -4.27 7.93 48.65
CA GLY A 639 -4.90 7.48 49.88
C GLY A 639 -3.87 6.81 50.77
N SER A 640 -4.37 6.25 51.88
CA SER A 640 -3.52 5.53 52.81
C SER A 640 -3.18 4.13 52.28
N ASN A 641 -4.03 3.59 51.40
CA ASN A 641 -3.88 2.23 50.89
C ASN A 641 -3.12 2.29 49.57
N VAL A 642 -1.85 2.66 49.63
CA VAL A 642 -1.00 2.84 48.45
C VAL A 642 0.26 2.01 48.66
N PHE A 643 0.55 1.08 47.75
CA PHE A 643 1.64 0.14 47.91
C PHE A 643 2.43 0.01 46.62
N GLN A 644 3.75 -0.04 46.74
CA GLN A 644 4.66 -0.16 45.60
C GLN A 644 5.19 -1.59 45.54
N THR A 645 5.05 -2.22 44.38
CA THR A 645 5.56 -3.56 44.13
C THR A 645 6.78 -3.47 43.22
N ARG A 646 7.33 -4.64 42.89
CA ARG A 646 8.33 -4.69 41.83
C ARG A 646 7.67 -4.55 40.46
N ALA A 647 6.51 -5.15 40.26
CA ALA A 647 5.77 -5.08 39.01
C ALA A 647 5.13 -3.71 38.77
N GLY A 648 4.97 -2.90 39.79
CA GLY A 648 4.45 -1.56 39.56
C GLY A 648 3.82 -1.01 40.82
N CYS A 649 2.96 -0.01 40.62
CA CYS A 649 2.31 0.73 41.71
C CYS A 649 0.89 0.23 41.85
N LEU A 650 0.52 -0.16 43.07
CA LEU A 650 -0.75 -0.82 43.35
C LEU A 650 -1.54 -0.02 44.38
N ILE A 651 -2.72 0.45 43.98
CA ILE A 651 -3.64 1.17 44.85
C ILE A 651 -4.90 0.33 44.98
N GLY A 652 -5.33 0.09 46.22
CA GLY A 652 -6.52 -0.69 46.49
C GLY A 652 -6.27 -2.01 47.17
N ALA A 653 -5.01 -2.46 47.19
CA ALA A 653 -4.64 -3.67 47.90
C ALA A 653 -3.64 -3.31 48.99
N GLU A 654 -3.86 -3.87 50.18
CA GLU A 654 -3.00 -3.61 51.33
C GLU A 654 -1.95 -4.70 51.44
N HIS A 655 -0.74 -4.30 51.83
CA HIS A 655 0.34 -5.26 52.00
C HIS A 655 0.25 -5.92 53.36
N VAL A 656 0.26 -7.24 53.36
CA VAL A 656 0.23 -8.03 54.59
C VAL A 656 1.54 -8.79 54.70
N ASN A 657 2.03 -8.94 55.94
CA ASN A 657 3.27 -9.65 56.18
C ASN A 657 3.10 -11.17 56.08
N ASN A 658 1.87 -11.67 56.17
CA ASN A 658 1.60 -13.08 56.03
C ASN A 658 1.73 -13.50 54.57
N SER A 659 1.94 -14.79 54.34
CA SER A 659 2.06 -15.35 53.00
C SER A 659 0.97 -16.38 52.79
N TYR A 660 0.25 -16.26 51.68
CA TYR A 660 -0.87 -17.14 51.37
C TYR A 660 -0.64 -17.74 49.98
N GLU A 661 -1.53 -18.65 49.60
CA GLU A 661 -1.48 -19.23 48.26
C GLU A 661 -1.93 -18.21 47.22
N CYS A 662 -1.33 -18.29 46.04
CA CYS A 662 -1.61 -17.31 44.99
C CYS A 662 -2.99 -17.53 44.39
N ASP A 663 -3.75 -16.45 44.27
CA ASP A 663 -5.08 -16.49 43.70
C ASP A 663 -5.10 -15.63 42.44
N ILE A 664 -4.72 -14.36 42.53
CA ILE A 664 -4.68 -13.46 41.39
C ILE A 664 -3.23 -13.03 41.18
N PRO A 665 -2.58 -13.44 40.09
CA PRO A 665 -1.14 -13.16 39.93
C PRO A 665 -0.85 -11.70 39.56
N ILE A 666 0.04 -11.07 40.31
CA ILE A 666 0.54 -9.74 39.99
C ILE A 666 1.86 -9.82 39.24
N GLY A 667 2.84 -10.49 39.81
CA GLY A 667 4.17 -10.58 39.25
C GLY A 667 5.21 -10.43 40.34
N ALA A 668 6.39 -11.01 40.08
CA ALA A 668 7.57 -11.04 40.96
C ALA A 668 7.27 -11.65 42.33
N GLY A 669 6.44 -12.69 42.33
CA GLY A 669 6.12 -13.41 43.55
C GLY A 669 5.02 -12.79 44.38
N ILE A 670 4.36 -11.76 43.89
CA ILE A 670 3.32 -11.05 44.62
C ILE A 670 1.97 -11.43 44.02
N CYS A 671 0.98 -11.69 44.86
CA CYS A 671 -0.36 -12.00 44.40
C CYS A 671 -1.39 -11.13 45.12
N ALA A 672 -2.66 -11.39 44.82
CA ALA A 672 -3.76 -10.65 45.41
C ALA A 672 -4.92 -11.60 45.72
N SER A 673 -5.73 -11.22 46.70
CA SER A 673 -6.88 -12.02 47.10
C SER A 673 -7.93 -11.10 47.70
N TYR A 674 -8.98 -11.71 48.24
CA TYR A 674 -10.06 -11.01 48.91
C TYR A 674 -10.35 -11.71 50.23
N GLN A 675 -10.36 -10.95 51.33
CA GLN A 675 -10.56 -11.51 52.65
C GLN A 675 -11.67 -10.82 53.45
N THR A 676 -12.49 -10.00 52.78
CA THR A 676 -13.60 -9.20 53.34
C THR A 676 -13.19 -8.30 54.51
N SER A 691 -11.84 -6.50 52.07
CA SER A 691 -10.75 -5.73 51.48
C SER A 691 -9.85 -6.62 50.64
N ILE A 692 -9.22 -6.02 49.63
CA ILE A 692 -8.25 -6.69 48.79
C ILE A 692 -6.90 -6.62 49.50
N ILE A 693 -6.22 -7.75 49.61
CA ILE A 693 -4.88 -7.79 50.20
C ILE A 693 -3.87 -8.13 49.12
N ALA A 694 -2.63 -7.74 49.35
CA ALA A 694 -1.51 -8.09 48.49
C ALA A 694 -0.43 -8.73 49.33
N TYR A 695 0.08 -9.87 48.87
CA TYR A 695 1.01 -10.65 49.66
C TYR A 695 2.05 -11.27 48.76
N THR A 696 3.20 -11.58 49.34
CA THR A 696 4.16 -12.49 48.74
C THR A 696 3.57 -13.88 48.84
N MET A 697 3.60 -14.64 47.74
CA MET A 697 2.87 -15.90 47.70
C MET A 697 3.57 -16.97 48.54
N SER A 698 2.80 -17.97 48.95
CA SER A 698 3.32 -19.10 49.71
C SER A 698 3.45 -20.29 48.77
N LEU A 699 4.66 -20.85 48.73
CA LEU A 699 4.97 -21.90 47.76
C LEU A 699 4.48 -23.27 48.20
N GLY A 700 4.14 -23.45 49.46
CA GLY A 700 3.67 -24.74 49.93
C GLY A 700 3.78 -24.83 51.43
N ALA A 701 3.43 -26.00 51.93
CA ALA A 701 3.46 -26.23 53.37
C ALA A 701 4.90 -26.41 53.86
N GLU A 702 5.13 -26.04 55.11
CA GLU A 702 6.37 -26.38 55.79
C GLU A 702 6.45 -27.89 56.02
N ASN A 703 7.49 -28.50 55.45
CA ASN A 703 7.64 -29.94 55.59
C ASN A 703 9.12 -30.28 55.65
N SER A 704 9.48 -31.02 56.69
CA SER A 704 10.79 -31.63 56.80
C SER A 704 10.54 -33.07 57.24
N VAL A 705 10.84 -34.02 56.36
CA VAL A 705 10.53 -35.42 56.63
C VAL A 705 11.50 -35.97 57.65
N ALA A 706 11.09 -37.05 58.33
CA ALA A 706 11.88 -37.62 59.43
C ALA A 706 12.95 -38.54 58.86
N TYR A 707 13.96 -37.93 58.25
CA TYR A 707 15.04 -38.69 57.65
C TYR A 707 15.99 -39.21 58.73
N SER A 708 16.36 -40.47 58.59
CA SER A 708 17.41 -41.09 59.38
C SER A 708 18.03 -42.16 58.52
N ASN A 709 19.22 -42.61 58.91
CA ASN A 709 19.94 -43.61 58.14
C ASN A 709 19.41 -45.02 58.35
N ASN A 710 18.52 -45.23 59.33
CA ASN A 710 17.94 -46.54 59.59
C ASN A 710 16.45 -46.42 59.90
N SER A 711 15.74 -45.57 59.15
CA SER A 711 14.31 -45.39 59.37
C SER A 711 13.59 -45.26 58.04
N ILE A 712 12.49 -46.01 57.90
CA ILE A 712 11.70 -46.04 56.68
C ILE A 712 10.24 -45.77 57.05
N ALA A 713 9.49 -45.25 56.08
CA ALA A 713 8.05 -45.07 56.19
C ALA A 713 7.36 -45.92 55.14
N ILE A 714 6.49 -46.81 55.57
CA ILE A 714 5.82 -47.73 54.66
C ILE A 714 4.32 -47.65 54.89
N PRO A 715 3.52 -47.44 53.84
CA PRO A 715 2.07 -47.32 54.01
C PRO A 715 1.39 -48.64 54.40
N THR A 716 0.37 -48.51 55.24
CA THR A 716 -0.45 -49.62 55.64
C THR A 716 -1.82 -49.60 54.99
N ASN A 717 -2.18 -48.49 54.34
CA ASN A 717 -3.46 -48.33 53.66
C ASN A 717 -3.16 -47.72 52.29
N PHE A 718 -4.22 -47.37 51.57
CA PHE A 718 -4.14 -46.66 50.30
C PHE A 718 -5.46 -45.99 50.00
N THR A 719 -5.39 -44.97 49.15
CA THR A 719 -6.58 -44.38 48.55
C THR A 719 -6.50 -44.55 47.05
N ILE A 720 -7.63 -44.87 46.43
CA ILE A 720 -7.70 -44.97 44.97
C ILE A 720 -8.42 -43.73 44.48
N SER A 721 -7.73 -42.96 43.64
CA SER A 721 -8.19 -41.67 43.20
C SER A 721 -8.34 -41.64 41.70
N VAL A 722 -9.51 -41.23 41.24
CA VAL A 722 -9.78 -40.98 39.83
C VAL A 722 -9.67 -39.48 39.61
N THR A 723 -8.82 -39.08 38.67
CA THR A 723 -8.62 -37.67 38.35
C THR A 723 -8.89 -37.46 36.87
N THR A 724 -9.59 -36.38 36.54
CA THR A 724 -9.85 -36.03 35.16
C THR A 724 -8.63 -35.35 34.54
N GLU A 725 -8.42 -35.63 33.26
CA GLU A 725 -7.42 -34.92 32.48
C GLU A 725 -8.01 -34.59 31.13
N ILE A 726 -8.12 -33.30 30.84
CA ILE A 726 -8.87 -32.80 29.70
C ILE A 726 -7.88 -32.23 28.69
N LEU A 727 -7.96 -32.72 27.45
CA LEU A 727 -7.03 -32.32 26.41
C LEU A 727 -7.85 -31.95 25.17
N PRO A 728 -7.54 -30.83 24.53
CA PRO A 728 -8.15 -30.54 23.23
C PRO A 728 -7.57 -31.41 22.13
N VAL A 729 -8.44 -31.89 21.25
CA VAL A 729 -8.04 -32.73 20.13
C VAL A 729 -8.22 -32.03 18.78
N SER A 730 -9.40 -31.51 18.48
CA SER A 730 -9.62 -30.84 17.21
C SER A 730 -10.18 -29.46 17.49
N MET A 731 -10.37 -28.70 16.42
CA MET A 731 -11.08 -27.43 16.49
C MET A 731 -12.03 -27.34 15.31
N THR A 732 -12.75 -26.22 15.22
CA THR A 732 -13.76 -26.05 14.17
C THR A 732 -13.09 -25.82 12.82
N LYS A 733 -13.52 -26.59 11.83
CA LYS A 733 -12.97 -26.52 10.49
C LYS A 733 -13.66 -25.39 9.74
N THR A 734 -12.99 -24.25 9.65
CA THR A 734 -13.52 -23.08 8.97
C THR A 734 -12.74 -22.85 7.69
N SER A 735 -13.46 -22.51 6.62
CA SER A 735 -12.86 -22.12 5.37
C SER A 735 -13.47 -20.79 4.93
N VAL A 736 -12.66 -19.98 4.26
CA VAL A 736 -13.08 -18.66 3.80
C VAL A 736 -12.97 -18.64 2.29
N ASP A 737 -13.50 -17.60 1.66
CA ASP A 737 -13.42 -17.47 0.21
C ASP A 737 -12.85 -16.11 -0.14
N CYS A 738 -12.06 -16.10 -1.22
CA CYS A 738 -11.31 -14.92 -1.65
C CYS A 738 -12.22 -13.81 -2.13
N THR A 739 -13.02 -14.11 -3.17
CA THR A 739 -13.81 -13.09 -3.85
C THR A 739 -14.97 -12.61 -2.99
N MET A 740 -15.68 -13.53 -2.34
CA MET A 740 -16.83 -13.10 -1.55
C MET A 740 -16.45 -12.83 -0.09
N TYR A 741 -15.16 -12.91 0.27
CA TYR A 741 -14.75 -12.25 1.49
C TYR A 741 -14.32 -10.82 1.22
N ILE A 742 -13.39 -10.62 0.28
CA ILE A 742 -12.82 -9.30 0.08
C ILE A 742 -13.78 -8.39 -0.70
N CYS A 743 -14.31 -8.89 -1.81
CA CYS A 743 -15.01 -8.03 -2.76
C CYS A 743 -16.53 -8.15 -2.61
N GLY A 744 -17.04 -9.38 -2.57
CA GLY A 744 -18.47 -9.56 -2.35
C GLY A 744 -19.36 -9.31 -3.55
N ASP A 745 -19.30 -10.22 -4.53
CA ASP A 745 -19.98 -10.23 -5.84
C ASP A 745 -19.93 -8.87 -6.55
N SER A 746 -18.69 -8.40 -6.73
CA SER A 746 -18.43 -7.15 -7.45
C SER A 746 -17.26 -7.40 -8.42
N THR A 747 -17.57 -7.29 -9.72
CA THR A 747 -16.75 -7.89 -10.77
C THR A 747 -15.47 -7.10 -11.03
N GLU A 748 -15.53 -5.77 -10.95
CA GLU A 748 -14.34 -4.97 -11.19
C GLU A 748 -13.37 -5.06 -10.01
N CYS A 749 -13.90 -5.23 -8.79
CA CYS A 749 -13.06 -5.52 -7.64
C CYS A 749 -12.41 -6.90 -7.78
N SER A 750 -13.16 -7.87 -8.31
CA SER A 750 -12.61 -9.22 -8.51
C SER A 750 -11.53 -9.22 -9.59
N ASN A 751 -11.74 -8.45 -10.65
CA ASN A 751 -10.73 -8.32 -11.71
C ASN A 751 -9.52 -7.54 -11.24
N LEU A 752 -9.71 -6.61 -10.30
CA LEU A 752 -8.58 -5.94 -9.68
C LEU A 752 -7.85 -6.87 -8.71
N LEU A 753 -8.59 -7.81 -8.12
CA LEU A 753 -8.02 -8.78 -7.20
C LEU A 753 -7.23 -9.86 -7.94
N LEU A 754 -7.54 -10.09 -9.23
CA LEU A 754 -6.78 -11.06 -10.02
C LEU A 754 -5.35 -10.60 -10.31
N GLN A 755 -5.06 -9.30 -10.20
CA GLN A 755 -3.71 -8.81 -10.43
C GLN A 755 -2.84 -8.84 -9.17
N TYR A 756 -3.27 -9.50 -8.10
CA TYR A 756 -2.43 -9.70 -6.93
C TYR A 756 -1.76 -11.08 -6.91
N GLY A 757 -1.97 -11.89 -7.93
CA GLY A 757 -1.31 -13.18 -8.04
C GLY A 757 -2.15 -14.31 -7.47
N SER A 758 -1.56 -15.12 -6.60
CA SER A 758 -2.19 -16.29 -6.02
C SER A 758 -2.00 -16.31 -4.52
N PHE A 759 -2.30 -15.17 -3.87
CA PHE A 759 -2.38 -15.11 -2.42
C PHE A 759 -3.50 -15.96 -1.87
N CYS A 760 -4.71 -15.78 -2.37
CA CYS A 760 -5.87 -16.39 -1.74
C CYS A 760 -6.04 -17.83 -2.17
N THR A 761 -5.35 -18.24 -3.25
CA THR A 761 -5.28 -19.65 -3.62
C THR A 761 -4.49 -20.44 -2.58
N GLN A 762 -3.31 -19.96 -2.18
CA GLN A 762 -2.58 -20.65 -1.13
C GLN A 762 -3.15 -20.37 0.26
N LEU A 763 -3.96 -19.32 0.41
CA LEU A 763 -4.71 -19.12 1.66
C LEU A 763 -5.77 -20.21 1.84
N ASN A 764 -6.52 -20.51 0.77
CA ASN A 764 -7.49 -21.61 0.83
C ASN A 764 -6.80 -22.96 0.90
N ARG A 765 -5.62 -23.08 0.29
CA ARG A 765 -4.82 -24.30 0.38
C ARG A 765 -4.29 -24.50 1.80
N ALA A 766 -3.97 -23.42 2.50
CA ALA A 766 -3.55 -23.52 3.89
C ALA A 766 -4.72 -23.85 4.81
N LEU A 767 -5.89 -23.26 4.55
CA LEU A 767 -7.04 -23.54 5.41
C LEU A 767 -7.67 -24.91 5.15
N THR A 768 -7.47 -25.49 3.98
CA THR A 768 -7.95 -26.86 3.72
C THR A 768 -7.11 -27.88 4.47
N GLY A 769 -5.79 -27.64 4.53
CA GLY A 769 -4.87 -28.50 5.26
C GLY A 769 -5.12 -28.52 6.75
N ILE A 770 -5.56 -27.38 7.30
CA ILE A 770 -5.94 -27.30 8.71
C ILE A 770 -7.17 -28.15 8.99
N ALA A 771 -8.15 -28.14 8.09
CA ALA A 771 -9.39 -28.91 8.27
C ALA A 771 -9.15 -30.40 8.17
N VAL A 772 -8.33 -30.83 7.19
CA VAL A 772 -8.02 -32.25 7.11
C VAL A 772 -7.05 -32.67 8.22
N GLU A 773 -6.30 -31.71 8.78
CA GLU A 773 -5.50 -31.98 9.97
C GLU A 773 -6.38 -32.20 11.20
N GLN A 774 -7.50 -31.46 11.31
CA GLN A 774 -8.44 -31.68 12.43
C GLN A 774 -9.10 -33.05 12.32
N ASP A 775 -9.47 -33.45 11.09
CA ASP A 775 -10.04 -34.78 10.88
C ASP A 775 -9.02 -35.88 11.17
N LYS A 776 -7.75 -35.65 10.79
CA LYS A 776 -6.68 -36.60 11.07
C LYS A 776 -6.37 -36.69 12.56
N ASN A 777 -6.50 -35.56 13.28
CA ASN A 777 -6.29 -35.51 14.72
C ASN A 777 -7.37 -36.30 15.46
N THR A 778 -8.63 -36.12 15.06
CA THR A 778 -9.73 -36.85 15.68
C THR A 778 -9.66 -38.34 15.38
N GLN A 779 -9.26 -38.69 14.15
CA GLN A 779 -9.07 -40.09 13.78
C GLN A 779 -7.91 -40.74 14.54
N GLU A 780 -6.81 -40.00 14.73
CA GLU A 780 -5.63 -40.55 15.40
C GLU A 780 -5.86 -40.69 16.90
N VAL A 781 -6.69 -39.83 17.50
CA VAL A 781 -6.98 -39.98 18.91
C VAL A 781 -7.97 -41.12 19.13
N PHE A 782 -9.12 -41.07 18.46
CA PHE A 782 -10.20 -41.98 18.82
C PHE A 782 -10.20 -43.30 18.07
N ALA A 783 -9.79 -43.32 16.80
CA ALA A 783 -9.83 -44.54 16.00
C ALA A 783 -8.56 -45.35 16.24
N GLN A 784 -8.53 -46.02 17.40
CA GLN A 784 -7.43 -46.91 17.74
C GLN A 784 -7.92 -48.32 18.09
N VAL A 785 -9.14 -48.66 17.71
CA VAL A 785 -9.68 -50.01 17.90
C VAL A 785 -9.91 -50.63 16.54
N LYS A 786 -9.60 -51.91 16.41
CA LYS A 786 -9.87 -52.63 15.18
C LYS A 786 -11.36 -52.93 15.06
N GLN A 787 -11.98 -53.34 16.15
CA GLN A 787 -13.38 -53.74 16.22
C GLN A 787 -14.09 -52.89 17.25
N ILE A 788 -15.42 -52.89 17.20
CA ILE A 788 -16.24 -52.16 18.15
C ILE A 788 -16.68 -53.18 19.19
N TYR A 789 -16.25 -52.99 20.42
CA TYR A 789 -16.52 -53.95 21.49
C TYR A 789 -17.76 -53.54 22.27
N LYS A 790 -18.49 -54.54 22.75
CA LYS A 790 -19.65 -54.32 23.60
C LYS A 790 -19.43 -54.99 24.95
N THR A 791 -20.00 -54.41 25.94
CA THR A 791 -20.09 -54.95 27.28
C THR A 791 -21.15 -56.06 27.34
N PRO A 792 -21.02 -57.03 28.25
CA PRO A 792 -22.09 -58.01 28.42
C PRO A 792 -23.31 -57.35 29.04
N PRO A 793 -24.51 -57.91 28.79
CA PRO A 793 -25.71 -57.35 29.43
C PRO A 793 -25.79 -57.59 30.93
N ILE A 794 -25.15 -58.64 31.43
CA ILE A 794 -24.98 -58.84 32.87
C ILE A 794 -23.60 -58.34 33.25
N LYS A 795 -23.53 -57.49 34.26
CA LYS A 795 -22.32 -56.76 34.60
C LYS A 795 -21.89 -57.17 36.01
N ASP A 796 -21.15 -58.26 36.11
CA ASP A 796 -20.55 -58.72 37.36
C ASP A 796 -19.06 -58.43 37.24
N PHE A 797 -18.68 -57.22 37.61
CA PHE A 797 -17.34 -56.71 37.40
C PHE A 797 -16.48 -56.79 38.67
N GLY A 798 -16.92 -57.59 39.64
CA GLY A 798 -16.21 -57.70 40.89
C GLY A 798 -16.60 -56.69 41.94
N GLY A 799 -17.76 -56.06 41.81
CA GLY A 799 -18.19 -54.98 42.68
C GLY A 799 -18.01 -53.61 42.06
N PHE A 800 -17.36 -53.55 40.91
CA PHE A 800 -17.10 -52.28 40.25
C PHE A 800 -18.34 -51.84 39.48
N ASN A 801 -18.44 -50.54 39.23
CA ASN A 801 -19.71 -49.87 38.94
C ASN A 801 -19.45 -48.80 37.88
N PHE A 802 -19.61 -49.16 36.61
CA PHE A 802 -19.22 -48.32 35.49
C PHE A 802 -20.40 -47.66 34.81
N SER A 803 -21.53 -47.50 35.51
CA SER A 803 -22.74 -47.00 34.85
C SER A 803 -22.67 -45.50 34.59
N GLN A 804 -21.78 -44.79 35.28
CA GLN A 804 -21.54 -43.39 34.97
C GLN A 804 -20.75 -43.19 33.70
N ILE A 805 -20.02 -44.20 33.22
CA ILE A 805 -19.20 -44.07 32.02
C ILE A 805 -19.61 -45.02 30.90
N LEU A 806 -20.33 -46.08 31.19
CA LEU A 806 -20.86 -46.89 30.10
C LEU A 806 -22.05 -46.19 29.46
N PRO A 807 -22.27 -46.40 28.15
CA PRO A 807 -23.41 -45.75 27.49
C PRO A 807 -24.74 -46.33 27.93
N ASP A 808 -25.76 -45.47 27.90
CA ASP A 808 -27.10 -45.82 28.35
C ASP A 808 -28.00 -46.02 27.15
N PRO A 809 -28.66 -47.17 26.99
CA PRO A 809 -29.56 -47.34 25.84
C PRO A 809 -30.92 -46.66 26.02
N SER A 810 -31.21 -46.10 27.20
CA SER A 810 -32.49 -45.43 27.41
C SER A 810 -32.53 -44.09 26.68
N LYS A 811 -31.43 -43.34 26.72
CA LYS A 811 -31.37 -42.06 26.05
C LYS A 811 -31.15 -42.26 24.55
N PRO A 812 -31.66 -41.34 23.70
CA PRO A 812 -31.43 -41.50 22.25
C PRO A 812 -30.09 -40.95 21.80
N SER A 813 -29.38 -40.25 22.69
CA SER A 813 -28.05 -39.75 22.34
C SER A 813 -26.99 -40.85 22.36
N LYS A 814 -27.27 -41.97 23.05
CA LYS A 814 -26.39 -43.15 23.18
C LYS A 814 -25.02 -42.79 23.76
N ARG A 815 -25.01 -41.92 24.75
CA ARG A 815 -23.81 -41.45 25.41
C ARG A 815 -23.83 -41.85 26.87
N SER A 816 -22.73 -41.57 27.56
CA SER A 816 -22.68 -41.84 28.99
C SER A 816 -23.17 -40.62 29.79
N PHE A 817 -23.33 -40.84 31.09
CA PHE A 817 -23.84 -39.78 31.96
C PHE A 817 -22.78 -38.71 32.19
N ILE A 818 -21.51 -39.09 32.25
CA ILE A 818 -20.42 -38.13 32.37
C ILE A 818 -20.24 -37.36 31.06
N GLU A 819 -20.35 -38.07 29.92
CA GLU A 819 -20.20 -37.44 28.61
C GLU A 819 -21.34 -36.47 28.31
N ASP A 820 -22.54 -36.77 28.82
CA ASP A 820 -23.68 -35.86 28.65
C ASP A 820 -23.48 -34.57 29.43
N LEU A 821 -22.95 -34.65 30.66
CA LEU A 821 -22.72 -33.41 31.40
C LEU A 821 -21.51 -32.65 30.86
N LEU A 822 -20.57 -33.35 30.21
CA LEU A 822 -19.50 -32.66 29.49
C LEU A 822 -20.02 -31.88 28.28
N PHE A 823 -20.90 -32.50 27.48
CA PHE A 823 -21.53 -31.81 26.35
C PHE A 823 -22.48 -30.70 26.80
N ASN A 824 -23.17 -30.88 27.93
CA ASN A 824 -24.04 -29.82 28.43
C ASN A 824 -23.23 -28.70 29.08
N LYS A 825 -22.02 -28.99 29.54
CA LYS A 825 -21.21 -27.96 30.16
C LYS A 825 -20.44 -27.11 29.15
N VAL A 826 -19.91 -27.71 28.09
CA VAL A 826 -19.28 -26.88 27.06
C VAL A 826 -20.36 -26.41 26.09
N THR A 827 -20.86 -25.20 26.30
CA THR A 827 -21.89 -24.60 25.46
C THR A 827 -21.46 -23.19 25.08
N LEU A 828 -21.87 -22.74 23.90
CA LEU A 828 -21.53 -21.41 23.42
C LEU A 828 -22.44 -20.39 24.11
N ALA A 852 -20.53 -18.23 14.27
CA ALA A 852 -21.43 -19.38 14.42
C ALA A 852 -22.55 -19.34 13.38
N GLN A 853 -22.40 -18.47 12.39
CA GLN A 853 -23.40 -18.31 11.33
C GLN A 853 -22.68 -18.42 9.99
N LYS A 854 -23.43 -18.20 8.91
CA LYS A 854 -22.89 -18.30 7.55
C LYS A 854 -23.14 -16.97 6.85
N PHE A 855 -22.27 -16.00 7.11
CA PHE A 855 -22.28 -14.66 6.51
C PHE A 855 -20.96 -14.46 5.79
N ASN A 856 -20.99 -13.54 4.81
CA ASN A 856 -19.92 -12.89 4.04
C ASN A 856 -18.68 -13.72 3.72
N GLY A 857 -18.85 -14.94 3.20
CA GLY A 857 -17.73 -15.73 2.73
C GLY A 857 -17.22 -16.79 3.67
N LEU A 858 -17.63 -16.78 4.94
CA LEU A 858 -17.17 -17.75 5.91
C LEU A 858 -18.08 -18.96 5.89
N THR A 859 -17.48 -20.15 5.86
CA THR A 859 -18.23 -21.39 6.01
C THR A 859 -17.52 -22.26 7.04
N VAL A 860 -18.30 -23.08 7.72
CA VAL A 860 -17.80 -24.00 8.74
C VAL A 860 -18.06 -25.42 8.25
N LEU A 861 -17.01 -26.12 7.94
CA LEU A 861 -17.12 -27.50 7.48
C LEU A 861 -17.46 -28.42 8.64
N PRO A 862 -18.35 -29.39 8.43
CA PRO A 862 -18.67 -30.34 9.50
C PRO A 862 -17.53 -31.31 9.70
N PRO A 863 -17.35 -31.84 10.92
CA PRO A 863 -16.35 -32.88 11.12
C PRO A 863 -16.78 -34.19 10.49
N LEU A 864 -15.79 -34.99 10.12
CA LEU A 864 -16.05 -36.31 9.54
C LEU A 864 -16.65 -37.27 10.56
N LEU A 865 -16.15 -37.25 11.79
CA LEU A 865 -16.66 -38.08 12.87
C LEU A 865 -17.68 -37.28 13.67
N THR A 866 -18.92 -37.75 13.67
CA THR A 866 -19.96 -37.13 14.49
C THR A 866 -19.79 -37.53 15.96
N ASP A 867 -20.55 -36.86 16.82
CA ASP A 867 -20.43 -37.05 18.27
C ASP A 867 -20.92 -38.42 18.71
N GLU A 868 -21.94 -38.96 18.03
CA GLU A 868 -22.41 -40.32 18.33
C GLU A 868 -21.37 -41.37 17.94
N MET A 869 -20.65 -41.11 16.85
CA MET A 869 -19.62 -42.06 16.42
C MET A 869 -18.35 -41.94 17.25
N ILE A 870 -18.06 -40.74 17.76
CA ILE A 870 -16.99 -40.56 18.74
C ILE A 870 -17.34 -41.26 20.06
N ALA A 871 -18.63 -41.18 20.45
CA ALA A 871 -19.10 -41.90 21.63
C ALA A 871 -19.08 -43.42 21.41
N GLN A 872 -19.25 -43.86 20.15
CA GLN A 872 -19.15 -45.28 19.85
C GLN A 872 -17.70 -45.77 19.90
N TYR A 873 -16.75 -44.94 19.44
CA TYR A 873 -15.33 -45.20 19.63
C TYR A 873 -14.93 -45.28 21.10
N THR A 874 -15.41 -44.33 21.91
CA THR A 874 -15.07 -44.36 23.33
C THR A 874 -15.76 -45.50 24.06
N SER A 875 -16.97 -45.88 23.64
CA SER A 875 -17.64 -47.02 24.26
C SER A 875 -16.97 -48.34 23.87
N ALA A 876 -16.43 -48.42 22.65
CA ALA A 876 -15.63 -49.58 22.25
C ALA A 876 -14.33 -49.65 23.03
N LEU A 877 -13.70 -48.50 23.27
CA LEU A 877 -12.48 -48.45 24.08
C LEU A 877 -12.74 -48.83 25.53
N LEU A 878 -13.86 -48.38 26.09
CA LEU A 878 -14.25 -48.75 27.46
C LEU A 878 -14.60 -50.22 27.58
N ALA A 879 -15.31 -50.76 26.60
CA ALA A 879 -15.68 -52.18 26.64
C ALA A 879 -14.46 -53.08 26.46
N GLY A 880 -13.50 -52.64 25.63
CA GLY A 880 -12.24 -53.35 25.53
C GLY A 880 -11.41 -53.29 26.80
N THR A 881 -11.26 -52.10 27.39
CA THR A 881 -10.40 -51.97 28.57
C THR A 881 -11.08 -52.45 29.83
N ILE A 882 -12.38 -52.74 29.81
CA ILE A 882 -13.03 -53.35 30.95
C ILE A 882 -13.04 -54.86 30.82
N THR A 883 -13.46 -55.37 29.66
CA THR A 883 -13.66 -56.81 29.53
C THR A 883 -12.47 -57.54 28.94
N SER A 884 -11.35 -56.88 28.65
CA SER A 884 -10.21 -57.58 28.09
C SER A 884 -8.86 -57.15 28.63
N GLY A 885 -8.80 -56.13 29.49
CA GLY A 885 -7.49 -55.69 29.98
C GLY A 885 -6.77 -54.86 28.93
N TRP A 886 -5.46 -55.01 28.88
CA TRP A 886 -4.65 -54.40 27.83
C TRP A 886 -4.43 -55.32 26.64
N THR A 887 -5.08 -56.49 26.63
CA THR A 887 -4.82 -57.46 25.56
C THR A 887 -5.48 -57.06 24.25
N PHE A 888 -6.49 -56.20 24.29
CA PHE A 888 -7.12 -55.74 23.06
C PHE A 888 -6.32 -54.65 22.37
N GLY A 889 -5.38 -54.03 23.08
CA GLY A 889 -4.47 -53.08 22.46
C GLY A 889 -3.28 -53.70 21.78
N ALA A 890 -3.13 -55.01 21.89
CA ALA A 890 -2.02 -55.74 21.28
C ALA A 890 -2.44 -56.63 20.13
N GLY A 891 -3.45 -57.46 20.32
CA GLY A 891 -3.94 -58.34 19.27
C GLY A 891 -5.44 -58.47 19.36
N ALA A 892 -5.92 -59.71 19.37
CA ALA A 892 -7.33 -59.96 19.61
C ALA A 892 -7.66 -59.71 21.08
N ALA A 893 -8.91 -59.37 21.35
CA ALA A 893 -9.34 -59.09 22.70
C ALA A 893 -9.49 -60.38 23.48
N LEU A 894 -8.56 -60.60 24.42
CA LEU A 894 -8.55 -61.77 25.27
C LEU A 894 -9.26 -61.40 26.57
N GLN A 895 -10.36 -62.09 26.87
CA GLN A 895 -11.15 -61.75 28.04
C GLN A 895 -10.45 -62.19 29.31
N ILE A 896 -10.72 -61.46 30.38
CA ILE A 896 -10.22 -61.75 31.72
C ILE A 896 -11.25 -61.13 32.66
N PRO A 897 -11.57 -61.76 33.79
CA PRO A 897 -12.42 -61.09 34.78
C PRO A 897 -11.74 -59.86 35.37
N PHE A 898 -12.55 -58.88 35.78
CA PHE A 898 -12.01 -57.59 36.18
C PHE A 898 -11.30 -57.67 37.53
N ALA A 899 -11.68 -58.64 38.36
CA ALA A 899 -10.95 -58.92 39.59
C ALA A 899 -9.57 -59.49 39.32
N MET A 900 -9.35 -60.11 38.17
CA MET A 900 -8.00 -60.56 37.85
C MET A 900 -7.24 -59.52 37.04
N GLN A 901 -7.96 -58.68 36.29
CA GLN A 901 -7.33 -57.58 35.56
C GLN A 901 -6.81 -56.52 36.52
N MET A 902 -7.55 -56.24 37.58
CA MET A 902 -7.07 -55.29 38.59
C MET A 902 -5.93 -55.90 39.42
N ALA A 903 -5.88 -57.24 39.51
CA ALA A 903 -4.75 -57.89 40.16
C ALA A 903 -3.49 -57.81 39.30
N TYR A 904 -3.66 -57.89 37.97
CA TYR A 904 -2.58 -57.62 37.03
C TYR A 904 -2.07 -56.19 37.19
N ARG A 905 -3.00 -55.24 37.33
CA ARG A 905 -2.60 -53.83 37.38
C ARG A 905 -2.00 -53.45 38.74
N PHE A 906 -2.37 -54.14 39.82
CA PHE A 906 -1.60 -54.02 41.05
C PHE A 906 -0.24 -54.69 40.95
N ASN A 907 -0.14 -55.81 40.23
CA ASN A 907 1.15 -56.48 40.12
C ASN A 907 2.11 -55.71 39.21
N GLY A 908 1.57 -54.85 38.35
CA GLY A 908 2.40 -53.99 37.52
C GLY A 908 3.03 -52.82 38.24
N ILE A 909 2.51 -52.42 39.41
CA ILE A 909 3.03 -51.27 40.13
C ILE A 909 3.82 -51.68 41.37
N GLY A 910 4.00 -52.98 41.60
CA GLY A 910 4.90 -53.42 42.64
C GLY A 910 4.28 -53.86 43.95
N VAL A 911 2.95 -53.88 44.05
CA VAL A 911 2.27 -54.51 45.16
C VAL A 911 1.77 -55.88 44.70
N THR A 912 1.53 -56.78 45.64
CA THR A 912 1.24 -58.15 45.27
C THR A 912 -0.23 -58.31 44.91
N GLN A 913 -0.62 -59.54 44.60
CA GLN A 913 -1.99 -59.81 44.19
C GLN A 913 -2.92 -59.87 45.40
N ASN A 914 -2.37 -60.12 46.59
CA ASN A 914 -3.19 -60.30 47.78
C ASN A 914 -3.80 -59.00 48.30
N VAL A 915 -3.23 -57.85 47.95
CA VAL A 915 -3.75 -56.57 48.43
C VAL A 915 -5.02 -56.16 47.69
N LEU A 916 -5.29 -56.77 46.53
CA LEU A 916 -6.60 -56.67 45.93
C LEU A 916 -7.58 -57.67 46.51
N TYR A 917 -7.23 -58.95 46.50
CA TYR A 917 -8.16 -60.03 46.82
C TYR A 917 -8.55 -60.05 48.29
N GLU A 918 -7.72 -59.51 49.17
CA GLU A 918 -8.12 -59.37 50.55
C GLU A 918 -8.80 -58.04 50.83
N ASN A 919 -8.92 -57.15 49.84
CA ASN A 919 -9.49 -55.83 50.04
C ASN A 919 -10.43 -55.40 48.92
N GLN A 920 -11.09 -56.35 48.24
CA GLN A 920 -11.75 -56.07 46.95
C GLN A 920 -13.00 -55.23 47.10
N LYS A 921 -13.74 -55.45 48.20
CA LYS A 921 -14.94 -54.66 48.45
C LYS A 921 -14.59 -53.21 48.80
N LEU A 922 -13.50 -53.02 49.55
CA LEU A 922 -13.02 -51.68 49.89
C LEU A 922 -12.49 -50.95 48.67
N ILE A 923 -11.78 -51.67 47.79
CA ILE A 923 -11.23 -51.11 46.56
C ILE A 923 -12.35 -50.73 45.58
N ALA A 924 -13.38 -51.58 45.49
CA ALA A 924 -14.55 -51.28 44.68
C ALA A 924 -15.32 -50.09 45.22
N ASN A 925 -15.45 -49.99 46.55
CA ASN A 925 -16.16 -48.87 47.17
C ASN A 925 -15.40 -47.55 46.99
N GLN A 926 -14.07 -47.60 47.07
CA GLN A 926 -13.24 -46.42 46.86
C GLN A 926 -13.30 -45.96 45.40
N PHE A 927 -13.33 -46.91 44.47
CA PHE A 927 -13.47 -46.58 43.05
C PHE A 927 -14.84 -45.97 42.74
N ASN A 928 -15.90 -46.50 43.37
CA ASN A 928 -17.24 -45.99 43.13
C ASN A 928 -17.44 -44.62 43.75
N SER A 929 -16.83 -44.39 44.93
CA SER A 929 -16.88 -43.07 45.54
C SER A 929 -16.07 -42.05 44.75
N ALA A 930 -14.94 -42.47 44.16
CA ALA A 930 -14.16 -41.57 43.32
C ALA A 930 -14.89 -41.24 42.02
N ILE A 931 -15.56 -42.23 41.42
CA ILE A 931 -16.33 -42.03 40.19
C ILE A 931 -17.53 -41.12 40.46
N GLY A 932 -18.16 -41.27 41.63
CA GLY A 932 -19.22 -40.35 42.02
C GLY A 932 -18.72 -38.96 42.33
N LYS A 933 -17.47 -38.84 42.78
CA LYS A 933 -16.89 -37.52 43.01
C LYS A 933 -16.49 -36.83 41.71
N ILE A 934 -16.24 -37.60 40.64
CA ILE A 934 -15.98 -37.01 39.31
C ILE A 934 -17.20 -36.24 38.81
N GLN A 935 -18.40 -36.83 39.01
CA GLN A 935 -19.67 -36.21 38.64
C GLN A 935 -19.91 -34.90 39.40
N ASP A 936 -19.66 -34.90 40.71
CA ASP A 936 -19.87 -33.70 41.52
C ASP A 936 -18.81 -32.65 41.25
N SER A 937 -17.55 -33.05 41.06
CA SER A 937 -16.47 -32.12 40.80
C SER A 937 -16.56 -31.51 39.41
N LEU A 938 -17.19 -32.20 38.46
CA LEU A 938 -17.49 -31.57 37.17
C LEU A 938 -18.72 -30.68 37.24
N SER A 939 -19.88 -31.23 37.64
CA SER A 939 -21.15 -30.50 37.58
C SER A 939 -21.28 -29.41 38.63
N SER A 940 -20.41 -29.35 39.64
CA SER A 940 -20.48 -28.27 40.62
C SER A 940 -19.41 -27.21 40.39
N THR A 941 -18.61 -27.33 39.32
CA THR A 941 -17.56 -26.38 39.00
C THR A 941 -17.74 -25.91 37.57
N ALA A 942 -17.91 -24.60 37.39
CA ALA A 942 -18.15 -24.03 36.07
C ALA A 942 -16.87 -23.80 35.27
N SER A 943 -15.70 -23.90 35.89
CA SER A 943 -14.43 -23.64 35.23
C SER A 943 -13.58 -24.89 35.06
N ALA A 944 -14.20 -26.07 35.05
CA ALA A 944 -13.43 -27.30 34.90
C ALA A 944 -13.02 -27.52 33.45
N LEU A 945 -13.82 -27.05 32.51
CA LEU A 945 -13.62 -27.31 31.08
C LEU A 945 -13.00 -26.13 30.35
N GLY A 946 -12.09 -25.42 31.02
CA GLY A 946 -11.53 -24.20 30.44
C GLY A 946 -10.55 -24.47 29.32
N LYS A 947 -9.92 -25.64 29.32
CA LYS A 947 -8.99 -26.00 28.25
C LYS A 947 -9.71 -26.26 26.94
N LEU A 948 -10.91 -26.82 27.00
CA LEU A 948 -11.73 -26.93 25.80
C LEU A 948 -12.41 -25.61 25.46
N GLN A 949 -12.76 -24.81 26.48
CA GLN A 949 -13.51 -23.59 26.22
C GLN A 949 -12.63 -22.49 25.63
N ASP A 950 -11.33 -22.51 25.94
CA ASP A 950 -10.42 -21.47 25.44
C ASP A 950 -10.19 -21.59 23.94
N VAL A 951 -10.22 -22.82 23.41
CA VAL A 951 -10.05 -23.04 21.96
C VAL A 951 -11.26 -22.52 21.20
N VAL A 952 -12.46 -22.77 21.73
CA VAL A 952 -13.70 -22.33 21.10
C VAL A 952 -13.81 -20.80 21.20
N ASN A 953 -13.40 -20.24 22.33
CA ASN A 953 -13.43 -18.78 22.52
C ASN A 953 -12.41 -18.09 21.64
N GLN A 954 -11.22 -18.68 21.46
CA GLN A 954 -10.19 -18.09 20.62
C GLN A 954 -10.58 -18.16 19.14
N ASN A 955 -11.18 -19.28 18.71
CA ASN A 955 -11.63 -19.41 17.33
C ASN A 955 -12.80 -18.47 17.02
N ALA A 956 -13.75 -18.34 17.96
CA ALA A 956 -14.89 -17.45 17.75
C ALA A 956 -14.47 -15.98 17.82
N GLN A 957 -13.46 -15.67 18.65
CA GLN A 957 -13.01 -14.29 18.75
C GLN A 957 -12.17 -13.90 17.55
N ALA A 958 -11.40 -14.84 16.99
CA ALA A 958 -10.66 -14.59 15.75
C ALA A 958 -11.61 -14.46 14.56
N LEU A 959 -12.69 -15.24 14.54
CA LEU A 959 -13.69 -15.11 13.48
C LEU A 959 -14.47 -13.81 13.59
N ASN A 960 -14.75 -13.37 14.82
CA ASN A 960 -15.43 -12.09 15.03
C ASN A 960 -14.51 -10.92 14.68
N THR A 961 -13.20 -11.07 14.91
CA THR A 961 -12.24 -10.06 14.48
C THR A 961 -12.15 -9.99 12.96
N LEU A 962 -12.18 -11.15 12.30
CA LEU A 962 -12.17 -11.19 10.84
C LEU A 962 -13.46 -10.62 10.24
N VAL A 963 -14.59 -10.77 10.94
CA VAL A 963 -15.83 -10.15 10.49
C VAL A 963 -15.76 -8.63 10.68
N LYS A 964 -15.27 -8.18 11.85
CA LYS A 964 -15.24 -6.75 12.13
C LYS A 964 -14.11 -6.02 11.39
N GLN A 965 -13.21 -6.73 10.72
CA GLN A 965 -12.30 -6.06 9.81
C GLN A 965 -12.94 -5.70 8.47
N LEU A 966 -14.16 -6.16 8.20
CA LEU A 966 -14.90 -5.77 7.00
C LEU A 966 -15.64 -4.46 7.18
N SER A 967 -15.62 -3.86 8.37
CA SER A 967 -16.26 -2.58 8.62
C SER A 967 -15.22 -1.49 8.80
N SER A 968 -14.05 -1.70 8.19
CA SER A 968 -12.97 -0.73 8.19
C SER A 968 -12.68 -0.31 6.76
N ASN A 969 -12.64 1.01 6.55
CA ASN A 969 -12.45 1.53 5.19
C ASN A 969 -10.97 1.67 4.84
N PHE A 970 -10.09 1.49 5.83
CA PHE A 970 -8.63 1.40 5.71
C PHE A 970 -7.98 2.66 5.13
N GLY A 971 -8.63 3.81 5.23
CA GLY A 971 -8.14 5.02 4.63
C GLY A 971 -8.86 5.45 3.37
N ALA A 972 -9.93 4.76 2.99
CA ALA A 972 -10.73 5.18 1.85
C ALA A 972 -11.84 6.12 2.33
N ILE A 973 -12.76 6.46 1.43
CA ILE A 973 -13.86 7.35 1.79
C ILE A 973 -14.91 6.61 2.62
N SER A 974 -15.30 5.42 2.17
CA SER A 974 -16.29 4.62 2.86
C SER A 974 -15.94 3.15 2.73
N SER A 975 -16.53 2.34 3.61
CA SER A 975 -16.35 0.89 3.59
C SER A 975 -17.25 0.20 2.57
N VAL A 976 -18.22 0.91 2.00
CA VAL A 976 -19.20 0.32 1.10
C VAL A 976 -18.73 0.53 -0.33
N LEU A 977 -18.60 -0.57 -1.08
CA LEU A 977 -18.18 -0.50 -2.48
C LEU A 977 -19.22 0.16 -3.36
N ASN A 978 -20.51 0.03 -3.02
CA ASN A 978 -21.54 0.74 -3.77
C ASN A 978 -21.46 2.25 -3.54
N ASP A 979 -21.09 2.66 -2.33
CA ASP A 979 -20.89 4.09 -2.05
C ASP A 979 -19.64 4.62 -2.73
N ILE A 980 -18.59 3.79 -2.83
CA ILE A 980 -17.38 4.17 -3.56
C ILE A 980 -17.65 4.31 -5.05
N LEU A 981 -18.35 3.34 -5.65
CA LEU A 981 -18.61 3.38 -7.09
C LEU A 981 -19.71 4.38 -7.45
N SER A 982 -20.53 4.78 -6.47
CA SER A 982 -21.53 5.80 -6.74
C SER A 982 -20.96 7.20 -6.59
N ARG A 983 -20.21 7.45 -5.51
CA ARG A 983 -19.77 8.80 -5.22
C ARG A 983 -18.40 9.13 -5.80
N LEU A 984 -17.77 8.21 -6.53
CA LEU A 984 -16.52 8.51 -7.20
C LEU A 984 -16.60 8.03 -8.65
N ASP A 985 -15.66 8.51 -9.45
CA ASP A 985 -15.19 8.39 -10.82
C ASP A 985 -14.27 7.17 -10.94
N PRO A 986 -14.50 6.34 -11.97
CA PRO A 986 -13.93 4.95 -11.99
C PRO A 986 -12.41 4.85 -12.02
N PRO A 987 -11.62 5.54 -12.88
CA PRO A 987 -10.17 5.26 -12.83
C PRO A 987 -9.43 5.99 -11.71
N GLU A 988 -10.11 6.80 -10.90
CA GLU A 988 -9.52 7.33 -9.68
C GLU A 988 -10.09 6.70 -8.42
N ALA A 989 -11.16 5.90 -8.53
CA ALA A 989 -11.61 5.09 -7.40
C ALA A 989 -10.86 3.77 -7.30
N GLU A 990 -10.01 3.47 -8.31
CA GLU A 990 -9.23 2.24 -8.33
C GLU A 990 -8.21 2.19 -7.21
N VAL A 991 -7.63 3.33 -6.84
CA VAL A 991 -6.64 3.36 -5.76
C VAL A 991 -7.32 3.16 -4.40
N GLN A 992 -8.58 3.61 -4.27
CA GLN A 992 -9.33 3.42 -3.04
C GLN A 992 -9.76 1.96 -2.87
N ILE A 993 -10.24 1.36 -3.97
CA ILE A 993 -10.62 -0.06 -3.96
C ILE A 993 -9.39 -0.94 -3.77
N ASP A 994 -8.25 -0.55 -4.37
CA ASP A 994 -6.99 -1.30 -4.26
C ASP A 994 -6.45 -1.24 -2.83
N ARG A 995 -6.59 -0.09 -2.18
CA ARG A 995 -6.17 0.05 -0.78
C ARG A 995 -7.06 -0.76 0.16
N LEU A 996 -8.35 -0.85 -0.17
CA LEU A 996 -9.26 -1.67 0.65
C LEU A 996 -9.00 -3.16 0.44
N ILE A 997 -8.66 -3.57 -0.79
CA ILE A 997 -8.25 -4.95 -1.08
C ILE A 997 -6.96 -5.31 -0.34
N THR A 998 -6.02 -4.36 -0.29
CA THR A 998 -4.76 -4.56 0.43
C THR A 998 -4.98 -4.74 1.93
N GLY A 999 -5.84 -3.92 2.52
CA GLY A 999 -6.15 -4.04 3.94
C GLY A 999 -6.90 -5.31 4.30
N ARG A 1000 -7.92 -5.66 3.51
CA ARG A 1000 -8.71 -6.87 3.77
C ARG A 1000 -7.90 -8.14 3.51
N LEU A 1001 -7.03 -8.11 2.50
CA LEU A 1001 -6.21 -9.26 2.17
C LEU A 1001 -5.11 -9.49 3.21
N GLN A 1002 -4.56 -8.40 3.77
CA GLN A 1002 -3.55 -8.58 4.80
C GLN A 1002 -4.20 -9.00 6.12
N SER A 1003 -5.45 -8.59 6.34
CA SER A 1003 -6.22 -9.08 7.49
C SER A 1003 -6.53 -10.57 7.38
N LEU A 1004 -6.89 -11.03 6.17
CA LEU A 1004 -7.10 -12.47 5.94
C LEU A 1004 -5.81 -13.26 6.06
N GLN A 1005 -4.69 -12.65 5.62
CA GLN A 1005 -3.37 -13.27 5.73
C GLN A 1005 -2.97 -13.47 7.19
N THR A 1006 -3.20 -12.45 8.03
CA THR A 1006 -2.82 -12.61 9.44
C THR A 1006 -3.82 -13.49 10.19
N TYR A 1007 -5.06 -13.63 9.68
CA TYR A 1007 -5.99 -14.59 10.28
C TYR A 1007 -5.57 -16.03 9.99
N VAL A 1008 -5.14 -16.30 8.75
CA VAL A 1008 -4.67 -17.63 8.38
C VAL A 1008 -3.36 -17.97 9.11
N THR A 1009 -2.52 -16.95 9.34
CA THR A 1009 -1.30 -17.12 10.13
C THR A 1009 -1.61 -17.47 11.59
N GLN A 1010 -2.57 -16.77 12.22
CA GLN A 1010 -2.99 -17.10 13.59
C GLN A 1010 -3.66 -18.46 13.68
N GLN A 1011 -4.40 -18.85 12.63
CA GLN A 1011 -5.01 -20.17 12.59
C GLN A 1011 -3.97 -21.27 12.45
N LEU A 1012 -2.85 -20.99 11.78
CA LEU A 1012 -1.79 -21.98 11.68
C LEU A 1012 -1.02 -22.12 13.00
N ILE A 1013 -0.81 -20.99 13.70
CA ILE A 1013 -0.27 -21.01 15.08
C ILE A 1013 -1.14 -21.83 16.00
N ARG A 1014 -2.46 -21.64 15.93
CA ARG A 1014 -3.37 -22.39 16.78
C ARG A 1014 -3.50 -23.86 16.36
N ALA A 1015 -3.42 -24.14 15.05
CA ALA A 1015 -3.53 -25.50 14.56
C ALA A 1015 -2.32 -26.35 14.90
N ALA A 1016 -1.13 -25.74 14.95
CA ALA A 1016 0.06 -26.47 15.40
C ALA A 1016 -0.03 -26.86 16.87
N GLU A 1017 -0.57 -25.96 17.70
CA GLU A 1017 -0.74 -26.23 19.13
C GLU A 1017 -1.82 -27.29 19.36
N ILE A 1018 -2.92 -27.23 18.58
CA ILE A 1018 -3.98 -28.22 18.68
C ILE A 1018 -3.50 -29.59 18.18
N ARG A 1019 -2.65 -29.61 17.15
CA ARG A 1019 -2.07 -30.86 16.67
C ARG A 1019 -1.08 -31.46 17.67
N ALA A 1020 -0.33 -30.61 18.37
CA ALA A 1020 0.56 -31.12 19.42
C ALA A 1020 -0.21 -31.66 20.61
N SER A 1021 -1.31 -30.99 20.98
CA SER A 1021 -2.17 -31.48 22.06
C SER A 1021 -2.91 -32.75 21.64
N ALA A 1022 -3.22 -32.88 20.35
CA ALA A 1022 -3.88 -34.09 19.87
C ALA A 1022 -2.90 -35.26 19.78
N ASN A 1023 -1.63 -34.98 19.49
CA ASN A 1023 -0.61 -36.02 19.54
C ASN A 1023 -0.37 -36.49 20.97
N LEU A 1024 -0.40 -35.55 21.92
CA LEU A 1024 -0.30 -35.92 23.33
C LEU A 1024 -1.54 -36.69 23.79
N ALA A 1025 -2.72 -36.32 23.29
CA ALA A 1025 -3.95 -37.02 23.66
C ALA A 1025 -4.01 -38.40 23.04
N ALA A 1026 -3.46 -38.57 21.83
CA ALA A 1026 -3.39 -39.89 21.20
C ALA A 1026 -2.37 -40.77 21.90
N THR A 1027 -1.26 -40.18 22.39
CA THR A 1027 -0.29 -40.93 23.18
C THR A 1027 -0.87 -41.36 24.52
N LYS A 1028 -1.64 -40.48 25.18
CA LYS A 1028 -2.26 -40.84 26.45
C LYS A 1028 -3.39 -41.84 26.27
N MET A 1029 -4.13 -41.76 25.16
CA MET A 1029 -5.10 -42.79 24.79
C MET A 1029 -4.43 -44.13 24.61
N SER A 1030 -3.40 -44.17 23.77
CA SER A 1030 -2.77 -45.41 23.35
C SER A 1030 -1.88 -46.00 24.42
N GLU A 1031 -1.55 -45.24 25.47
CA GLU A 1031 -0.69 -45.76 26.53
C GLU A 1031 -1.39 -45.88 27.87
N CYS A 1032 -2.14 -44.87 28.33
CA CYS A 1032 -2.92 -44.99 29.54
C CYS A 1032 -4.14 -45.87 29.37
N VAL A 1033 -4.80 -45.86 28.22
CA VAL A 1033 -6.03 -46.61 28.03
C VAL A 1033 -5.75 -48.02 27.53
N LEU A 1034 -4.90 -48.16 26.51
CA LEU A 1034 -4.60 -49.46 25.92
C LEU A 1034 -3.54 -50.24 26.70
N GLY A 1035 -3.02 -49.69 27.79
CA GLY A 1035 -2.05 -50.40 28.60
C GLY A 1035 -1.85 -49.75 29.96
N GLN A 1036 -0.85 -50.21 30.70
CA GLN A 1036 -0.52 -49.64 32.00
C GLN A 1036 0.82 -48.94 31.89
N SER A 1037 0.86 -47.68 32.32
CA SER A 1037 2.03 -46.83 32.12
C SER A 1037 2.91 -46.84 33.36
N LYS A 1038 4.20 -47.11 33.16
CA LYS A 1038 5.19 -46.99 34.21
C LYS A 1038 5.79 -45.59 34.28
N ARG A 1039 5.44 -44.71 33.36
CA ARG A 1039 5.88 -43.32 33.43
C ARG A 1039 5.11 -42.62 34.54
N VAL A 1040 5.84 -42.08 35.52
CA VAL A 1040 5.20 -41.48 36.68
C VAL A 1040 4.65 -40.11 36.33
N ASP A 1041 3.41 -39.86 36.76
CA ASP A 1041 2.56 -38.69 36.54
C ASP A 1041 2.25 -38.43 35.06
N PHE A 1042 2.44 -39.41 34.17
CA PHE A 1042 1.96 -39.28 32.81
C PHE A 1042 0.45 -39.46 32.76
N CYS A 1043 -0.05 -40.44 33.49
CA CYS A 1043 -1.48 -40.76 33.52
C CYS A 1043 -1.96 -40.54 34.95
N GLY A 1044 -2.31 -39.31 35.27
CA GLY A 1044 -2.76 -38.99 36.61
C GLY A 1044 -1.66 -38.44 37.49
N LYS A 1045 -1.84 -38.60 38.80
CA LYS A 1045 -0.86 -38.19 39.80
C LYS A 1045 -0.68 -39.35 40.76
N GLY A 1046 0.39 -40.12 40.56
CA GLY A 1046 0.66 -41.27 41.39
C GLY A 1046 0.90 -42.53 40.59
N TYR A 1047 0.72 -43.69 41.21
CA TYR A 1047 0.90 -44.97 40.53
C TYR A 1047 -0.32 -45.25 39.66
N HIS A 1048 -0.11 -45.25 38.35
CA HIS A 1048 -1.21 -45.42 37.41
C HIS A 1048 -1.71 -46.87 37.40
N LEU A 1049 -3.03 -47.02 37.36
CA LEU A 1049 -3.64 -48.33 37.24
C LEU A 1049 -4.28 -48.56 35.88
N MET A 1050 -5.25 -47.72 35.52
CA MET A 1050 -5.98 -47.84 34.26
C MET A 1050 -6.67 -46.50 34.02
N SER A 1051 -7.05 -46.26 32.77
CA SER A 1051 -7.66 -44.99 32.42
C SER A 1051 -8.88 -45.23 31.56
N PHE A 1052 -9.82 -44.30 31.64
CA PHE A 1052 -11.08 -44.40 30.93
C PHE A 1052 -11.30 -43.18 30.04
N PRO A 1053 -11.41 -43.36 28.73
CA PRO A 1053 -11.70 -42.23 27.86
C PRO A 1053 -13.18 -41.84 27.88
N GLN A 1054 -13.40 -40.53 27.85
CA GLN A 1054 -14.73 -39.98 27.70
C GLN A 1054 -14.71 -38.95 26.59
N SER A 1055 -15.77 -38.95 25.79
CA SER A 1055 -15.87 -38.02 24.66
C SER A 1055 -16.18 -36.62 25.15
N ALA A 1056 -15.75 -35.65 24.36
CA ALA A 1056 -15.81 -34.24 24.67
C ALA A 1056 -16.12 -33.51 23.37
N PRO A 1057 -16.62 -32.22 23.43
CA PRO A 1057 -16.95 -31.49 22.20
C PRO A 1057 -15.85 -31.28 21.17
N HIS A 1058 -14.64 -30.94 21.60
CA HIS A 1058 -13.52 -30.86 20.68
C HIS A 1058 -12.27 -31.41 21.32
N GLY A 1059 -12.42 -32.53 22.01
CA GLY A 1059 -11.30 -33.07 22.76
C GLY A 1059 -11.61 -34.44 23.32
N VAL A 1060 -10.87 -34.80 24.37
CA VAL A 1060 -11.06 -36.06 25.07
C VAL A 1060 -10.79 -35.82 26.55
N VAL A 1061 -11.57 -36.48 27.40
CA VAL A 1061 -11.39 -36.44 28.84
C VAL A 1061 -11.02 -37.84 29.31
N PHE A 1062 -9.86 -37.96 29.95
CA PHE A 1062 -9.40 -39.22 30.52
C PHE A 1062 -9.73 -39.24 32.00
N LEU A 1063 -10.05 -40.41 32.52
CA LEU A 1063 -10.28 -40.60 33.95
C LEU A 1063 -9.23 -41.58 34.47
N HIS A 1064 -8.17 -41.05 35.06
CA HIS A 1064 -7.01 -41.83 35.45
C HIS A 1064 -7.21 -42.43 36.83
N VAL A 1065 -7.48 -43.73 36.90
CA VAL A 1065 -7.55 -44.46 38.15
C VAL A 1065 -6.13 -44.64 38.66
N THR A 1066 -5.91 -44.33 39.92
CA THR A 1066 -4.56 -44.17 40.44
C THR A 1066 -4.48 -44.67 41.87
N TYR A 1067 -3.57 -45.62 42.11
CA TYR A 1067 -3.23 -46.09 43.44
C TYR A 1067 -2.40 -45.02 44.14
N VAL A 1068 -2.92 -44.46 45.21
CA VAL A 1068 -2.21 -43.47 46.03
C VAL A 1068 -2.02 -44.08 47.42
N PRO A 1069 -0.79 -44.32 47.87
CA PRO A 1069 -0.59 -44.90 49.20
C PRO A 1069 -0.83 -43.91 50.31
N ALA A 1070 -1.24 -44.43 51.47
CA ALA A 1070 -1.61 -43.59 52.60
C ALA A 1070 -1.42 -44.37 53.90
N GLN A 1071 -1.48 -43.63 55.02
CA GLN A 1071 -1.42 -44.14 56.39
C GLN A 1071 -0.12 -44.89 56.67
N GLU A 1072 0.99 -44.15 56.62
CA GLU A 1072 2.29 -44.75 56.83
C GLU A 1072 2.63 -44.81 58.31
N LYS A 1073 3.56 -45.71 58.66
CA LYS A 1073 4.12 -45.82 60.00
C LYS A 1073 5.64 -45.73 59.91
N ASN A 1074 6.26 -45.40 61.04
CA ASN A 1074 7.71 -45.50 61.18
C ASN A 1074 8.11 -46.96 61.28
N PHE A 1075 9.17 -47.33 60.58
CA PHE A 1075 9.78 -48.64 60.72
C PHE A 1075 11.29 -48.49 60.69
N THR A 1076 11.95 -49.14 61.63
CA THR A 1076 13.40 -49.17 61.68
C THR A 1076 13.91 -50.18 60.66
N THR A 1077 14.72 -49.73 59.72
CA THR A 1077 15.14 -50.60 58.64
C THR A 1077 16.65 -50.76 58.67
N ALA A 1078 17.12 -51.83 58.04
CA ALA A 1078 18.53 -52.11 57.83
C ALA A 1078 18.66 -52.80 56.49
N PRO A 1079 19.77 -52.60 55.75
CA PRO A 1079 19.85 -53.15 54.39
C PRO A 1079 20.03 -54.65 54.29
N ALA A 1080 20.64 -55.30 55.28
CA ALA A 1080 20.90 -56.73 55.17
C ALA A 1080 20.94 -57.36 56.56
N ILE A 1081 20.91 -58.69 56.57
CA ILE A 1081 20.78 -59.49 57.78
C ILE A 1081 21.97 -60.43 57.87
N CYS A 1082 22.62 -60.45 59.04
CA CYS A 1082 23.67 -61.42 59.31
C CYS A 1082 23.05 -62.69 59.89
N HIS A 1083 23.27 -63.81 59.21
CA HIS A 1083 22.92 -65.11 59.78
C HIS A 1083 23.94 -66.11 59.29
N ASP A 1084 24.52 -66.86 60.24
CA ASP A 1084 25.60 -67.83 60.03
C ASP A 1084 26.83 -67.21 59.35
N GLY A 1085 27.13 -65.95 59.68
CA GLY A 1085 28.22 -65.24 59.05
C GLY A 1085 28.01 -64.91 57.59
N LYS A 1086 26.77 -64.61 57.20
CA LYS A 1086 26.45 -64.37 55.80
C LYS A 1086 25.46 -63.20 55.71
N ALA A 1087 25.64 -62.37 54.69
CA ALA A 1087 24.78 -61.22 54.48
C ALA A 1087 23.57 -61.63 53.65
N HIS A 1088 22.38 -61.30 54.15
CA HIS A 1088 21.12 -61.77 53.58
C HIS A 1088 20.31 -60.59 53.07
N PHE A 1089 19.91 -60.65 51.80
CA PHE A 1089 19.31 -59.51 51.12
C PHE A 1089 17.92 -59.88 50.63
N PRO A 1090 16.93 -58.98 50.70
CA PRO A 1090 15.56 -59.36 50.32
C PRO A 1090 15.34 -59.44 48.82
N ARG A 1091 14.48 -60.38 48.43
CA ARG A 1091 14.30 -60.66 47.02
C ARG A 1091 13.41 -59.61 46.33
N GLU A 1092 12.17 -59.46 46.78
CA GLU A 1092 11.32 -58.41 46.22
C GLU A 1092 10.70 -57.56 47.33
N GLY A 1093 11.45 -57.33 48.39
CA GLY A 1093 10.91 -56.65 49.54
C GLY A 1093 11.94 -55.82 50.26
N VAL A 1094 11.69 -55.60 51.54
CA VAL A 1094 12.45 -54.68 52.37
C VAL A 1094 12.36 -55.14 53.82
N PHE A 1095 13.48 -55.01 54.55
CA PHE A 1095 13.51 -55.32 55.97
C PHE A 1095 12.93 -54.16 56.77
N VAL A 1096 12.11 -54.50 57.78
CA VAL A 1096 11.52 -53.52 58.69
C VAL A 1096 11.66 -54.04 60.11
N SER A 1097 11.08 -53.29 61.05
CA SER A 1097 11.03 -53.67 62.46
C SER A 1097 9.81 -53.05 63.10
N ASN A 1098 9.17 -53.79 64.00
CA ASN A 1098 8.11 -53.23 64.84
C ASN A 1098 8.62 -52.93 66.26
N GLY A 1099 9.90 -52.57 66.31
CA GLY A 1099 10.63 -52.34 67.54
C GLY A 1099 11.49 -53.48 68.05
N THR A 1100 10.91 -54.66 68.26
CA THR A 1100 11.68 -55.79 68.77
C THR A 1100 11.87 -56.90 67.76
N HIS A 1101 10.82 -57.30 67.05
CA HIS A 1101 10.90 -58.38 66.08
C HIS A 1101 11.10 -57.81 64.69
N TRP A 1102 11.78 -58.57 63.84
CA TRP A 1102 12.34 -58.00 62.63
C TRP A 1102 11.63 -58.69 61.46
N PHE A 1103 11.20 -57.93 60.46
CA PHE A 1103 10.28 -58.48 59.47
C PHE A 1103 10.68 -58.13 58.06
N VAL A 1104 10.12 -58.87 57.10
CA VAL A 1104 10.15 -58.55 55.68
C VAL A 1104 8.76 -58.09 55.27
N THR A 1105 8.68 -56.94 54.61
CA THR A 1105 7.44 -56.51 53.98
C THR A 1105 7.75 -56.08 52.55
N GLN A 1106 6.69 -55.94 51.77
CA GLN A 1106 6.83 -55.38 50.42
C GLN A 1106 6.93 -53.86 50.49
N ARG A 1107 7.30 -53.26 49.37
CA ARG A 1107 7.81 -51.89 49.37
C ARG A 1107 6.73 -50.82 49.39
N ASN A 1108 5.53 -51.10 48.90
CA ASN A 1108 4.48 -50.09 48.83
C ASN A 1108 3.23 -50.47 49.61
N PHE A 1109 3.29 -51.50 50.45
CA PHE A 1109 2.22 -51.89 51.34
C PHE A 1109 2.83 -52.60 52.52
N TYR A 1110 2.28 -52.41 53.71
CA TYR A 1110 2.86 -53.05 54.88
C TYR A 1110 2.21 -54.41 55.11
N GLU A 1111 2.85 -55.46 54.63
CA GLU A 1111 2.49 -56.83 54.96
C GLU A 1111 3.72 -57.51 55.55
N PRO A 1112 3.87 -57.53 56.86
CA PRO A 1112 5.08 -58.09 57.46
C PRO A 1112 5.12 -59.61 57.41
N GLN A 1113 6.31 -60.13 57.16
CA GLN A 1113 6.50 -61.57 57.05
C GLN A 1113 7.81 -61.92 57.75
N ILE A 1114 7.85 -63.15 58.28
CA ILE A 1114 9.06 -63.65 58.93
C ILE A 1114 10.10 -63.98 57.87
N ILE A 1115 11.37 -63.99 58.28
CA ILE A 1115 12.46 -64.15 57.33
C ILE A 1115 12.71 -65.64 57.10
N THR A 1116 12.35 -66.12 55.91
CA THR A 1116 12.67 -67.47 55.50
C THR A 1116 13.72 -67.40 54.40
N THR A 1117 14.30 -68.55 54.07
CA THR A 1117 15.43 -68.61 53.15
C THR A 1117 15.01 -68.51 51.69
N ASP A 1118 13.72 -68.63 51.38
CA ASP A 1118 13.25 -68.39 50.04
C ASP A 1118 12.57 -67.04 49.88
N ASN A 1119 12.60 -66.21 50.91
CA ASN A 1119 12.09 -64.85 50.88
C ASN A 1119 13.27 -63.89 50.69
N THR A 1120 14.48 -64.45 50.81
CA THR A 1120 15.69 -63.68 51.08
C THR A 1120 16.88 -64.39 50.45
N PHE A 1121 17.64 -63.68 49.60
CA PHE A 1121 18.81 -64.27 48.98
C PHE A 1121 20.07 -63.83 49.71
N VAL A 1122 21.13 -64.61 49.54
CA VAL A 1122 22.38 -64.46 50.28
C VAL A 1122 23.49 -64.05 49.31
N SER A 1123 24.33 -63.11 49.75
CA SER A 1123 25.47 -62.66 48.95
C SER A 1123 26.56 -62.16 49.91
N GLY A 1124 27.71 -62.80 49.88
CA GLY A 1124 28.84 -62.30 50.64
C GLY A 1124 28.78 -62.67 52.10
N ASN A 1125 29.58 -61.95 52.89
CA ASN A 1125 29.73 -62.21 54.31
C ASN A 1125 29.30 -61.00 55.13
N CYS A 1126 29.53 -61.08 56.44
CA CYS A 1126 29.00 -60.15 57.44
C CYS A 1126 29.92 -58.95 57.68
N ASP A 1127 30.82 -58.64 56.75
CA ASP A 1127 31.89 -57.68 57.03
C ASP A 1127 32.01 -56.55 56.04
N VAL A 1128 31.32 -56.59 54.90
CA VAL A 1128 31.53 -55.60 53.85
C VAL A 1128 30.38 -54.58 53.80
N VAL A 1129 29.17 -54.97 54.17
CA VAL A 1129 28.03 -54.06 54.16
C VAL A 1129 28.00 -53.27 55.46
N ILE A 1130 27.70 -51.98 55.37
CA ILE A 1130 27.38 -51.17 56.54
C ILE A 1130 25.87 -51.14 56.70
N GLY A 1131 25.39 -51.27 57.93
CA GLY A 1131 23.98 -51.46 58.19
C GLY A 1131 23.61 -52.87 58.62
N ILE A 1132 24.59 -53.74 58.84
CA ILE A 1132 24.32 -55.09 59.30
C ILE A 1132 23.82 -55.12 60.74
N VAL A 1133 22.70 -55.80 60.95
CA VAL A 1133 22.23 -56.16 62.29
C VAL A 1133 22.15 -57.68 62.40
N ASN A 1134 22.35 -58.17 63.62
CA ASN A 1134 22.12 -59.57 63.95
C ASN A 1134 20.63 -59.86 63.88
N ASN A 1135 20.27 -60.97 63.21
CA ASN A 1135 18.93 -61.51 63.25
C ASN A 1135 19.01 -63.00 62.93
N THR A 1136 17.86 -63.64 62.81
CA THR A 1136 17.78 -65.05 62.46
C THR A 1136 16.97 -65.22 61.19
N VAL A 1137 17.33 -66.22 60.39
CA VAL A 1137 16.63 -66.56 59.16
C VAL A 1137 16.08 -67.95 59.34
N TYR A 1138 14.77 -68.11 59.17
CA TYR A 1138 14.13 -69.37 59.50
C TYR A 1138 14.31 -70.38 58.37
N ASP A 1139 14.73 -71.58 58.73
CA ASP A 1139 14.89 -72.65 57.74
C ASP A 1139 13.67 -73.57 57.81
N PRO A 1140 12.92 -73.73 56.71
CA PRO A 1140 11.67 -74.50 56.76
C PRO A 1140 11.82 -76.00 56.55
N LEU A 1141 13.03 -76.56 56.70
CA LEU A 1141 13.24 -77.99 56.42
C LEU A 1141 13.62 -78.81 57.64
N GLN A 1142 14.30 -78.22 58.62
CA GLN A 1142 14.90 -79.02 59.69
C GLN A 1142 13.92 -79.58 60.74
N PRO A 1143 12.79 -78.89 61.17
CA PRO A 1143 11.77 -79.60 61.96
C PRO A 1143 11.12 -80.78 61.24
N GLU A 1144 10.95 -80.66 59.93
CA GLU A 1144 10.47 -81.78 59.11
C GLU A 1144 11.48 -82.91 59.01
N LEU A 1145 12.78 -82.60 58.98
CA LEU A 1145 13.79 -83.65 58.91
C LEU A 1145 14.00 -84.32 60.26
N ASP A 1146 13.81 -83.59 61.36
CA ASP A 1146 14.10 -84.11 62.69
C ASP A 1146 12.90 -84.73 63.39
N SER A 1147 11.77 -84.03 63.43
CA SER A 1147 10.70 -84.39 64.36
C SER A 1147 9.85 -85.56 63.89
N PHE A 1148 9.95 -85.94 62.61
CA PHE A 1148 9.10 -87.00 62.08
C PHE A 1148 9.90 -88.24 61.67
N LYS A 1149 10.90 -88.08 60.82
CA LYS A 1149 11.68 -89.22 60.35
C LYS A 1149 13.14 -89.11 60.80
N PRO B 26 57.85 8.80 -7.39
CA PRO B 26 58.63 7.82 -6.64
C PRO B 26 58.54 8.02 -5.13
N ALA B 27 59.23 7.13 -4.39
CA ALA B 27 59.39 7.17 -2.93
C ALA B 27 58.03 7.14 -2.21
N TYR B 28 57.36 5.99 -2.34
CA TYR B 28 56.02 5.83 -1.79
C TYR B 28 56.09 5.12 -0.43
N THR B 29 55.09 5.39 0.40
CA THR B 29 55.10 4.94 1.79
C THR B 29 53.72 4.32 2.06
N ASN B 30 53.70 3.28 2.90
CA ASN B 30 52.47 2.58 3.23
C ASN B 30 51.88 3.10 4.54
N SER B 31 50.54 3.15 4.58
CA SER B 31 49.80 3.69 5.71
C SER B 31 49.31 2.53 6.58
N PHE B 32 49.76 2.48 7.82
CA PHE B 32 49.45 1.37 8.73
C PHE B 32 48.28 1.75 9.61
N THR B 33 47.07 1.51 9.07
CA THR B 33 45.71 1.65 9.66
C THR B 33 45.50 2.97 10.43
N ARG B 34 45.92 4.06 9.79
CA ARG B 34 45.95 5.37 10.40
C ARG B 34 45.11 6.33 9.57
N GLY B 35 44.31 7.16 10.25
CA GLY B 35 43.55 8.21 9.61
C GLY B 35 42.04 8.07 9.66
N VAL B 36 41.54 7.43 10.70
CA VAL B 36 40.11 7.24 10.92
C VAL B 36 39.62 8.41 11.77
N TYR B 37 38.45 8.95 11.43
CA TYR B 37 37.93 10.13 12.09
C TYR B 37 36.57 9.83 12.71
N TYR B 38 36.14 10.71 13.60
CA TYR B 38 34.77 10.66 14.11
C TYR B 38 33.82 11.09 13.01
N PRO B 39 32.88 10.25 12.58
CA PRO B 39 32.07 10.59 11.40
C PRO B 39 30.99 11.63 11.65
N ASP B 40 30.62 11.86 12.91
CA ASP B 40 29.59 12.82 13.25
C ASP B 40 29.88 13.40 14.64
N LYS B 41 29.00 14.26 15.11
CA LYS B 41 29.14 14.93 16.39
C LYS B 41 28.34 14.25 17.49
N VAL B 42 28.28 12.92 17.46
CA VAL B 42 27.42 12.13 18.34
C VAL B 42 28.28 11.29 19.27
N PHE B 43 27.98 11.33 20.57
CA PHE B 43 28.66 10.52 21.57
C PHE B 43 28.02 9.14 21.57
N ARG B 44 28.83 8.12 21.33
CA ARG B 44 28.41 6.73 21.51
C ARG B 44 29.40 6.04 22.44
N SER B 45 28.87 5.23 23.36
CA SER B 45 29.69 4.64 24.41
C SER B 45 29.52 3.12 24.41
N SER B 46 30.64 2.42 24.32
CA SER B 46 30.78 0.96 24.49
C SER B 46 29.92 0.18 23.49
N VAL B 47 29.91 0.66 22.25
CA VAL B 47 29.05 0.11 21.22
C VAL B 47 29.89 -0.04 19.96
N LEU B 48 29.44 -0.89 19.04
CA LEU B 48 30.06 -1.08 17.75
C LEU B 48 29.13 -0.51 16.67
N HIS B 49 29.58 0.54 15.99
CA HIS B 49 28.72 1.27 15.08
C HIS B 49 29.33 1.29 13.68
N SER B 50 28.48 1.16 12.67
CA SER B 50 28.92 1.09 11.28
C SER B 50 28.43 2.32 10.52
N THR B 51 29.33 2.93 9.73
CA THR B 51 29.03 4.12 8.95
C THR B 51 29.51 3.92 7.51
N GLN B 52 28.92 4.70 6.60
CA GLN B 52 29.39 4.83 5.23
C GLN B 52 29.80 6.28 5.01
N ASP B 53 31.10 6.54 4.99
CA ASP B 53 31.58 7.89 4.79
C ASP B 53 32.86 7.83 3.96
N LEU B 54 33.48 8.98 3.73
CA LEU B 54 34.69 9.08 2.93
C LEU B 54 35.89 8.81 3.83
N PHE B 55 36.31 7.55 3.91
CA PHE B 55 37.49 7.16 4.67
C PHE B 55 38.65 6.95 3.70
N LEU B 56 39.81 6.60 4.25
CA LEU B 56 40.91 6.21 3.38
C LEU B 56 40.90 4.69 3.35
N PRO B 57 41.42 4.05 2.30
CA PRO B 57 41.62 2.60 2.35
C PRO B 57 42.70 2.24 3.37
N PHE B 58 42.51 1.10 4.03
CA PHE B 58 43.61 0.53 4.81
C PHE B 58 44.69 0.01 3.87
N PHE B 59 45.95 0.20 4.30
CA PHE B 59 47.17 -0.31 3.66
C PHE B 59 47.34 0.21 2.23
N SER B 60 46.97 1.46 1.99
CA SER B 60 47.23 2.09 0.70
C SER B 60 48.56 2.85 0.74
N ASN B 61 49.04 3.25 -0.43
CA ASN B 61 50.23 4.08 -0.54
C ASN B 61 49.91 5.56 -0.32
N VAL B 62 50.82 6.25 0.36
CA VAL B 62 50.83 7.70 0.44
C VAL B 62 52.12 8.18 -0.23
N THR B 63 52.13 9.43 -0.67
CA THR B 63 53.30 9.99 -1.32
C THR B 63 54.24 10.60 -0.29
N TRP B 64 55.49 10.82 -0.71
CA TRP B 64 56.48 11.51 0.10
C TRP B 64 57.22 12.51 -0.77
N PHE B 65 57.28 13.76 -0.33
CA PHE B 65 58.09 14.78 -0.97
C PHE B 65 59.07 15.37 0.05
N HIS B 66 60.22 15.81 -0.44
CA HIS B 66 61.24 16.41 0.40
C HIS B 66 60.98 17.91 0.57
N PHE B 79 62.53 23.43 -1.34
CA PHE B 79 63.28 22.46 -2.14
C PHE B 79 62.39 21.79 -3.18
N ASP B 80 61.29 21.18 -2.74
CA ASP B 80 60.37 20.49 -3.63
C ASP B 80 58.95 20.89 -3.29
N ASN B 81 58.33 21.69 -4.17
CA ASN B 81 56.92 22.04 -4.02
C ASN B 81 56.17 21.81 -5.33
N PRO B 82 55.74 20.59 -5.63
CA PRO B 82 55.06 20.33 -6.90
C PRO B 82 53.58 20.67 -6.82
N VAL B 83 52.88 20.44 -7.92
CA VAL B 83 51.45 20.69 -8.04
C VAL B 83 50.74 19.34 -8.09
N LEU B 84 49.81 19.12 -7.17
CA LEU B 84 49.09 17.87 -7.05
C LEU B 84 47.58 18.10 -7.11
N PRO B 85 46.83 17.17 -7.71
CA PRO B 85 45.37 17.30 -7.74
C PRO B 85 44.72 16.92 -6.41
N PHE B 86 43.48 17.36 -6.24
CA PHE B 86 42.70 17.13 -5.02
C PHE B 86 41.99 15.78 -5.01
N ASN B 87 41.04 15.60 -5.94
CA ASN B 87 40.38 14.32 -6.27
C ASN B 87 39.59 13.75 -5.09
N ASP B 88 38.53 14.47 -4.70
CA ASP B 88 37.45 14.06 -3.80
C ASP B 88 37.87 13.67 -2.40
N GLY B 89 38.91 14.26 -1.84
CA GLY B 89 39.28 13.99 -0.46
C GLY B 89 40.76 13.74 -0.33
N VAL B 90 41.37 14.47 0.61
CA VAL B 90 42.80 14.38 0.88
C VAL B 90 42.99 14.19 2.38
N TYR B 91 43.66 13.11 2.77
CA TYR B 91 44.17 12.93 4.12
C TYR B 91 45.60 13.46 4.13
N PHE B 92 46.01 14.12 5.20
CA PHE B 92 47.31 14.78 5.23
C PHE B 92 48.06 14.35 6.48
N ALA B 93 49.39 14.28 6.37
CA ALA B 93 50.29 14.06 7.49
C ALA B 93 51.58 14.84 7.25
N SER B 94 52.26 15.16 8.34
CA SER B 94 53.49 15.95 8.26
C SER B 94 54.34 15.69 9.49
N THR B 95 55.65 15.56 9.29
CA THR B 95 56.60 15.41 10.36
C THR B 95 57.62 16.53 10.29
N GLU B 96 57.87 17.20 11.41
CA GLU B 96 58.75 18.35 11.41
C GLU B 96 59.55 18.41 12.70
N LYS B 97 60.70 19.10 12.60
CA LYS B 97 61.46 19.55 13.77
C LYS B 97 61.31 21.05 14.01
N SER B 98 61.44 21.87 12.97
CA SER B 98 61.17 23.29 13.04
C SER B 98 60.06 23.63 12.05
N ASN B 99 59.51 24.83 12.19
CA ASN B 99 58.39 25.27 11.36
C ASN B 99 58.93 25.66 9.98
N ILE B 100 58.95 24.69 9.08
CA ILE B 100 59.39 24.90 7.70
C ILE B 100 58.23 25.24 6.79
N ILE B 101 57.16 24.45 6.86
CA ILE B 101 55.97 24.70 6.04
C ILE B 101 55.17 25.85 6.66
N ARG B 102 54.55 26.66 5.80
CA ARG B 102 53.74 27.78 6.25
C ARG B 102 52.27 27.60 5.90
N GLY B 103 51.97 27.41 4.63
CA GLY B 103 50.59 27.33 4.19
C GLY B 103 50.44 26.69 2.83
N TRP B 104 49.33 27.01 2.17
CA TRP B 104 48.94 26.36 0.93
C TRP B 104 48.33 27.39 0.00
N ILE B 105 48.26 27.04 -1.29
CA ILE B 105 47.45 27.76 -2.26
C ILE B 105 46.46 26.77 -2.87
N PHE B 106 45.18 26.93 -2.55
CA PHE B 106 44.12 26.13 -3.14
C PHE B 106 43.55 26.92 -4.32
N GLY B 107 42.97 26.21 -5.27
CA GLY B 107 42.37 26.89 -6.41
C GLY B 107 42.04 25.92 -7.53
N THR B 108 41.81 26.49 -8.71
CA THR B 108 41.56 25.72 -9.92
C THR B 108 42.67 25.90 -10.94
N THR B 109 42.95 27.15 -11.33
CA THR B 109 43.93 27.43 -12.39
C THR B 109 45.15 28.17 -11.89
N LEU B 110 45.10 28.76 -10.68
CA LEU B 110 46.10 29.69 -10.11
C LEU B 110 46.39 30.87 -11.04
N ASP B 111 45.35 31.41 -11.67
CA ASP B 111 45.46 32.45 -12.68
C ASP B 111 44.45 33.53 -12.27
N SER B 112 44.49 34.70 -12.94
CA SER B 112 43.67 35.85 -12.59
C SER B 112 42.31 35.86 -13.29
N LYS B 113 41.73 34.68 -13.54
CA LYS B 113 40.37 34.58 -14.06
C LYS B 113 39.48 33.63 -13.26
N THR B 114 40.04 32.87 -12.33
CA THR B 114 39.27 32.07 -11.38
C THR B 114 39.73 32.39 -9.96
N GLN B 115 38.76 32.38 -9.04
CA GLN B 115 39.06 32.70 -7.65
C GLN B 115 39.81 31.54 -6.99
N SER B 116 40.75 31.89 -6.12
CA SER B 116 41.62 30.91 -5.47
C SER B 116 41.64 31.17 -3.98
N LEU B 117 41.66 30.09 -3.20
CA LEU B 117 41.68 30.14 -1.75
C LEU B 117 43.13 30.24 -1.28
N LEU B 118 43.34 30.88 -0.13
CA LEU B 118 44.67 31.03 0.43
C LEU B 118 44.62 30.97 1.95
N ILE B 119 45.42 30.08 2.52
CA ILE B 119 45.64 29.99 3.96
C ILE B 119 47.13 30.12 4.22
N VAL B 120 47.51 31.13 5.01
CA VAL B 120 48.89 31.31 5.44
C VAL B 120 48.94 31.33 6.96
N ASN B 121 49.68 30.39 7.53
CA ASN B 121 49.95 30.35 8.96
C ASN B 121 51.33 30.96 9.20
N ASN B 122 51.45 31.70 10.29
CA ASN B 122 52.67 32.42 10.60
C ASN B 122 52.99 32.21 12.07
N ALA B 123 53.88 33.03 12.61
CA ALA B 123 54.35 32.91 13.99
C ALA B 123 53.27 33.21 15.03
N THR B 124 52.39 34.17 14.72
CA THR B 124 51.38 34.57 15.69
C THR B 124 49.96 34.42 15.15
N ASN B 125 49.72 34.82 13.89
CA ASN B 125 48.36 34.85 13.37
C ASN B 125 48.28 34.02 12.10
N VAL B 126 47.08 33.50 11.82
CA VAL B 126 46.80 32.77 10.60
C VAL B 126 45.81 33.59 9.76
N VAL B 127 46.07 33.64 8.46
CA VAL B 127 45.30 34.47 7.54
C VAL B 127 44.56 33.53 6.58
N ILE B 128 43.24 33.65 6.52
CA ILE B 128 42.41 32.83 5.65
C ILE B 128 41.59 33.77 4.77
N LYS B 129 41.82 33.69 3.46
CA LYS B 129 41.12 34.53 2.50
C LYS B 129 40.83 33.73 1.22
N VAL B 130 39.84 34.18 0.47
CA VAL B 130 39.65 33.78 -0.92
C VAL B 130 39.45 35.04 -1.77
N CYS B 131 40.28 35.18 -2.80
CA CYS B 131 40.29 36.38 -3.64
C CYS B 131 40.62 35.96 -5.07
N GLU B 132 40.93 36.95 -5.91
CA GLU B 132 41.45 36.72 -7.25
C GLU B 132 42.97 36.84 -7.19
N PHE B 133 43.68 35.76 -7.48
CA PHE B 133 45.10 35.67 -7.20
C PHE B 133 45.91 35.46 -8.47
N GLN B 134 47.11 36.04 -8.47
CA GLN B 134 48.13 35.81 -9.49
C GLN B 134 49.33 35.19 -8.78
N PHE B 135 49.37 33.85 -8.76
CA PHE B 135 50.46 33.13 -8.11
C PHE B 135 51.74 33.22 -8.95
N CYS B 136 52.88 33.23 -8.26
CA CYS B 136 54.16 33.29 -8.96
C CYS B 136 54.52 31.92 -9.53
N ASN B 137 55.54 31.92 -10.40
CA ASN B 137 55.97 30.68 -11.03
C ASN B 137 56.74 29.79 -10.06
N ASP B 138 57.48 30.38 -9.13
CA ASP B 138 58.22 29.65 -8.11
C ASP B 138 57.88 30.23 -6.74
N PRO B 139 56.76 29.83 -6.14
CA PRO B 139 56.34 30.45 -4.88
C PRO B 139 57.08 29.88 -3.68
N PHE B 140 57.66 30.77 -2.89
CA PHE B 140 58.31 30.40 -1.63
C PHE B 140 58.23 31.61 -0.71
N LEU B 141 58.42 31.37 0.59
CA LEU B 141 58.39 32.43 1.58
C LEU B 141 59.73 32.54 2.30
N MET B 153 66.85 37.91 6.83
CA MET B 153 66.66 36.46 6.82
C MET B 153 65.51 36.04 7.72
N GLU B 154 64.71 37.02 8.16
CA GLU B 154 63.56 36.78 9.02
C GLU B 154 62.24 37.01 8.29
N SER B 155 62.28 37.58 7.09
CA SER B 155 61.05 37.88 6.36
C SER B 155 61.32 37.78 4.87
N GLU B 156 60.42 37.10 4.16
CA GLU B 156 60.48 36.95 2.71
C GLU B 156 59.07 36.72 2.21
N PHE B 157 58.66 37.51 1.21
CA PHE B 157 57.29 37.46 0.73
C PHE B 157 57.27 37.87 -0.74
N ARG B 158 57.18 36.88 -1.63
CA ARG B 158 57.05 37.12 -3.06
C ARG B 158 56.08 36.11 -3.68
N VAL B 159 55.17 35.59 -2.86
CA VAL B 159 54.26 34.53 -3.31
C VAL B 159 53.18 35.05 -4.27
N TYR B 160 52.69 36.27 -4.06
CA TYR B 160 51.65 36.82 -4.94
C TYR B 160 51.75 38.34 -4.93
N SER B 161 51.26 38.94 -6.02
CA SER B 161 50.97 40.38 -6.06
C SER B 161 49.64 40.54 -6.82
N SER B 162 48.54 40.43 -6.07
CA SER B 162 47.19 40.56 -6.59
C SER B 162 46.21 40.80 -5.44
N ALA B 163 45.50 41.93 -5.46
CA ALA B 163 44.63 42.27 -4.35
C ALA B 163 43.24 42.70 -4.83
N ASN B 164 42.88 42.33 -6.06
CA ASN B 164 41.58 42.72 -6.58
C ASN B 164 40.54 41.63 -6.32
N ASN B 165 39.29 42.06 -6.15
CA ASN B 165 38.07 41.22 -6.08
C ASN B 165 38.11 40.23 -4.91
N CYS B 166 38.50 40.70 -3.73
CA CYS B 166 38.47 39.86 -2.55
C CYS B 166 37.04 39.69 -2.05
N THR B 167 36.76 38.52 -1.46
CA THR B 167 35.39 38.20 -1.05
C THR B 167 35.29 37.88 0.43
N PHE B 168 36.23 37.08 0.96
CA PHE B 168 36.09 36.57 2.31
C PHE B 168 37.40 36.76 3.06
N GLU B 169 37.29 36.99 4.37
CA GLU B 169 38.44 37.17 5.26
C GLU B 169 38.14 36.50 6.59
N TYR B 170 39.17 35.87 7.15
CA TYR B 170 39.03 35.15 8.41
C TYR B 170 40.37 35.08 9.12
N VAL B 171 40.38 35.39 10.42
CA VAL B 171 41.56 35.33 11.25
C VAL B 171 41.21 34.59 12.54
N SER B 172 41.97 33.56 12.86
CA SER B 172 41.80 32.81 14.10
C SER B 172 43.16 32.63 14.75
N GLN B 173 43.21 31.79 15.79
CA GLN B 173 44.44 31.51 16.50
C GLN B 173 44.93 30.10 16.16
N PRO B 174 46.12 29.96 15.55
CA PRO B 174 46.63 28.63 15.18
C PRO B 174 47.14 27.84 16.39
N PHE B 186 63.27 15.46 14.26
CA PHE B 186 61.84 15.51 13.98
C PHE B 186 61.05 15.19 15.26
N LYS B 187 60.17 16.10 15.66
CA LYS B 187 59.48 15.96 16.93
C LYS B 187 57.97 16.04 16.82
N ASN B 188 57.44 16.86 15.91
CA ASN B 188 56.01 17.12 15.81
C ASN B 188 55.42 16.32 14.65
N LEU B 189 54.31 15.63 14.92
CA LEU B 189 53.59 14.87 13.91
C LEU B 189 52.16 15.40 13.82
N ARG B 190 51.80 15.96 12.67
CA ARG B 190 50.55 16.69 12.50
C ARG B 190 49.73 16.06 11.37
N GLU B 191 48.59 15.48 11.73
CA GLU B 191 47.72 14.81 10.77
C GLU B 191 46.48 15.67 10.52
N PHE B 192 46.20 15.95 9.24
CA PHE B 192 45.06 16.78 8.85
C PHE B 192 44.14 15.99 7.94
N VAL B 193 42.95 16.56 7.70
CA VAL B 193 42.03 16.08 6.68
C VAL B 193 41.54 17.29 5.88
N PHE B 194 41.73 17.24 4.58
CA PHE B 194 41.15 18.21 3.66
C PHE B 194 40.00 17.55 2.92
N LYS B 195 38.80 18.11 3.04
CA LYS B 195 37.68 17.63 2.24
C LYS B 195 36.75 18.79 1.91
N ASN B 196 36.21 18.76 0.69
CA ASN B 196 35.41 19.86 0.15
C ASN B 196 34.10 19.25 -0.35
N ILE B 197 33.09 19.22 0.52
CA ILE B 197 31.84 18.54 0.24
C ILE B 197 30.70 19.55 0.30
N ASP B 198 29.93 19.64 -0.81
CA ASP B 198 28.68 20.40 -0.94
C ASP B 198 28.88 21.89 -0.69
N GLY B 199 30.00 22.42 -1.18
CA GLY B 199 30.34 23.81 -0.97
C GLY B 199 30.91 24.15 0.38
N TYR B 200 31.19 23.15 1.22
CA TYR B 200 31.72 23.35 2.56
C TYR B 200 33.03 22.61 2.72
N PHE B 201 33.93 23.20 3.52
CA PHE B 201 35.29 22.71 3.70
C PHE B 201 35.49 22.33 5.16
N LYS B 202 35.55 21.03 5.43
CA LYS B 202 35.62 20.50 6.79
C LYS B 202 37.05 20.05 7.09
N ILE B 203 37.51 20.33 8.32
CA ILE B 203 38.88 20.05 8.73
C ILE B 203 38.84 19.13 9.95
N TYR B 204 39.45 17.96 9.82
CA TYR B 204 39.68 17.07 10.94
C TYR B 204 41.17 17.04 11.22
N SER B 205 41.55 16.99 12.49
CA SER B 205 42.96 17.12 12.82
C SER B 205 43.29 16.31 14.06
N LYS B 206 44.59 16.11 14.26
CA LYS B 206 45.19 15.48 15.43
C LYS B 206 46.65 15.88 15.51
N HIS B 207 47.10 16.17 16.73
CA HIS B 207 48.49 16.45 17.01
C HIS B 207 49.03 15.40 17.97
N THR B 208 50.17 14.80 17.63
CA THR B 208 50.78 13.78 18.45
C THR B 208 52.29 13.90 18.34
N PRO B 209 53.03 13.55 19.40
CA PRO B 209 54.50 13.56 19.30
C PRO B 209 55.08 12.22 18.85
N ILE B 210 56.07 12.27 17.96
CA ILE B 210 56.84 11.11 17.55
C ILE B 210 58.29 11.54 17.38
N ASN B 211 59.19 10.56 17.50
CA ASN B 211 60.62 10.88 17.38
C ASN B 211 61.30 9.80 16.52
N LEU B 212 61.23 10.00 15.20
CA LEU B 212 61.91 9.22 14.17
C LEU B 212 61.88 10.05 12.90
N VAL B 213 62.74 9.68 11.95
CA VAL B 213 62.93 10.49 10.74
C VAL B 213 62.72 9.65 9.48
N ARG B 214 61.92 8.58 9.58
CA ARG B 214 61.82 7.63 8.48
C ARG B 214 60.45 7.59 7.82
N ASP B 215 59.38 7.30 8.57
CA ASP B 215 58.11 6.95 7.96
C ASP B 215 56.95 7.26 8.91
N LEU B 216 55.78 6.71 8.60
CA LEU B 216 54.63 6.84 9.50
C LEU B 216 54.82 5.94 10.72
N PRO B 217 54.65 6.46 11.93
CA PRO B 217 54.58 5.59 13.10
C PRO B 217 53.30 4.79 13.13
N GLN B 218 53.33 3.67 13.84
CA GLN B 218 52.16 2.81 13.97
C GLN B 218 51.23 3.32 15.07
N GLY B 219 50.15 2.60 15.29
CA GLY B 219 49.18 2.94 16.30
C GLY B 219 47.88 3.47 15.69
N PHE B 220 46.88 3.60 16.56
CA PHE B 220 45.56 4.08 16.16
C PHE B 220 45.29 5.42 16.82
N SER B 221 44.75 6.35 16.04
CA SER B 221 44.40 7.67 16.54
C SER B 221 43.19 8.18 15.79
N ALA B 222 42.20 8.66 16.53
CA ALA B 222 40.94 9.12 15.95
C ALA B 222 40.97 10.64 15.79
N LEU B 223 40.45 11.11 14.66
CA LEU B 223 40.62 12.50 14.24
C LEU B 223 39.33 13.27 14.52
N GLU B 224 39.46 14.40 15.23
CA GLU B 224 38.43 15.30 15.74
C GLU B 224 38.24 16.49 14.81
N PRO B 225 37.00 16.88 14.51
CA PRO B 225 36.78 18.03 13.61
C PRO B 225 37.02 19.36 14.31
N LEU B 226 37.56 20.31 13.56
CA LEU B 226 37.80 21.65 14.12
C LEU B 226 37.03 22.75 13.41
N VAL B 227 37.26 22.97 12.11
CA VAL B 227 36.96 24.23 11.44
C VAL B 227 36.16 23.93 10.17
N ASP B 228 35.06 24.67 9.98
CA ASP B 228 34.24 24.57 8.77
C ASP B 228 34.25 25.89 8.02
N LEU B 229 34.46 25.83 6.70
CA LEU B 229 34.49 27.01 5.84
C LEU B 229 33.31 27.02 4.86
N PRO B 230 32.53 28.12 4.81
CA PRO B 230 31.53 28.30 3.75
C PRO B 230 32.08 29.02 2.51
N ILE B 231 32.91 28.31 1.74
CA ILE B 231 33.54 28.93 0.57
C ILE B 231 32.68 28.72 -0.68
N GLY B 232 32.46 27.47 -1.05
CA GLY B 232 31.59 27.14 -2.17
C GLY B 232 32.12 27.43 -3.56
N ILE B 233 33.41 27.18 -3.80
CA ILE B 233 33.96 27.26 -5.15
C ILE B 233 34.37 25.86 -5.59
N ASN B 234 34.77 25.71 -6.85
CA ASN B 234 35.25 24.42 -7.34
C ASN B 234 36.76 24.34 -7.19
N ILE B 235 37.23 23.13 -6.88
CA ILE B 235 38.64 22.93 -6.58
C ILE B 235 39.12 21.67 -7.30
N THR B 236 40.23 21.81 -8.01
CA THR B 236 40.88 20.69 -8.68
C THR B 236 42.29 20.42 -8.18
N ARG B 237 43.13 21.45 -8.01
CA ARG B 237 44.52 21.31 -7.62
C ARG B 237 44.79 22.14 -6.38
N PHE B 238 45.85 21.79 -5.65
CA PHE B 238 46.39 22.66 -4.61
C PHE B 238 47.90 22.47 -4.58
N GLN B 239 48.57 23.33 -3.82
CA GLN B 239 50.02 23.37 -3.78
C GLN B 239 50.45 23.97 -2.45
N THR B 240 51.43 23.34 -1.80
CA THR B 240 51.88 23.77 -0.50
C THR B 240 52.92 24.88 -0.61
N LEU B 241 53.18 25.54 0.52
CA LEU B 241 54.17 26.61 0.61
C LEU B 241 55.12 26.33 1.76
N LEU B 242 56.38 26.68 1.57
CA LEU B 242 57.44 26.48 2.55
C LEU B 242 58.19 27.79 2.75
N ALA B 243 59.30 27.70 3.48
CA ALA B 243 60.15 28.87 3.73
C ALA B 243 60.96 29.23 2.49
N GLY B 261 67.41 24.12 6.52
CA GLY B 261 66.16 23.58 7.02
C GLY B 261 65.43 22.72 6.01
N ALA B 262 65.20 21.47 6.37
CA ALA B 262 64.50 20.52 5.50
C ALA B 262 63.44 19.81 6.31
N ALA B 263 62.34 19.45 5.64
CA ALA B 263 61.21 18.82 6.30
C ALA B 263 60.48 17.92 5.32
N ALA B 264 59.65 17.04 5.87
CA ALA B 264 58.90 16.05 5.10
C ALA B 264 57.41 16.14 5.41
N TYR B 265 56.58 15.82 4.41
CA TYR B 265 55.14 15.78 4.58
C TYR B 265 54.53 14.68 3.72
N TYR B 266 53.38 14.17 4.14
CA TYR B 266 52.73 13.04 3.51
C TYR B 266 51.35 13.46 3.01
N VAL B 267 50.87 12.77 1.97
CA VAL B 267 49.56 13.05 1.38
C VAL B 267 48.84 11.73 1.18
N GLY B 268 47.66 11.60 1.80
CA GLY B 268 46.83 10.43 1.60
C GLY B 268 45.55 10.82 0.89
N TYR B 269 44.84 9.79 0.41
CA TYR B 269 43.68 10.02 -0.44
C TYR B 269 42.48 9.27 0.14
N LEU B 270 41.28 9.64 -0.31
CA LEU B 270 40.05 9.09 0.25
C LEU B 270 39.19 8.45 -0.84
N GLN B 271 38.31 7.56 -0.41
CA GLN B 271 37.30 6.94 -1.25
C GLN B 271 36.07 6.70 -0.40
N PRO B 272 34.88 6.59 -1.01
CA PRO B 272 33.72 6.14 -0.22
C PRO B 272 33.79 4.67 0.12
N ARG B 273 33.77 4.36 1.42
CA ARG B 273 33.91 3.00 1.91
C ARG B 273 32.94 2.81 3.07
N THR B 274 32.99 1.63 3.68
CA THR B 274 32.16 1.28 4.82
C THR B 274 33.06 0.76 5.93
N PHE B 275 32.92 1.33 7.13
CA PHE B 275 33.72 0.98 8.28
C PHE B 275 32.83 0.46 9.40
N LEU B 276 33.46 -0.16 10.39
CA LEU B 276 32.81 -0.50 11.65
C LEU B 276 33.65 0.09 12.77
N LEU B 277 33.04 0.90 13.62
CA LEU B 277 33.79 1.73 14.55
C LEU B 277 33.60 1.20 15.97
N LYS B 278 34.68 1.21 16.75
CA LYS B 278 34.65 0.74 18.12
C LYS B 278 34.80 1.92 19.07
N TYR B 279 33.83 2.08 19.97
CA TYR B 279 33.84 3.15 20.96
C TYR B 279 34.08 2.54 22.34
N ASN B 280 34.83 3.26 23.18
CA ASN B 280 35.10 2.80 24.53
C ASN B 280 34.05 3.37 25.48
N GLU B 281 34.31 3.30 26.79
CA GLU B 281 33.37 3.83 27.78
C GLU B 281 33.33 5.36 27.77
N ASN B 282 34.43 6.00 27.35
CA ASN B 282 34.48 7.45 27.26
C ASN B 282 34.15 7.98 25.87
N GLY B 283 33.79 7.13 24.94
CA GLY B 283 33.40 7.57 23.62
C GLY B 283 34.52 7.94 22.68
N THR B 284 35.75 7.52 22.97
CA THR B 284 36.88 7.74 22.08
C THR B 284 37.06 6.51 21.21
N ILE B 285 37.27 6.72 19.92
CA ILE B 285 37.40 5.61 18.99
C ILE B 285 38.80 4.99 19.15
N THR B 286 38.83 3.75 19.65
CA THR B 286 40.08 3.08 19.96
C THR B 286 40.52 2.10 18.89
N ASP B 287 39.60 1.57 18.09
CA ASP B 287 39.93 0.60 17.04
C ASP B 287 38.85 0.69 15.98
N ALA B 288 39.17 0.21 14.79
CA ALA B 288 38.21 0.15 13.69
C ALA B 288 38.62 -0.96 12.74
N VAL B 289 37.64 -1.49 12.01
CA VAL B 289 37.88 -2.44 10.93
C VAL B 289 37.22 -1.91 9.67
N ASP B 290 37.79 -2.28 8.53
CA ASP B 290 37.25 -1.93 7.22
C ASP B 290 36.49 -3.13 6.67
N CYS B 291 35.38 -2.88 5.98
CA CYS B 291 34.55 -3.95 5.46
C CYS B 291 34.94 -4.36 4.03
N ALA B 292 36.13 -3.97 3.56
CA ALA B 292 36.58 -4.39 2.24
C ALA B 292 38.06 -4.74 2.22
N LEU B 293 38.73 -4.79 3.37
CA LEU B 293 40.15 -5.11 3.40
C LEU B 293 40.39 -6.60 3.24
N ASP B 294 39.68 -7.42 4.00
CA ASP B 294 39.85 -8.86 4.02
C ASP B 294 38.55 -9.47 4.51
N PRO B 295 38.26 -10.75 4.16
CA PRO B 295 36.98 -11.34 4.60
C PRO B 295 36.85 -11.59 6.09
N LEU B 296 37.94 -11.59 6.86
CA LEU B 296 37.83 -11.66 8.31
C LEU B 296 37.25 -10.38 8.90
N SER B 297 37.75 -9.22 8.46
CA SER B 297 37.18 -7.96 8.92
C SER B 297 35.83 -7.69 8.25
N GLU B 298 35.57 -8.32 7.10
CA GLU B 298 34.26 -8.21 6.49
C GLU B 298 33.22 -9.04 7.25
N THR B 299 33.64 -10.18 7.83
CA THR B 299 32.76 -10.90 8.74
C THR B 299 32.61 -10.16 10.06
N LYS B 300 33.65 -9.43 10.48
CA LYS B 300 33.55 -8.57 11.66
C LYS B 300 32.55 -7.45 11.43
N CYS B 301 32.49 -6.91 10.22
CA CYS B 301 31.48 -5.92 9.84
C CYS B 301 30.08 -6.52 9.80
N THR B 302 29.92 -7.70 9.20
CA THR B 302 28.57 -8.25 9.06
C THR B 302 28.09 -8.94 10.33
N LEU B 303 28.99 -9.17 11.29
CA LEU B 303 28.60 -9.76 12.57
C LEU B 303 28.53 -8.73 13.68
N LYS B 304 29.14 -7.55 13.47
CA LYS B 304 29.24 -6.43 14.43
C LYS B 304 29.88 -6.88 15.74
N SER B 305 31.04 -7.51 15.60
CA SER B 305 31.86 -7.94 16.73
C SER B 305 33.32 -7.87 16.30
N PHE B 306 34.19 -7.56 17.25
CA PHE B 306 35.62 -7.52 16.99
C PHE B 306 36.31 -8.84 17.31
N THR B 307 35.60 -9.77 17.96
CA THR B 307 36.07 -11.13 18.12
C THR B 307 35.03 -12.05 17.51
N VAL B 308 35.47 -12.91 16.60
CA VAL B 308 34.59 -13.77 15.82
C VAL B 308 34.84 -15.20 16.25
N GLU B 309 33.78 -15.88 16.68
CA GLU B 309 33.89 -17.26 17.14
C GLU B 309 34.05 -18.22 15.97
N LYS B 310 34.43 -19.44 16.30
CA LYS B 310 34.77 -20.44 15.29
C LYS B 310 33.52 -21.00 14.63
N GLY B 311 33.48 -20.91 13.30
CA GLY B 311 32.31 -21.37 12.56
C GLY B 311 32.34 -20.82 11.14
N ILE B 312 31.20 -20.93 10.47
CA ILE B 312 31.05 -20.48 9.08
C ILE B 312 29.93 -19.44 9.03
N TYR B 313 30.22 -18.31 8.39
CA TYR B 313 29.32 -17.17 8.38
C TYR B 313 29.16 -16.65 6.96
N GLN B 314 27.92 -16.52 6.51
CA GLN B 314 27.63 -16.05 5.16
C GLN B 314 27.40 -14.54 5.18
N THR B 315 27.99 -13.85 4.21
CA THR B 315 28.06 -12.39 4.22
C THR B 315 27.35 -11.71 3.06
N SER B 316 27.71 -12.04 1.82
CA SER B 316 27.25 -11.26 0.68
C SER B 316 27.12 -12.18 -0.53
N ASN B 317 27.02 -11.58 -1.70
CA ASN B 317 26.85 -12.31 -2.96
C ASN B 317 27.84 -11.78 -3.99
N PHE B 318 27.79 -12.41 -5.16
CA PHE B 318 28.66 -12.08 -6.28
C PHE B 318 28.02 -12.59 -7.57
N ARG B 319 28.33 -11.91 -8.67
CA ARG B 319 27.64 -12.11 -9.95
C ARG B 319 28.71 -12.19 -11.02
N VAL B 320 28.31 -12.63 -12.22
CA VAL B 320 29.20 -12.50 -13.38
C VAL B 320 28.66 -11.41 -14.31
N GLN B 321 29.55 -10.51 -14.70
CA GLN B 321 29.15 -9.32 -15.46
C GLN B 321 29.49 -9.48 -16.94
N PRO B 322 28.58 -9.10 -17.83
CA PRO B 322 28.83 -9.25 -19.26
C PRO B 322 29.57 -8.06 -19.85
N THR B 323 30.13 -8.27 -21.04
CA THR B 323 30.93 -7.25 -21.71
C THR B 323 30.41 -6.91 -23.10
N GLU B 324 30.15 -7.90 -23.95
CA GLU B 324 30.05 -7.69 -25.40
C GLU B 324 28.75 -7.05 -25.85
N SER B 325 27.60 -7.57 -25.38
CA SER B 325 26.23 -7.16 -25.77
C SER B 325 26.02 -7.26 -27.28
N ILE B 326 26.03 -8.49 -27.78
CA ILE B 326 25.92 -8.78 -29.21
C ILE B 326 24.52 -8.48 -29.73
N VAL B 327 24.39 -8.33 -31.05
CA VAL B 327 23.13 -7.96 -31.70
C VAL B 327 22.87 -8.94 -32.84
N ARG B 328 21.70 -9.60 -32.81
CA ARG B 328 21.29 -10.52 -33.86
C ARG B 328 19.93 -10.10 -34.42
N PHE B 329 19.78 -10.21 -35.73
CA PHE B 329 18.58 -9.75 -36.43
C PHE B 329 18.45 -10.54 -37.72
N PRO B 330 17.24 -10.65 -38.28
CA PRO B 330 17.07 -11.39 -39.55
C PRO B 330 17.74 -10.71 -40.73
N ASN B 331 18.00 -11.52 -41.76
CA ASN B 331 18.59 -11.09 -43.03
C ASN B 331 17.56 -10.21 -43.73
N ILE B 332 17.94 -8.96 -43.96
CA ILE B 332 17.06 -7.92 -44.47
C ILE B 332 16.66 -8.21 -45.91
N THR B 333 17.64 -8.15 -46.82
CA THR B 333 17.74 -8.76 -48.16
C THR B 333 16.48 -8.82 -49.02
N ASN B 334 15.73 -7.72 -49.11
CA ASN B 334 14.50 -7.70 -49.88
C ASN B 334 14.65 -7.03 -51.25
N LEU B 335 15.27 -5.84 -51.27
CA LEU B 335 15.58 -5.04 -52.46
C LEU B 335 14.31 -4.70 -53.25
N CYS B 336 13.44 -3.94 -52.59
CA CYS B 336 12.22 -3.39 -53.17
C CYS B 336 12.62 -2.36 -54.22
N PRO B 337 11.85 -2.21 -55.34
CA PRO B 337 12.19 -1.23 -56.38
C PRO B 337 12.00 0.24 -55.98
N PHE B 338 12.87 0.72 -55.09
CA PHE B 338 12.97 2.16 -54.87
C PHE B 338 14.11 2.78 -55.67
N GLY B 339 14.79 1.98 -56.49
CA GLY B 339 15.80 2.55 -57.37
C GLY B 339 15.19 3.27 -58.56
N GLU B 340 13.95 2.92 -58.90
CA GLU B 340 13.31 3.52 -60.07
C GLU B 340 12.66 4.86 -59.75
N VAL B 341 12.58 5.22 -58.47
CA VAL B 341 12.01 6.50 -58.07
C VAL B 341 13.20 7.41 -57.74
N PHE B 342 14.41 6.86 -57.84
CA PHE B 342 15.63 7.62 -57.60
C PHE B 342 16.56 7.72 -58.80
N ASN B 343 16.39 6.87 -59.82
CA ASN B 343 17.30 6.82 -60.95
C ASN B 343 16.54 6.70 -62.27
N ALA B 344 15.47 7.46 -62.45
CA ALA B 344 14.72 7.45 -63.69
C ALA B 344 14.87 8.77 -64.42
N THR B 345 14.37 8.80 -65.67
CA THR B 345 14.47 9.97 -66.52
C THR B 345 13.15 10.67 -66.74
N ARG B 346 12.01 10.06 -66.36
CA ARG B 346 10.71 10.71 -66.48
C ARG B 346 9.86 10.24 -65.31
N PHE B 347 9.59 11.16 -64.38
CA PHE B 347 8.82 10.85 -63.19
C PHE B 347 7.37 11.26 -63.39
N ALA B 348 6.62 11.37 -62.29
CA ALA B 348 5.22 11.73 -62.36
C ALA B 348 5.06 13.24 -62.55
N SER B 349 3.80 13.66 -62.70
CA SER B 349 3.45 15.06 -62.87
C SER B 349 2.82 15.58 -61.59
N VAL B 350 2.59 16.89 -61.53
CA VAL B 350 2.03 17.49 -60.32
C VAL B 350 0.51 17.50 -60.41
N TYR B 351 -0.03 17.23 -61.59
CA TYR B 351 -1.47 16.99 -61.64
C TYR B 351 -1.79 15.53 -61.35
N ALA B 352 -0.80 14.65 -61.43
CA ALA B 352 -1.02 13.21 -61.26
C ALA B 352 0.12 12.57 -60.46
N TRP B 353 0.53 13.19 -59.35
CA TRP B 353 1.46 12.50 -58.45
C TRP B 353 0.63 11.53 -57.61
N ASN B 354 0.73 10.24 -57.95
CA ASN B 354 -0.13 9.23 -57.35
C ASN B 354 0.26 8.92 -55.92
N ARG B 355 -0.74 8.60 -55.10
CA ARG B 355 -0.51 8.17 -53.72
C ARG B 355 -0.30 6.66 -53.72
N LYS B 356 0.89 6.26 -54.15
CA LYS B 356 1.20 4.85 -54.41
C LYS B 356 1.44 4.12 -53.10
N ARG B 357 0.88 2.92 -52.99
CA ARG B 357 1.11 2.05 -51.84
C ARG B 357 2.19 1.05 -52.22
N ILE B 358 3.41 1.29 -51.74
CA ILE B 358 4.52 0.36 -51.86
C ILE B 358 4.70 -0.27 -50.49
N SER B 359 4.35 -1.55 -50.38
CA SER B 359 4.25 -2.22 -49.10
C SER B 359 5.03 -3.52 -49.11
N ASN B 360 5.27 -4.03 -47.88
CA ASN B 360 5.99 -5.28 -47.59
C ASN B 360 7.39 -5.28 -48.18
N CYS B 361 8.14 -4.23 -47.85
CA CYS B 361 9.49 -4.04 -48.37
C CYS B 361 10.37 -3.55 -47.24
N VAL B 362 11.62 -3.28 -47.58
CA VAL B 362 12.55 -2.53 -46.73
C VAL B 362 13.06 -1.35 -47.55
N ALA B 363 13.65 -0.36 -46.88
CA ALA B 363 14.21 0.82 -47.54
C ALA B 363 15.35 1.34 -46.68
N ASP B 364 16.58 1.02 -47.06
CA ASP B 364 17.73 1.57 -46.36
C ASP B 364 17.97 3.01 -46.78
N TYR B 365 18.33 3.85 -45.81
CA TYR B 365 18.52 5.27 -46.05
C TYR B 365 19.96 5.72 -45.84
N SER B 366 20.87 4.80 -45.50
CA SER B 366 22.29 5.13 -45.47
C SER B 366 22.83 5.36 -46.88
N VAL B 367 22.24 4.67 -47.87
CA VAL B 367 22.59 4.91 -49.27
C VAL B 367 22.03 6.26 -49.74
N LEU B 368 20.97 6.75 -49.08
CA LEU B 368 20.54 8.12 -49.30
C LEU B 368 21.47 9.10 -48.60
N TYR B 369 22.06 8.67 -47.47
CA TYR B 369 22.93 9.57 -46.71
C TYR B 369 24.28 9.77 -47.40
N ASN B 370 24.87 8.72 -47.96
CA ASN B 370 26.15 8.87 -48.64
C ASN B 370 26.02 8.98 -50.16
N SER B 371 24.88 9.47 -50.66
CA SER B 371 24.68 9.65 -52.09
C SER B 371 25.47 10.84 -52.65
N ALA B 372 25.84 11.80 -51.77
CA ALA B 372 26.66 12.98 -52.08
C ALA B 372 26.04 13.87 -53.15
N SER B 373 24.70 13.92 -53.17
CA SER B 373 24.00 14.81 -54.10
C SER B 373 22.79 15.51 -53.50
N PHE B 374 22.48 15.31 -52.23
CA PHE B 374 21.28 15.89 -51.65
C PHE B 374 21.47 17.37 -51.33
N SER B 375 20.38 18.13 -51.45
CA SER B 375 20.41 19.57 -51.25
C SER B 375 19.60 20.01 -50.04
N THR B 376 18.32 19.62 -49.97
CA THR B 376 17.40 20.11 -48.95
C THR B 376 16.73 18.90 -48.26
N PHE B 377 17.56 18.01 -47.73
CA PHE B 377 17.09 16.86 -46.96
C PHE B 377 16.46 17.33 -45.66
N LYS B 378 15.14 17.29 -45.58
CA LYS B 378 14.40 17.82 -44.44
C LYS B 378 13.47 16.76 -43.89
N CYS B 379 13.71 16.33 -42.66
CA CYS B 379 12.85 15.37 -41.96
C CYS B 379 12.10 16.12 -40.86
N TYR B 380 10.78 16.19 -41.00
CA TYR B 380 9.95 16.83 -39.99
C TYR B 380 9.45 15.79 -38.99
N GLY B 381 9.24 16.24 -37.75
CA GLY B 381 8.72 15.38 -36.71
C GLY B 381 9.75 14.55 -35.98
N VAL B 382 10.50 13.72 -36.71
CA VAL B 382 11.49 12.83 -36.14
C VAL B 382 12.85 13.19 -36.74
N SER B 383 13.92 12.98 -35.98
CA SER B 383 15.26 13.28 -36.45
C SER B 383 15.70 12.26 -37.51
N PRO B 384 16.55 12.65 -38.46
CA PRO B 384 17.05 11.67 -39.43
C PRO B 384 18.02 10.65 -38.87
N THR B 385 18.62 10.92 -37.71
CA THR B 385 19.56 9.98 -37.11
C THR B 385 18.84 8.78 -36.51
N LYS B 386 17.58 8.94 -36.12
CA LYS B 386 16.77 7.83 -35.61
C LYS B 386 15.64 7.48 -36.58
N LEU B 387 15.93 7.47 -37.88
CA LEU B 387 14.94 7.18 -38.90
C LEU B 387 15.04 5.74 -39.39
N ASN B 388 16.25 5.17 -39.39
CA ASN B 388 16.43 3.83 -39.94
C ASN B 388 16.10 2.75 -38.92
N ASP B 389 16.41 2.99 -37.64
CA ASP B 389 16.24 1.95 -36.63
C ASP B 389 14.78 1.78 -36.23
N LEU B 390 14.03 2.88 -36.19
CA LEU B 390 12.62 2.85 -35.79
C LEU B 390 11.79 3.41 -36.94
N CYS B 391 10.67 2.75 -37.23
CA CYS B 391 9.82 3.14 -38.34
C CYS B 391 8.43 3.52 -37.85
N PHE B 392 7.53 3.80 -38.78
CA PHE B 392 6.14 4.12 -38.48
C PHE B 392 5.28 3.52 -39.60
N THR B 393 3.97 3.49 -39.37
CA THR B 393 3.05 2.96 -40.36
C THR B 393 2.71 4.03 -41.40
N ASN B 394 1.93 3.60 -42.41
CA ASN B 394 1.41 4.43 -43.52
C ASN B 394 2.55 5.08 -44.33
N VAL B 395 3.24 4.23 -45.10
CA VAL B 395 4.56 4.53 -45.65
C VAL B 395 4.30 4.84 -47.15
N TYR B 396 3.19 5.54 -47.41
CA TYR B 396 2.90 6.03 -48.76
C TYR B 396 3.93 7.06 -49.18
N ALA B 397 4.22 7.12 -50.49
CA ALA B 397 5.27 7.96 -51.03
C ALA B 397 4.78 8.73 -52.24
N ASP B 398 5.44 9.84 -52.53
CA ASP B 398 5.10 10.72 -53.64
C ASP B 398 6.35 11.04 -54.44
N SER B 399 6.15 11.54 -55.67
CA SER B 399 7.27 11.90 -56.52
C SER B 399 6.85 12.97 -57.52
N PHE B 400 7.71 13.99 -57.65
CA PHE B 400 7.63 15.05 -58.65
C PHE B 400 9.03 15.67 -58.71
N VAL B 401 9.30 16.39 -59.79
CA VAL B 401 10.49 17.22 -59.93
C VAL B 401 10.01 18.67 -59.81
N ILE B 402 10.07 19.23 -58.59
CA ILE B 402 9.55 20.58 -58.35
C ILE B 402 10.64 21.61 -58.64
N ARG B 403 10.21 22.81 -59.05
CA ARG B 403 11.14 23.90 -59.30
C ARG B 403 11.70 24.42 -57.98
N GLY B 404 13.01 24.66 -57.95
CA GLY B 404 13.76 24.75 -56.71
C GLY B 404 13.90 26.11 -56.05
N ASP B 405 13.17 27.14 -56.47
CA ASP B 405 13.41 28.47 -55.90
C ASP B 405 12.48 28.79 -54.73
N GLU B 406 11.46 27.97 -54.45
CA GLU B 406 10.67 28.12 -53.23
C GLU B 406 10.55 26.81 -52.45
N VAL B 407 11.67 26.11 -52.24
CA VAL B 407 11.69 24.94 -51.37
C VAL B 407 11.59 25.37 -49.90
N ARG B 408 12.02 26.60 -49.60
CA ARG B 408 11.80 27.20 -48.28
C ARG B 408 10.33 27.46 -47.99
N GLN B 409 9.48 27.60 -49.01
CA GLN B 409 8.04 27.64 -48.81
C GLN B 409 7.44 26.28 -48.46
N ILE B 410 8.13 25.19 -48.80
CA ILE B 410 7.67 23.84 -48.46
C ILE B 410 7.98 23.64 -46.97
N ALA B 411 6.95 23.81 -46.14
CA ALA B 411 7.02 23.75 -44.69
C ALA B 411 5.61 23.59 -44.16
N PRO B 412 5.43 22.91 -43.02
CA PRO B 412 4.12 22.92 -42.36
C PRO B 412 3.81 24.28 -41.76
N GLY B 413 2.58 24.73 -41.96
CA GLY B 413 2.18 26.05 -41.49
C GLY B 413 2.75 27.19 -42.28
N GLN B 414 3.12 26.95 -43.54
CA GLN B 414 3.70 27.99 -44.40
C GLN B 414 3.05 27.88 -45.78
N THR B 415 2.41 28.96 -46.23
CA THR B 415 1.74 28.97 -47.52
C THR B 415 2.70 29.52 -48.58
N GLY B 416 2.17 29.80 -49.77
CA GLY B 416 2.98 30.29 -50.87
C GLY B 416 2.37 30.05 -52.23
N LYS B 417 3.14 29.44 -53.13
CA LYS B 417 2.65 29.05 -54.45
C LYS B 417 2.50 27.53 -54.56
N ILE B 418 3.56 26.78 -54.22
CA ILE B 418 3.50 25.33 -54.24
C ILE B 418 2.60 24.81 -53.12
N ALA B 419 2.69 25.42 -51.94
CA ALA B 419 1.85 25.08 -50.80
C ALA B 419 0.39 25.46 -51.01
N ASP B 420 0.08 26.39 -51.90
CA ASP B 420 -1.28 26.79 -52.19
C ASP B 420 -1.90 26.02 -53.35
N TYR B 421 -1.12 25.75 -54.40
CA TYR B 421 -1.69 25.24 -55.65
C TYR B 421 -1.15 23.89 -56.09
N ASN B 422 -0.04 23.40 -55.51
CA ASN B 422 0.54 22.16 -55.98
C ASN B 422 0.57 21.08 -54.91
N TYR B 423 1.15 21.35 -53.75
CA TYR B 423 1.29 20.33 -52.71
C TYR B 423 1.35 20.99 -51.32
N LYS B 424 0.40 20.64 -50.45
CA LYS B 424 0.25 21.25 -49.15
C LYS B 424 0.57 20.24 -48.05
N LEU B 425 1.32 20.68 -47.03
CA LEU B 425 1.67 19.85 -45.89
C LEU B 425 0.71 20.11 -44.73
N PRO B 426 0.32 19.08 -43.98
CA PRO B 426 -0.48 19.32 -42.77
C PRO B 426 0.39 19.81 -41.62
N ASP B 427 -0.28 20.33 -40.59
CA ASP B 427 0.42 20.77 -39.39
C ASP B 427 0.91 19.56 -38.60
N ASP B 428 2.09 19.72 -37.98
CA ASP B 428 2.85 18.68 -37.25
C ASP B 428 3.11 17.47 -38.16
N PHE B 429 3.89 17.71 -39.20
CA PHE B 429 4.20 16.68 -40.17
C PHE B 429 5.19 15.67 -39.60
N THR B 430 4.86 14.39 -39.72
CA THR B 430 5.77 13.30 -39.39
C THR B 430 6.17 12.67 -40.72
N GLY B 431 7.41 12.88 -41.11
CA GLY B 431 7.90 12.40 -42.39
C GLY B 431 9.04 13.26 -42.88
N CYS B 432 9.56 12.87 -44.05
CA CYS B 432 10.73 13.52 -44.63
C CYS B 432 10.43 13.99 -46.04
N VAL B 433 10.83 15.24 -46.33
CA VAL B 433 10.80 15.79 -47.68
C VAL B 433 12.25 15.92 -48.15
N ILE B 434 12.53 15.39 -49.34
CA ILE B 434 13.91 15.18 -49.77
C ILE B 434 14.07 15.87 -51.11
N ALA B 435 15.01 16.81 -51.21
CA ALA B 435 15.28 17.54 -52.44
C ALA B 435 16.75 17.42 -52.79
N TRP B 436 17.04 17.24 -54.09
CA TRP B 436 18.42 17.15 -54.55
C TRP B 436 18.52 17.78 -55.94
N ASN B 437 19.76 17.98 -56.38
CA ASN B 437 20.07 18.62 -57.66
C ASN B 437 19.67 17.70 -58.82
N SER B 438 18.92 18.25 -59.78
CA SER B 438 18.46 17.51 -60.94
C SER B 438 18.85 18.24 -62.23
N ASN B 439 20.11 18.66 -62.32
CA ASN B 439 20.55 19.45 -63.46
C ASN B 439 21.14 18.58 -64.56
N ASN B 440 21.77 17.46 -64.19
CA ASN B 440 22.57 16.71 -65.16
C ASN B 440 21.74 15.77 -66.03
N LEU B 441 20.59 15.31 -65.56
CA LEU B 441 19.86 14.25 -66.24
C LEU B 441 18.51 14.69 -66.78
N ASP B 442 17.78 15.55 -66.09
CA ASP B 442 16.58 16.15 -66.67
C ASP B 442 16.84 17.54 -67.24
N SER B 443 17.60 17.59 -68.34
CA SER B 443 17.88 18.85 -69.02
C SER B 443 18.14 18.55 -70.49
N LYS B 444 17.17 18.86 -71.35
CA LYS B 444 17.35 18.78 -72.78
C LYS B 444 17.47 20.19 -73.36
N VAL B 445 17.71 20.29 -74.66
CA VAL B 445 17.85 21.59 -75.31
C VAL B 445 16.46 22.20 -75.53
N GLY B 446 16.34 23.49 -75.22
CA GLY B 446 15.08 24.19 -75.39
C GLY B 446 14.14 24.12 -74.21
N GLY B 447 14.55 23.53 -73.09
CA GLY B 447 13.70 23.45 -71.92
C GLY B 447 12.90 22.16 -71.84
N ASN B 448 12.77 21.61 -70.64
CA ASN B 448 12.04 20.35 -70.43
C ASN B 448 10.56 20.67 -70.34
N TYR B 449 9.87 20.55 -71.47
CA TYR B 449 8.43 20.81 -71.53
C TYR B 449 7.62 19.53 -71.39
N ASN B 450 7.91 18.77 -70.34
CA ASN B 450 7.18 17.57 -69.98
C ASN B 450 6.60 17.61 -68.57
N TYR B 451 7.20 18.39 -67.68
CA TYR B 451 6.67 18.59 -66.32
C TYR B 451 5.74 19.79 -66.37
N LEU B 452 4.57 19.58 -66.95
CA LEU B 452 3.57 20.62 -67.16
C LEU B 452 2.82 20.82 -65.84
N TYR B 453 2.63 22.06 -65.41
CA TYR B 453 2.19 22.29 -64.04
C TYR B 453 1.00 23.24 -63.99
N ARG B 454 0.22 23.13 -62.92
CA ARG B 454 -0.96 23.97 -62.72
C ARG B 454 -0.53 25.26 -62.02
N LEU B 455 -1.04 26.39 -62.50
CA LEU B 455 -0.72 27.68 -61.91
C LEU B 455 -1.89 28.28 -61.13
N PHE B 456 -3.13 27.93 -61.45
CA PHE B 456 -4.29 28.57 -60.84
C PHE B 456 -5.26 27.53 -60.31
N ARG B 457 -5.85 27.82 -59.15
CA ARG B 457 -6.91 27.00 -58.56
C ARG B 457 -7.81 27.95 -57.77
N LYS B 458 -9.10 27.63 -57.72
CA LYS B 458 -10.10 28.54 -57.16
C LYS B 458 -9.98 28.65 -55.64
N SER B 459 -9.70 27.54 -54.96
CA SER B 459 -9.59 27.52 -53.51
C SER B 459 -8.19 27.08 -53.12
N ASN B 460 -7.87 27.25 -51.84
CA ASN B 460 -6.62 26.74 -51.29
C ASN B 460 -6.67 25.21 -51.22
N LEU B 461 -5.52 24.59 -51.45
CA LEU B 461 -5.46 23.13 -51.45
C LEU B 461 -5.52 22.58 -50.04
N LYS B 462 -6.25 21.47 -49.90
CA LYS B 462 -6.19 20.70 -48.66
C LYS B 462 -4.84 19.99 -48.58
N PRO B 463 -4.33 19.70 -47.38
CA PRO B 463 -3.08 18.93 -47.26
C PRO B 463 -3.28 17.48 -47.72
N PHE B 464 -2.27 16.99 -48.46
CA PHE B 464 -2.20 15.65 -49.05
C PHE B 464 -3.38 15.36 -49.97
N GLU B 465 -3.51 16.20 -51.00
CA GLU B 465 -4.55 16.06 -52.01
C GLU B 465 -3.91 16.07 -53.39
N ARG B 466 -4.20 15.05 -54.19
CA ARG B 466 -3.80 15.02 -55.59
C ARG B 466 -4.92 15.71 -56.38
N ASP B 467 -4.59 16.82 -57.02
CA ASP B 467 -5.57 17.61 -57.76
C ASP B 467 -5.41 17.36 -59.25
N ILE B 468 -6.45 16.81 -59.88
CA ILE B 468 -6.47 16.53 -61.32
C ILE B 468 -7.69 17.21 -61.92
N SER B 469 -7.50 17.87 -63.06
CA SER B 469 -8.51 18.69 -63.70
C SER B 469 -8.12 18.94 -65.15
N THR B 470 -9.09 19.46 -65.91
CA THR B 470 -8.90 19.89 -67.29
C THR B 470 -9.42 21.31 -67.49
N GLU B 471 -10.51 21.66 -66.80
CA GLU B 471 -11.17 22.95 -66.91
C GLU B 471 -10.31 24.09 -66.34
N ILE B 472 -10.61 25.30 -66.79
CA ILE B 472 -9.74 26.46 -66.63
C ILE B 472 -10.21 27.32 -65.47
N TYR B 473 -9.36 28.28 -65.09
CA TYR B 473 -9.61 29.14 -63.95
C TYR B 473 -10.76 30.10 -64.17
N GLN B 474 -11.54 30.34 -63.13
CA GLN B 474 -12.66 31.28 -63.15
C GLN B 474 -12.33 32.46 -62.25
N ALA B 475 -12.25 33.66 -62.84
CA ALA B 475 -11.89 34.86 -62.10
C ALA B 475 -12.82 36.04 -62.33
N GLY B 476 -13.56 36.08 -63.44
CA GLY B 476 -14.47 37.18 -63.69
C GLY B 476 -15.93 36.77 -63.65
N SER B 477 -16.75 37.43 -64.45
CA SER B 477 -18.18 37.11 -64.51
C SER B 477 -18.55 36.62 -65.90
N THR B 478 -17.81 37.04 -66.91
CA THR B 478 -18.07 36.57 -68.27
C THR B 478 -17.49 35.17 -68.45
N PRO B 479 -18.30 34.19 -68.85
CA PRO B 479 -17.78 32.82 -69.00
C PRO B 479 -17.00 32.65 -70.30
N CYS B 480 -16.06 31.72 -70.28
CA CYS B 480 -15.32 31.39 -71.49
C CYS B 480 -16.12 30.42 -72.36
N ASN B 481 -16.09 30.65 -73.67
CA ASN B 481 -16.86 29.88 -74.63
C ASN B 481 -16.03 28.78 -75.30
N GLY B 482 -15.03 28.27 -74.61
CA GLY B 482 -14.13 27.27 -75.20
C GLY B 482 -12.91 27.87 -75.88
N VAL B 483 -13.11 28.88 -76.72
CA VAL B 483 -12.00 29.63 -77.30
C VAL B 483 -11.39 30.49 -76.19
N GLU B 484 -10.05 30.46 -76.09
CA GLU B 484 -9.35 31.18 -75.04
C GLU B 484 -9.43 32.69 -75.27
N GLY B 485 -9.84 33.41 -74.23
CA GLY B 485 -10.09 34.84 -74.35
C GLY B 485 -9.32 35.68 -73.35
N PHE B 486 -9.96 36.76 -72.88
CA PHE B 486 -9.28 37.75 -72.04
C PHE B 486 -9.32 37.41 -70.55
N ASN B 487 -10.21 36.50 -70.12
CA ASN B 487 -10.27 36.11 -68.71
C ASN B 487 -10.40 34.61 -68.58
N CYS B 488 -9.89 33.87 -69.57
CA CYS B 488 -9.94 32.41 -69.51
C CYS B 488 -8.93 31.84 -68.53
N TYR B 489 -7.68 32.34 -68.58
CA TYR B 489 -6.61 32.10 -67.61
C TYR B 489 -6.27 30.61 -67.46
N PHE B 490 -5.71 30.06 -68.54
CA PHE B 490 -5.27 28.67 -68.66
C PHE B 490 -4.23 28.32 -67.59
N PRO B 491 -4.59 27.50 -66.59
CA PRO B 491 -3.71 27.30 -65.44
C PRO B 491 -2.57 26.33 -65.72
N LEU B 492 -2.73 25.48 -66.73
CA LEU B 492 -1.80 24.38 -66.97
C LEU B 492 -0.61 24.94 -67.74
N GLN B 493 0.31 25.58 -67.01
CA GLN B 493 1.41 26.34 -67.57
C GLN B 493 2.66 25.43 -67.61
N SER B 494 3.77 25.95 -68.13
CA SER B 494 4.97 25.16 -68.37
C SER B 494 6.12 25.62 -67.50
N TYR B 495 6.75 24.67 -66.81
CA TYR B 495 8.15 24.78 -66.40
C TYR B 495 9.09 24.86 -67.58
N GLY B 496 9.89 25.91 -67.63
CA GLY B 496 10.99 26.03 -68.55
C GLY B 496 12.32 25.73 -67.88
N PHE B 497 12.88 24.55 -68.13
CA PHE B 497 14.09 24.11 -67.45
C PHE B 497 15.21 23.95 -68.49
N GLN B 498 15.95 24.99 -68.68
CA GLN B 498 17.10 25.10 -69.57
C GLN B 498 18.37 24.70 -68.84
N PRO B 499 19.40 24.20 -69.55
CA PRO B 499 20.68 23.92 -68.89
C PRO B 499 21.47 25.15 -68.48
N THR B 500 21.12 26.34 -68.98
CA THR B 500 21.82 27.56 -68.62
C THR B 500 21.27 28.21 -67.35
N ASN B 501 20.26 27.60 -66.72
CA ASN B 501 19.75 28.10 -65.46
C ASN B 501 20.75 27.87 -64.33
N GLY B 502 20.65 28.70 -63.31
CA GLY B 502 21.41 28.53 -62.09
C GLY B 502 20.77 27.49 -61.18
N VAL B 503 21.40 27.29 -60.01
CA VAL B 503 21.01 26.21 -59.12
C VAL B 503 19.69 26.53 -58.40
N GLY B 504 19.36 27.81 -58.29
CA GLY B 504 18.03 28.18 -57.78
C GLY B 504 16.95 27.96 -58.82
N TYR B 505 17.25 28.20 -60.09
CA TYR B 505 16.25 28.05 -61.14
C TYR B 505 16.18 26.60 -61.64
N GLN B 506 17.27 25.84 -61.49
CA GLN B 506 17.23 24.43 -61.85
C GLN B 506 16.40 23.67 -60.80
N PRO B 507 15.61 22.68 -61.23
CA PRO B 507 14.62 22.08 -60.33
C PRO B 507 15.23 21.15 -59.30
N TYR B 508 14.50 20.96 -58.20
CA TYR B 508 14.91 20.06 -57.13
C TYR B 508 13.91 18.90 -57.05
N ARG B 509 14.41 17.67 -57.16
CA ARG B 509 13.54 16.50 -57.23
C ARG B 509 12.99 16.16 -55.85
N VAL B 510 11.67 16.20 -55.70
CA VAL B 510 11.01 16.05 -54.40
C VAL B 510 10.41 14.65 -54.29
N VAL B 511 10.73 13.97 -53.18
CA VAL B 511 10.01 12.78 -52.76
C VAL B 511 9.58 12.99 -51.31
N VAL B 512 8.35 12.57 -51.02
CA VAL B 512 7.75 12.80 -49.71
C VAL B 512 7.51 11.44 -49.09
N LEU B 513 8.30 11.09 -48.06
CA LEU B 513 8.10 9.86 -47.32
C LEU B 513 7.23 10.21 -46.11
N SER B 514 5.95 10.47 -46.37
CA SER B 514 5.01 10.85 -45.33
C SER B 514 4.64 9.66 -44.46
N PHE B 515 4.51 9.90 -43.16
CA PHE B 515 4.12 8.88 -42.18
C PHE B 515 2.83 9.33 -41.52
N GLU B 516 1.72 8.70 -41.88
CA GLU B 516 0.43 9.01 -41.29
C GLU B 516 0.15 8.02 -40.16
N LEU B 517 -0.95 8.25 -39.44
CA LEU B 517 -1.32 7.45 -38.27
C LEU B 517 -2.70 6.86 -38.52
N LEU B 518 -2.74 5.59 -38.90
CA LEU B 518 -3.98 4.85 -39.08
C LEU B 518 -3.88 3.53 -38.31
N HIS B 519 -5.01 2.84 -38.19
CA HIS B 519 -5.08 1.58 -37.44
C HIS B 519 -4.57 0.40 -38.30
N ALA B 520 -3.26 0.40 -38.52
CA ALA B 520 -2.59 -0.60 -39.33
C ALA B 520 -1.13 -0.71 -38.90
N PRO B 521 -0.53 -1.90 -38.97
CA PRO B 521 0.91 -2.01 -38.71
C PRO B 521 1.74 -1.47 -39.86
N ALA B 522 3.02 -1.26 -39.59
CA ALA B 522 3.92 -0.74 -40.62
C ALA B 522 4.26 -1.83 -41.64
N THR B 523 4.56 -1.38 -42.86
CA THR B 523 4.91 -2.28 -43.96
C THR B 523 6.37 -2.17 -44.36
N VAL B 524 6.86 -0.97 -44.61
CA VAL B 524 8.24 -0.74 -45.00
C VAL B 524 8.95 0.02 -43.89
N CYS B 525 10.05 -0.56 -43.38
CA CYS B 525 10.88 0.10 -42.39
C CYS B 525 12.34 0.00 -42.82
N GLY B 526 13.20 0.68 -42.07
CA GLY B 526 14.62 0.65 -42.32
C GLY B 526 15.25 -0.64 -41.84
N PRO B 527 16.52 -0.87 -42.21
CA PRO B 527 17.18 -2.12 -41.87
C PRO B 527 17.66 -2.11 -40.41
N LYS B 528 17.99 -3.30 -39.92
CA LYS B 528 18.57 -3.47 -38.60
C LYS B 528 19.93 -4.13 -38.73
N LYS B 529 20.98 -3.39 -38.38
CA LYS B 529 22.33 -3.91 -38.38
C LYS B 529 22.51 -4.93 -37.27
N SER B 530 23.36 -5.92 -37.53
CA SER B 530 23.57 -7.01 -36.58
C SER B 530 25.03 -7.42 -36.62
N THR B 531 25.61 -7.68 -35.45
CA THR B 531 26.97 -8.16 -35.34
C THR B 531 26.98 -9.69 -35.29
N ASN B 532 28.15 -10.29 -35.15
CA ASN B 532 28.28 -11.73 -35.06
C ASN B 532 27.96 -12.21 -33.63
N LEU B 533 27.88 -13.52 -33.46
CA LEU B 533 27.52 -14.12 -32.19
C LEU B 533 28.75 -14.67 -31.49
N VAL B 534 28.76 -14.58 -30.16
CA VAL B 534 29.77 -15.21 -29.34
C VAL B 534 29.15 -16.40 -28.63
N LYS B 535 30.01 -17.31 -28.16
CA LYS B 535 29.54 -18.58 -27.62
C LYS B 535 30.17 -18.83 -26.26
N ASN B 536 29.38 -19.48 -25.39
CA ASN B 536 29.80 -20.05 -24.09
C ASN B 536 30.32 -18.97 -23.13
N LYS B 537 29.57 -17.89 -22.98
CA LYS B 537 29.98 -16.76 -22.17
C LYS B 537 28.74 -16.10 -21.59
N CYS B 538 28.88 -15.59 -20.36
CA CYS B 538 27.81 -14.83 -19.73
C CYS B 538 27.74 -13.49 -20.44
N VAL B 539 26.85 -13.38 -21.42
CA VAL B 539 26.82 -12.23 -22.31
C VAL B 539 25.36 -11.80 -22.49
N ASN B 540 25.16 -10.48 -22.55
CA ASN B 540 23.86 -9.94 -22.94
C ASN B 540 23.72 -10.05 -24.45
N PHE B 541 22.49 -10.12 -24.93
CA PHE B 541 22.27 -10.33 -26.36
C PHE B 541 21.09 -9.51 -26.82
N ASN B 542 21.09 -9.18 -28.11
CA ASN B 542 19.96 -8.50 -28.74
C ASN B 542 19.52 -9.37 -29.92
N PHE B 543 18.51 -10.21 -29.69
CA PHE B 543 17.92 -11.02 -30.76
C PHE B 543 16.80 -10.25 -31.44
N ASN B 544 15.99 -10.97 -32.22
CA ASN B 544 14.86 -10.41 -32.92
C ASN B 544 13.60 -10.25 -32.07
N GLY B 545 13.71 -9.47 -30.99
CA GLY B 545 12.57 -9.18 -30.14
C GLY B 545 12.80 -9.34 -28.65
N LEU B 546 13.69 -10.24 -28.26
CA LEU B 546 13.90 -10.57 -26.86
C LEU B 546 15.37 -10.37 -26.47
N THR B 547 15.58 -9.77 -25.30
CA THR B 547 16.91 -9.55 -24.74
C THR B 547 16.95 -10.11 -23.32
N GLY B 548 18.15 -10.54 -22.90
CA GLY B 548 18.30 -11.18 -21.60
C GLY B 548 19.76 -11.48 -21.33
N THR B 549 20.01 -12.01 -20.12
CA THR B 549 21.35 -12.29 -19.64
C THR B 549 21.52 -13.78 -19.37
N GLY B 550 22.55 -14.38 -19.95
CA GLY B 550 22.81 -15.80 -19.75
C GLY B 550 23.98 -16.27 -20.59
N VAL B 551 24.12 -17.58 -20.70
CA VAL B 551 25.18 -18.21 -21.48
C VAL B 551 24.55 -18.96 -22.65
N LEU B 552 24.94 -18.60 -23.85
CA LEU B 552 24.45 -19.25 -25.06
C LEU B 552 25.35 -20.44 -25.38
N THR B 553 24.75 -21.63 -25.41
CA THR B 553 25.49 -22.86 -25.64
C THR B 553 24.95 -23.55 -26.90
N GLU B 554 25.71 -24.54 -27.36
CA GLU B 554 25.21 -25.44 -28.39
C GLU B 554 24.09 -26.30 -27.84
N SER B 555 23.15 -26.67 -28.70
CA SER B 555 21.98 -27.42 -28.30
C SER B 555 22.06 -28.85 -28.83
N ASN B 556 21.16 -29.69 -28.32
CA ASN B 556 21.01 -31.06 -28.78
C ASN B 556 19.60 -31.38 -29.23
N LYS B 557 18.63 -30.51 -28.95
CA LYS B 557 17.25 -30.71 -29.36
C LYS B 557 17.05 -30.22 -30.80
N LYS B 558 15.80 -30.24 -31.25
CA LYS B 558 15.49 -29.85 -32.63
C LYS B 558 14.23 -28.97 -32.59
N PHE B 559 14.08 -28.13 -33.61
CA PHE B 559 12.87 -27.34 -33.77
C PHE B 559 12.13 -27.71 -35.04
N LEU B 560 10.80 -27.68 -34.95
CA LEU B 560 9.94 -27.53 -36.11
C LEU B 560 10.08 -26.11 -36.64
N PRO B 561 9.79 -25.87 -37.95
CA PRO B 561 10.05 -24.53 -38.50
C PRO B 561 9.12 -23.39 -38.10
N PHE B 562 8.27 -23.56 -37.08
CA PHE B 562 7.41 -22.45 -36.67
C PHE B 562 7.65 -21.92 -35.26
N GLN B 563 8.42 -22.62 -34.42
CA GLN B 563 8.73 -22.03 -33.12
C GLN B 563 9.78 -20.93 -33.26
N GLN B 564 9.53 -19.80 -32.60
CA GLN B 564 10.41 -18.66 -32.64
C GLN B 564 11.30 -18.54 -31.43
N PHE B 565 10.81 -18.85 -30.24
CA PHE B 565 11.66 -19.02 -29.07
C PHE B 565 11.07 -20.12 -28.20
N GLY B 566 11.69 -20.36 -27.05
CA GLY B 566 11.32 -21.47 -26.20
C GLY B 566 11.21 -21.05 -24.75
N ARG B 567 10.70 -21.97 -23.93
CA ARG B 567 10.47 -21.80 -22.49
C ARG B 567 10.30 -23.18 -21.85
N ASP B 568 10.63 -23.27 -20.56
CA ASP B 568 10.34 -24.49 -19.80
C ASP B 568 9.34 -24.22 -18.69
N ILE B 569 9.24 -25.18 -17.76
CA ILE B 569 8.39 -25.08 -16.58
C ILE B 569 8.80 -23.87 -15.71
N ALA B 570 7.80 -23.27 -15.04
CA ALA B 570 7.84 -22.07 -14.23
C ALA B 570 8.28 -20.84 -15.00
N ASP B 571 7.85 -20.71 -16.27
CA ASP B 571 8.00 -19.57 -17.23
C ASP B 571 9.40 -18.93 -17.25
N THR B 572 10.39 -19.77 -17.52
CA THR B 572 11.76 -19.34 -17.74
C THR B 572 12.22 -19.90 -19.08
N THR B 573 12.81 -19.04 -19.91
CA THR B 573 13.11 -19.39 -21.30
C THR B 573 14.28 -20.35 -21.40
N ASP B 574 14.34 -21.11 -22.49
CA ASP B 574 15.51 -21.97 -22.71
C ASP B 574 16.15 -21.82 -24.08
N ALA B 575 15.47 -21.29 -25.10
CA ALA B 575 16.06 -21.19 -26.42
C ALA B 575 15.48 -19.99 -27.17
N VAL B 576 16.36 -19.33 -27.93
CA VAL B 576 15.97 -18.25 -28.84
C VAL B 576 16.57 -18.59 -30.21
N ARG B 577 15.77 -18.41 -31.26
CA ARG B 577 16.21 -18.59 -32.65
C ARG B 577 17.18 -17.49 -33.07
N ASP B 578 18.33 -17.89 -33.62
CA ASP B 578 19.19 -16.97 -34.35
C ASP B 578 18.92 -17.07 -35.86
N PRO B 579 18.38 -16.02 -36.49
CA PRO B 579 17.82 -16.19 -37.84
C PRO B 579 18.80 -16.05 -38.99
N GLN B 580 20.11 -16.18 -38.77
CA GLN B 580 21.07 -16.03 -39.86
C GLN B 580 21.87 -17.29 -40.17
N THR B 581 22.33 -18.01 -39.15
CA THR B 581 23.24 -19.14 -39.35
C THR B 581 22.48 -20.46 -39.47
N LEU B 582 21.26 -20.53 -38.90
CA LEU B 582 20.40 -21.73 -38.79
C LEU B 582 21.12 -22.87 -38.05
N GLU B 583 21.55 -22.58 -36.83
CA GLU B 583 21.92 -23.59 -35.85
C GLU B 583 21.39 -23.18 -34.48
N ILE B 584 20.73 -24.12 -33.81
CA ILE B 584 19.89 -23.83 -32.65
C ILE B 584 20.78 -23.66 -31.43
N LEU B 585 20.60 -22.55 -30.71
CA LEU B 585 21.34 -22.27 -29.47
C LEU B 585 20.39 -22.27 -28.29
N ASP B 586 20.95 -22.42 -27.09
CA ASP B 586 20.19 -22.45 -25.85
C ASP B 586 20.55 -21.27 -24.96
N ILE B 587 20.00 -21.28 -23.73
CA ILE B 587 20.47 -20.41 -22.67
C ILE B 587 20.59 -21.21 -21.37
N THR B 588 21.69 -20.97 -20.65
CA THR B 588 21.91 -21.29 -19.25
C THR B 588 22.22 -19.96 -18.55
N PRO B 589 21.61 -19.67 -17.39
CA PRO B 589 21.92 -18.39 -16.73
C PRO B 589 23.31 -18.43 -16.13
N CYS B 590 24.06 -17.33 -16.32
CA CYS B 590 25.42 -17.30 -15.80
C CYS B 590 25.39 -17.16 -14.29
N SER B 591 26.42 -17.68 -13.65
CA SER B 591 26.33 -18.13 -12.28
C SER B 591 26.31 -16.98 -11.28
N PHE B 592 25.68 -17.25 -10.15
CA PHE B 592 25.58 -16.36 -9.01
C PHE B 592 25.58 -17.21 -7.76
N GLY B 593 25.60 -16.56 -6.60
CA GLY B 593 25.53 -17.29 -5.35
C GLY B 593 26.02 -16.45 -4.21
N GLY B 594 25.94 -17.02 -3.01
CA GLY B 594 26.42 -16.34 -1.83
C GLY B 594 27.86 -16.71 -1.51
N VAL B 595 28.50 -15.96 -0.63
CA VAL B 595 29.82 -16.30 -0.14
C VAL B 595 29.74 -16.56 1.35
N SER B 596 30.57 -17.47 1.83
CA SER B 596 30.66 -17.78 3.25
C SER B 596 32.12 -17.90 3.63
N VAL B 597 32.44 -17.42 4.84
CA VAL B 597 33.81 -17.34 5.30
C VAL B 597 33.97 -18.27 6.50
N ILE B 598 34.95 -19.17 6.42
CA ILE B 598 35.20 -20.16 7.45
C ILE B 598 36.38 -19.68 8.28
N THR B 599 36.16 -19.48 9.57
CA THR B 599 37.24 -19.05 10.45
C THR B 599 37.33 -19.99 11.65
N PRO B 600 38.53 -20.20 12.19
CA PRO B 600 38.67 -20.96 13.43
C PRO B 600 38.64 -20.13 14.71
N GLY B 601 38.33 -18.85 14.61
CA GLY B 601 38.38 -17.97 15.75
C GLY B 601 39.46 -16.93 15.62
N THR B 602 39.15 -15.68 16.02
CA THR B 602 40.16 -14.62 15.94
C THR B 602 41.23 -14.78 17.01
N ASN B 603 40.87 -15.41 18.14
CA ASN B 603 41.87 -15.69 19.17
C ASN B 603 42.77 -16.86 18.78
N THR B 604 42.34 -17.71 17.86
CA THR B 604 43.12 -18.88 17.45
C THR B 604 44.14 -18.51 16.38
N SER B 605 43.69 -17.96 15.27
CA SER B 605 44.59 -17.57 14.19
C SER B 605 43.98 -16.40 13.43
N ASN B 606 44.72 -15.90 12.45
CA ASN B 606 44.29 -14.78 11.64
C ASN B 606 43.77 -15.23 10.28
N GLN B 607 43.93 -16.50 9.92
CA GLN B 607 43.61 -17.02 8.60
C GLN B 607 42.14 -17.40 8.51
N VAL B 608 41.59 -17.24 7.31
CA VAL B 608 40.21 -17.61 7.00
C VAL B 608 40.18 -18.42 5.70
N ALA B 609 39.06 -19.10 5.48
CA ALA B 609 38.79 -19.80 4.24
C ALA B 609 37.43 -19.35 3.72
N VAL B 610 37.38 -19.02 2.44
CA VAL B 610 36.20 -18.40 1.83
C VAL B 610 35.53 -19.41 0.92
N LEU B 611 34.21 -19.51 1.02
CA LEU B 611 33.42 -20.50 0.28
C LEU B 611 32.56 -19.79 -0.75
N TYR B 612 32.96 -19.88 -2.01
CA TYR B 612 32.15 -19.39 -3.13
C TYR B 612 31.30 -20.57 -3.59
N GLN B 613 30.00 -20.52 -3.33
CA GLN B 613 29.19 -21.72 -3.46
C GLN B 613 28.69 -21.90 -4.90
N ASP B 614 28.46 -23.17 -5.24
CA ASP B 614 27.96 -23.76 -6.51
C ASP B 614 28.46 -23.08 -7.78
N VAL B 615 29.78 -22.95 -7.88
CA VAL B 615 30.44 -22.39 -9.06
C VAL B 615 31.54 -23.33 -9.54
N ASN B 616 31.92 -23.19 -10.80
CA ASN B 616 33.18 -23.76 -11.27
C ASN B 616 34.32 -22.99 -10.62
N CYS B 617 35.31 -23.72 -10.10
CA CYS B 617 36.35 -23.10 -9.31
C CYS B 617 37.56 -22.78 -10.18
N THR B 618 37.33 -22.05 -11.27
CA THR B 618 38.39 -21.57 -12.16
C THR B 618 38.22 -20.10 -12.52
N GLU B 619 37.00 -19.59 -12.48
CA GLU B 619 36.71 -18.23 -12.92
C GLU B 619 36.42 -17.28 -11.77
N VAL B 620 36.85 -17.62 -10.55
CA VAL B 620 36.70 -16.69 -9.41
C VAL B 620 37.53 -15.42 -9.47
N PRO B 621 38.67 -15.31 -10.19
CA PRO B 621 39.14 -13.94 -10.50
C PRO B 621 38.35 -13.23 -11.58
N VAL B 622 37.50 -13.93 -12.33
CA VAL B 622 36.71 -13.32 -13.39
C VAL B 622 35.35 -12.96 -12.77
N ALA B 623 34.97 -13.70 -11.73
CA ALA B 623 33.68 -13.51 -11.08
C ALA B 623 33.65 -12.21 -10.28
N ILE B 624 34.50 -12.10 -9.27
CA ILE B 624 34.66 -10.84 -8.57
C ILE B 624 35.74 -10.02 -9.27
N HIS B 625 35.74 -8.71 -9.03
CA HIS B 625 36.72 -7.83 -9.67
C HIS B 625 38.01 -7.89 -8.86
N ALA B 626 38.86 -8.86 -9.22
CA ALA B 626 40.14 -9.02 -8.54
C ALA B 626 41.13 -7.92 -8.91
N ASP B 627 40.99 -7.36 -10.12
CA ASP B 627 41.82 -6.23 -10.52
C ASP B 627 41.40 -4.92 -9.87
N GLN B 628 40.18 -4.84 -9.34
CA GLN B 628 39.70 -3.61 -8.72
C GLN B 628 39.78 -3.62 -7.20
N LEU B 629 39.84 -4.80 -6.59
CA LEU B 629 39.93 -4.88 -5.14
C LEU B 629 41.38 -4.82 -4.68
N THR B 630 41.57 -5.11 -3.39
CA THR B 630 42.87 -5.01 -2.75
C THR B 630 43.77 -6.17 -3.16
N PRO B 631 45.10 -5.99 -3.09
CA PRO B 631 46.01 -7.15 -3.21
C PRO B 631 45.86 -8.18 -2.09
N THR B 632 45.36 -7.80 -0.92
CA THR B 632 44.98 -8.76 0.11
C THR B 632 43.77 -9.60 -0.30
N TRP B 633 42.88 -9.04 -1.12
CA TRP B 633 41.78 -9.84 -1.69
C TRP B 633 42.25 -10.63 -2.90
N ARG B 634 43.31 -10.16 -3.57
CA ARG B 634 43.78 -10.80 -4.80
C ARG B 634 44.51 -12.11 -4.53
N VAL B 635 44.96 -12.34 -3.30
CA VAL B 635 45.58 -13.63 -2.96
C VAL B 635 44.56 -14.69 -2.59
N TYR B 636 43.29 -14.32 -2.45
CA TYR B 636 42.21 -15.27 -2.18
C TYR B 636 41.37 -15.55 -3.42
N SER B 637 41.95 -15.43 -4.62
CA SER B 637 41.28 -15.80 -5.86
C SER B 637 42.02 -16.89 -6.60
N THR B 638 43.33 -17.01 -6.41
CA THR B 638 44.14 -18.05 -7.04
C THR B 638 45.29 -18.37 -6.11
N GLY B 639 45.89 -19.53 -6.32
CA GLY B 639 47.00 -19.97 -5.51
C GLY B 639 47.19 -21.46 -5.63
N SER B 640 47.99 -22.00 -4.72
CA SER B 640 48.24 -23.45 -4.72
C SER B 640 47.05 -24.23 -4.18
N ASN B 641 46.35 -23.68 -3.18
CA ASN B 641 45.25 -24.37 -2.53
C ASN B 641 43.93 -23.96 -3.18
N VAL B 642 43.75 -24.35 -4.43
CA VAL B 642 42.49 -24.15 -5.14
C VAL B 642 41.75 -25.47 -5.13
N PHE B 643 40.56 -25.49 -4.52
CA PHE B 643 39.83 -26.73 -4.32
C PHE B 643 38.36 -26.56 -4.68
N GLN B 644 37.84 -27.50 -5.47
CA GLN B 644 36.45 -27.53 -5.88
C GLN B 644 35.78 -28.70 -5.18
N THR B 645 34.71 -28.42 -4.45
CA THR B 645 33.87 -29.45 -3.87
C THR B 645 32.48 -29.39 -4.44
N ARG B 646 31.61 -30.25 -3.90
CA ARG B 646 30.21 -30.29 -4.33
C ARG B 646 29.45 -29.05 -3.86
N ALA B 647 29.75 -28.55 -2.68
CA ALA B 647 29.08 -27.37 -2.14
C ALA B 647 29.60 -26.05 -2.73
N GLY B 648 30.72 -26.06 -3.42
CA GLY B 648 31.18 -24.84 -4.06
C GLY B 648 32.67 -24.87 -4.34
N CYS B 649 33.23 -23.68 -4.44
CA CYS B 649 34.66 -23.47 -4.66
C CYS B 649 35.25 -22.86 -3.39
N LEU B 650 36.29 -23.49 -2.87
CA LEU B 650 36.85 -23.14 -1.56
C LEU B 650 38.27 -22.62 -1.72
N ILE B 651 38.49 -21.37 -1.34
CA ILE B 651 39.82 -20.76 -1.31
C ILE B 651 40.26 -20.65 0.15
N GLY B 652 41.46 -21.10 0.44
CA GLY B 652 42.03 -20.97 1.76
C GLY B 652 42.16 -22.26 2.53
N ALA B 653 41.48 -23.33 2.09
CA ALA B 653 41.60 -24.63 2.72
C ALA B 653 42.12 -25.63 1.71
N GLU B 654 43.14 -26.38 2.11
CA GLU B 654 43.76 -27.38 1.26
C GLU B 654 43.23 -28.76 1.62
N HIS B 655 42.94 -29.54 0.59
CA HIS B 655 42.32 -30.85 0.78
C HIS B 655 43.34 -31.86 1.31
N VAL B 656 42.88 -32.69 2.24
CA VAL B 656 43.69 -33.77 2.79
C VAL B 656 43.00 -35.09 2.53
N ASN B 657 43.79 -36.13 2.27
CA ASN B 657 43.26 -37.48 2.08
C ASN B 657 42.75 -38.09 3.38
N ASN B 658 43.23 -37.64 4.53
CA ASN B 658 42.83 -38.18 5.82
C ASN B 658 41.42 -37.70 6.17
N SER B 659 40.78 -38.42 7.09
CA SER B 659 39.43 -38.10 7.53
C SER B 659 39.44 -37.84 9.03
N TYR B 660 38.79 -36.76 9.44
CA TYR B 660 38.78 -36.35 10.83
C TYR B 660 37.34 -36.09 11.26
N GLU B 661 37.16 -35.79 12.53
CA GLU B 661 35.85 -35.41 13.05
C GLU B 661 35.51 -33.99 12.61
N CYS B 662 34.21 -33.72 12.42
CA CYS B 662 33.76 -32.42 11.97
C CYS B 662 33.93 -31.36 13.06
N ASP B 663 34.49 -30.22 12.65
CA ASP B 663 34.64 -29.07 13.54
C ASP B 663 33.80 -27.93 13.01
N ILE B 664 34.02 -27.50 11.77
CA ILE B 664 33.27 -26.43 11.14
C ILE B 664 32.51 -27.03 9.97
N PRO B 665 31.18 -27.05 9.98
CA PRO B 665 30.42 -27.77 8.95
C PRO B 665 30.34 -26.98 7.65
N ILE B 666 30.66 -27.65 6.55
CA ILE B 666 30.58 -27.08 5.21
C ILE B 666 29.27 -27.46 4.53
N GLY B 667 29.00 -28.74 4.42
CA GLY B 667 27.89 -29.24 3.64
C GLY B 667 28.39 -30.24 2.62
N ALA B 668 27.48 -31.14 2.20
CA ALA B 668 27.71 -32.24 1.26
C ALA B 668 28.82 -33.18 1.71
N GLY B 669 28.91 -33.39 3.03
CA GLY B 669 29.76 -34.41 3.59
C GLY B 669 31.14 -33.98 4.05
N ILE B 670 31.55 -32.74 3.79
CA ILE B 670 32.88 -32.30 4.16
C ILE B 670 32.79 -31.26 5.27
N CYS B 671 33.90 -31.03 5.96
CA CYS B 671 34.03 -30.03 7.01
C CYS B 671 35.37 -29.33 6.91
N ALA B 672 35.68 -28.53 7.92
CA ALA B 672 36.91 -27.75 7.95
C ALA B 672 37.45 -27.72 9.37
N SER B 673 38.77 -27.53 9.49
CA SER B 673 39.44 -27.47 10.79
C SER B 673 40.69 -26.61 10.65
N TYR B 674 41.49 -26.62 11.71
CA TYR B 674 42.76 -25.89 11.77
C TYR B 674 43.81 -26.81 12.37
N GLN B 675 44.99 -26.89 11.75
CA GLN B 675 46.04 -27.79 12.18
C GLN B 675 47.39 -27.09 12.36
N THR B 676 47.41 -25.75 12.30
CA THR B 676 48.60 -24.87 12.35
C THR B 676 49.68 -25.23 11.33
N SER B 691 47.49 -24.09 9.15
CA SER B 691 46.72 -23.98 7.93
C SER B 691 45.32 -24.56 8.12
N ILE B 692 44.36 -24.04 7.34
CA ILE B 692 43.00 -24.55 7.32
C ILE B 692 42.97 -25.75 6.40
N ILE B 693 42.40 -26.86 6.87
CA ILE B 693 42.27 -28.06 6.05
C ILE B 693 40.79 -28.31 5.77
N ALA B 694 40.53 -29.04 4.69
CA ALA B 694 39.20 -29.47 4.33
C ALA B 694 39.23 -30.97 4.08
N TYR B 695 38.28 -31.70 4.65
CA TYR B 695 38.31 -33.15 4.65
C TYR B 695 36.89 -33.67 4.59
N THR B 696 36.71 -34.83 3.95
CA THR B 696 35.48 -35.59 4.04
C THR B 696 35.48 -36.25 5.41
N MET B 697 34.45 -35.96 6.21
CA MET B 697 34.51 -36.26 7.64
C MET B 697 34.31 -37.76 7.91
N SER B 698 34.75 -38.16 9.10
CA SER B 698 34.61 -39.54 9.56
C SER B 698 33.55 -39.59 10.64
N LEU B 699 32.70 -40.61 10.57
CA LEU B 699 31.54 -40.67 11.43
C LEU B 699 31.85 -41.22 12.82
N GLY B 700 32.90 -42.02 12.95
CA GLY B 700 33.25 -42.56 14.25
C GLY B 700 34.34 -43.60 14.13
N ALA B 701 34.64 -44.21 15.27
CA ALA B 701 35.70 -45.20 15.33
C ALA B 701 35.26 -46.52 14.71
N GLU B 702 36.14 -47.11 13.92
CA GLU B 702 35.91 -48.43 13.35
C GLU B 702 36.13 -49.51 14.39
N ASN B 703 35.16 -50.42 14.50
CA ASN B 703 35.35 -51.62 15.30
C ASN B 703 34.61 -52.78 14.68
N SER B 704 35.15 -53.98 14.89
CA SER B 704 34.42 -55.21 14.55
C SER B 704 34.15 -55.91 15.88
N VAL B 705 32.88 -56.05 16.22
CA VAL B 705 32.47 -56.69 17.46
C VAL B 705 32.72 -58.19 17.37
N ALA B 706 32.85 -58.84 18.52
CA ALA B 706 33.16 -60.27 18.58
C ALA B 706 31.87 -61.08 18.70
N TYR B 707 31.04 -60.95 17.66
CA TYR B 707 29.87 -61.81 17.54
C TYR B 707 30.29 -63.24 17.22
N SER B 708 29.58 -64.20 17.81
CA SER B 708 29.94 -65.60 17.62
C SER B 708 28.77 -66.52 17.90
N ASN B 709 29.00 -67.78 17.54
CA ASN B 709 28.42 -69.01 18.06
C ASN B 709 28.11 -69.00 19.55
N ASN B 710 29.10 -68.77 20.41
CA ASN B 710 28.88 -68.93 21.84
C ASN B 710 29.64 -67.90 22.65
N SER B 711 29.59 -66.62 22.29
CA SER B 711 30.38 -65.62 22.99
C SER B 711 29.51 -64.48 23.50
N ILE B 712 29.72 -64.11 24.76
CA ILE B 712 29.01 -63.02 25.42
C ILE B 712 30.04 -62.15 26.12
N ALA B 713 29.67 -60.89 26.40
CA ALA B 713 30.52 -59.96 27.10
C ALA B 713 29.74 -59.34 28.27
N ILE B 714 30.30 -59.45 29.47
CA ILE B 714 29.58 -59.05 30.69
C ILE B 714 30.52 -58.20 31.55
N PRO B 715 30.06 -57.02 32.01
CA PRO B 715 30.94 -56.10 32.76
C PRO B 715 31.31 -56.57 34.16
N THR B 716 32.48 -56.12 34.62
CA THR B 716 33.00 -56.41 35.95
C THR B 716 33.01 -55.18 36.88
N ASN B 717 33.13 -53.98 36.33
CA ASN B 717 32.68 -52.74 36.96
C ASN B 717 31.63 -52.01 36.13
N PHE B 718 31.41 -50.76 36.55
CA PHE B 718 30.52 -49.79 35.96
C PHE B 718 31.13 -48.41 36.19
N THR B 719 30.71 -47.44 35.39
CA THR B 719 31.03 -46.05 35.67
C THR B 719 29.73 -45.31 35.91
N ILE B 720 29.68 -44.56 37.01
CA ILE B 720 28.51 -43.75 37.33
C ILE B 720 28.81 -42.35 36.84
N SER B 721 28.01 -41.88 35.89
CA SER B 721 28.25 -40.61 35.21
C SER B 721 27.06 -39.69 35.41
N VAL B 722 27.37 -38.44 35.74
CA VAL B 722 26.36 -37.40 35.89
C VAL B 722 26.42 -36.51 34.65
N THR B 723 25.29 -36.38 33.97
CA THR B 723 25.24 -35.72 32.67
C THR B 723 24.31 -34.52 32.77
N THR B 724 24.84 -33.34 32.46
CA THR B 724 24.02 -32.13 32.41
C THR B 724 23.13 -32.15 31.16
N GLU B 725 21.94 -31.59 31.31
CA GLU B 725 21.02 -31.44 30.20
C GLU B 725 20.28 -30.13 30.36
N ILE B 726 20.38 -29.28 29.33
CA ILE B 726 19.88 -27.91 29.39
C ILE B 726 18.61 -27.84 28.56
N LEU B 727 17.55 -27.30 29.15
CA LEU B 727 16.29 -27.11 28.45
C LEU B 727 15.71 -25.76 28.86
N PRO B 728 15.48 -24.85 27.91
CA PRO B 728 14.82 -23.59 28.25
C PRO B 728 13.33 -23.79 28.50
N VAL B 729 12.83 -23.19 29.56
CA VAL B 729 11.42 -23.32 29.92
C VAL B 729 10.67 -22.01 29.76
N SER B 730 11.35 -20.89 29.66
CA SER B 730 10.69 -19.59 29.65
C SER B 730 11.53 -18.62 28.85
N MET B 731 10.92 -17.49 28.50
CA MET B 731 11.62 -16.39 27.86
C MET B 731 11.05 -15.09 28.42
N THR B 732 11.52 -13.97 27.85
CA THR B 732 11.14 -12.66 28.36
C THR B 732 9.69 -12.34 28.00
N LYS B 733 9.03 -11.61 28.90
CA LYS B 733 7.63 -11.27 28.75
C LYS B 733 7.56 -9.84 28.23
N THR B 734 7.23 -9.68 26.95
CA THR B 734 7.32 -8.39 26.29
C THR B 734 6.01 -8.06 25.60
N SER B 735 5.47 -6.88 25.92
CA SER B 735 4.30 -6.34 25.25
C SER B 735 4.61 -4.94 24.75
N VAL B 736 4.16 -4.63 23.54
CA VAL B 736 4.37 -3.30 22.95
C VAL B 736 3.02 -2.67 22.66
N ASP B 737 2.91 -1.36 22.85
CA ASP B 737 1.67 -0.64 22.55
C ASP B 737 1.76 -0.06 21.14
N CYS B 738 0.73 -0.32 20.34
CA CYS B 738 0.80 -0.04 18.90
C CYS B 738 0.69 1.44 18.61
N THR B 739 -0.14 2.16 19.38
CA THR B 739 -0.38 3.58 19.12
C THR B 739 0.87 4.43 19.39
N MET B 740 1.55 4.15 20.49
CA MET B 740 2.75 4.92 20.80
C MET B 740 3.99 4.27 20.21
N TYR B 741 3.88 3.06 19.65
CA TYR B 741 4.94 2.57 18.78
C TYR B 741 4.86 3.20 17.39
N ILE B 742 3.64 3.38 16.87
CA ILE B 742 3.50 3.75 15.47
C ILE B 742 3.36 5.25 15.29
N CYS B 743 2.39 5.87 15.97
CA CYS B 743 2.21 7.32 15.83
C CYS B 743 3.25 8.11 16.62
N GLY B 744 3.20 8.04 17.94
CA GLY B 744 3.93 9.00 18.73
C GLY B 744 3.21 10.33 18.80
N ASP B 745 1.98 10.29 19.33
CA ASP B 745 1.04 11.41 19.58
C ASP B 745 0.89 12.39 18.42
N SER B 746 0.34 11.90 17.31
CA SER B 746 -0.07 12.77 16.22
C SER B 746 -1.55 12.54 15.92
N THR B 747 -2.29 13.65 15.74
CA THR B 747 -3.75 13.60 15.70
C THR B 747 -4.26 12.98 14.41
N GLU B 748 -3.69 13.37 13.27
CA GLU B 748 -4.12 12.77 12.01
C GLU B 748 -3.54 11.36 11.85
N CYS B 749 -2.46 11.05 12.58
CA CYS B 749 -1.98 9.67 12.62
C CYS B 749 -2.97 8.76 13.35
N SER B 750 -3.50 9.24 14.48
CA SER B 750 -4.53 8.48 15.20
C SER B 750 -5.82 8.41 14.41
N ASN B 751 -6.14 9.48 13.68
CA ASN B 751 -7.33 9.51 12.81
C ASN B 751 -7.21 8.53 11.66
N LEU B 752 -6.03 8.44 11.03
CA LEU B 752 -5.87 7.49 9.93
C LEU B 752 -5.59 6.08 10.45
N LEU B 753 -5.21 5.94 11.73
CA LEU B 753 -4.98 4.62 12.27
C LEU B 753 -6.26 4.00 12.81
N LEU B 754 -7.26 4.83 13.13
CA LEU B 754 -8.54 4.28 13.58
C LEU B 754 -9.33 3.65 12.44
N GLN B 755 -9.02 4.00 11.18
CA GLN B 755 -9.61 3.29 10.05
C GLN B 755 -8.99 1.93 9.79
N TYR B 756 -7.89 1.56 10.46
CA TYR B 756 -7.34 0.22 10.30
C TYR B 756 -7.99 -0.82 11.19
N GLY B 757 -8.95 -0.42 12.01
CA GLY B 757 -9.77 -1.38 12.73
C GLY B 757 -9.09 -1.87 14.00
N SER B 758 -9.00 -3.20 14.14
CA SER B 758 -8.52 -3.82 15.37
C SER B 758 -7.37 -4.76 15.08
N PHE B 759 -6.36 -4.28 14.34
CA PHE B 759 -5.11 -5.02 14.30
C PHE B 759 -4.39 -4.93 15.64
N CYS B 760 -4.50 -3.78 16.31
CA CYS B 760 -3.77 -3.53 17.54
C CYS B 760 -4.29 -4.40 18.68
N THR B 761 -5.61 -4.62 18.73
CA THR B 761 -6.21 -5.45 19.76
C THR B 761 -5.79 -6.90 19.63
N GLN B 762 -5.73 -7.42 18.40
CA GLN B 762 -5.31 -8.81 18.23
C GLN B 762 -3.80 -8.97 18.35
N LEU B 763 -3.00 -7.93 18.05
CA LEU B 763 -1.56 -8.02 18.33
C LEU B 763 -1.27 -7.98 19.83
N ASN B 764 -1.99 -7.13 20.58
CA ASN B 764 -1.81 -7.09 22.03
C ASN B 764 -2.34 -8.36 22.69
N ARG B 765 -3.42 -8.93 22.14
CA ARG B 765 -3.97 -10.19 22.61
C ARG B 765 -3.01 -11.35 22.33
N ALA B 766 -2.35 -11.33 21.17
CA ALA B 766 -1.35 -12.35 20.87
C ALA B 766 -0.12 -12.19 21.74
N LEU B 767 0.24 -10.95 22.09
CA LEU B 767 1.43 -10.73 22.90
C LEU B 767 1.22 -11.05 24.37
N THR B 768 0.04 -10.75 24.95
CA THR B 768 -0.13 -11.04 26.37
C THR B 768 -0.44 -12.53 26.60
N GLY B 769 -0.94 -13.22 25.56
CA GLY B 769 -1.16 -14.65 25.67
C GLY B 769 0.14 -15.42 25.70
N ILE B 770 1.17 -14.88 25.04
CA ILE B 770 2.53 -15.40 25.16
C ILE B 770 3.03 -15.31 26.59
N ALA B 771 2.82 -14.16 27.26
CA ALA B 771 3.33 -13.94 28.61
C ALA B 771 2.62 -14.81 29.65
N VAL B 772 1.30 -14.96 29.50
CA VAL B 772 0.52 -15.91 30.31
C VAL B 772 0.97 -17.34 30.05
N GLU B 773 1.31 -17.66 28.79
CA GLU B 773 1.83 -18.98 28.45
C GLU B 773 3.21 -19.22 29.04
N GLN B 774 4.04 -18.18 29.19
CA GLN B 774 5.38 -18.38 29.72
C GLN B 774 5.34 -18.60 31.22
N ASP B 775 4.43 -17.87 31.90
CA ASP B 775 4.20 -18.13 33.33
C ASP B 775 3.60 -19.50 33.56
N LYS B 776 2.72 -19.95 32.67
CA LYS B 776 2.14 -21.29 32.77
C LYS B 776 3.20 -22.36 32.50
N ASN B 777 4.15 -22.07 31.60
CA ASN B 777 5.25 -22.99 31.32
C ASN B 777 6.16 -23.16 32.53
N THR B 778 6.51 -22.04 33.17
CA THR B 778 7.39 -22.08 34.35
C THR B 778 6.69 -22.76 35.53
N GLN B 779 5.38 -22.51 35.70
CA GLN B 779 4.59 -23.18 36.74
C GLN B 779 4.47 -24.68 36.46
N GLU B 780 4.28 -25.06 35.20
CA GLU B 780 4.14 -26.47 34.82
C GLU B 780 5.44 -27.24 35.01
N VAL B 781 6.58 -26.60 34.76
CA VAL B 781 7.85 -27.29 34.94
C VAL B 781 8.20 -27.40 36.41
N PHE B 782 8.24 -26.27 37.12
CA PHE B 782 8.81 -26.28 38.47
C PHE B 782 7.81 -26.60 39.56
N ALA B 783 6.55 -26.16 39.44
CA ALA B 783 5.57 -26.38 40.51
C ALA B 783 4.96 -27.77 40.35
N GLN B 784 5.72 -28.77 40.78
CA GLN B 784 5.26 -30.15 40.77
C GLN B 784 5.35 -30.80 42.13
N VAL B 785 5.52 -30.02 43.18
CA VAL B 785 5.49 -30.52 44.56
C VAL B 785 4.33 -29.85 45.28
N LYS B 786 3.62 -30.64 46.10
CA LYS B 786 2.52 -30.09 46.88
C LYS B 786 3.03 -29.38 48.13
N GLN B 787 4.12 -29.87 48.70
CA GLN B 787 4.74 -29.32 49.90
C GLN B 787 6.17 -28.93 49.59
N ILE B 788 6.73 -28.05 50.41
CA ILE B 788 8.12 -27.62 50.27
C ILE B 788 8.93 -28.49 51.22
N TYR B 789 9.65 -29.45 50.67
CA TYR B 789 10.46 -30.35 51.47
C TYR B 789 11.82 -29.74 51.76
N LYS B 790 12.29 -29.92 52.98
CA LYS B 790 13.63 -29.51 53.37
C LYS B 790 14.40 -30.72 53.89
N THR B 791 15.69 -30.67 53.70
CA THR B 791 16.70 -31.62 54.12
C THR B 791 16.87 -31.57 55.64
N PRO B 792 17.31 -32.67 56.26
CA PRO B 792 17.66 -32.61 57.67
C PRO B 792 18.90 -31.77 57.89
N PRO B 793 19.06 -31.16 59.08
CA PRO B 793 20.23 -30.32 59.34
C PRO B 793 21.54 -31.09 59.42
N ILE B 794 21.49 -32.37 59.81
CA ILE B 794 22.64 -33.25 59.67
C ILE B 794 22.46 -34.04 58.38
N LYS B 795 23.54 -34.17 57.62
CA LYS B 795 23.48 -34.70 56.26
C LYS B 795 24.39 -35.93 56.20
N ASP B 796 23.79 -37.10 56.38
CA ASP B 796 24.48 -38.38 56.30
C ASP B 796 23.66 -39.24 55.34
N PHE B 797 24.01 -39.18 54.05
CA PHE B 797 23.25 -39.86 53.01
C PHE B 797 24.00 -41.07 52.46
N GLY B 798 24.69 -41.79 53.33
CA GLY B 798 25.42 -42.98 52.92
C GLY B 798 26.75 -42.72 52.28
N GLY B 799 27.34 -41.54 52.46
CA GLY B 799 28.61 -41.18 51.87
C GLY B 799 28.48 -40.25 50.68
N PHE B 800 27.26 -40.06 50.19
CA PHE B 800 27.04 -39.23 49.01
C PHE B 800 27.07 -37.76 49.41
N ASN B 801 27.70 -36.95 48.56
CA ASN B 801 27.90 -35.51 48.80
C ASN B 801 26.92 -34.75 47.93
N PHE B 802 26.02 -34.00 48.56
CA PHE B 802 25.07 -33.16 47.84
C PHE B 802 25.29 -31.68 48.12
N SER B 803 26.47 -31.33 48.63
CA SER B 803 26.73 -29.94 49.03
C SER B 803 26.90 -29.01 47.83
N GLN B 804 27.21 -29.58 46.66
CA GLN B 804 27.26 -28.80 45.43
C GLN B 804 25.89 -28.47 44.87
N ILE B 805 24.84 -29.20 45.29
CA ILE B 805 23.51 -28.98 44.74
C ILE B 805 22.48 -28.60 45.80
N LEU B 806 22.72 -28.88 47.07
CA LEU B 806 21.83 -28.39 48.11
C LEU B 806 22.03 -26.89 48.28
N PRO B 807 20.98 -26.14 48.64
CA PRO B 807 21.10 -24.67 48.68
C PRO B 807 21.98 -24.18 49.83
N ASP B 808 22.65 -23.06 49.57
CA ASP B 808 23.60 -22.47 50.51
C ASP B 808 22.91 -21.38 51.28
N PRO B 809 22.78 -21.48 52.62
CA PRO B 809 22.13 -20.41 53.37
C PRO B 809 23.01 -19.18 53.58
N SER B 810 24.30 -19.26 53.25
CA SER B 810 25.19 -18.11 53.39
C SER B 810 24.89 -17.06 52.32
N LYS B 811 24.50 -17.50 51.13
CA LYS B 811 24.15 -16.57 50.07
C LYS B 811 22.79 -15.94 50.33
N PRO B 812 22.60 -14.65 49.98
CA PRO B 812 21.28 -14.03 50.13
C PRO B 812 20.33 -14.41 49.00
N SER B 813 20.88 -14.97 47.92
CA SER B 813 20.06 -15.45 46.81
C SER B 813 19.41 -16.81 47.12
N LYS B 814 19.90 -17.51 48.14
CA LYS B 814 19.42 -18.81 48.63
C LYS B 814 19.46 -19.88 47.54
N ARG B 815 20.53 -19.87 46.75
CA ARG B 815 20.73 -20.80 45.66
C ARG B 815 21.88 -21.74 45.99
N SER B 816 22.00 -22.81 45.22
CA SER B 816 23.10 -23.73 45.40
C SER B 816 24.35 -23.23 44.70
N PHE B 817 25.44 -23.99 44.85
CA PHE B 817 26.71 -23.58 44.28
C PHE B 817 26.73 -23.78 42.77
N ILE B 818 26.11 -24.86 42.28
CA ILE B 818 25.99 -25.08 40.84
C ILE B 818 25.03 -24.08 40.22
N GLU B 819 23.94 -23.75 40.93
CA GLU B 819 22.98 -22.76 40.45
C GLU B 819 23.57 -21.35 40.42
N ASP B 820 24.48 -21.05 41.36
CA ASP B 820 25.20 -19.77 41.33
C ASP B 820 26.13 -19.69 40.12
N LEU B 821 26.78 -20.79 39.76
CA LEU B 821 27.58 -20.82 38.53
C LEU B 821 26.72 -20.71 37.27
N LEU B 822 25.50 -21.25 37.31
CA LEU B 822 24.60 -21.13 36.15
C LEU B 822 24.10 -19.69 35.96
N PHE B 823 23.70 -19.03 37.06
CA PHE B 823 23.29 -17.63 36.97
C PHE B 823 24.44 -16.69 36.70
N ASN B 824 25.66 -17.05 37.10
CA ASN B 824 26.81 -16.23 36.73
C ASN B 824 27.22 -16.47 35.28
N LYS B 825 27.00 -17.70 34.78
CA LYS B 825 27.38 -18.02 33.41
C LYS B 825 26.43 -17.41 32.38
N VAL B 826 25.12 -17.46 32.62
CA VAL B 826 24.19 -16.87 31.67
C VAL B 826 24.07 -15.38 31.94
N THR B 827 24.72 -14.57 31.10
CA THR B 827 24.68 -13.12 31.20
C THR B 827 24.50 -12.54 29.80
N LEU B 828 23.92 -11.34 29.73
CA LEU B 828 23.72 -10.67 28.45
C LEU B 828 24.95 -9.82 28.15
N ALA B 852 16.14 -3.74 25.75
CA ALA B 852 16.62 -3.70 27.13
C ALA B 852 16.33 -2.33 27.75
N GLN B 853 15.58 -1.51 27.03
CA GLN B 853 15.20 -0.18 27.49
C GLN B 853 13.68 -0.05 27.40
N LYS B 854 13.18 1.16 27.60
CA LYS B 854 11.76 1.45 27.48
C LYS B 854 11.56 2.69 26.62
N PHE B 855 11.37 2.48 25.33
CA PHE B 855 11.13 3.58 24.41
C PHE B 855 10.24 3.05 23.28
N ASN B 856 9.38 3.95 22.77
CA ASN B 856 8.34 3.72 21.76
C ASN B 856 7.38 2.60 22.13
N GLY B 857 6.90 2.55 23.37
CA GLY B 857 5.90 1.59 23.76
C GLY B 857 6.41 0.25 24.20
N LEU B 858 7.71 0.03 24.19
CA LEU B 858 8.29 -1.25 24.50
C LEU B 858 8.46 -1.38 26.01
N THR B 859 7.74 -2.33 26.60
CA THR B 859 7.89 -2.60 28.02
C THR B 859 8.13 -4.09 28.20
N VAL B 860 8.90 -4.42 29.23
CA VAL B 860 9.21 -5.81 29.57
C VAL B 860 8.49 -6.12 30.86
N LEU B 861 7.68 -7.11 30.83
CA LEU B 861 6.87 -7.53 31.95
C LEU B 861 7.65 -8.49 32.83
N PRO B 862 7.58 -8.37 34.15
CA PRO B 862 8.36 -9.26 35.01
C PRO B 862 7.74 -10.64 35.10
N PRO B 863 8.53 -11.68 35.31
CA PRO B 863 7.96 -13.01 35.54
C PRO B 863 7.26 -13.08 36.89
N LEU B 864 6.25 -13.96 36.94
CA LEU B 864 5.51 -14.15 38.18
C LEU B 864 6.33 -14.89 39.24
N LEU B 865 6.96 -15.99 38.87
CA LEU B 865 7.79 -16.76 39.79
C LEU B 865 9.21 -16.26 39.71
N THR B 866 9.67 -15.60 40.77
CA THR B 866 11.02 -15.07 40.81
C THR B 866 12.03 -16.18 41.09
N ASP B 867 13.31 -15.84 40.97
CA ASP B 867 14.39 -16.83 40.97
C ASP B 867 14.58 -17.47 42.35
N GLU B 868 14.26 -16.74 43.42
CA GLU B 868 14.28 -17.34 44.76
C GLU B 868 13.20 -18.41 44.90
N MET B 869 12.03 -18.18 44.30
CA MET B 869 10.96 -19.16 44.37
C MET B 869 11.23 -20.35 43.45
N ILE B 870 11.90 -20.11 42.32
CA ILE B 870 12.30 -21.21 41.44
C ILE B 870 13.38 -22.06 42.12
N ALA B 871 14.31 -21.41 42.82
CA ALA B 871 15.31 -22.13 43.59
C ALA B 871 14.70 -22.87 44.78
N GLN B 872 13.60 -22.33 45.33
CA GLN B 872 12.92 -23.01 46.42
C GLN B 872 12.15 -24.24 45.94
N TYR B 873 11.53 -24.15 44.75
CA TYR B 873 10.95 -25.34 44.10
C TYR B 873 11.98 -26.41 43.79
N THR B 874 13.15 -26.01 43.25
CA THR B 874 14.18 -27.00 42.98
C THR B 874 14.80 -27.56 44.26
N SER B 875 14.89 -26.77 45.33
CA SER B 875 15.38 -27.28 46.60
C SER B 875 14.39 -28.23 47.24
N ALA B 876 13.08 -27.97 47.07
CA ALA B 876 12.06 -28.91 47.53
C ALA B 876 12.09 -30.21 46.73
N LEU B 877 12.34 -30.12 45.42
CA LEU B 877 12.47 -31.31 44.59
C LEU B 877 13.70 -32.14 44.96
N LEU B 878 14.83 -31.47 45.25
CA LEU B 878 16.03 -32.18 45.69
C LEU B 878 15.86 -32.82 47.06
N ALA B 879 15.21 -32.13 48.00
CA ALA B 879 14.99 -32.70 49.32
C ALA B 879 14.02 -33.86 49.27
N GLY B 880 13.02 -33.79 48.38
CA GLY B 880 12.14 -34.92 48.17
C GLY B 880 12.83 -36.12 47.54
N THR B 881 13.59 -35.90 46.46
CA THR B 881 14.20 -37.02 45.76
C THR B 881 15.44 -37.55 46.48
N ILE B 882 15.96 -36.84 47.48
CA ILE B 882 17.05 -37.38 48.27
C ILE B 882 16.51 -38.09 49.51
N THR B 883 15.60 -37.46 50.25
CA THR B 883 15.18 -38.04 51.53
C THR B 883 13.93 -38.90 51.42
N SER B 884 13.34 -39.08 50.24
CA SER B 884 12.12 -39.87 50.17
C SER B 884 12.02 -40.77 48.94
N GLY B 885 13.03 -40.79 48.06
CA GLY B 885 12.94 -41.63 46.88
C GLY B 885 12.01 -41.02 45.83
N TRP B 886 11.23 -41.89 45.19
CA TRP B 886 10.20 -41.44 44.28
C TRP B 886 8.82 -41.43 44.92
N THR B 887 8.73 -41.64 46.23
CA THR B 887 7.45 -41.77 46.88
C THR B 887 6.76 -40.42 47.08
N PHE B 888 7.52 -39.33 47.03
CA PHE B 888 6.91 -38.01 47.13
C PHE B 888 6.27 -37.57 45.82
N GLY B 889 6.60 -38.21 44.72
CA GLY B 889 5.94 -37.96 43.45
C GLY B 889 4.63 -38.69 43.26
N ALA B 890 4.28 -39.58 44.19
CA ALA B 890 3.05 -40.36 44.11
C ALA B 890 2.03 -39.96 45.16
N GLY B 891 2.44 -39.79 46.41
CA GLY B 891 1.54 -39.40 47.47
C GLY B 891 2.27 -38.59 48.49
N ALA B 892 2.11 -38.96 49.77
CA ALA B 892 2.91 -38.36 50.82
C ALA B 892 4.36 -38.84 50.71
N ALA B 893 5.28 -38.01 51.18
CA ALA B 893 6.69 -38.35 51.13
C ALA B 893 7.00 -39.39 52.21
N LEU B 894 7.38 -40.58 51.76
CA LEU B 894 7.76 -41.67 52.64
C LEU B 894 9.27 -41.73 52.68
N GLN B 895 9.84 -41.55 53.86
CA GLN B 895 11.29 -41.47 53.98
C GLN B 895 11.92 -42.85 53.84
N ILE B 896 13.14 -42.86 53.34
CA ILE B 896 13.94 -44.06 53.14
C ILE B 896 15.39 -43.58 53.20
N PRO B 897 16.32 -44.35 53.76
CA PRO B 897 17.73 -43.98 53.65
C PRO B 897 18.21 -44.05 52.20
N PHE B 898 19.20 -43.20 51.89
CA PHE B 898 19.65 -43.04 50.51
C PHE B 898 20.41 -44.26 50.03
N ALA B 899 21.03 -45.00 50.94
CA ALA B 899 21.71 -46.24 50.59
C ALA B 899 20.71 -47.34 50.26
N MET B 900 19.45 -47.20 50.68
CA MET B 900 18.46 -48.19 50.25
C MET B 900 17.68 -47.68 49.04
N GLN B 901 17.57 -46.35 48.88
CA GLN B 901 16.97 -45.78 47.69
C GLN B 901 17.80 -46.07 46.44
N MET B 902 19.13 -46.01 46.56
CA MET B 902 19.99 -46.35 45.44
C MET B 902 19.98 -47.85 45.14
N ALA B 903 19.69 -48.68 46.13
CA ALA B 903 19.54 -50.11 45.86
C ALA B 903 18.22 -50.42 45.18
N TYR B 904 17.17 -49.66 45.51
CA TYR B 904 15.91 -49.71 44.76
C TYR B 904 16.12 -49.30 43.31
N ARG B 905 16.93 -48.28 43.09
CA ARG B 905 17.17 -47.80 41.73
C ARG B 905 18.17 -48.67 40.98
N PHE B 906 18.98 -49.45 41.69
CA PHE B 906 19.73 -50.53 41.03
C PHE B 906 18.83 -51.69 40.69
N ASN B 907 17.81 -51.96 41.51
CA ASN B 907 16.84 -52.99 41.17
C ASN B 907 15.96 -52.57 39.99
N GLY B 908 15.81 -51.27 39.78
CA GLY B 908 15.06 -50.79 38.63
C GLY B 908 15.75 -50.99 37.29
N ILE B 909 17.07 -51.11 37.28
CA ILE B 909 17.82 -51.29 36.04
C ILE B 909 18.25 -52.73 35.82
N GLY B 910 17.80 -53.65 36.65
CA GLY B 910 18.02 -55.05 36.40
C GLY B 910 19.28 -55.65 36.98
N VAL B 911 19.94 -54.96 37.90
CA VAL B 911 21.09 -55.50 38.61
C VAL B 911 20.66 -55.67 40.07
N THR B 912 21.36 -56.54 40.80
CA THR B 912 20.88 -56.92 42.12
C THR B 912 21.20 -55.83 43.16
N GLN B 913 20.73 -56.06 44.38
CA GLN B 913 20.89 -55.07 45.44
C GLN B 913 22.30 -55.06 46.00
N ASN B 914 22.98 -56.20 45.98
CA ASN B 914 24.24 -56.33 46.72
C ASN B 914 25.41 -55.71 45.98
N VAL B 915 25.24 -55.34 44.71
CA VAL B 915 26.34 -54.71 43.98
C VAL B 915 26.50 -53.24 44.38
N LEU B 916 25.49 -52.67 45.02
CA LEU B 916 25.65 -51.40 45.74
C LEU B 916 26.20 -51.61 47.14
N TYR B 917 25.64 -52.57 47.89
CA TYR B 917 25.97 -52.73 49.29
C TYR B 917 27.37 -53.26 49.52
N GLU B 918 27.93 -53.95 48.53
CA GLU B 918 29.33 -54.32 48.58
C GLU B 918 30.24 -53.25 47.99
N ASN B 919 29.68 -52.18 47.42
CA ASN B 919 30.46 -51.14 46.76
C ASN B 919 29.97 -49.73 47.08
N GLN B 920 29.51 -49.45 48.31
CA GLN B 920 28.93 -48.15 48.65
C GLN B 920 29.96 -47.04 48.63
N LYS B 921 31.16 -47.31 49.14
CA LYS B 921 32.20 -46.28 49.21
C LYS B 921 32.74 -45.97 47.81
N LEU B 922 32.87 -46.99 46.97
CA LEU B 922 33.30 -46.81 45.58
C LEU B 922 32.26 -46.05 44.77
N ILE B 923 30.98 -46.39 44.97
CA ILE B 923 29.88 -45.74 44.25
C ILE B 923 29.71 -44.29 44.70
N ALA B 924 29.88 -44.04 46.01
CA ALA B 924 29.84 -42.69 46.53
C ALA B 924 31.02 -41.86 46.05
N ASN B 925 32.21 -42.48 45.93
CA ASN B 925 33.38 -41.77 45.42
C ASN B 925 33.24 -41.43 43.94
N GLN B 926 32.65 -42.35 43.16
CA GLN B 926 32.37 -42.08 41.75
C GLN B 926 31.33 -40.98 41.57
N PHE B 927 30.31 -40.97 42.44
CA PHE B 927 29.29 -39.92 42.42
C PHE B 927 29.88 -38.55 42.79
N ASN B 928 30.73 -38.53 43.82
CA ASN B 928 31.31 -37.25 44.26
C ASN B 928 32.31 -36.72 43.25
N SER B 929 33.04 -37.62 42.59
CA SER B 929 33.97 -37.20 41.53
C SER B 929 33.22 -36.69 40.30
N ALA B 930 32.10 -37.33 39.94
CA ALA B 930 31.30 -36.85 38.81
C ALA B 930 30.63 -35.53 39.09
N ILE B 931 30.07 -35.37 40.30
CA ILE B 931 29.44 -34.12 40.73
C ILE B 931 30.46 -32.99 40.83
N GLY B 932 31.68 -33.32 41.25
CA GLY B 932 32.76 -32.34 41.22
C GLY B 932 33.23 -31.99 39.82
N LYS B 933 33.07 -32.93 38.88
CA LYS B 933 33.40 -32.63 37.49
C LYS B 933 32.34 -31.77 36.82
N ILE B 934 31.11 -31.75 37.36
CA ILE B 934 30.02 -30.95 36.78
C ILE B 934 30.33 -29.45 36.82
N GLN B 935 30.76 -28.93 37.98
CA GLN B 935 30.99 -27.48 38.07
C GLN B 935 32.29 -27.09 37.37
N ASP B 936 33.22 -28.04 37.23
CA ASP B 936 34.42 -27.78 36.43
C ASP B 936 34.10 -27.70 34.95
N SER B 937 33.21 -28.59 34.47
CA SER B 937 32.77 -28.53 33.08
C SER B 937 31.88 -27.33 32.80
N LEU B 938 31.15 -26.84 33.80
CA LEU B 938 30.40 -25.60 33.65
C LEU B 938 31.26 -24.36 33.69
N SER B 939 32.27 -24.31 34.57
CA SER B 939 33.08 -23.12 34.73
C SER B 939 34.25 -23.03 33.75
N SER B 940 34.60 -24.14 33.08
CA SER B 940 35.71 -24.08 32.12
C SER B 940 35.22 -24.03 30.68
N THR B 941 33.91 -23.95 30.46
CA THR B 941 33.34 -23.90 29.12
C THR B 941 32.37 -22.73 29.03
N ALA B 942 32.66 -21.79 28.11
CA ALA B 942 31.80 -20.64 27.92
C ALA B 942 30.61 -20.91 27.00
N SER B 943 30.59 -22.05 26.32
CA SER B 943 29.52 -22.40 25.40
C SER B 943 28.68 -23.57 25.90
N ALA B 944 28.70 -23.82 27.21
CA ALA B 944 27.91 -24.92 27.76
C ALA B 944 26.43 -24.57 27.82
N LEU B 945 26.12 -23.29 28.05
CA LEU B 945 24.75 -22.84 28.24
C LEU B 945 24.18 -22.17 26.99
N GLY B 946 24.54 -22.70 25.80
CA GLY B 946 24.15 -22.05 24.56
C GLY B 946 22.68 -22.23 24.24
N LYS B 947 22.06 -23.28 24.79
CA LYS B 947 20.62 -23.49 24.58
C LYS B 947 19.80 -22.43 25.31
N LEU B 948 20.27 -21.99 26.47
CA LEU B 948 19.64 -20.84 27.11
C LEU B 948 20.05 -19.53 26.45
N GLN B 949 21.30 -19.45 25.98
CA GLN B 949 21.80 -18.17 25.49
C GLN B 949 21.23 -17.81 24.13
N ASP B 950 20.86 -18.82 23.32
CA ASP B 950 20.30 -18.56 21.99
C ASP B 950 18.90 -17.97 22.08
N VAL B 951 18.15 -18.30 23.14
CA VAL B 951 16.81 -17.73 23.31
C VAL B 951 16.90 -16.25 23.65
N VAL B 952 17.81 -15.90 24.57
CA VAL B 952 18.01 -14.50 24.96
C VAL B 952 18.60 -13.70 23.81
N ASN B 953 19.46 -14.32 23.01
CA ASN B 953 20.02 -13.64 21.84
C ASN B 953 18.97 -13.47 20.73
N GLN B 954 18.07 -14.44 20.56
CA GLN B 954 17.03 -14.33 19.55
C GLN B 954 16.00 -13.27 19.92
N ASN B 955 15.66 -13.18 21.22
CA ASN B 955 14.78 -12.11 21.67
C ASN B 955 15.48 -10.75 21.64
N ALA B 956 16.79 -10.73 21.87
CA ALA B 956 17.55 -9.48 21.84
C ALA B 956 17.67 -8.92 20.43
N GLN B 957 18.00 -9.76 19.44
CA GLN B 957 18.03 -9.25 18.07
C GLN B 957 16.63 -9.05 17.49
N ALA B 958 15.60 -9.73 18.02
CA ALA B 958 14.24 -9.43 17.59
C ALA B 958 13.78 -8.06 18.10
N LEU B 959 14.06 -7.74 19.36
CA LEU B 959 13.68 -6.43 19.89
C LEU B 959 14.57 -5.33 19.33
N ASN B 960 15.84 -5.64 19.06
CA ASN B 960 16.74 -4.66 18.46
C ASN B 960 16.37 -4.39 16.99
N THR B 961 15.87 -5.42 16.28
CA THR B 961 15.40 -5.21 14.92
C THR B 961 14.09 -4.41 14.92
N LEU B 962 13.24 -4.64 15.94
CA LEU B 962 12.00 -3.88 16.06
C LEU B 962 12.26 -2.41 16.41
N VAL B 963 13.29 -2.14 17.22
CA VAL B 963 13.65 -0.75 17.50
C VAL B 963 14.38 -0.14 16.31
N LYS B 964 15.17 -0.94 15.59
CA LYS B 964 15.93 -0.43 14.44
C LYS B 964 15.07 -0.28 13.19
N GLN B 965 13.81 -0.74 13.24
CA GLN B 965 12.85 -0.52 12.17
C GLN B 965 12.21 0.87 12.21
N LEU B 966 12.56 1.70 13.19
CA LEU B 966 12.00 3.02 13.44
C LEU B 966 12.78 4.13 12.80
N SER B 967 13.80 3.81 12.00
CA SER B 967 14.65 4.80 11.37
C SER B 967 14.59 4.67 9.86
N SER B 968 13.39 4.46 9.33
CA SER B 968 13.18 4.25 7.90
C SER B 968 12.22 5.30 7.36
N ASN B 969 12.51 5.78 6.14
CA ASN B 969 11.58 6.66 5.45
C ASN B 969 10.35 5.88 5.00
N PHE B 970 10.55 4.59 4.69
CA PHE B 970 9.60 3.59 4.15
C PHE B 970 9.10 3.94 2.73
N GLY B 971 9.67 4.95 2.08
CA GLY B 971 9.15 5.48 0.84
C GLY B 971 8.87 6.96 0.86
N ALA B 972 9.36 7.69 1.86
CA ALA B 972 9.07 9.11 2.01
C ALA B 972 10.11 9.96 1.28
N ILE B 973 9.88 11.27 1.26
CA ILE B 973 10.94 12.21 0.93
C ILE B 973 11.79 12.49 2.17
N SER B 974 11.14 12.77 3.30
CA SER B 974 11.78 12.91 4.58
C SER B 974 10.98 12.14 5.62
N SER B 975 11.68 11.61 6.63
CA SER B 975 11.04 10.76 7.63
C SER B 975 10.28 11.54 8.69
N VAL B 976 10.39 12.86 8.71
CA VAL B 976 9.70 13.70 9.68
C VAL B 976 8.36 14.08 9.10
N LEU B 977 7.28 13.72 9.80
CA LEU B 977 5.93 13.95 9.31
C LEU B 977 5.59 15.43 9.38
N ASN B 978 6.18 16.15 10.34
CA ASN B 978 6.05 17.60 10.40
C ASN B 978 6.75 18.28 9.24
N ASP B 979 7.88 17.71 8.78
CA ASP B 979 8.54 18.21 7.58
C ASP B 979 7.72 17.91 6.33
N ILE B 980 7.03 16.76 6.31
CA ILE B 980 6.11 16.42 5.23
C ILE B 980 4.94 17.40 5.17
N LEU B 981 4.38 17.77 6.34
CA LEU B 981 3.34 18.80 6.42
C LEU B 981 3.86 20.18 6.02
N SER B 982 5.09 20.51 6.41
CA SER B 982 5.61 21.86 6.18
C SER B 982 6.02 22.08 4.73
N ARG B 983 6.62 21.07 4.10
CA ARG B 983 7.15 21.23 2.76
C ARG B 983 6.21 20.76 1.66
N LEU B 984 5.03 20.25 2.02
CA LEU B 984 4.06 19.77 1.04
C LEU B 984 2.67 20.17 1.50
N ASP B 985 1.66 19.57 0.87
CA ASP B 985 0.25 19.93 1.00
C ASP B 985 -0.54 18.78 1.66
N PRO B 986 -1.44 19.10 2.59
CA PRO B 986 -2.05 18.06 3.47
C PRO B 986 -2.94 17.03 2.77
N PRO B 987 -3.87 17.34 1.83
CA PRO B 987 -4.63 16.22 1.24
C PRO B 987 -3.93 15.49 0.10
N GLU B 988 -2.65 15.78 -0.15
CA GLU B 988 -1.81 14.90 -0.95
C GLU B 988 -0.64 14.32 -0.18
N ALA B 989 -0.50 14.67 1.11
CA ALA B 989 0.46 13.99 1.97
C ALA B 989 -0.14 12.75 2.65
N GLU B 990 -1.44 12.51 2.44
CA GLU B 990 -2.17 11.45 3.13
C GLU B 990 -1.69 10.07 2.71
N VAL B 991 -1.33 9.91 1.43
CA VAL B 991 -0.81 8.65 0.92
C VAL B 991 0.55 8.34 1.54
N GLN B 992 1.37 9.38 1.75
CA GLN B 992 2.67 9.22 2.40
C GLN B 992 2.53 8.81 3.87
N ILE B 993 1.58 9.44 4.58
CA ILE B 993 1.30 9.10 5.97
C ILE B 993 0.79 7.66 6.08
N ASP B 994 -0.19 7.28 5.24
CA ASP B 994 -0.80 5.95 5.22
C ASP B 994 0.21 4.86 4.85
N ARG B 995 1.12 5.18 3.93
CA ARG B 995 2.19 4.28 3.52
C ARG B 995 3.16 4.00 4.67
N LEU B 996 3.49 5.04 5.46
CA LEU B 996 4.39 4.83 6.60
C LEU B 996 3.70 4.03 7.71
N ILE B 997 2.38 4.21 7.87
CA ILE B 997 1.64 3.42 8.87
C ILE B 997 1.56 1.96 8.45
N THR B 998 1.40 1.68 7.14
CA THR B 998 1.43 0.30 6.64
C THR B 998 2.78 -0.36 6.84
N GLY B 999 3.87 0.39 6.62
CA GLY B 999 5.20 -0.18 6.81
C GLY B 999 5.51 -0.53 8.25
N ARG B 1000 5.16 0.37 9.18
CA ARG B 1000 5.49 0.10 10.58
C ARG B 1000 4.52 -0.91 11.20
N LEU B 1001 3.27 -0.95 10.73
CA LEU B 1001 2.33 -1.99 11.17
C LEU B 1001 2.73 -3.36 10.63
N GLN B 1002 3.30 -3.40 9.42
CA GLN B 1002 3.85 -4.64 8.88
C GLN B 1002 5.04 -5.12 9.70
N SER B 1003 5.86 -4.19 10.22
CA SER B 1003 6.96 -4.55 11.12
C SER B 1003 6.45 -5.17 12.42
N LEU B 1004 5.37 -4.62 12.98
CA LEU B 1004 4.76 -5.24 14.17
C LEU B 1004 4.14 -6.60 13.87
N GLN B 1005 3.57 -6.78 12.67
CA GLN B 1005 3.04 -8.08 12.26
C GLN B 1005 4.13 -9.15 12.19
N THR B 1006 5.28 -8.77 11.60
CA THR B 1006 6.42 -9.70 11.52
C THR B 1006 6.98 -10.05 12.90
N TYR B 1007 7.07 -9.06 13.80
CA TYR B 1007 7.61 -9.31 15.14
C TYR B 1007 6.69 -10.20 15.97
N VAL B 1008 5.38 -9.95 15.91
CA VAL B 1008 4.42 -10.72 16.69
C VAL B 1008 4.29 -12.14 16.14
N THR B 1009 4.34 -12.30 14.81
CA THR B 1009 4.28 -13.63 14.19
C THR B 1009 5.52 -14.46 14.51
N GLN B 1010 6.71 -13.86 14.43
CA GLN B 1010 7.94 -14.58 14.72
C GLN B 1010 8.07 -14.88 16.22
N GLN B 1011 7.52 -13.99 17.06
CA GLN B 1011 7.52 -14.23 18.50
C GLN B 1011 6.55 -15.34 18.88
N LEU B 1012 5.43 -15.46 18.16
CA LEU B 1012 4.50 -16.57 18.39
C LEU B 1012 5.10 -17.90 17.96
N ILE B 1013 5.85 -17.90 16.85
CA ILE B 1013 6.52 -19.12 16.39
C ILE B 1013 7.62 -19.54 17.36
N ARG B 1014 8.35 -18.57 17.93
CA ARG B 1014 9.33 -18.85 18.98
C ARG B 1014 8.67 -19.30 20.29
N ALA B 1015 7.50 -18.74 20.61
CA ALA B 1015 6.77 -19.14 21.81
C ALA B 1015 6.24 -20.56 21.70
N ALA B 1016 5.88 -21.00 20.49
CA ALA B 1016 5.42 -22.38 20.29
C ALA B 1016 6.55 -23.39 20.51
N GLU B 1017 7.76 -23.08 20.02
CA GLU B 1017 8.85 -24.04 20.20
C GLU B 1017 9.40 -23.99 21.62
N ILE B 1018 9.29 -22.84 22.31
CA ILE B 1018 9.72 -22.83 23.70
C ILE B 1018 8.64 -23.45 24.59
N ARG B 1019 7.39 -23.48 24.12
CA ARG B 1019 6.35 -24.21 24.85
C ARG B 1019 6.53 -25.71 24.66
N ALA B 1020 6.98 -26.14 23.47
CA ALA B 1020 7.33 -27.54 23.26
C ALA B 1020 8.54 -27.95 24.08
N SER B 1021 9.53 -27.07 24.20
CA SER B 1021 10.70 -27.34 25.04
C SER B 1021 10.33 -27.35 26.53
N ALA B 1022 9.38 -26.50 26.92
CA ALA B 1022 8.93 -26.48 28.31
C ALA B 1022 8.07 -27.69 28.64
N ASN B 1023 7.29 -28.18 27.68
CA ASN B 1023 6.52 -29.40 27.90
C ASN B 1023 7.44 -30.63 27.97
N LEU B 1024 8.49 -30.64 27.16
CA LEU B 1024 9.52 -31.68 27.25
C LEU B 1024 10.27 -31.61 28.57
N ALA B 1025 10.56 -30.39 29.05
CA ALA B 1025 11.27 -30.25 30.32
C ALA B 1025 10.38 -30.59 31.51
N ALA B 1026 9.08 -30.32 31.41
CA ALA B 1026 8.15 -30.71 32.47
C ALA B 1026 7.96 -32.22 32.52
N THR B 1027 7.86 -32.86 31.35
CA THR B 1027 7.78 -34.32 31.28
C THR B 1027 9.08 -34.96 31.75
N LYS B 1028 10.22 -34.35 31.41
CA LYS B 1028 11.51 -34.89 31.80
C LYS B 1028 11.78 -34.69 33.28
N MET B 1029 11.30 -33.58 33.85
CA MET B 1029 11.34 -33.39 35.30
C MET B 1029 10.48 -34.42 36.02
N SER B 1030 9.24 -34.58 35.55
CA SER B 1030 8.28 -35.42 36.25
C SER B 1030 8.55 -36.91 36.03
N GLU B 1031 9.39 -37.28 35.07
CA GLU B 1031 9.72 -38.68 34.86
C GLU B 1031 11.16 -39.05 35.21
N CYS B 1032 12.09 -38.10 35.29
CA CYS B 1032 13.44 -38.43 35.74
C CYS B 1032 13.68 -38.06 37.20
N VAL B 1033 13.04 -37.03 37.73
CA VAL B 1033 13.23 -36.63 39.13
C VAL B 1033 12.22 -37.30 40.04
N LEU B 1034 10.95 -37.32 39.64
CA LEU B 1034 9.89 -37.91 40.46
C LEU B 1034 9.80 -39.42 40.32
N GLY B 1035 10.65 -40.04 39.51
CA GLY B 1035 10.68 -41.47 39.39
C GLY B 1035 11.94 -41.92 38.68
N GLN B 1036 12.03 -43.22 38.45
CA GLN B 1036 13.12 -43.82 37.70
C GLN B 1036 12.59 -44.26 36.35
N SER B 1037 13.26 -43.86 35.28
CA SER B 1037 12.75 -44.05 33.93
C SER B 1037 13.40 -45.25 33.26
N LYS B 1038 12.55 -46.10 32.69
CA LYS B 1038 13.01 -47.23 31.89
C LYS B 1038 13.18 -46.87 30.42
N ARG B 1039 12.83 -45.65 30.03
CA ARG B 1039 13.06 -45.20 28.66
C ARG B 1039 14.55 -44.95 28.46
N VAL B 1040 15.13 -45.63 27.47
CA VAL B 1040 16.58 -45.54 27.26
C VAL B 1040 16.93 -44.22 26.58
N ASP B 1041 17.96 -43.56 27.13
CA ASP B 1041 18.52 -42.26 26.77
C ASP B 1041 17.53 -41.11 26.88
N PHE B 1042 16.42 -41.26 27.61
CA PHE B 1042 15.58 -40.11 27.92
C PHE B 1042 16.23 -39.26 29.00
N CYS B 1043 16.80 -39.90 30.01
CA CYS B 1043 17.43 -39.22 31.13
C CYS B 1043 18.91 -39.55 31.08
N GLY B 1044 19.67 -38.80 30.29
CA GLY B 1044 21.09 -39.04 30.19
C GLY B 1044 21.45 -40.02 29.08
N LYS B 1045 22.55 -40.73 29.30
CA LYS B 1045 23.07 -41.71 28.35
C LYS B 1045 23.46 -42.96 29.12
N GLY B 1046 22.61 -43.99 29.06
CA GLY B 1046 22.86 -45.23 29.76
C GLY B 1046 21.68 -45.66 30.61
N TYR B 1047 21.93 -46.44 31.66
CA TYR B 1047 20.87 -46.88 32.55
C TYR B 1047 20.63 -45.82 33.61
N HIS B 1048 19.44 -45.25 33.61
CA HIS B 1048 19.11 -44.11 34.45
C HIS B 1048 18.90 -44.54 35.90
N LEU B 1049 19.44 -43.77 36.83
CA LEU B 1049 19.24 -43.97 38.25
C LEU B 1049 18.38 -42.89 38.87
N MET B 1050 18.83 -41.64 38.82
CA MET B 1050 18.08 -40.51 39.33
C MET B 1050 18.57 -39.26 38.62
N SER B 1051 17.81 -38.18 38.78
CA SER B 1051 18.19 -36.92 38.18
C SER B 1051 17.99 -35.80 39.19
N PHE B 1052 18.74 -34.72 39.01
CA PHE B 1052 18.64 -33.60 39.91
C PHE B 1052 18.32 -32.32 39.14
N PRO B 1053 17.23 -31.65 39.47
CA PRO B 1053 16.95 -30.36 38.84
C PRO B 1053 17.75 -29.23 39.47
N GLN B 1054 18.25 -28.36 38.60
CA GLN B 1054 18.89 -27.12 39.02
C GLN B 1054 18.23 -25.97 38.29
N SER B 1055 18.00 -24.88 39.01
CA SER B 1055 17.39 -23.71 38.44
C SER B 1055 18.38 -22.98 37.55
N ALA B 1056 17.84 -22.36 36.51
CA ALA B 1056 18.58 -21.64 35.49
C ALA B 1056 17.85 -20.33 35.27
N PRO B 1057 18.52 -19.28 34.66
CA PRO B 1057 17.85 -18.00 34.41
C PRO B 1057 16.58 -18.03 33.57
N HIS B 1058 16.54 -18.85 32.53
CA HIS B 1058 15.32 -19.06 31.76
C HIS B 1058 15.18 -20.51 31.37
N GLY B 1059 15.45 -21.42 32.29
CA GLY B 1059 15.42 -22.82 31.94
C GLY B 1059 15.52 -23.71 33.15
N VAL B 1060 15.88 -24.96 32.91
CA VAL B 1060 16.12 -25.94 33.96
C VAL B 1060 17.30 -26.81 33.52
N VAL B 1061 18.14 -27.18 34.50
CA VAL B 1061 19.31 -28.02 34.26
C VAL B 1061 19.09 -29.33 35.00
N PHE B 1062 19.17 -30.44 34.28
CA PHE B 1062 19.01 -31.77 34.85
C PHE B 1062 20.36 -32.45 34.95
N LEU B 1063 20.68 -32.98 36.12
CA LEU B 1063 21.92 -33.71 36.34
C LEU B 1063 21.59 -35.18 36.44
N HIS B 1064 21.66 -35.89 35.31
CA HIS B 1064 21.21 -37.26 35.19
C HIS B 1064 22.28 -38.21 35.71
N VAL B 1065 22.06 -38.76 36.90
CA VAL B 1065 22.94 -39.79 37.46
C VAL B 1065 22.63 -41.09 36.74
N THR B 1066 23.66 -41.66 36.10
CA THR B 1066 23.44 -42.68 35.10
C THR B 1066 24.45 -43.80 35.28
N TYR B 1067 23.96 -45.04 35.24
CA TYR B 1067 24.77 -46.23 35.37
C TYR B 1067 25.28 -46.64 33.99
N VAL B 1068 26.59 -46.59 33.79
CA VAL B 1068 27.22 -46.97 32.53
C VAL B 1068 28.18 -48.12 32.82
N PRO B 1069 27.94 -49.32 32.31
CA PRO B 1069 28.84 -50.45 32.59
C PRO B 1069 30.15 -50.37 31.81
N ALA B 1070 31.17 -51.03 32.35
CA ALA B 1070 32.50 -51.00 31.75
C ALA B 1070 33.26 -52.27 32.14
N GLN B 1071 34.40 -52.47 31.47
CA GLN B 1071 35.35 -53.59 31.68
C GLN B 1071 34.69 -54.95 31.45
N GLU B 1072 34.30 -55.21 30.21
CA GLU B 1072 33.74 -56.51 29.84
C GLU B 1072 34.84 -57.55 29.68
N LYS B 1073 34.46 -58.80 29.45
CA LYS B 1073 35.39 -59.92 29.60
C LYS B 1073 35.08 -61.06 28.63
N ASN B 1074 36.16 -61.72 28.19
CA ASN B 1074 36.21 -63.04 27.56
C ASN B 1074 35.35 -64.06 28.30
N PHE B 1075 34.21 -64.43 27.70
CA PHE B 1075 33.18 -65.32 28.25
C PHE B 1075 32.60 -66.20 27.16
N THR B 1076 32.20 -67.40 27.56
CA THR B 1076 31.52 -68.35 26.68
C THR B 1076 30.14 -68.68 27.24
N THR B 1077 29.11 -68.48 26.42
CA THR B 1077 27.73 -68.58 26.88
C THR B 1077 27.02 -69.76 26.22
N ALA B 1078 25.85 -70.10 26.75
CA ALA B 1078 25.02 -71.19 26.26
C ALA B 1078 23.58 -70.92 26.65
N PRO B 1079 22.61 -71.34 25.85
CA PRO B 1079 21.20 -71.09 26.21
C PRO B 1079 20.65 -72.03 27.27
N ALA B 1080 21.22 -73.21 27.46
CA ALA B 1080 20.61 -74.20 28.35
C ALA B 1080 21.69 -75.10 28.93
N ILE B 1081 21.33 -75.77 30.02
CA ILE B 1081 22.18 -76.72 30.72
C ILE B 1081 21.41 -78.04 30.75
N CYS B 1082 22.11 -79.15 30.55
CA CYS B 1082 21.50 -80.47 30.63
C CYS B 1082 21.92 -81.17 31.91
N HIS B 1083 20.93 -81.52 32.74
CA HIS B 1083 21.18 -82.34 33.93
C HIS B 1083 19.99 -83.25 34.13
N ASP B 1084 20.27 -84.55 34.26
CA ASP B 1084 19.28 -85.64 34.37
C ASP B 1084 18.30 -85.66 33.20
N GLY B 1085 18.79 -85.35 32.00
CA GLY B 1085 17.97 -85.43 30.81
C GLY B 1085 16.93 -84.33 30.67
N LYS B 1086 17.13 -83.20 31.32
CA LYS B 1086 16.17 -82.11 31.31
C LYS B 1086 16.85 -80.85 30.79
N ALA B 1087 16.05 -79.96 30.20
CA ALA B 1087 16.52 -78.67 29.75
C ALA B 1087 16.35 -77.65 30.86
N HIS B 1088 17.41 -76.90 31.16
CA HIS B 1088 17.44 -76.00 32.30
C HIS B 1088 17.63 -74.58 31.80
N PHE B 1089 16.85 -73.66 32.35
CA PHE B 1089 16.83 -72.30 31.84
C PHE B 1089 16.97 -71.32 33.00
N PRO B 1090 17.72 -70.22 32.84
CA PRO B 1090 17.97 -69.34 33.98
C PRO B 1090 16.79 -68.42 34.29
N ARG B 1091 16.68 -68.04 35.55
CA ARG B 1091 15.56 -67.20 35.96
C ARG B 1091 15.84 -65.73 35.65
N GLU B 1092 16.86 -65.15 36.28
CA GLU B 1092 17.20 -63.74 36.07
C GLU B 1092 18.68 -63.60 35.71
N GLY B 1093 19.16 -64.41 34.79
CA GLY B 1093 20.55 -64.34 34.42
C GLY B 1093 20.84 -65.05 33.12
N VAL B 1094 22.12 -65.33 32.90
CA VAL B 1094 22.59 -66.13 31.77
C VAL B 1094 23.59 -67.16 32.26
N PHE B 1095 23.86 -68.16 31.43
CA PHE B 1095 24.95 -69.09 31.71
C PHE B 1095 26.22 -68.59 31.05
N VAL B 1096 27.30 -68.53 31.82
CA VAL B 1096 28.62 -68.16 31.32
C VAL B 1096 29.61 -69.21 31.81
N SER B 1097 30.86 -69.07 31.36
CA SER B 1097 31.91 -70.00 31.78
C SER B 1097 33.26 -69.32 31.72
N ASN B 1098 34.18 -69.77 32.56
CA ASN B 1098 35.60 -69.63 32.24
C ASN B 1098 36.10 -70.66 31.22
N GLY B 1099 35.37 -71.77 31.08
CA GLY B 1099 35.85 -73.01 30.49
C GLY B 1099 36.03 -74.17 31.48
N THR B 1100 36.78 -73.95 32.56
CA THR B 1100 36.87 -74.81 33.74
C THR B 1100 35.54 -75.08 34.43
N HIS B 1101 34.63 -74.11 34.54
CA HIS B 1101 33.35 -74.41 35.17
C HIS B 1101 32.22 -73.66 34.48
N TRP B 1102 30.99 -74.17 34.66
CA TRP B 1102 29.78 -73.56 34.15
C TRP B 1102 28.94 -73.00 35.30
N PHE B 1103 28.50 -71.75 35.16
CA PHE B 1103 27.97 -70.97 36.27
C PHE B 1103 27.15 -69.78 35.77
N VAL B 1104 26.20 -69.35 36.61
CA VAL B 1104 25.21 -68.33 36.29
C VAL B 1104 25.69 -66.99 36.84
N THR B 1105 25.65 -65.95 36.00
CA THR B 1105 25.75 -64.59 36.49
C THR B 1105 24.57 -63.78 35.97
N GLN B 1106 24.38 -62.60 36.57
CA GLN B 1106 23.36 -61.69 36.09
C GLN B 1106 23.85 -60.96 34.83
N ARG B 1107 22.91 -60.31 34.15
CA ARG B 1107 23.16 -59.82 32.79
C ARG B 1107 23.91 -58.50 32.74
N ASN B 1108 23.96 -57.74 33.84
CA ASN B 1108 24.58 -56.42 33.83
C ASN B 1108 25.76 -56.31 34.76
N PHE B 1109 26.19 -57.41 35.38
CA PHE B 1109 27.32 -57.42 36.29
C PHE B 1109 27.85 -58.84 36.34
N TYR B 1110 29.17 -58.98 36.33
CA TYR B 1110 29.76 -60.29 36.57
C TYR B 1110 29.70 -60.62 38.05
N GLU B 1111 28.80 -61.52 38.40
CA GLU B 1111 28.72 -62.08 39.74
C GLU B 1111 28.57 -63.58 39.62
N PRO B 1112 29.66 -64.34 39.72
CA PRO B 1112 29.61 -65.79 39.47
C PRO B 1112 28.89 -66.56 40.58
N GLN B 1113 27.88 -67.30 40.16
CA GLN B 1113 27.09 -68.12 41.08
C GLN B 1113 26.96 -69.52 40.52
N ILE B 1114 27.17 -70.50 41.41
CA ILE B 1114 27.12 -71.92 41.07
C ILE B 1114 25.70 -72.30 40.73
N ILE B 1115 25.53 -73.12 39.68
CA ILE B 1115 24.21 -73.48 39.15
C ILE B 1115 23.50 -74.39 40.15
N THR B 1116 22.43 -73.87 40.74
CA THR B 1116 21.57 -74.64 41.63
C THR B 1116 20.21 -74.79 40.97
N THR B 1117 19.29 -75.44 41.69
CA THR B 1117 17.94 -75.64 41.19
C THR B 1117 16.99 -74.52 41.60
N ASP B 1118 17.50 -73.50 42.30
CA ASP B 1118 16.67 -72.39 42.76
C ASP B 1118 16.81 -71.14 41.92
N ASN B 1119 17.88 -71.01 41.14
CA ASN B 1119 18.06 -69.89 40.23
C ASN B 1119 17.87 -70.31 38.78
N THR B 1120 17.24 -71.46 38.56
CA THR B 1120 17.18 -72.09 37.25
C THR B 1120 15.94 -72.97 37.17
N PHE B 1121 15.10 -72.72 36.15
CA PHE B 1121 13.86 -73.48 35.99
C PHE B 1121 13.98 -74.46 34.82
N VAL B 1122 13.12 -75.47 34.85
CA VAL B 1122 13.18 -76.62 33.94
C VAL B 1122 12.03 -76.51 32.94
N SER B 1123 12.35 -76.64 31.66
CA SER B 1123 11.30 -76.67 30.63
C SER B 1123 11.77 -77.53 29.46
N GLY B 1124 11.27 -78.76 29.38
CA GLY B 1124 11.57 -79.60 28.24
C GLY B 1124 12.64 -80.64 28.51
N ASN B 1125 13.17 -81.18 27.43
CA ASN B 1125 14.16 -82.25 27.49
C ASN B 1125 15.46 -81.82 26.82
N CYS B 1126 16.44 -82.73 26.82
CA CYS B 1126 17.80 -82.47 26.37
C CYS B 1126 18.00 -82.72 24.87
N ASP B 1127 16.93 -82.68 24.08
CA ASP B 1127 17.00 -83.08 22.69
C ASP B 1127 16.47 -82.04 21.70
N VAL B 1128 15.96 -80.90 22.19
CA VAL B 1128 15.31 -79.94 21.31
C VAL B 1128 16.11 -78.65 21.18
N VAL B 1129 16.58 -78.09 22.30
CA VAL B 1129 17.23 -76.79 22.30
C VAL B 1129 18.67 -76.94 21.83
N ILE B 1130 19.12 -76.02 20.98
CA ILE B 1130 20.50 -75.99 20.49
C ILE B 1130 21.34 -75.20 21.48
N GLY B 1131 22.60 -75.60 21.64
CA GLY B 1131 23.51 -74.94 22.56
C GLY B 1131 23.52 -75.51 23.96
N ILE B 1132 22.75 -76.57 24.22
CA ILE B 1132 22.68 -77.12 25.57
C ILE B 1132 23.95 -77.96 25.86
N VAL B 1133 24.50 -77.77 27.06
CA VAL B 1133 25.69 -78.48 27.49
C VAL B 1133 25.38 -79.19 28.80
N ASN B 1134 26.33 -80.03 29.23
CA ASN B 1134 26.20 -80.82 30.46
C ASN B 1134 26.87 -80.10 31.62
N ASN B 1135 26.13 -79.94 32.71
CA ASN B 1135 26.71 -79.55 33.99
C ASN B 1135 25.84 -80.12 35.11
N THR B 1136 26.41 -80.22 36.31
CA THR B 1136 25.70 -80.71 37.48
C THR B 1136 24.89 -79.57 38.09
N VAL B 1137 23.84 -79.93 38.83
CA VAL B 1137 22.98 -79.00 39.54
C VAL B 1137 22.99 -79.44 41.00
N TYR B 1138 23.39 -78.53 41.90
CA TYR B 1138 23.63 -78.92 43.28
C TYR B 1138 22.31 -78.99 44.05
N ASP B 1139 22.20 -80.01 44.93
CA ASP B 1139 21.06 -80.22 45.83
C ASP B 1139 21.44 -79.89 47.26
N PRO B 1140 20.80 -78.91 47.90
CA PRO B 1140 21.20 -78.51 49.27
C PRO B 1140 20.52 -79.30 50.38
N LEU B 1141 19.94 -80.44 50.08
CA LEU B 1141 19.17 -81.21 51.06
C LEU B 1141 19.87 -82.49 51.51
N GLN B 1142 20.68 -83.09 50.63
CA GLN B 1142 21.20 -84.44 50.90
C GLN B 1142 22.30 -84.55 51.96
N PRO B 1143 23.30 -83.58 52.12
CA PRO B 1143 24.19 -83.66 53.30
C PRO B 1143 23.50 -83.59 54.65
N GLU B 1144 22.53 -82.67 54.79
CA GLU B 1144 21.75 -82.59 56.02
C GLU B 1144 20.80 -83.77 56.19
N LEU B 1145 20.38 -84.40 55.10
CA LEU B 1145 19.58 -85.62 55.21
C LEU B 1145 20.41 -86.82 55.64
N ASP B 1146 21.64 -86.94 55.14
CA ASP B 1146 22.41 -88.17 55.32
C ASP B 1146 23.43 -88.10 56.45
N SER B 1147 24.32 -87.09 56.45
CA SER B 1147 25.51 -87.16 57.29
C SER B 1147 25.24 -86.79 58.74
N PHE B 1148 24.05 -86.29 59.07
CA PHE B 1148 23.76 -85.88 60.44
C PHE B 1148 22.76 -86.79 61.13
N LYS B 1149 21.58 -86.99 60.53
CA LYS B 1149 20.58 -87.87 61.12
C LYS B 1149 20.28 -89.05 60.20
N PRO C 26 -30.62 -27.48 -41.09
CA PRO C 26 -30.62 -28.94 -40.99
C PRO C 26 -29.22 -29.54 -41.15
N ALA C 27 -29.11 -30.85 -40.89
CA ALA C 27 -27.90 -31.67 -41.04
C ALA C 27 -26.73 -31.14 -40.20
N TYR C 28 -26.93 -31.17 -38.88
CA TYR C 28 -25.91 -30.72 -37.96
C TYR C 28 -25.03 -31.89 -37.51
N THR C 29 -23.82 -31.57 -37.10
CA THR C 29 -22.79 -32.58 -36.81
C THR C 29 -22.15 -32.19 -35.48
N ASN C 30 -21.67 -33.18 -34.73
CA ASN C 30 -21.01 -32.94 -33.45
C ASN C 30 -19.51 -33.03 -33.68
N SER C 31 -18.76 -32.22 -32.91
CA SER C 31 -17.31 -32.12 -33.07
C SER C 31 -16.64 -32.80 -31.89
N PHE C 32 -15.99 -33.93 -32.15
CA PHE C 32 -15.42 -34.78 -31.10
C PHE C 32 -13.98 -34.36 -30.82
N THR C 33 -13.83 -33.53 -29.77
CA THR C 33 -12.57 -33.02 -29.15
C THR C 33 -11.54 -32.49 -30.16
N ARG C 34 -12.06 -31.79 -31.15
CA ARG C 34 -11.29 -31.34 -32.31
C ARG C 34 -11.33 -29.81 -32.36
N GLY C 35 -10.19 -29.19 -32.68
CA GLY C 35 -10.14 -27.76 -32.86
C GLY C 35 -9.38 -26.98 -31.80
N VAL C 36 -8.26 -27.53 -31.36
CA VAL C 36 -7.41 -26.93 -30.35
C VAL C 36 -6.13 -26.44 -31.03
N TYR C 37 -5.73 -25.21 -30.75
CA TYR C 37 -4.58 -24.60 -31.42
C TYR C 37 -3.51 -24.22 -30.38
N TYR C 38 -2.31 -23.96 -30.88
CA TYR C 38 -1.26 -23.39 -30.04
C TYR C 38 -1.59 -21.93 -29.77
N PRO C 39 -1.73 -21.52 -28.50
CA PRO C 39 -2.20 -20.15 -28.22
C PRO C 39 -1.18 -19.06 -28.51
N ASP C 40 0.11 -19.38 -28.59
CA ASP C 40 1.15 -18.39 -28.83
C ASP C 40 2.33 -19.06 -29.53
N LYS C 41 3.43 -18.32 -29.64
CA LYS C 41 4.64 -18.79 -30.31
C LYS C 41 5.61 -19.45 -29.35
N VAL C 42 5.20 -19.65 -28.11
CA VAL C 42 6.07 -20.16 -27.05
C VAL C 42 6.15 -21.68 -27.11
N PHE C 43 7.37 -22.20 -27.20
CA PHE C 43 7.66 -23.61 -27.04
C PHE C 43 7.66 -23.93 -25.55
N ARG C 44 6.93 -24.97 -25.17
CA ARG C 44 6.92 -25.50 -23.81
C ARG C 44 7.07 -27.02 -23.89
N SER C 45 7.88 -27.57 -23.00
CA SER C 45 8.24 -28.99 -23.07
C SER C 45 7.86 -29.70 -21.79
N SER C 46 6.97 -30.70 -21.92
CA SER C 46 6.56 -31.65 -20.88
C SER C 46 5.97 -30.96 -19.64
N VAL C 47 5.11 -29.98 -19.90
CA VAL C 47 4.50 -29.19 -18.83
C VAL C 47 3.03 -28.97 -19.18
N LEU C 48 2.20 -28.97 -18.15
CA LEU C 48 0.76 -28.76 -18.28
C LEU C 48 0.47 -27.28 -18.06
N HIS C 49 0.00 -26.60 -19.10
CA HIS C 49 -0.18 -25.16 -19.05
C HIS C 49 -1.64 -24.81 -19.33
N SER C 50 -2.15 -23.80 -18.65
CA SER C 50 -3.53 -23.38 -18.78
C SER C 50 -3.60 -21.97 -19.37
N THR C 51 -4.48 -21.80 -20.36
CA THR C 51 -4.68 -20.51 -21.03
C THR C 51 -6.16 -20.17 -21.04
N GLN C 52 -6.44 -18.89 -21.32
CA GLN C 52 -7.80 -18.42 -21.58
C GLN C 52 -7.78 -17.71 -22.93
N ASP C 53 -8.39 -18.33 -23.94
CA ASP C 53 -8.41 -17.75 -25.27
C ASP C 53 -9.73 -18.12 -25.94
N LEU C 54 -9.89 -17.73 -27.20
CA LEU C 54 -11.08 -18.03 -27.99
C LEU C 54 -10.92 -19.44 -28.55
N PHE C 55 -11.44 -20.43 -27.83
CA PHE C 55 -11.31 -21.83 -28.19
C PHE C 55 -12.64 -22.35 -28.73
N LEU C 56 -12.66 -23.62 -29.07
CA LEU C 56 -13.92 -24.34 -29.24
C LEU C 56 -14.28 -25.02 -27.94
N PRO C 57 -15.48 -24.82 -27.41
CA PRO C 57 -16.00 -25.76 -26.40
C PRO C 57 -16.18 -27.13 -27.03
N PHE C 58 -15.97 -28.16 -26.22
CA PHE C 58 -16.04 -29.53 -26.72
C PHE C 58 -17.49 -29.94 -27.00
N PHE C 59 -17.64 -30.81 -28.01
CA PHE C 59 -18.88 -31.50 -28.37
C PHE C 59 -19.99 -30.53 -28.80
N SER C 60 -19.60 -29.44 -29.44
CA SER C 60 -20.56 -28.45 -29.94
C SER C 60 -21.09 -28.89 -31.31
N ASN C 61 -22.12 -28.18 -31.77
CA ASN C 61 -22.74 -28.44 -33.06
C ASN C 61 -22.03 -27.65 -34.14
N VAL C 62 -21.77 -28.29 -35.28
CA VAL C 62 -21.23 -27.64 -36.46
C VAL C 62 -22.18 -27.92 -37.62
N THR C 63 -22.10 -27.09 -38.65
CA THR C 63 -23.01 -27.20 -39.79
C THR C 63 -22.37 -27.98 -40.93
N TRP C 64 -23.22 -28.55 -41.78
CA TRP C 64 -22.76 -29.25 -42.99
C TRP C 64 -23.72 -28.96 -44.14
N PHE C 65 -23.19 -28.35 -45.20
CA PHE C 65 -23.92 -28.13 -46.45
C PHE C 65 -23.25 -28.90 -47.58
N HIS C 66 -23.99 -29.13 -48.65
CA HIS C 66 -23.44 -29.78 -49.84
C HIS C 66 -22.63 -28.78 -50.66
N PHE C 79 -23.91 -25.56 -55.96
CA PHE C 79 -25.15 -26.19 -55.54
C PHE C 79 -25.74 -25.48 -54.32
N ASP C 80 -24.97 -25.41 -53.24
CA ASP C 80 -25.42 -24.77 -52.01
C ASP C 80 -24.35 -23.82 -51.51
N ASN C 81 -24.59 -22.51 -51.65
CA ASN C 81 -23.72 -21.51 -51.03
C ASN C 81 -24.53 -20.39 -50.41
N PRO C 82 -25.04 -20.54 -49.18
CA PRO C 82 -25.81 -19.47 -48.55
C PRO C 82 -24.90 -18.45 -47.87
N VAL C 83 -25.53 -17.51 -47.17
CA VAL C 83 -24.84 -16.43 -46.48
C VAL C 83 -24.91 -16.71 -44.98
N LEU C 84 -23.74 -16.75 -44.34
CA LEU C 84 -23.63 -17.07 -42.93
C LEU C 84 -22.93 -15.94 -42.18
N PRO C 85 -23.31 -15.68 -40.93
CA PRO C 85 -22.63 -14.64 -40.15
C PRO C 85 -21.30 -15.13 -39.59
N PHE C 86 -20.54 -14.17 -39.06
CA PHE C 86 -19.20 -14.42 -38.54
C PHE C 86 -19.24 -14.91 -37.10
N ASN C 87 -19.79 -14.07 -36.20
CA ASN C 87 -20.02 -14.34 -34.77
C ASN C 87 -18.72 -14.64 -34.02
N ASP C 88 -17.79 -13.68 -34.09
CA ASP C 88 -16.60 -13.51 -33.26
C ASP C 88 -15.59 -14.65 -33.35
N GLY C 89 -15.52 -15.36 -34.47
CA GLY C 89 -14.55 -16.43 -34.63
C GLY C 89 -15.19 -17.62 -35.33
N VAL C 90 -14.51 -18.11 -36.35
CA VAL C 90 -14.99 -19.22 -37.16
C VAL C 90 -13.95 -20.32 -37.17
N TYR C 91 -14.32 -21.49 -36.67
CA TYR C 91 -13.62 -22.74 -36.95
C TYR C 91 -14.12 -23.28 -38.28
N PHE C 92 -13.20 -23.63 -39.17
CA PHE C 92 -13.57 -24.12 -40.49
C PHE C 92 -12.91 -25.48 -40.71
N ALA C 93 -13.64 -26.38 -41.36
CA ALA C 93 -13.11 -27.65 -41.82
C ALA C 93 -13.73 -27.98 -43.17
N SER C 94 -13.04 -28.83 -43.94
CA SER C 94 -13.52 -29.19 -45.26
C SER C 94 -12.96 -30.55 -45.65
N THR C 95 -13.80 -31.37 -46.27
CA THR C 95 -13.40 -32.65 -46.81
C THR C 95 -13.66 -32.67 -48.30
N GLU C 96 -12.64 -33.04 -49.09
CA GLU C 96 -12.77 -32.99 -50.53
C GLU C 96 -12.02 -34.16 -51.17
N LYS C 97 -12.44 -34.48 -52.40
CA LYS C 97 -11.67 -35.33 -53.30
C LYS C 97 -10.99 -34.54 -54.41
N SER C 98 -11.72 -33.66 -55.09
CA SER C 98 -11.17 -32.73 -56.06
C SER C 98 -11.39 -31.31 -55.56
N ASN C 99 -10.67 -30.37 -56.16
CA ASN C 99 -10.74 -28.98 -55.74
C ASN C 99 -12.01 -28.32 -56.27
N ILE C 100 -13.08 -28.37 -55.48
CA ILE C 100 -14.36 -27.76 -55.86
C ILE C 100 -14.44 -26.32 -55.35
N ILE C 101 -14.11 -26.10 -54.09
CA ILE C 101 -14.15 -24.75 -53.51
C ILE C 101 -12.92 -23.97 -53.98
N ARG C 102 -13.13 -22.68 -54.24
CA ARG C 102 -12.06 -21.80 -54.70
C ARG C 102 -11.72 -20.72 -53.68
N GLY C 103 -12.71 -19.93 -53.28
CA GLY C 103 -12.46 -18.79 -52.41
C GLY C 103 -13.69 -18.36 -51.66
N TRP C 104 -13.65 -17.13 -51.16
CA TRP C 104 -14.70 -16.59 -50.29
C TRP C 104 -14.88 -15.12 -50.60
N ILE C 105 -16.03 -14.58 -50.20
CA ILE C 105 -16.27 -13.14 -50.21
C ILE C 105 -16.56 -12.70 -48.78
N PHE C 106 -15.69 -11.88 -48.23
CA PHE C 106 -15.86 -11.32 -46.90
C PHE C 106 -16.33 -9.88 -47.03
N GLY C 107 -17.12 -9.42 -46.08
CA GLY C 107 -17.59 -8.04 -46.13
C GLY C 107 -18.62 -7.78 -45.05
N THR C 108 -19.31 -6.65 -45.22
CA THR C 108 -20.40 -6.25 -44.32
C THR C 108 -21.75 -6.29 -45.02
N THR C 109 -21.88 -5.58 -46.14
CA THR C 109 -23.12 -5.54 -46.89
C THR C 109 -23.02 -6.22 -48.26
N LEU C 110 -21.79 -6.54 -48.69
CA LEU C 110 -21.45 -7.10 -50.02
C LEU C 110 -21.95 -6.22 -51.16
N ASP C 111 -21.88 -4.90 -50.99
CA ASP C 111 -22.40 -3.94 -51.95
C ASP C 111 -21.38 -2.84 -52.16
N SER C 112 -21.79 -1.79 -52.89
CA SER C 112 -20.91 -0.71 -53.31
C SER C 112 -20.93 0.47 -52.34
N LYS C 113 -21.14 0.22 -51.05
CA LYS C 113 -21.04 1.25 -50.04
C LYS C 113 -20.07 0.91 -48.91
N THR C 114 -19.86 -0.38 -48.62
CA THR C 114 -18.93 -0.81 -47.59
C THR C 114 -17.84 -1.66 -48.22
N GLN C 115 -16.62 -1.53 -47.67
CA GLN C 115 -15.46 -2.23 -48.21
C GLN C 115 -15.54 -3.73 -47.93
N SER C 116 -15.13 -4.51 -48.92
CA SER C 116 -15.28 -5.96 -48.86
C SER C 116 -13.94 -6.62 -49.19
N LEU C 117 -13.62 -7.67 -48.45
CA LEU C 117 -12.40 -8.43 -48.62
C LEU C 117 -12.65 -9.57 -49.60
N LEU C 118 -11.60 -9.97 -50.32
CA LEU C 118 -11.71 -11.06 -51.28
C LEU C 118 -10.42 -11.85 -51.34
N ILE C 119 -10.53 -13.16 -51.11
CA ILE C 119 -9.43 -14.11 -51.27
C ILE C 119 -9.89 -15.16 -52.28
N VAL C 120 -9.17 -15.26 -53.40
CA VAL C 120 -9.42 -16.29 -54.39
C VAL C 120 -8.14 -17.09 -54.59
N ASN C 121 -8.23 -18.40 -54.32
CA ASN C 121 -7.16 -19.34 -54.58
C ASN C 121 -7.42 -20.03 -55.92
N ASN C 122 -6.37 -20.30 -56.66
CA ASN C 122 -6.48 -20.88 -57.99
C ASN C 122 -5.46 -22.00 -58.11
N ALA C 123 -5.22 -22.45 -59.35
CA ALA C 123 -4.34 -23.58 -59.63
C ALA C 123 -2.88 -23.33 -59.28
N THR C 124 -2.38 -22.13 -59.59
CA THR C 124 -0.97 -21.84 -59.33
C THR C 124 -0.76 -20.63 -58.42
N ASN C 125 -1.83 -19.90 -58.08
CA ASN C 125 -1.68 -18.67 -57.31
C ASN C 125 -2.91 -18.40 -56.44
N VAL C 126 -2.70 -17.58 -55.41
CA VAL C 126 -3.77 -17.10 -54.55
C VAL C 126 -3.70 -15.56 -54.51
N VAL C 127 -4.86 -14.93 -54.67
CA VAL C 127 -4.95 -13.48 -54.78
C VAL C 127 -5.66 -12.96 -53.54
N ILE C 128 -5.02 -12.07 -52.79
CA ILE C 128 -5.57 -11.48 -51.57
C ILE C 128 -5.63 -9.97 -51.78
N LYS C 129 -6.85 -9.42 -51.74
CA LYS C 129 -7.06 -7.99 -51.92
C LYS C 129 -8.37 -7.58 -51.28
N VAL C 130 -8.39 -6.40 -50.67
CA VAL C 130 -9.61 -5.79 -50.15
C VAL C 130 -9.87 -4.48 -50.90
N CYS C 131 -11.07 -4.36 -51.46
CA CYS C 131 -11.43 -3.23 -52.31
C CYS C 131 -12.91 -2.91 -52.06
N GLU C 132 -13.49 -2.09 -52.94
CA GLU C 132 -14.91 -1.84 -52.98
C GLU C 132 -15.51 -2.71 -54.08
N PHE C 133 -16.41 -3.62 -53.69
CA PHE C 133 -16.83 -4.70 -54.57
C PHE C 133 -18.32 -4.64 -54.83
N GLN C 134 -18.73 -5.27 -55.94
CA GLN C 134 -20.14 -5.46 -56.29
C GLN C 134 -20.33 -6.94 -56.57
N PHE C 135 -20.72 -7.69 -55.54
CA PHE C 135 -20.97 -9.11 -55.68
C PHE C 135 -22.27 -9.37 -56.43
N CYS C 136 -22.29 -10.44 -57.22
CA CYS C 136 -23.48 -10.79 -57.97
C CYS C 136 -24.51 -11.44 -57.05
N ASN C 137 -25.74 -11.59 -57.58
CA ASN C 137 -26.81 -12.20 -56.80
C ASN C 137 -26.62 -13.71 -56.66
N ASP C 138 -26.05 -14.36 -57.67
CA ASP C 138 -25.72 -15.78 -57.63
C ASP C 138 -24.27 -15.96 -58.05
N PRO C 139 -23.32 -15.80 -57.12
CA PRO C 139 -21.90 -15.88 -57.49
C PRO C 139 -21.44 -17.32 -57.65
N PHE C 140 -20.67 -17.56 -58.71
CA PHE C 140 -20.11 -18.87 -59.01
C PHE C 140 -18.84 -18.67 -59.84
N LEU C 141 -18.00 -19.70 -59.89
CA LEU C 141 -16.79 -19.66 -60.71
C LEU C 141 -16.77 -20.83 -61.68
N MET C 153 -14.94 -24.72 -70.25
CA MET C 153 -15.30 -25.61 -69.17
C MET C 153 -14.13 -25.54 -68.18
N GLU C 154 -13.04 -24.94 -68.65
CA GLU C 154 -11.81 -24.79 -67.89
C GLU C 154 -11.69 -23.42 -67.22
N SER C 155 -12.57 -22.49 -67.57
CA SER C 155 -12.51 -21.14 -67.01
C SER C 155 -13.91 -20.55 -66.97
N GLU C 156 -14.27 -19.95 -65.84
CA GLU C 156 -15.53 -19.26 -65.66
C GLU C 156 -15.35 -18.21 -64.59
N PHE C 157 -15.77 -16.98 -64.88
CA PHE C 157 -15.55 -15.87 -63.95
C PHE C 157 -16.69 -14.87 -64.12
N ARG C 158 -17.68 -14.94 -63.23
CA ARG C 158 -18.79 -13.99 -63.19
C ARG C 158 -19.15 -13.66 -61.75
N VAL C 159 -18.14 -13.50 -60.90
CA VAL C 159 -18.41 -13.28 -59.48
C VAL C 159 -18.55 -11.77 -59.17
N TYR C 160 -17.81 -10.90 -59.85
CA TYR C 160 -17.91 -9.47 -59.61
C TYR C 160 -17.53 -8.71 -60.86
N SER C 161 -18.01 -7.47 -60.95
CA SER C 161 -17.50 -6.48 -61.90
C SER C 161 -17.44 -5.14 -61.16
N SER C 162 -16.33 -4.92 -60.45
CA SER C 162 -16.08 -3.70 -59.68
C SER C 162 -14.60 -3.58 -59.36
N ALA C 163 -13.96 -2.51 -59.82
CA ALA C 163 -12.52 -2.36 -59.61
C ALA C 163 -12.18 -0.98 -59.07
N ASN C 164 -13.10 -0.35 -58.34
CA ASN C 164 -12.86 0.97 -57.81
C ASN C 164 -12.43 0.90 -56.35
N ASN C 165 -11.55 1.86 -55.96
CA ASN C 165 -11.14 2.15 -54.58
C ASN C 165 -10.45 0.97 -53.91
N CYS C 166 -9.43 0.41 -54.55
CA CYS C 166 -8.65 -0.65 -53.94
C CYS C 166 -7.62 -0.07 -52.98
N THR C 167 -7.29 -0.84 -51.95
CA THR C 167 -6.39 -0.35 -50.91
C THR C 167 -5.20 -1.29 -50.69
N PHE C 168 -5.43 -2.59 -50.69
CA PHE C 168 -4.39 -3.55 -50.34
C PHE C 168 -4.39 -4.68 -51.37
N GLU C 169 -3.20 -5.24 -51.61
CA GLU C 169 -3.04 -6.35 -52.55
C GLU C 169 -1.87 -7.21 -52.08
N TYR C 170 -2.05 -8.54 -52.21
CA TYR C 170 -1.06 -9.48 -51.69
C TYR C 170 -1.18 -10.80 -52.45
N VAL C 171 -0.02 -11.34 -52.86
CA VAL C 171 0.07 -12.63 -53.53
C VAL C 171 1.10 -13.49 -52.81
N SER C 172 0.68 -14.68 -52.40
CA SER C 172 1.58 -15.67 -51.83
C SER C 172 1.43 -16.97 -52.61
N GLN C 173 2.06 -18.04 -52.11
CA GLN C 173 2.00 -19.34 -52.74
C GLN C 173 1.11 -20.27 -51.91
N PRO C 174 0.03 -20.83 -52.49
CA PRO C 174 -0.87 -21.73 -51.75
C PRO C 174 -0.25 -23.10 -51.49
N PHE C 186 -13.37 -38.98 -51.23
CA PHE C 186 -12.91 -37.89 -50.39
C PHE C 186 -11.58 -38.25 -49.74
N LYS C 187 -10.57 -37.41 -49.95
CA LYS C 187 -9.22 -37.75 -49.52
C LYS C 187 -8.56 -36.70 -48.64
N ASN C 188 -8.82 -35.42 -48.89
CA ASN C 188 -8.11 -34.33 -48.23
C ASN C 188 -9.00 -33.71 -47.16
N LEU C 189 -8.44 -33.54 -45.96
CA LEU C 189 -9.12 -32.89 -44.85
C LEU C 189 -8.33 -31.65 -44.43
N ARG C 190 -8.94 -30.48 -44.61
CA ARG C 190 -8.27 -29.20 -44.42
C ARG C 190 -9.01 -28.38 -43.38
N GLU C 191 -8.37 -28.16 -42.24
CA GLU C 191 -8.95 -27.42 -41.12
C GLU C 191 -8.34 -26.04 -41.04
N PHE C 192 -9.19 -25.01 -41.00
CA PHE C 192 -8.75 -23.63 -40.92
C PHE C 192 -9.29 -22.99 -39.65
N VAL C 193 -8.78 -21.80 -39.35
CA VAL C 193 -9.38 -20.89 -38.35
C VAL C 193 -9.47 -19.51 -38.99
N PHE C 194 -10.70 -18.98 -39.07
CA PHE C 194 -10.93 -17.58 -39.41
C PHE C 194 -11.21 -16.84 -38.11
N LYS C 195 -10.45 -15.77 -37.85
CA LYS C 195 -10.75 -14.90 -36.72
C LYS C 195 -10.33 -13.48 -37.08
N ASN C 196 -11.05 -12.51 -36.49
CA ASN C 196 -10.84 -11.09 -36.79
C ASN C 196 -10.75 -10.35 -35.46
N ILE C 197 -9.54 -10.25 -34.92
CA ILE C 197 -9.29 -9.69 -33.59
C ILE C 197 -8.36 -8.50 -33.72
N ASP C 198 -8.82 -7.33 -33.24
CA ASP C 198 -8.04 -6.10 -33.05
C ASP C 198 -7.46 -5.56 -34.36
N GLY C 199 -8.31 -5.52 -35.38
CA GLY C 199 -7.89 -5.03 -36.68
C GLY C 199 -7.05 -5.98 -37.49
N TYR C 200 -6.93 -7.23 -37.07
CA TYR C 200 -6.09 -8.23 -37.72
C TYR C 200 -6.93 -9.39 -38.20
N PHE C 201 -6.28 -10.33 -38.88
CA PHE C 201 -6.91 -11.57 -39.33
C PHE C 201 -5.87 -12.68 -39.26
N LYS C 202 -6.08 -13.62 -38.36
CA LYS C 202 -5.11 -14.68 -38.10
C LYS C 202 -5.65 -16.01 -38.61
N ILE C 203 -4.77 -16.85 -39.14
CA ILE C 203 -5.14 -18.12 -39.75
C ILE C 203 -4.31 -19.22 -39.10
N TYR C 204 -5.00 -20.18 -38.50
CA TYR C 204 -4.38 -21.40 -37.98
C TYR C 204 -4.81 -22.54 -38.89
N SER C 205 -3.92 -23.49 -39.13
CA SER C 205 -4.21 -24.50 -40.14
C SER C 205 -3.61 -25.84 -39.76
N LYS C 206 -4.13 -26.88 -40.40
CA LYS C 206 -3.64 -28.25 -40.34
C LYS C 206 -4.14 -28.99 -41.58
N HIS C 207 -3.27 -29.82 -42.15
CA HIS C 207 -3.63 -30.69 -43.26
C HIS C 207 -3.39 -32.13 -42.84
N THR C 208 -4.39 -32.99 -43.08
CA THR C 208 -4.30 -34.39 -42.73
C THR C 208 -5.11 -35.20 -43.72
N PRO C 209 -4.72 -36.45 -44.00
CA PRO C 209 -5.53 -37.29 -44.89
C PRO C 209 -6.53 -38.15 -44.13
N ILE C 210 -7.70 -38.36 -44.74
CA ILE C 210 -8.73 -39.26 -44.23
C ILE C 210 -9.50 -39.83 -45.41
N ASN C 211 -10.14 -40.98 -45.19
CA ASN C 211 -10.90 -41.61 -46.27
C ASN C 211 -12.24 -42.12 -45.71
N LEU C 212 -13.22 -41.23 -45.68
CA LEU C 212 -14.61 -41.48 -45.35
C LEU C 212 -15.42 -40.29 -45.85
N VAL C 213 -16.72 -40.51 -46.05
CA VAL C 213 -17.57 -39.53 -46.70
C VAL C 213 -18.77 -39.16 -45.84
N ARG C 214 -18.66 -39.35 -44.52
CA ARG C 214 -19.82 -39.21 -43.63
C ARG C 214 -19.72 -38.04 -42.68
N ASP C 215 -18.67 -37.96 -41.85
CA ASP C 215 -18.66 -37.06 -40.71
C ASP C 215 -17.23 -36.59 -40.43
N LEU C 216 -17.02 -36.04 -39.24
CA LEU C 216 -15.68 -35.70 -38.79
C LEU C 216 -14.92 -36.96 -38.40
N PRO C 217 -13.69 -37.16 -38.88
CA PRO C 217 -12.90 -38.30 -38.42
C PRO C 217 -12.39 -38.08 -37.01
N GLN C 218 -12.01 -39.19 -36.37
CA GLN C 218 -11.51 -39.16 -35.00
C GLN C 218 -10.05 -38.71 -34.99
N GLY C 219 -9.53 -38.44 -33.79
CA GLY C 219 -8.17 -38.00 -33.61
C GLY C 219 -8.08 -36.59 -33.04
N PHE C 220 -6.92 -36.29 -32.48
CA PHE C 220 -6.62 -34.98 -31.93
C PHE C 220 -5.45 -34.38 -32.70
N SER C 221 -5.59 -33.12 -33.11
CA SER C 221 -4.57 -32.44 -33.88
C SER C 221 -4.48 -30.99 -33.42
N ALA C 222 -3.27 -30.48 -33.28
CA ALA C 222 -3.03 -29.12 -32.82
C ALA C 222 -2.74 -28.19 -33.99
N LEU C 223 -3.35 -27.01 -33.97
CA LEU C 223 -3.37 -26.12 -35.12
C LEU C 223 -2.30 -25.04 -34.96
N GLU C 224 -1.45 -24.88 -35.96
CA GLU C 224 -0.29 -24.00 -36.12
C GLU C 224 -0.65 -22.74 -36.89
N PRO C 225 -0.26 -21.55 -36.41
CA PRO C 225 -0.61 -20.31 -37.12
C PRO C 225 0.25 -20.09 -38.35
N LEU C 226 -0.35 -19.48 -39.37
CA LEU C 226 0.39 -19.16 -40.59
C LEU C 226 0.48 -17.67 -40.89
N VAL C 227 -0.64 -16.98 -41.11
CA VAL C 227 -0.66 -15.70 -41.80
C VAL C 227 -1.44 -14.70 -40.96
N ASP C 228 -0.88 -13.49 -40.81
CA ASP C 228 -1.57 -12.36 -40.20
C ASP C 228 -1.83 -11.29 -41.27
N LEU C 229 -3.02 -10.69 -41.25
CA LEU C 229 -3.41 -9.71 -42.25
C LEU C 229 -3.61 -8.32 -41.64
N PRO C 230 -3.10 -7.25 -42.29
CA PRO C 230 -3.38 -5.87 -41.85
C PRO C 230 -4.58 -5.23 -42.54
N ILE C 231 -5.79 -5.74 -42.25
CA ILE C 231 -6.98 -5.22 -42.92
C ILE C 231 -7.64 -4.12 -42.08
N GLY C 232 -8.11 -4.47 -40.89
CA GLY C 232 -8.72 -3.51 -39.99
C GLY C 232 -10.06 -2.93 -40.41
N ILE C 233 -10.96 -3.75 -40.96
CA ILE C 233 -12.32 -3.33 -41.24
C ILE C 233 -13.28 -4.15 -40.38
N ASN C 234 -14.56 -3.78 -40.37
CA ASN C 234 -15.56 -4.53 -39.64
C ASN C 234 -16.17 -5.61 -40.53
N ILE C 235 -16.48 -6.75 -39.91
CA ILE C 235 -16.98 -7.89 -40.66
C ILE C 235 -18.15 -8.51 -39.89
N THR C 236 -19.26 -8.72 -40.60
CA THR C 236 -20.43 -9.39 -40.05
C THR C 236 -20.78 -10.68 -40.76
N ARG C 237 -20.76 -10.72 -42.09
CA ARG C 237 -21.15 -11.89 -42.86
C ARG C 237 -20.03 -12.25 -43.83
N PHE C 238 -20.01 -13.52 -44.24
CA PHE C 238 -19.19 -13.93 -45.37
C PHE C 238 -19.92 -15.02 -46.13
N GLN C 239 -19.38 -15.38 -47.29
CA GLN C 239 -20.05 -16.30 -48.20
C GLN C 239 -18.99 -17.01 -49.04
N THR C 240 -19.15 -18.31 -49.21
CA THR C 240 -18.15 -19.12 -49.91
C THR C 240 -18.39 -19.10 -51.42
N LEU C 241 -17.37 -19.53 -52.16
CA LEU C 241 -17.41 -19.60 -53.61
C LEU C 241 -16.98 -20.98 -54.05
N LEU C 242 -17.69 -21.52 -55.04
CA LEU C 242 -17.42 -22.85 -55.60
C LEU C 242 -17.29 -22.75 -57.11
N ALA C 243 -17.25 -23.91 -57.76
CA ALA C 243 -17.15 -23.98 -59.21
C ALA C 243 -18.48 -23.66 -59.86
N GLY C 261 -20.18 -32.32 -59.72
CA GLY C 261 -19.50 -32.76 -58.52
C GLY C 261 -19.99 -32.06 -57.26
N ALA C 262 -19.79 -32.70 -56.11
CA ALA C 262 -20.22 -32.15 -54.83
C ALA C 262 -19.09 -32.28 -53.82
N ALA C 263 -19.11 -31.38 -52.83
CA ALA C 263 -18.06 -31.34 -51.83
C ALA C 263 -18.65 -30.93 -50.48
N ALA C 264 -17.90 -31.21 -49.42
CA ALA C 264 -18.35 -30.98 -48.06
C ALA C 264 -17.43 -29.98 -47.35
N TYR C 265 -18.03 -29.17 -46.47
CA TYR C 265 -17.29 -28.23 -45.65
C TYR C 265 -18.05 -27.98 -44.34
N TYR C 266 -17.30 -27.81 -43.25
CA TYR C 266 -17.84 -27.69 -41.91
C TYR C 266 -17.50 -26.32 -41.35
N VAL C 267 -18.44 -25.75 -40.58
CA VAL C 267 -18.24 -24.45 -39.93
C VAL C 267 -18.57 -24.58 -38.45
N GLY C 268 -17.60 -24.23 -37.59
CA GLY C 268 -17.88 -24.04 -36.19
C GLY C 268 -17.62 -22.60 -35.80
N TYR C 269 -18.01 -22.27 -34.57
CA TYR C 269 -17.87 -20.93 -34.01
C TYR C 269 -17.14 -20.98 -32.69
N LEU C 270 -16.31 -19.96 -32.45
CA LEU C 270 -15.48 -19.87 -31.26
C LEU C 270 -16.23 -19.22 -30.11
N GLN C 271 -15.85 -19.58 -28.91
CA GLN C 271 -16.43 -19.09 -27.67
C GLN C 271 -15.28 -18.96 -26.67
N PRO C 272 -15.32 -17.94 -25.80
CA PRO C 272 -14.24 -17.80 -24.80
C PRO C 272 -14.31 -18.89 -23.74
N ARG C 273 -13.26 -19.71 -23.70
CA ARG C 273 -13.23 -20.91 -22.86
C ARG C 273 -11.81 -21.10 -22.34
N THR C 274 -11.71 -21.56 -21.10
CA THR C 274 -10.43 -21.81 -20.44
C THR C 274 -10.08 -23.27 -20.66
N PHE C 275 -8.85 -23.52 -21.11
CA PHE C 275 -8.36 -24.86 -21.38
C PHE C 275 -7.16 -25.19 -20.51
N LEU C 276 -6.80 -26.47 -20.49
CA LEU C 276 -5.54 -26.94 -19.92
C LEU C 276 -4.83 -27.73 -20.99
N LEU C 277 -3.61 -27.34 -21.32
CA LEU C 277 -2.91 -27.84 -22.49
C LEU C 277 -1.79 -28.78 -22.08
N LYS C 278 -1.68 -29.90 -22.78
CA LYS C 278 -0.66 -30.90 -22.50
C LYS C 278 0.39 -30.86 -23.59
N TYR C 279 1.61 -30.47 -23.22
CA TYR C 279 2.74 -30.46 -24.14
C TYR C 279 3.59 -31.70 -23.90
N ASN C 280 4.14 -32.25 -24.97
CA ASN C 280 4.98 -33.43 -24.90
C ASN C 280 6.44 -33.01 -24.71
N GLU C 281 7.37 -33.94 -24.95
CA GLU C 281 8.80 -33.65 -24.82
C GLU C 281 9.29 -32.69 -25.91
N ASN C 282 8.61 -32.64 -27.05
CA ASN C 282 9.01 -31.76 -28.14
C ASN C 282 8.00 -30.66 -28.44
N GLY C 283 7.09 -30.35 -27.53
CA GLY C 283 6.27 -29.17 -27.66
C GLY C 283 5.06 -29.28 -28.56
N THR C 284 4.67 -30.49 -28.96
CA THR C 284 3.47 -30.69 -29.75
C THR C 284 2.32 -31.07 -28.81
N ILE C 285 1.19 -30.40 -28.96
CA ILE C 285 0.07 -30.61 -28.06
C ILE C 285 -0.62 -31.92 -28.41
N THR C 286 -0.58 -32.87 -27.47
CA THR C 286 -1.13 -34.20 -27.69
C THR C 286 -2.47 -34.43 -27.01
N ASP C 287 -2.80 -33.67 -25.97
CA ASP C 287 -4.06 -33.77 -25.26
C ASP C 287 -4.45 -32.39 -24.75
N ALA C 288 -5.74 -32.23 -24.48
CA ALA C 288 -6.27 -31.02 -23.85
C ALA C 288 -7.58 -31.38 -23.17
N VAL C 289 -7.90 -30.65 -22.11
CA VAL C 289 -9.19 -30.74 -21.45
C VAL C 289 -9.80 -29.35 -21.35
N ASP C 290 -11.13 -29.30 -21.43
CA ASP C 290 -11.89 -28.07 -21.25
C ASP C 290 -12.29 -27.97 -19.79
N CYS C 291 -12.23 -26.76 -19.23
CA CYS C 291 -12.55 -26.57 -17.83
C CYS C 291 -14.02 -26.28 -17.58
N ALA C 292 -14.89 -26.49 -18.57
CA ALA C 292 -16.33 -26.32 -18.36
C ALA C 292 -17.14 -27.41 -19.05
N LEU C 293 -16.49 -28.44 -19.60
CA LEU C 293 -17.21 -29.53 -20.25
C LEU C 293 -17.90 -30.44 -19.23
N ASP C 294 -17.16 -30.87 -18.22
CA ASP C 294 -17.64 -31.79 -17.20
C ASP C 294 -16.78 -31.60 -15.96
N PRO C 295 -17.32 -31.90 -14.76
CA PRO C 295 -16.53 -31.63 -13.53
C PRO C 295 -15.29 -32.49 -13.34
N LEU C 296 -15.16 -33.62 -14.04
CA LEU C 296 -13.92 -34.38 -13.98
C LEU C 296 -12.78 -33.64 -14.68
N SER C 297 -13.05 -33.08 -15.88
CA SER C 297 -12.02 -32.28 -16.54
C SER C 297 -11.87 -30.92 -15.87
N GLU C 298 -12.89 -30.47 -15.13
CA GLU C 298 -12.74 -29.23 -14.37
C GLU C 298 -11.85 -29.46 -13.15
N THR C 299 -11.91 -30.66 -12.54
CA THR C 299 -10.93 -31.02 -11.51
C THR C 299 -9.55 -31.23 -12.10
N LYS C 300 -9.49 -31.72 -13.35
CA LYS C 300 -8.21 -31.83 -14.06
C LYS C 300 -7.59 -30.45 -14.29
N CYS C 301 -8.43 -29.45 -14.59
CA CYS C 301 -7.97 -28.07 -14.73
C CYS C 301 -7.50 -27.49 -13.41
N THR C 302 -8.26 -27.68 -12.32
CA THR C 302 -7.85 -27.03 -11.07
C THR C 302 -6.80 -27.84 -10.32
N LEU C 303 -6.51 -29.06 -10.75
CA LEU C 303 -5.44 -29.85 -10.16
C LEU C 303 -4.18 -29.85 -11.02
N LYS C 304 -4.30 -29.46 -12.30
CA LYS C 304 -3.25 -29.45 -13.31
C LYS C 304 -2.60 -30.82 -13.46
N SER C 305 -3.45 -31.81 -13.74
CA SER C 305 -3.03 -33.18 -13.98
C SER C 305 -4.05 -33.83 -14.90
N PHE C 306 -3.59 -34.83 -15.65
CA PHE C 306 -4.47 -35.62 -16.51
C PHE C 306 -4.90 -36.93 -15.87
N THR C 307 -4.25 -37.33 -14.77
CA THR C 307 -4.73 -38.44 -13.96
C THR C 307 -5.04 -37.91 -12.58
N VAL C 308 -6.27 -38.14 -12.13
CA VAL C 308 -6.76 -37.62 -10.87
C VAL C 308 -6.89 -38.78 -9.90
N GLU C 309 -6.28 -38.63 -8.73
CA GLU C 309 -6.36 -39.66 -7.70
C GLU C 309 -7.70 -39.61 -6.98
N LYS C 310 -7.95 -40.65 -6.20
CA LYS C 310 -9.23 -40.83 -5.55
C LYS C 310 -9.35 -39.97 -4.30
N GLY C 311 -10.38 -39.13 -4.26
CA GLY C 311 -10.57 -38.24 -3.13
C GLY C 311 -11.58 -37.15 -3.45
N ILE C 312 -11.59 -36.12 -2.60
CA ILE C 312 -12.47 -34.96 -2.75
C ILE C 312 -11.62 -33.74 -3.04
N TYR C 313 -11.95 -33.03 -4.12
CA TYR C 313 -11.19 -31.87 -4.55
C TYR C 313 -12.13 -30.68 -4.68
N GLN C 314 -11.91 -29.68 -3.84
CA GLN C 314 -12.73 -28.47 -3.83
C GLN C 314 -12.25 -27.53 -4.93
N THR C 315 -13.16 -27.16 -5.82
CA THR C 315 -12.78 -26.46 -7.04
C THR C 315 -13.26 -25.02 -7.12
N SER C 316 -14.55 -24.78 -6.98
CA SER C 316 -15.09 -23.44 -7.22
C SER C 316 -16.25 -23.20 -6.26
N ASN C 317 -16.99 -22.13 -6.52
CA ASN C 317 -18.13 -21.72 -5.72
C ASN C 317 -19.31 -21.42 -6.63
N PHE C 318 -20.41 -21.01 -6.02
CA PHE C 318 -21.64 -20.67 -6.74
C PHE C 318 -22.48 -19.77 -5.86
N ARG C 319 -23.31 -18.94 -6.49
CA ARG C 319 -24.18 -18.02 -5.79
C ARG C 319 -25.53 -17.96 -6.47
N VAL C 320 -26.59 -17.75 -5.69
CA VAL C 320 -27.92 -17.56 -6.25
C VAL C 320 -28.12 -16.09 -6.64
N GLN C 321 -28.57 -15.88 -7.88
CA GLN C 321 -28.71 -14.56 -8.45
C GLN C 321 -30.12 -14.00 -8.27
N PRO C 322 -30.26 -12.71 -7.99
CA PRO C 322 -31.60 -12.13 -7.78
C PRO C 322 -32.35 -11.93 -9.09
N THR C 323 -33.66 -11.77 -8.97
CA THR C 323 -34.53 -11.69 -10.14
C THR C 323 -35.31 -10.38 -10.25
N GLU C 324 -36.08 -9.99 -9.23
CA GLU C 324 -37.12 -9.00 -9.44
C GLU C 324 -36.68 -7.56 -9.18
N SER C 325 -35.94 -7.34 -8.08
CA SER C 325 -35.51 -6.01 -7.58
C SER C 325 -36.68 -5.07 -7.35
N ILE C 326 -37.51 -5.43 -6.37
CA ILE C 326 -38.73 -4.68 -6.04
C ILE C 326 -38.41 -3.37 -5.34
N VAL C 327 -39.38 -2.46 -5.28
CA VAL C 327 -39.21 -1.13 -4.73
C VAL C 327 -40.29 -0.89 -3.69
N ARG C 328 -39.89 -0.55 -2.46
CA ARG C 328 -40.83 -0.20 -1.40
C ARG C 328 -40.48 1.13 -0.78
N PHE C 329 -41.49 1.96 -0.57
CA PHE C 329 -41.33 3.32 -0.06
C PHE C 329 -42.62 3.70 0.65
N PRO C 330 -42.56 4.65 1.62
CA PRO C 330 -43.78 4.98 2.39
C PRO C 330 -44.83 5.74 1.58
N ASN C 331 -45.97 5.93 2.23
CA ASN C 331 -47.15 6.60 1.67
C ASN C 331 -46.83 8.07 1.45
N ILE C 332 -47.02 8.53 0.21
CA ILE C 332 -46.74 9.91 -0.16
C ILE C 332 -47.82 10.81 0.43
N THR C 333 -49.06 10.65 -0.07
CA THR C 333 -50.37 10.96 0.54
C THR C 333 -50.50 12.18 1.43
N ASN C 334 -50.03 13.33 0.99
CA ASN C 334 -50.14 14.56 1.78
C ASN C 334 -51.14 15.56 1.23
N LEU C 335 -51.11 15.78 -0.10
CA LEU C 335 -52.02 16.65 -0.86
C LEU C 335 -52.00 18.09 -0.35
N CYS C 336 -50.83 18.71 -0.52
CA CYS C 336 -50.59 20.10 -0.19
C CYS C 336 -51.38 20.98 -1.16
N PRO C 337 -51.94 22.14 -0.73
CA PRO C 337 -52.71 23.00 -1.64
C PRO C 337 -51.88 23.74 -2.69
N PHE C 338 -51.41 23.00 -3.71
CA PHE C 338 -50.98 23.65 -4.94
C PHE C 338 -52.13 23.74 -5.94
N GLY C 339 -53.28 23.16 -5.62
CA GLY C 339 -54.45 23.29 -6.48
C GLY C 339 -55.05 24.67 -6.42
N GLU C 340 -54.79 25.41 -5.33
CA GLU C 340 -55.27 26.78 -5.23
C GLU C 340 -54.35 27.76 -5.95
N VAL C 341 -53.14 27.31 -6.31
CA VAL C 341 -52.22 28.20 -7.02
C VAL C 341 -52.09 27.64 -8.44
N PHE C 342 -52.86 26.60 -8.75
CA PHE C 342 -53.01 26.16 -10.13
C PHE C 342 -54.42 26.27 -10.69
N ASN C 343 -55.44 26.42 -9.85
CA ASN C 343 -56.84 26.47 -10.30
C ASN C 343 -57.64 27.57 -9.61
N ALA C 344 -57.12 28.78 -9.55
CA ALA C 344 -57.88 29.91 -9.04
C ALA C 344 -57.80 31.10 -10.00
N THR C 345 -58.77 32.00 -9.87
CA THR C 345 -58.99 33.05 -10.86
C THR C 345 -58.23 34.34 -10.58
N ARG C 346 -57.54 34.46 -9.44
CA ARG C 346 -56.81 35.70 -9.14
C ARG C 346 -55.62 35.33 -8.26
N PHE C 347 -54.42 35.54 -8.79
CA PHE C 347 -53.19 35.26 -8.05
C PHE C 347 -52.57 36.58 -7.57
N ALA C 348 -51.34 36.52 -7.09
CA ALA C 348 -50.65 37.71 -6.63
C ALA C 348 -50.17 38.55 -7.81
N SER C 349 -49.84 39.81 -7.52
CA SER C 349 -49.42 40.77 -8.53
C SER C 349 -47.89 40.80 -8.60
N VAL C 350 -47.37 41.57 -9.55
CA VAL C 350 -45.91 41.61 -9.74
C VAL C 350 -45.30 42.69 -8.84
N TYR C 351 -46.14 43.55 -8.26
CA TYR C 351 -45.62 44.41 -7.20
C TYR C 351 -45.66 43.70 -5.85
N ALA C 352 -46.39 42.61 -5.73
CA ALA C 352 -46.55 41.90 -4.47
C ALA C 352 -46.55 40.39 -4.66
N TRP C 353 -45.62 39.85 -5.46
CA TRP C 353 -45.47 38.40 -5.53
C TRP C 353 -44.66 37.96 -4.31
N ASN C 354 -45.37 37.40 -3.33
CA ASN C 354 -44.74 37.07 -2.05
C ASN C 354 -43.82 35.87 -2.15
N ARG C 355 -42.77 35.87 -1.35
CA ARG C 355 -41.84 34.74 -1.26
C ARG C 355 -42.38 33.78 -0.21
N LYS C 356 -43.41 33.03 -0.60
CA LYS C 356 -44.16 32.21 0.34
C LYS C 356 -43.39 30.94 0.68
N ARG C 357 -43.38 30.59 1.96
CA ARG C 357 -42.78 29.34 2.41
C ARG C 357 -43.90 28.33 2.59
N ILE C 358 -44.04 27.43 1.63
CA ILE C 358 -44.98 26.32 1.69
C ILE C 358 -44.15 25.07 1.94
N SER C 359 -44.17 24.59 3.18
CA SER C 359 -43.24 23.56 3.63
C SER C 359 -44.00 22.34 4.14
N ASN C 360 -43.25 21.25 4.28
CA ASN C 360 -43.69 19.94 4.81
C ASN C 360 -44.84 19.36 3.98
N CYS C 361 -44.60 19.27 2.68
CA CYS C 361 -45.61 18.79 1.74
C CYS C 361 -44.93 17.87 0.75
N VAL C 362 -45.73 17.40 -0.21
CA VAL C 362 -45.24 16.77 -1.43
C VAL C 362 -45.84 17.51 -2.60
N ALA C 363 -45.25 17.35 -3.78
CA ALA C 363 -45.73 18.01 -4.99
C ALA C 363 -45.39 17.12 -6.18
N ASP C 364 -46.39 16.36 -6.66
CA ASP C 364 -46.17 15.55 -7.84
C ASP C 364 -46.26 16.42 -9.09
N TYR C 365 -45.39 16.14 -10.05
CA TYR C 365 -45.31 16.90 -11.29
C TYR C 365 -45.68 16.07 -12.51
N SER C 366 -46.04 14.81 -12.32
CA SER C 366 -46.54 13.99 -13.42
C SER C 366 -47.91 14.47 -13.87
N VAL C 367 -48.72 14.99 -12.93
CA VAL C 367 -50.01 15.56 -13.30
C VAL C 367 -49.82 16.93 -13.96
N LEU C 368 -48.68 17.59 -13.69
CA LEU C 368 -48.31 18.77 -14.47
C LEU C 368 -47.87 18.37 -15.87
N TYR C 369 -47.26 17.19 -16.01
CA TYR C 369 -46.78 16.74 -17.32
C TYR C 369 -47.92 16.37 -18.24
N ASN C 370 -49.00 15.77 -17.71
CA ASN C 370 -50.16 15.44 -18.51
C ASN C 370 -51.29 16.46 -18.35
N SER C 371 -50.97 17.71 -18.03
CA SER C 371 -51.97 18.75 -17.89
C SER C 371 -52.53 19.20 -19.24
N ALA C 372 -51.76 19.03 -20.32
CA ALA C 372 -52.13 19.32 -21.71
C ALA C 372 -52.51 20.79 -21.93
N SER C 373 -51.87 21.69 -21.17
CA SER C 373 -52.09 23.12 -21.33
C SER C 373 -50.83 23.95 -21.22
N PHE C 374 -49.65 23.35 -21.06
CA PHE C 374 -48.43 24.10 -20.85
C PHE C 374 -47.89 24.65 -22.16
N SER C 375 -47.35 25.87 -22.10
CA SER C 375 -46.77 26.53 -23.27
C SER C 375 -45.25 26.51 -23.23
N THR C 376 -44.64 27.01 -22.15
CA THR C 376 -43.19 27.04 -21.99
C THR C 376 -42.78 26.42 -20.67
N PHE C 377 -42.41 25.14 -20.71
CA PHE C 377 -41.90 24.44 -19.53
C PHE C 377 -40.38 24.46 -19.56
N LYS C 378 -39.77 25.30 -18.73
CA LYS C 378 -38.31 25.47 -18.74
C LYS C 378 -37.77 25.22 -17.34
N CYS C 379 -36.99 24.15 -17.21
CA CYS C 379 -36.33 23.81 -15.94
C CYS C 379 -34.83 24.02 -16.12
N TYR C 380 -34.30 25.05 -15.45
CA TYR C 380 -32.88 25.34 -15.52
C TYR C 380 -32.11 24.54 -14.48
N GLY C 381 -30.86 24.21 -14.82
CA GLY C 381 -29.99 23.51 -13.90
C GLY C 381 -30.10 22.00 -13.94
N VAL C 382 -31.31 21.48 -13.71
CA VAL C 382 -31.56 20.04 -13.64
C VAL C 382 -32.60 19.71 -14.70
N SER C 383 -32.54 18.48 -15.24
CA SER C 383 -33.47 18.07 -16.27
C SER C 383 -34.85 17.82 -15.66
N PRO C 384 -35.94 18.03 -16.42
CA PRO C 384 -37.28 17.74 -15.89
C PRO C 384 -37.57 16.25 -15.71
N THR C 385 -36.83 15.37 -16.39
CA THR C 385 -37.06 13.93 -16.25
C THR C 385 -36.58 13.39 -14.91
N LYS C 386 -35.60 14.05 -14.30
CA LYS C 386 -35.12 13.68 -12.97
C LYS C 386 -35.45 14.75 -11.93
N LEU C 387 -36.66 15.29 -11.99
CA LEU C 387 -37.10 16.34 -11.08
C LEU C 387 -37.95 15.77 -9.95
N ASN C 388 -38.67 14.67 -10.19
CA ASN C 388 -39.59 14.15 -9.18
C ASN C 388 -38.90 13.18 -8.24
N ASP C 389 -37.94 12.41 -8.73
CA ASP C 389 -37.32 11.37 -7.91
C ASP C 389 -36.32 11.97 -6.92
N LEU C 390 -35.61 13.02 -7.32
CA LEU C 390 -34.61 13.66 -6.47
C LEU C 390 -35.00 15.12 -6.29
N CYS C 391 -34.88 15.61 -5.06
CA CYS C 391 -35.30 16.96 -4.74
C CYS C 391 -34.14 17.79 -4.20
N PHE C 392 -34.44 18.99 -3.74
CA PHE C 392 -33.45 19.90 -3.16
C PHE C 392 -34.15 20.71 -2.06
N THR C 393 -33.36 21.45 -1.30
CA THR C 393 -33.92 22.31 -0.27
C THR C 393 -34.29 23.68 -0.85
N ASN C 394 -34.89 24.52 0.01
CA ASN C 394 -35.33 25.90 -0.26
C ASN C 394 -36.32 25.96 -1.42
N VAL C 395 -37.55 25.50 -1.13
CA VAL C 395 -38.53 25.11 -2.13
C VAL C 395 -39.58 26.25 -2.09
N TYR C 396 -39.10 27.49 -1.96
CA TYR C 396 -39.96 28.65 -2.07
C TYR C 396 -40.52 28.79 -3.48
N ALA C 397 -41.72 29.36 -3.58
CA ALA C 397 -42.44 29.43 -4.84
C ALA C 397 -42.96 30.84 -5.09
N ASP C 398 -43.17 31.17 -6.36
CA ASP C 398 -43.66 32.48 -6.79
C ASP C 398 -44.80 32.27 -7.80
N SER C 399 -45.59 33.33 -8.00
CA SER C 399 -46.70 33.28 -8.93
C SER C 399 -47.05 34.68 -9.43
N PHE C 400 -47.20 34.79 -10.75
CA PHE C 400 -47.72 35.96 -11.45
C PHE C 400 -48.14 35.49 -12.84
N VAL C 401 -49.13 36.16 -13.41
CA VAL C 401 -49.50 35.97 -14.81
C VAL C 401 -48.83 37.07 -15.65
N ILE C 402 -47.67 36.71 -16.22
CA ILE C 402 -46.89 37.67 -17.00
C ILE C 402 -47.37 37.66 -18.45
N ARG C 403 -47.22 38.80 -19.13
CA ARG C 403 -47.59 38.92 -20.53
C ARG C 403 -46.60 38.13 -21.38
N GLY C 404 -47.11 37.40 -22.37
CA GLY C 404 -46.37 36.39 -23.08
C GLY C 404 -45.43 36.84 -24.18
N ASP C 405 -45.14 38.14 -24.28
CA ASP C 405 -44.29 38.61 -25.37
C ASP C 405 -42.80 38.50 -25.04
N GLU C 406 -42.42 38.47 -23.75
CA GLU C 406 -41.02 38.35 -23.39
C GLU C 406 -40.77 37.17 -22.45
N VAL C 407 -41.32 36.00 -22.77
CA VAL C 407 -40.99 34.78 -22.02
C VAL C 407 -39.61 34.27 -22.45
N ARG C 408 -39.21 34.59 -23.68
CA ARG C 408 -37.85 34.32 -24.14
C ARG C 408 -36.82 35.22 -23.45
N GLN C 409 -37.23 36.38 -22.92
CA GLN C 409 -36.36 37.19 -22.09
C GLN C 409 -36.20 36.62 -20.68
N ILE C 410 -37.11 35.74 -20.25
CA ILE C 410 -37.00 35.10 -18.94
C ILE C 410 -35.94 34.01 -19.09
N ALA C 411 -34.72 34.33 -18.65
CA ALA C 411 -33.54 33.50 -18.78
C ALA C 411 -32.48 34.04 -17.84
N PRO C 412 -31.61 33.18 -17.30
CA PRO C 412 -30.44 33.69 -16.57
C PRO C 412 -29.41 34.29 -17.52
N GLY C 413 -28.87 35.44 -17.13
CA GLY C 413 -27.91 36.13 -17.97
C GLY C 413 -28.52 36.80 -19.19
N GLN C 414 -29.82 37.13 -19.14
CA GLN C 414 -30.50 37.78 -20.24
C GLN C 414 -31.39 38.88 -19.68
N THR C 415 -31.12 40.12 -20.05
CA THR C 415 -31.86 41.27 -19.55
C THR C 415 -33.00 41.60 -20.53
N GLY C 416 -33.66 42.73 -20.32
CA GLY C 416 -34.76 43.14 -21.17
C GLY C 416 -35.71 44.12 -20.48
N LYS C 417 -37.00 43.80 -20.49
CA LYS C 417 -38.00 44.57 -19.77
C LYS C 417 -38.50 43.83 -18.55
N ILE C 418 -38.93 42.58 -18.71
CA ILE C 418 -39.42 41.77 -17.60
C ILE C 418 -38.28 41.41 -16.66
N ALA C 419 -37.12 41.05 -17.23
CA ALA C 419 -35.94 40.71 -16.45
C ALA C 419 -35.26 41.92 -15.82
N ASP C 420 -35.63 43.14 -16.20
CA ASP C 420 -35.08 44.35 -15.60
C ASP C 420 -36.02 44.99 -14.59
N TYR C 421 -37.34 44.92 -14.82
CA TYR C 421 -38.27 45.66 -14.00
C TYR C 421 -39.30 44.80 -13.28
N ASN C 422 -39.43 43.52 -13.61
CA ASN C 422 -40.43 42.66 -12.98
C ASN C 422 -39.81 41.55 -12.15
N TYR C 423 -38.98 40.70 -12.76
CA TYR C 423 -38.42 39.53 -12.09
C TYR C 423 -37.13 39.09 -12.78
N LYS C 424 -36.03 39.06 -12.04
CA LYS C 424 -34.73 38.73 -12.60
C LYS C 424 -34.24 37.40 -12.03
N LEU C 425 -33.63 36.57 -12.89
CA LEU C 425 -33.07 35.27 -12.52
C LEU C 425 -31.59 35.42 -12.21
N PRO C 426 -31.09 34.78 -11.14
CA PRO C 426 -29.65 34.77 -10.92
C PRO C 426 -28.94 33.84 -11.89
N ASP C 427 -27.63 34.02 -12.00
CA ASP C 427 -26.82 33.18 -12.86
C ASP C 427 -26.68 31.78 -12.26
N ASP C 428 -26.63 30.77 -13.16
CA ASP C 428 -26.69 29.34 -12.87
C ASP C 428 -27.90 28.98 -12.02
N PHE C 429 -29.08 29.20 -12.61
CA PHE C 429 -30.33 28.96 -11.92
C PHE C 429 -30.60 27.47 -11.80
N THR C 430 -30.94 27.03 -10.59
CA THR C 430 -31.43 25.68 -10.33
C THR C 430 -32.91 25.82 -9.98
N GLY C 431 -33.77 25.41 -10.88
CA GLY C 431 -35.20 25.55 -10.68
C GLY C 431 -35.93 25.55 -12.01
N CYS C 432 -37.24 25.76 -11.92
CA CYS C 432 -38.12 25.69 -13.08
C CYS C 432 -38.98 26.94 -13.17
N VAL C 433 -39.14 27.45 -14.40
CA VAL C 433 -40.18 28.42 -14.72
C VAL C 433 -41.18 27.74 -15.65
N ILE C 434 -42.46 27.84 -15.31
CA ILE C 434 -43.52 27.05 -15.94
C ILE C 434 -44.57 28.00 -16.48
N ALA C 435 -44.61 28.17 -17.80
CA ALA C 435 -45.54 29.08 -18.45
C ALA C 435 -46.61 28.28 -19.19
N TRP C 436 -47.85 28.74 -19.10
CA TRP C 436 -48.97 28.09 -19.77
C TRP C 436 -49.95 29.15 -20.25
N ASN C 437 -50.91 28.70 -21.08
CA ASN C 437 -51.91 29.59 -21.66
C ASN C 437 -52.92 30.01 -20.59
N SER C 438 -53.23 31.30 -20.54
CA SER C 438 -54.15 31.86 -19.57
C SER C 438 -55.18 32.74 -20.27
N ASN C 439 -55.79 32.23 -21.33
CA ASN C 439 -56.73 33.01 -22.11
C ASN C 439 -58.17 32.83 -21.63
N ASN C 440 -58.51 31.63 -21.14
CA ASN C 440 -59.91 31.29 -20.92
C ASN C 440 -60.46 31.84 -19.60
N LEU C 441 -59.60 32.22 -18.66
CA LEU C 441 -60.06 32.61 -17.33
C LEU C 441 -59.66 34.02 -16.91
N ASP C 442 -58.44 34.45 -17.20
CA ASP C 442 -58.04 35.83 -16.89
C ASP C 442 -58.19 36.75 -18.09
N SER C 443 -59.41 36.82 -18.62
CA SER C 443 -59.71 37.73 -19.74
C SER C 443 -61.19 38.07 -19.65
N LYS C 444 -61.50 39.23 -19.08
CA LYS C 444 -62.87 39.71 -19.01
C LYS C 444 -63.14 40.65 -20.19
N VAL C 445 -64.37 41.15 -20.27
CA VAL C 445 -64.75 42.02 -21.38
C VAL C 445 -64.16 43.41 -21.18
N GLY C 446 -63.60 43.96 -22.25
CA GLY C 446 -62.98 45.26 -22.20
C GLY C 446 -61.55 45.29 -21.70
N GLY C 447 -60.99 44.15 -21.31
CA GLY C 447 -59.64 44.10 -20.81
C GLY C 447 -59.56 43.83 -19.32
N ASN C 448 -58.75 42.86 -18.92
CA ASN C 448 -58.61 42.47 -17.51
C ASN C 448 -57.65 43.45 -16.85
N TYR C 449 -58.20 44.50 -16.27
CA TYR C 449 -57.41 45.53 -15.59
C TYR C 449 -57.29 45.25 -14.09
N ASN C 450 -56.81 44.06 -13.75
CA ASN C 450 -56.63 43.66 -12.36
C ASN C 450 -55.19 43.39 -11.99
N TYR C 451 -54.29 43.28 -12.96
CA TYR C 451 -52.88 43.02 -12.71
C TYR C 451 -52.09 44.21 -13.24
N LEU C 452 -51.92 45.23 -12.41
CA LEU C 452 -51.11 46.39 -12.76
C LEU C 452 -49.64 45.99 -12.60
N TYR C 453 -48.75 46.71 -13.29
CA TYR C 453 -47.35 46.30 -13.33
C TYR C 453 -46.46 47.54 -13.33
N ARG C 454 -45.22 47.37 -12.88
CA ARG C 454 -44.27 48.48 -12.82
C ARG C 454 -43.58 48.60 -14.17
N LEU C 455 -43.56 49.81 -14.71
CA LEU C 455 -42.89 50.09 -15.97
C LEU C 455 -41.55 50.79 -15.79
N PHE C 456 -41.30 51.42 -14.65
CA PHE C 456 -40.12 52.26 -14.47
C PHE C 456 -39.50 52.01 -13.11
N ARG C 457 -38.18 51.80 -13.10
CA ARG C 457 -37.40 51.71 -11.87
C ARG C 457 -36.07 52.41 -12.12
N LYS C 458 -35.52 53.05 -11.08
CA LYS C 458 -34.33 53.88 -11.23
C LYS C 458 -33.09 53.04 -11.51
N SER C 459 -32.97 51.89 -10.86
CA SER C 459 -31.82 51.01 -11.05
C SER C 459 -32.31 49.67 -11.58
N ASN C 460 -31.35 48.83 -11.98
CA ASN C 460 -31.67 47.47 -12.35
C ASN C 460 -32.06 46.65 -11.13
N LEU C 461 -32.98 45.72 -11.32
CA LEU C 461 -33.44 44.88 -10.23
C LEU C 461 -32.38 43.86 -9.83
N LYS C 462 -32.29 43.59 -8.54
CA LYS C 462 -31.51 42.46 -8.08
C LYS C 462 -32.26 41.16 -8.39
N PRO C 463 -31.56 40.05 -8.60
CA PRO C 463 -32.26 38.77 -8.76
C PRO C 463 -32.94 38.33 -7.46
N PHE C 464 -34.16 37.81 -7.61
CA PHE C 464 -35.05 37.33 -6.55
C PHE C 464 -35.35 38.43 -5.52
N GLU C 465 -35.89 39.54 -6.03
CA GLU C 465 -36.30 40.67 -5.20
C GLU C 465 -37.75 41.01 -5.51
N ARG C 466 -38.58 41.06 -4.47
CA ARG C 466 -39.94 41.58 -4.60
C ARG C 466 -39.86 43.09 -4.42
N ASP C 467 -40.30 43.84 -5.43
CA ASP C 467 -40.22 45.29 -5.40
C ASP C 467 -41.63 45.87 -5.22
N ILE C 468 -41.84 46.56 -4.10
CA ILE C 468 -43.10 47.23 -3.80
C ILE C 468 -42.81 48.69 -3.49
N SER C 469 -43.61 49.59 -4.07
CA SER C 469 -43.44 51.03 -3.92
C SER C 469 -44.74 51.72 -4.30
N THR C 470 -44.80 53.01 -3.97
CA THR C 470 -45.90 53.89 -4.33
C THR C 470 -45.42 55.11 -5.11
N GLU C 471 -44.21 55.58 -4.78
CA GLU C 471 -43.61 56.76 -5.39
C GLU C 471 -43.23 56.53 -6.85
N ILE C 472 -43.07 57.63 -7.58
CA ILE C 472 -43.04 57.63 -9.04
C ILE C 472 -41.60 57.80 -9.53
N TYR C 473 -41.42 57.61 -10.85
CA TYR C 473 -40.10 57.61 -11.45
C TYR C 473 -39.48 59.00 -11.48
N GLN C 474 -38.16 59.04 -11.31
CA GLN C 474 -37.38 60.27 -11.38
C GLN C 474 -36.46 60.21 -12.58
N ALA C 475 -36.66 61.11 -13.53
CA ALA C 475 -35.87 61.13 -14.77
C ALA C 475 -35.29 62.48 -15.12
N GLY C 476 -35.85 63.58 -14.63
CA GLY C 476 -35.31 64.89 -14.92
C GLY C 476 -34.70 65.57 -13.71
N SER C 477 -34.81 66.90 -13.65
CA SER C 477 -34.28 67.64 -12.52
C SER C 477 -35.41 68.38 -11.79
N THR C 478 -36.48 68.68 -12.51
CA THR C 478 -37.63 69.32 -11.88
C THR C 478 -38.45 68.28 -11.13
N PRO C 479 -38.67 68.46 -9.82
CA PRO C 479 -39.42 67.47 -9.06
C PRO C 479 -40.92 67.59 -9.28
N CYS C 480 -41.62 66.46 -9.13
CA CYS C 480 -43.07 66.46 -9.22
C CYS C 480 -43.67 66.94 -7.90
N ASN C 481 -44.72 67.76 -8.01
CA ASN C 481 -45.37 68.36 -6.84
C ASN C 481 -46.63 67.61 -6.42
N GLY C 482 -46.68 66.31 -6.66
CA GLY C 482 -47.88 65.53 -6.38
C GLY C 482 -48.86 65.45 -7.53
N VAL C 483 -49.18 66.59 -8.14
CA VAL C 483 -49.97 66.61 -9.36
C VAL C 483 -49.11 66.07 -10.49
N GLU C 484 -49.67 65.16 -11.29
CA GLU C 484 -48.93 64.51 -12.37
C GLU C 484 -48.64 65.51 -13.50
N GLY C 485 -47.37 65.58 -13.90
CA GLY C 485 -46.93 66.57 -14.86
C GLY C 485 -46.21 65.98 -16.07
N PHE C 486 -45.24 66.73 -16.60
CA PHE C 486 -44.57 66.36 -17.84
C PHE C 486 -43.41 65.39 -17.63
N ASN C 487 -42.93 65.20 -16.41
CA ASN C 487 -41.82 64.28 -16.15
C ASN C 487 -42.09 63.46 -14.89
N CYS C 488 -43.36 63.22 -14.58
CA CYS C 488 -43.70 62.44 -13.40
C CYS C 488 -43.52 60.95 -13.62
N TYR C 489 -44.04 60.44 -14.75
CA TYR C 489 -43.80 59.10 -15.29
C TYR C 489 -44.26 58.00 -14.32
N PHE C 490 -45.59 57.93 -14.13
CA PHE C 490 -46.29 56.95 -13.32
C PHE C 490 -45.98 55.52 -13.76
N PRO C 491 -45.24 54.75 -12.95
CA PRO C 491 -44.76 53.44 -13.42
C PRO C 491 -45.82 52.34 -13.38
N LEU C 492 -46.86 52.53 -12.56
CA LEU C 492 -47.88 51.50 -12.35
C LEU C 492 -48.91 51.56 -13.46
N GLN C 493 -48.51 51.07 -14.63
CA GLN C 493 -49.38 51.01 -15.79
C GLN C 493 -50.18 49.70 -15.72
N SER C 494 -51.15 49.54 -16.60
CA SER C 494 -52.07 48.41 -16.56
C SER C 494 -51.90 47.53 -17.80
N TYR C 495 -51.73 46.23 -17.58
CA TYR C 495 -51.99 45.21 -18.58
C TYR C 495 -53.42 45.27 -19.10
N GLY C 496 -53.55 45.36 -20.42
CA GLY C 496 -54.83 45.21 -21.08
C GLY C 496 -54.95 43.83 -21.69
N PHE C 497 -55.73 42.96 -21.06
CA PHE C 497 -55.88 41.57 -21.49
C PHE C 497 -57.31 41.35 -21.95
N GLN C 498 -57.51 41.50 -23.23
CA GLN C 498 -58.73 41.34 -24.00
C GLN C 498 -58.80 39.95 -24.61
N PRO C 499 -60.00 39.38 -24.79
CA PRO C 499 -60.10 38.05 -25.40
C PRO C 499 -59.78 38.00 -26.89
N THR C 500 -59.70 39.14 -27.56
CA THR C 500 -59.32 39.16 -28.97
C THR C 500 -57.81 39.22 -29.18
N ASN C 501 -57.03 39.20 -28.10
CA ASN C 501 -55.57 39.12 -28.22
C ASN C 501 -55.14 37.75 -28.72
N GLY C 502 -53.95 37.72 -29.32
CA GLY C 502 -53.42 36.50 -29.90
C GLY C 502 -52.77 35.60 -28.87
N VAL C 503 -52.07 34.59 -29.38
CA VAL C 503 -51.43 33.59 -28.52
C VAL C 503 -50.22 34.20 -27.80
N GLY C 504 -49.53 35.15 -28.45
CA GLY C 504 -48.42 35.82 -27.78
C GLY C 504 -48.86 37.03 -26.98
N TYR C 505 -49.92 37.70 -27.45
CA TYR C 505 -50.40 38.90 -26.75
C TYR C 505 -51.20 38.53 -25.51
N GLN C 506 -51.83 37.36 -25.51
CA GLN C 506 -52.47 36.86 -24.31
C GLN C 506 -51.38 36.41 -23.32
N PRO C 507 -51.62 36.58 -22.01
CA PRO C 507 -50.54 36.37 -21.03
C PRO C 507 -50.19 34.91 -20.82
N TYR C 508 -48.95 34.68 -20.37
CA TYR C 508 -48.46 33.34 -20.04
C TYR C 508 -48.20 33.27 -18.54
N ARG C 509 -48.97 32.45 -17.84
CA ARG C 509 -48.91 32.42 -16.37
C ARG C 509 -47.70 31.64 -15.90
N VAL C 510 -46.80 32.31 -15.16
CA VAL C 510 -45.52 31.73 -14.76
C VAL C 510 -45.54 31.44 -13.26
N VAL C 511 -45.03 30.28 -12.89
CA VAL C 511 -44.69 29.98 -11.51
C VAL C 511 -43.23 29.56 -11.46
N VAL C 512 -42.54 30.00 -10.41
CA VAL C 512 -41.10 29.81 -10.28
C VAL C 512 -40.88 28.88 -9.10
N LEU C 513 -40.49 27.64 -9.37
CA LEU C 513 -40.11 26.69 -8.34
C LEU C 513 -38.60 26.74 -8.20
N SER C 514 -38.10 27.79 -7.56
CA SER C 514 -36.68 28.00 -7.39
C SER C 514 -36.11 27.08 -6.32
N PHE C 515 -34.89 26.60 -6.55
CA PHE C 515 -34.17 25.75 -5.61
C PHE C 515 -32.88 26.47 -5.22
N GLU C 516 -32.86 27.04 -4.02
CA GLU C 516 -31.68 27.74 -3.53
C GLU C 516 -30.86 26.79 -2.65
N LEU C 517 -29.64 27.20 -2.31
CA LEU C 517 -28.70 26.38 -1.54
C LEU C 517 -28.39 27.13 -0.24
N LEU C 518 -29.03 26.68 0.85
CA LEU C 518 -28.76 27.21 2.17
C LEU C 518 -28.52 26.04 3.12
N HIS C 519 -28.19 26.34 4.38
CA HIS C 519 -27.94 25.31 5.39
C HIS C 519 -29.24 24.91 6.10
N ALA C 520 -30.15 24.36 5.31
CA ALA C 520 -31.45 23.91 5.78
C ALA C 520 -31.82 22.60 5.10
N PRO C 521 -32.52 21.70 5.82
CA PRO C 521 -32.99 20.47 5.16
C PRO C 521 -34.14 20.75 4.20
N ALA C 522 -34.38 19.81 3.29
CA ALA C 522 -35.45 19.94 2.33
C ALA C 522 -36.81 19.72 2.98
N THR C 523 -37.82 20.39 2.46
CA THR C 523 -39.17 20.31 3.01
C THR C 523 -40.14 19.62 2.06
N VAL C 524 -40.25 20.08 0.82
CA VAL C 524 -41.17 19.53 -0.16
C VAL C 524 -40.37 18.88 -1.28
N CYS C 525 -40.65 17.60 -1.53
CA CYS C 525 -40.04 16.89 -2.65
C CYS C 525 -41.12 16.16 -3.42
N GLY C 526 -40.72 15.57 -4.55
CA GLY C 526 -41.62 14.84 -5.39
C GLY C 526 -41.94 13.46 -4.86
N PRO C 527 -42.85 12.74 -5.51
CA PRO C 527 -43.28 11.44 -5.02
C PRO C 527 -42.26 10.36 -5.37
N LYS C 528 -42.40 9.21 -4.71
CA LYS C 528 -41.59 8.03 -4.98
C LYS C 528 -42.51 6.85 -5.26
N LYS C 529 -42.48 6.38 -6.50
CA LYS C 529 -43.25 5.23 -6.91
C LYS C 529 -42.70 3.96 -6.28
N SER C 530 -43.57 2.97 -6.08
CA SER C 530 -43.19 1.73 -5.44
C SER C 530 -44.03 0.59 -5.98
N THR C 531 -43.41 -0.57 -6.17
CA THR C 531 -44.10 -1.76 -6.64
C THR C 531 -44.59 -2.56 -5.44
N ASN C 532 -45.14 -3.74 -5.69
CA ASN C 532 -45.61 -4.62 -4.64
C ASN C 532 -44.46 -5.47 -4.09
N LEU C 533 -44.74 -6.25 -3.05
CA LEU C 533 -43.74 -7.06 -2.37
C LEU C 533 -43.84 -8.51 -2.83
N VAL C 534 -42.68 -9.16 -2.92
CA VAL C 534 -42.61 -10.60 -3.16
C VAL C 534 -42.10 -11.27 -1.88
N LYS C 535 -42.39 -12.56 -1.75
CA LYS C 535 -42.03 -13.32 -0.56
C LYS C 535 -41.37 -14.63 -0.97
N ASN C 536 -40.44 -15.08 -0.10
CA ASN C 536 -39.74 -16.37 -0.18
C ASN C 536 -38.95 -16.51 -1.50
N LYS C 537 -38.03 -15.58 -1.73
CA LYS C 537 -37.31 -15.49 -2.99
C LYS C 537 -36.00 -14.76 -2.75
N CYS C 538 -34.92 -15.24 -3.37
CA CYS C 538 -33.65 -14.52 -3.33
C CYS C 538 -33.80 -13.30 -4.24
N VAL C 539 -34.06 -12.15 -3.63
CA VAL C 539 -34.47 -10.96 -4.36
C VAL C 539 -33.73 -9.75 -3.80
N ASN C 540 -33.32 -8.85 -4.69
CA ASN C 540 -32.83 -7.54 -4.30
C ASN C 540 -34.02 -6.66 -3.92
N PHE C 541 -33.77 -5.67 -3.06
CA PHE C 541 -34.88 -4.84 -2.63
C PHE C 541 -34.46 -3.38 -2.60
N ASN C 542 -35.45 -2.51 -2.82
CA ASN C 542 -35.27 -1.07 -2.68
C ASN C 542 -36.25 -0.62 -1.60
N PHE C 543 -35.80 -0.63 -0.35
CA PHE C 543 -36.63 -0.21 0.78
C PHE C 543 -36.53 1.29 1.00
N ASN C 544 -36.99 1.75 2.16
CA ASN C 544 -36.95 3.17 2.49
C ASN C 544 -35.61 3.64 3.07
N GLY C 545 -34.55 3.47 2.28
CA GLY C 545 -33.23 3.92 2.67
C GLY C 545 -32.11 2.90 2.52
N LEU C 546 -32.46 1.62 2.59
CA LEU C 546 -31.46 0.55 2.59
C LEU C 546 -31.76 -0.46 1.49
N THR C 547 -30.70 -0.90 0.81
CA THR C 547 -30.80 -1.90 -0.26
C THR C 547 -29.84 -3.05 0.03
N GLY C 548 -30.22 -4.25 -0.40
CA GLY C 548 -29.44 -5.44 -0.13
C GLY C 548 -30.06 -6.64 -0.79
N THR C 549 -29.39 -7.78 -0.63
CA THR C 549 -29.76 -9.03 -1.28
C THR C 549 -30.03 -10.11 -0.23
N GLY C 550 -31.12 -10.86 -0.41
CA GLY C 550 -31.41 -11.94 0.51
C GLY C 550 -32.75 -12.59 0.22
N VAL C 551 -33.14 -13.50 1.11
CA VAL C 551 -34.41 -14.22 1.04
C VAL C 551 -35.29 -13.70 2.16
N LEU C 552 -36.46 -13.17 1.80
CA LEU C 552 -37.21 -12.29 2.68
C LEU C 552 -38.41 -13.05 3.23
N THR C 553 -38.47 -13.23 4.55
CA THR C 553 -39.44 -14.12 5.17
C THR C 553 -40.36 -13.33 6.09
N GLU C 554 -41.48 -13.96 6.45
CA GLU C 554 -42.35 -13.42 7.48
C GLU C 554 -41.72 -13.65 8.85
N SER C 555 -42.14 -12.85 9.83
CA SER C 555 -41.51 -12.83 11.14
C SER C 555 -42.43 -13.40 12.21
N ASN C 556 -41.81 -13.74 13.35
CA ASN C 556 -42.51 -14.14 14.55
C ASN C 556 -42.34 -13.12 15.66
N LYS C 557 -41.30 -12.29 15.60
CA LYS C 557 -41.00 -11.30 16.62
C LYS C 557 -41.95 -10.10 16.51
N LYS C 558 -41.90 -9.21 17.49
CA LYS C 558 -42.80 -8.08 17.58
C LYS C 558 -42.02 -6.88 18.09
N PHE C 559 -41.94 -5.82 17.28
CA PHE C 559 -41.27 -4.60 17.71
C PHE C 559 -42.24 -3.65 18.41
N LEU C 560 -41.66 -2.63 19.03
CA LEU C 560 -42.39 -1.45 19.46
C LEU C 560 -42.75 -0.60 18.24
N PRO C 561 -43.75 0.30 18.35
CA PRO C 561 -44.13 1.09 17.16
C PRO C 561 -43.20 2.23 16.75
N PHE C 562 -41.94 2.30 17.25
CA PHE C 562 -41.06 3.38 16.81
C PHE C 562 -39.82 2.92 16.04
N GLN C 563 -39.45 1.62 16.08
CA GLN C 563 -38.28 1.19 15.33
C GLN C 563 -38.56 1.17 13.83
N GLN C 564 -37.47 1.22 13.04
CA GLN C 564 -37.54 1.18 11.59
C GLN C 564 -36.90 -0.07 11.00
N PHE C 565 -35.64 -0.35 11.32
CA PHE C 565 -35.01 -1.56 10.80
C PHE C 565 -34.28 -2.24 11.95
N GLY C 566 -33.54 -3.29 11.63
CA GLY C 566 -32.94 -4.14 12.64
C GLY C 566 -31.56 -4.62 12.28
N ARG C 567 -30.95 -5.34 13.22
CA ARG C 567 -29.59 -5.87 13.12
C ARG C 567 -29.44 -6.99 14.15
N ASP C 568 -28.39 -7.80 14.00
CA ASP C 568 -28.08 -8.88 14.94
C ASP C 568 -26.64 -8.78 15.41
N ILE C 569 -26.13 -9.89 15.96
CA ILE C 569 -24.71 -10.06 16.26
C ILE C 569 -23.86 -9.86 15.00
N ALA C 570 -22.66 -9.28 15.21
CA ALA C 570 -21.63 -8.97 14.22
C ALA C 570 -22.12 -8.04 13.11
N ASP C 571 -22.84 -6.96 13.48
CA ASP C 571 -23.28 -5.78 12.69
C ASP C 571 -23.72 -6.05 11.24
N THR C 572 -24.64 -6.99 11.11
CA THR C 572 -25.29 -7.30 9.83
C THR C 572 -26.79 -7.32 10.05
N THR C 573 -27.53 -6.68 9.14
CA THR C 573 -28.95 -6.43 9.35
C THR C 573 -29.77 -7.71 9.18
N ASP C 574 -30.95 -7.73 9.80
CA ASP C 574 -31.82 -8.89 9.70
C ASP C 574 -33.30 -8.59 9.49
N ALA C 575 -33.75 -7.34 9.65
CA ALA C 575 -35.16 -7.03 9.52
C ALA C 575 -35.34 -5.57 9.13
N VAL C 576 -36.16 -5.36 8.10
CA VAL C 576 -36.68 -4.02 7.77
C VAL C 576 -38.18 -4.17 7.63
N ARG C 577 -38.94 -3.29 8.29
CA ARG C 577 -40.39 -3.30 8.22
C ARG C 577 -40.84 -2.70 6.89
N ASP C 578 -42.06 -3.05 6.46
CA ASP C 578 -42.62 -2.47 5.25
C ASP C 578 -43.52 -1.28 5.58
N PRO C 579 -43.37 -0.15 4.90
CA PRO C 579 -44.08 1.07 5.33
C PRO C 579 -45.47 1.23 4.72
N GLN C 580 -45.96 0.28 3.93
CA GLN C 580 -47.27 0.42 3.30
C GLN C 580 -48.33 -0.51 3.86
N THR C 581 -47.94 -1.64 4.43
CA THR C 581 -48.87 -2.63 4.93
C THR C 581 -48.67 -2.85 6.44
N LEU C 582 -47.55 -2.34 6.99
CA LEU C 582 -47.23 -2.27 8.43
C LEU C 582 -47.16 -3.66 9.08
N GLU C 583 -46.19 -4.46 8.62
CA GLU C 583 -45.78 -5.67 9.32
C GLU C 583 -44.28 -5.67 9.52
N ILE C 584 -43.75 -6.78 10.02
CA ILE C 584 -42.33 -6.96 10.23
C ILE C 584 -41.88 -8.15 9.40
N LEU C 585 -40.85 -7.94 8.56
CA LEU C 585 -40.36 -8.97 7.66
C LEU C 585 -38.85 -9.09 7.76
N ASP C 586 -38.36 -10.33 7.79
CA ASP C 586 -36.99 -10.67 8.15
C ASP C 586 -36.08 -10.82 6.94
N ILE C 587 -34.78 -10.86 7.20
CA ILE C 587 -33.75 -11.02 6.18
C ILE C 587 -32.93 -12.28 6.47
N THR C 588 -32.88 -13.19 5.50
CA THR C 588 -32.00 -14.34 5.41
C THR C 588 -31.22 -14.23 4.11
N PRO C 589 -29.89 -14.43 4.10
CA PRO C 589 -29.13 -14.24 2.85
C PRO C 589 -29.39 -15.32 1.82
N CYS C 590 -29.12 -14.99 0.55
CA CYS C 590 -29.19 -15.96 -0.53
C CYS C 590 -28.12 -17.03 -0.35
N SER C 591 -28.46 -18.25 -0.75
CA SER C 591 -27.65 -19.41 -0.40
C SER C 591 -26.39 -19.48 -1.24
N PHE C 592 -25.30 -19.89 -0.61
CA PHE C 592 -23.99 -19.90 -1.24
C PHE C 592 -23.13 -21.00 -0.62
N GLY C 593 -21.98 -21.22 -1.22
CA GLY C 593 -21.05 -22.19 -0.69
C GLY C 593 -20.08 -22.64 -1.76
N GLY C 594 -19.15 -23.51 -1.35
CA GLY C 594 -18.22 -24.07 -2.30
C GLY C 594 -18.77 -25.34 -2.92
N VAL C 595 -18.12 -25.84 -3.96
CA VAL C 595 -18.49 -27.12 -4.55
C VAL C 595 -17.31 -28.07 -4.40
N SER C 596 -17.59 -29.37 -4.42
CA SER C 596 -16.58 -30.40 -4.32
C SER C 596 -16.97 -31.58 -5.17
N VAL C 597 -15.97 -32.21 -5.78
CA VAL C 597 -16.19 -33.30 -6.74
C VAL C 597 -15.55 -34.56 -6.18
N ILE C 598 -16.34 -35.62 -6.08
CA ILE C 598 -15.89 -36.92 -5.56
C ILE C 598 -15.58 -37.81 -6.75
N THR C 599 -14.34 -38.29 -6.82
CA THR C 599 -13.96 -39.19 -7.90
C THR C 599 -13.30 -40.44 -7.33
N PRO C 600 -13.47 -41.59 -7.98
CA PRO C 600 -12.74 -42.80 -7.57
C PRO C 600 -11.43 -43.03 -8.29
N GLY C 601 -10.95 -42.05 -9.06
CA GLY C 601 -9.75 -42.23 -9.86
C GLY C 601 -10.08 -42.33 -11.33
N THR C 602 -9.29 -41.67 -12.18
CA THR C 602 -9.54 -41.70 -13.62
C THR C 602 -9.16 -43.04 -14.22
N ASN C 603 -8.22 -43.74 -13.60
CA ASN C 603 -7.89 -45.10 -14.07
C ASN C 603 -8.95 -46.12 -13.68
N THR C 604 -9.79 -45.81 -12.69
CA THR C 604 -10.82 -46.73 -12.21
C THR C 604 -12.14 -46.51 -12.95
N SER C 605 -12.65 -45.27 -12.93
CA SER C 605 -13.95 -44.97 -13.52
C SER C 605 -13.90 -43.60 -14.17
N ASN C 606 -14.88 -43.35 -15.03
CA ASN C 606 -15.04 -42.05 -15.65
C ASN C 606 -16.09 -41.21 -14.94
N GLN C 607 -16.84 -41.79 -14.01
CA GLN C 607 -17.94 -41.14 -13.33
C GLN C 607 -17.44 -40.36 -12.12
N VAL C 608 -18.12 -39.24 -11.83
CA VAL C 608 -17.86 -38.43 -10.65
C VAL C 608 -19.18 -38.14 -9.93
N ALA C 609 -19.06 -37.73 -8.68
CA ALA C 609 -20.17 -37.21 -7.90
C ALA C 609 -19.80 -35.83 -7.39
N VAL C 610 -20.74 -34.91 -7.46
CA VAL C 610 -20.47 -33.49 -7.19
C VAL C 610 -21.25 -33.08 -5.96
N LEU C 611 -20.56 -32.50 -4.98
CA LEU C 611 -21.15 -32.10 -3.71
C LEU C 611 -21.26 -30.58 -3.65
N TYR C 612 -22.50 -30.08 -3.59
CA TYR C 612 -22.78 -28.67 -3.35
C TYR C 612 -23.01 -28.52 -1.85
N GLN C 613 -22.21 -27.68 -1.20
CA GLN C 613 -22.23 -27.61 0.26
C GLN C 613 -23.40 -26.80 0.78
N ASP C 614 -23.98 -27.30 1.89
CA ASP C 614 -25.04 -26.74 2.76
C ASP C 614 -26.15 -25.97 2.05
N VAL C 615 -26.81 -26.65 1.12
CA VAL C 615 -27.96 -26.10 0.39
C VAL C 615 -29.12 -27.07 0.49
N ASN C 616 -30.33 -26.54 0.29
CA ASN C 616 -31.49 -27.38 0.01
C ASN C 616 -31.27 -28.04 -1.34
N CYS C 617 -31.52 -29.35 -1.41
CA CYS C 617 -31.18 -30.11 -2.60
C CYS C 617 -32.39 -30.22 -3.53
N THR C 618 -33.00 -29.09 -3.86
CA THR C 618 -34.09 -28.97 -4.82
C THR C 618 -33.87 -27.84 -5.81
N GLU C 619 -33.12 -26.80 -5.41
CA GLU C 619 -32.96 -25.61 -6.23
C GLU C 619 -31.56 -25.48 -6.82
N VAL C 620 -30.87 -26.59 -7.06
CA VAL C 620 -29.55 -26.52 -7.73
C VAL C 620 -29.56 -26.18 -9.22
N PRO C 621 -30.56 -26.54 -10.06
CA PRO C 621 -30.52 -25.93 -11.42
C PRO C 621 -31.06 -24.51 -11.49
N VAL C 622 -31.52 -23.95 -10.37
CA VAL C 622 -31.87 -22.53 -10.30
C VAL C 622 -30.61 -21.85 -9.75
N ALA C 623 -29.83 -22.59 -8.95
CA ALA C 623 -28.61 -22.07 -8.36
C ALA C 623 -27.51 -21.91 -9.42
N ILE C 624 -27.11 -23.01 -10.06
CA ILE C 624 -26.21 -22.89 -11.20
C ILE C 624 -27.05 -22.78 -12.47
N HIS C 625 -26.46 -22.23 -13.52
CA HIS C 625 -27.19 -21.99 -14.76
C HIS C 625 -27.19 -23.26 -15.60
N ALA C 626 -28.21 -24.10 -15.36
CA ALA C 626 -28.34 -25.35 -16.11
C ALA C 626 -28.79 -25.09 -17.54
N ASP C 627 -29.55 -24.01 -17.76
CA ASP C 627 -29.97 -23.64 -19.10
C ASP C 627 -28.86 -23.00 -19.92
N GLN C 628 -27.80 -22.51 -19.28
CA GLN C 628 -26.71 -21.85 -19.98
C GLN C 628 -25.48 -22.74 -20.16
N LEU C 629 -25.31 -23.78 -19.33
CA LEU C 629 -24.17 -24.65 -19.46
C LEU C 629 -24.46 -25.79 -20.44
N THR C 630 -23.56 -26.77 -20.44
CA THR C 630 -23.62 -27.88 -21.38
C THR C 630 -24.73 -28.86 -20.98
N PRO C 631 -25.23 -29.65 -21.94
CA PRO C 631 -26.09 -30.79 -21.58
C PRO C 631 -25.38 -31.88 -20.78
N THR C 632 -24.06 -31.98 -20.85
CA THR C 632 -23.29 -32.84 -19.95
C THR C 632 -23.30 -32.31 -18.52
N TRP C 633 -23.39 -30.99 -18.34
CA TRP C 633 -23.57 -30.44 -17.00
C TRP C 633 -25.03 -30.48 -16.57
N ARG C 634 -25.96 -30.53 -17.53
CA ARG C 634 -27.37 -30.51 -17.22
C ARG C 634 -27.88 -31.83 -16.66
N VAL C 635 -27.14 -32.93 -16.85
CA VAL C 635 -27.52 -34.20 -16.23
C VAL C 635 -27.02 -34.33 -14.81
N TYR C 636 -26.19 -33.38 -14.35
CA TYR C 636 -25.73 -33.36 -12.96
C TYR C 636 -26.43 -32.29 -12.13
N SER C 637 -27.67 -31.96 -12.47
CA SER C 637 -28.50 -31.07 -11.66
C SER C 637 -29.79 -31.73 -11.19
N THR C 638 -30.27 -32.74 -11.92
CA THR C 638 -31.47 -33.48 -11.54
C THR C 638 -31.33 -34.89 -12.07
N GLY C 639 -32.12 -35.80 -11.52
CA GLY C 639 -32.10 -37.19 -11.94
C GLY C 639 -32.73 -38.05 -10.88
N SER C 640 -32.51 -39.36 -11.02
CA SER C 640 -33.04 -40.33 -10.07
C SER C 640 -32.26 -40.31 -8.76
N ASN C 641 -30.95 -40.09 -8.83
CA ASN C 641 -30.09 -40.14 -7.65
C ASN C 641 -29.90 -38.74 -7.07
N VAL C 642 -31.00 -38.14 -6.60
CA VAL C 642 -30.94 -36.86 -5.91
C VAL C 642 -30.96 -37.15 -4.42
N PHE C 643 -29.91 -36.72 -3.71
CA PHE C 643 -29.76 -37.04 -2.30
C PHE C 643 -29.27 -35.84 -1.51
N GLN C 644 -29.96 -35.56 -0.42
CA GLN C 644 -29.62 -34.47 0.51
C GLN C 644 -29.02 -35.08 1.76
N THR C 645 -27.83 -34.63 2.12
CA THR C 645 -27.21 -35.02 3.38
C THR C 645 -26.97 -33.80 4.25
N ARG C 646 -26.36 -34.03 5.41
CA ARG C 646 -26.11 -32.97 6.36
C ARG C 646 -24.95 -32.08 5.92
N ALA C 647 -24.06 -32.60 5.08
CA ALA C 647 -22.96 -31.81 4.53
C ALA C 647 -23.34 -31.05 3.27
N GLY C 648 -24.48 -31.33 2.68
CA GLY C 648 -24.92 -30.57 1.52
C GLY C 648 -25.81 -31.41 0.62
N CYS C 649 -25.85 -31.02 -0.65
CA CYS C 649 -26.63 -31.70 -1.68
C CYS C 649 -25.68 -32.46 -2.59
N LEU C 650 -26.00 -33.73 -2.86
CA LEU C 650 -25.09 -34.65 -3.51
C LEU C 650 -25.75 -35.20 -4.79
N ILE C 651 -25.11 -34.96 -5.93
CA ILE C 651 -25.58 -35.48 -7.21
C ILE C 651 -24.52 -36.44 -7.73
N GLY C 652 -24.92 -37.67 -8.04
CA GLY C 652 -24.01 -38.65 -8.59
C GLY C 652 -23.76 -39.84 -7.70
N ALA C 653 -24.07 -39.74 -6.42
CA ALA C 653 -23.98 -40.85 -5.50
C ALA C 653 -25.37 -41.17 -4.96
N GLU C 654 -25.73 -42.45 -5.04
CA GLU C 654 -27.03 -42.92 -4.60
C GLU C 654 -26.91 -43.54 -3.22
N HIS C 655 -27.88 -43.23 -2.36
CA HIS C 655 -27.81 -43.64 -0.97
C HIS C 655 -28.14 -45.12 -0.82
N VAL C 656 -27.31 -45.82 -0.06
CA VAL C 656 -27.55 -47.22 0.26
C VAL C 656 -27.81 -47.35 1.75
N ASN C 657 -28.68 -48.29 2.12
CA ASN C 657 -28.99 -48.55 3.51
C ASN C 657 -27.85 -49.26 4.23
N ASN C 658 -27.03 -50.01 3.51
CA ASN C 658 -25.94 -50.77 4.10
C ASN C 658 -24.82 -49.81 4.49
N SER C 659 -24.00 -50.21 5.47
CA SER C 659 -22.91 -49.39 5.97
C SER C 659 -21.59 -50.10 5.68
N TYR C 660 -20.64 -49.35 5.14
CA TYR C 660 -19.36 -49.90 4.73
C TYR C 660 -18.24 -49.10 5.39
N GLU C 661 -17.01 -49.56 5.19
CA GLU C 661 -15.84 -48.82 5.64
C GLU C 661 -15.64 -47.61 4.73
N CYS C 662 -15.09 -46.53 5.30
CA CYS C 662 -14.88 -45.30 4.56
C CYS C 662 -13.78 -45.45 3.52
N ASP C 663 -14.03 -44.89 2.33
CA ASP C 663 -13.04 -44.82 1.28
C ASP C 663 -12.74 -43.36 0.94
N ILE C 664 -13.78 -42.60 0.59
CA ILE C 664 -13.64 -41.20 0.24
C ILE C 664 -14.43 -40.39 1.26
N PRO C 665 -13.78 -39.66 2.18
CA PRO C 665 -14.48 -39.12 3.35
C PRO C 665 -15.21 -37.81 3.05
N ILE C 666 -16.54 -37.89 3.03
CA ILE C 666 -17.41 -36.75 2.79
C ILE C 666 -17.39 -35.77 3.97
N GLY C 667 -17.74 -36.25 5.16
CA GLY C 667 -17.99 -35.38 6.30
C GLY C 667 -19.39 -35.64 6.81
N ALA C 668 -19.60 -35.26 8.08
CA ALA C 668 -20.84 -35.44 8.87
C ALA C 668 -21.27 -36.91 8.93
N GLY C 669 -20.29 -37.80 9.03
CA GLY C 669 -20.55 -39.20 9.28
C GLY C 669 -20.67 -40.10 8.07
N ILE C 670 -20.70 -39.55 6.86
CA ILE C 670 -20.89 -40.35 5.66
C ILE C 670 -19.62 -40.32 4.81
N CYS C 671 -19.50 -41.27 3.89
CA CYS C 671 -18.42 -41.35 2.92
C CYS C 671 -18.96 -41.75 1.56
N ALA C 672 -18.05 -42.04 0.63
CA ALA C 672 -18.41 -42.45 -0.71
C ALA C 672 -17.47 -43.53 -1.19
N SER C 673 -17.93 -44.31 -2.16
CA SER C 673 -17.14 -45.42 -2.71
C SER C 673 -17.59 -45.67 -4.14
N TYR C 674 -17.06 -46.74 -4.72
CA TYR C 674 -17.39 -47.19 -6.07
C TYR C 674 -17.64 -48.69 -6.03
N GLN C 675 -18.77 -49.13 -6.61
CA GLN C 675 -19.15 -50.53 -6.57
C GLN C 675 -19.48 -51.10 -7.96
N THR C 676 -19.17 -50.35 -9.03
CA THR C 676 -19.45 -50.66 -10.44
C THR C 676 -20.93 -50.98 -10.72
N SER C 691 -21.29 -47.73 -10.23
CA SER C 691 -21.94 -46.53 -9.70
C SER C 691 -21.31 -46.08 -8.41
N ILE C 692 -21.34 -44.78 -8.16
CA ILE C 692 -20.87 -44.20 -6.91
C ILE C 692 -21.99 -44.33 -5.88
N ILE C 693 -21.66 -44.82 -4.69
CA ILE C 693 -22.62 -44.94 -3.61
C ILE C 693 -22.24 -43.98 -2.49
N ALA C 694 -23.23 -43.66 -1.66
CA ALA C 694 -23.02 -42.86 -0.46
C ALA C 694 -23.65 -43.58 0.72
N TYR C 695 -22.90 -43.69 1.80
CA TYR C 695 -23.31 -44.48 2.96
C TYR C 695 -22.78 -43.81 4.21
N THR C 696 -23.51 -43.97 5.31
CA THR C 696 -22.99 -43.66 6.63
C THR C 696 -21.99 -44.75 6.99
N MET C 697 -20.79 -44.34 7.40
CA MET C 697 -19.70 -45.30 7.50
C MET C 697 -19.81 -46.18 8.73
N SER C 698 -19.23 -47.37 8.63
CA SER C 698 -19.21 -48.34 9.71
C SER C 698 -17.85 -48.28 10.41
N LEU C 699 -17.89 -48.12 11.72
CA LEU C 699 -16.68 -47.90 12.49
C LEU C 699 -15.85 -49.15 12.70
N GLY C 700 -16.42 -50.32 12.51
CA GLY C 700 -15.69 -51.55 12.64
C GLY C 700 -16.63 -52.73 12.76
N ALA C 701 -16.03 -53.90 12.97
CA ALA C 701 -16.80 -55.13 13.08
C ALA C 701 -17.51 -55.19 14.42
N GLU C 702 -18.69 -55.81 14.41
CA GLU C 702 -19.42 -56.06 15.64
C GLU C 702 -18.71 -57.15 16.45
N ASN C 703 -18.39 -56.82 17.70
CA ASN C 703 -17.72 -57.78 18.56
C ASN C 703 -18.26 -57.66 19.97
N SER C 704 -18.54 -58.80 20.58
CA SER C 704 -18.92 -58.87 21.98
C SER C 704 -18.16 -60.03 22.58
N VAL C 705 -17.16 -59.73 23.39
CA VAL C 705 -16.28 -60.77 23.93
C VAL C 705 -16.99 -61.51 25.06
N ALA C 706 -16.52 -62.71 25.35
CA ALA C 706 -17.17 -63.59 26.33
C ALA C 706 -16.64 -63.29 27.73
N TYR C 707 -17.03 -62.13 28.25
CA TYR C 707 -16.79 -61.80 29.65
C TYR C 707 -17.66 -62.68 30.54
N SER C 708 -17.09 -63.08 31.69
CA SER C 708 -17.81 -63.96 32.59
C SER C 708 -17.28 -63.87 34.01
N ASN C 709 -18.07 -64.46 34.90
CA ASN C 709 -17.73 -65.03 36.20
C ASN C 709 -16.35 -65.67 36.28
N ASN C 710 -16.06 -66.66 35.46
CA ASN C 710 -14.82 -67.42 35.61
C ASN C 710 -14.22 -67.79 34.27
N SER C 711 -14.13 -66.85 33.33
CA SER C 711 -13.60 -67.20 32.01
C SER C 711 -12.47 -66.25 31.62
N ILE C 712 -11.33 -66.85 31.29
CA ILE C 712 -10.18 -66.13 30.74
C ILE C 712 -9.90 -66.70 29.36
N ALA C 713 -9.28 -65.89 28.50
CA ALA C 713 -8.82 -66.32 27.20
C ALA C 713 -7.32 -66.16 27.13
N ILE C 714 -6.61 -67.24 26.86
CA ILE C 714 -5.16 -67.25 26.88
C ILE C 714 -4.65 -67.78 25.56
N PRO C 715 -3.76 -67.06 24.88
CA PRO C 715 -3.27 -67.51 23.57
C PRO C 715 -2.36 -68.73 23.68
N THR C 716 -2.44 -69.58 22.66
CA THR C 716 -1.66 -70.80 22.61
C THR C 716 -0.50 -70.71 21.63
N ASN C 717 -0.43 -69.64 20.84
CA ASN C 717 0.55 -69.51 19.76
C ASN C 717 0.69 -68.02 19.50
N PHE C 718 1.48 -67.63 18.51
CA PHE C 718 1.71 -66.21 18.27
C PHE C 718 1.94 -65.96 16.78
N THR C 719 1.82 -64.69 16.40
CA THR C 719 2.31 -64.20 15.13
C THR C 719 3.31 -63.07 15.39
N ILE C 720 4.37 -63.03 14.60
CA ILE C 720 5.36 -61.98 14.69
C ILE C 720 5.21 -61.10 13.47
N SER C 721 4.96 -59.81 13.70
CA SER C 721 4.66 -58.86 12.65
C SER C 721 5.71 -57.75 12.64
N VAL C 722 6.20 -57.43 11.45
CA VAL C 722 7.11 -56.32 11.23
C VAL C 722 6.30 -55.19 10.60
N THR C 723 6.33 -54.02 11.24
CA THR C 723 5.49 -52.90 10.86
C THR C 723 6.37 -51.71 10.51
N THR C 724 6.22 -51.21 9.29
CA THR C 724 6.92 -50.00 8.86
C THR C 724 6.28 -48.77 9.50
N GLU C 725 7.15 -47.83 9.90
CA GLU C 725 6.69 -46.55 10.40
C GLU C 725 7.61 -45.48 9.86
N ILE C 726 7.03 -44.53 9.13
CA ILE C 726 7.77 -43.56 8.33
C ILE C 726 7.55 -42.18 8.94
N LEU C 727 8.65 -41.47 9.21
CA LEU C 727 8.58 -40.15 9.82
C LEU C 727 9.58 -39.23 9.12
N PRO C 728 9.15 -38.06 8.63
CA PRO C 728 10.10 -37.12 8.03
C PRO C 728 10.95 -36.42 9.08
N VAL C 729 12.24 -36.30 8.80
CA VAL C 729 13.16 -35.63 9.71
C VAL C 729 13.74 -34.34 9.13
N SER C 730 13.64 -34.10 7.83
CA SER C 730 14.28 -32.94 7.22
C SER C 730 13.48 -32.53 5.99
N MET C 731 13.82 -31.35 5.46
CA MET C 731 13.47 -31.03 4.08
C MET C 731 14.67 -30.37 3.41
N THR C 732 14.50 -30.01 2.14
CA THR C 732 15.51 -29.27 1.40
C THR C 732 15.68 -27.88 1.97
N LYS C 733 16.92 -27.41 2.01
CA LYS C 733 17.27 -26.14 2.65
C LYS C 733 17.39 -25.07 1.57
N THR C 734 16.66 -23.98 1.73
CA THR C 734 16.58 -22.94 0.71
C THR C 734 16.97 -21.59 1.31
N SER C 735 17.63 -20.77 0.49
CA SER C 735 17.96 -19.40 0.85
C SER C 735 17.57 -18.48 -0.31
N VAL C 736 16.90 -17.38 0.03
CA VAL C 736 16.36 -16.45 -0.98
C VAL C 736 16.99 -15.08 -0.76
N ASP C 737 17.70 -14.58 -1.78
CA ASP C 737 18.30 -13.26 -1.73
C ASP C 737 17.22 -12.24 -2.09
N CYS C 738 17.02 -11.27 -1.20
CA CYS C 738 15.85 -10.39 -1.26
C CYS C 738 15.99 -9.38 -2.39
N THR C 739 17.18 -8.79 -2.52
CA THR C 739 17.35 -7.61 -3.37
C THR C 739 17.27 -7.98 -4.84
N MET C 740 17.82 -9.13 -5.22
CA MET C 740 17.62 -9.57 -6.59
C MET C 740 16.49 -10.60 -6.71
N TYR C 741 15.76 -10.86 -5.61
CA TYR C 741 14.41 -11.41 -5.79
C TYR C 741 13.42 -10.34 -6.20
N ILE C 742 13.44 -9.18 -5.53
CA ILE C 742 12.44 -8.15 -5.79
C ILE C 742 12.92 -7.18 -6.88
N CYS C 743 14.09 -6.59 -6.71
CA CYS C 743 14.49 -5.54 -7.63
C CYS C 743 15.11 -6.12 -8.90
N GLY C 744 16.17 -6.90 -8.75
CA GLY C 744 16.83 -7.48 -9.91
C GLY C 744 17.66 -6.49 -10.70
N ASP C 745 18.72 -5.99 -10.05
CA ASP C 745 19.74 -5.03 -10.52
C ASP C 745 19.17 -3.82 -11.27
N SER C 746 18.39 -3.02 -10.55
CA SER C 746 17.98 -1.70 -11.04
C SER C 746 18.10 -0.67 -9.90
N THR C 747 18.65 0.50 -10.27
CA THR C 747 19.30 1.39 -9.30
C THR C 747 18.30 2.10 -8.40
N GLU C 748 17.22 2.64 -8.96
CA GLU C 748 16.29 3.38 -8.12
C GLU C 748 15.41 2.43 -7.31
N CYS C 749 15.26 1.19 -7.78
CA CYS C 749 14.63 0.14 -6.97
C CYS C 749 15.49 -0.19 -5.76
N SER C 750 16.81 -0.30 -5.96
CA SER C 750 17.72 -0.48 -4.84
C SER C 750 17.74 0.73 -3.91
N ASN C 751 17.52 1.92 -4.49
CA ASN C 751 17.44 3.15 -3.71
C ASN C 751 16.24 3.16 -2.77
N LEU C 752 15.05 2.76 -3.24
CA LEU C 752 13.93 2.75 -2.29
C LEU C 752 13.91 1.48 -1.47
N LEU C 753 14.66 0.45 -1.87
CA LEU C 753 14.66 -0.77 -1.07
C LEU C 753 15.57 -0.64 0.15
N LEU C 754 16.72 0.05 0.01
CA LEU C 754 17.63 0.18 1.14
C LEU C 754 17.11 1.16 2.20
N GLN C 755 16.25 2.11 1.82
CA GLN C 755 15.62 2.94 2.82
C GLN C 755 14.41 2.29 3.49
N TYR C 756 13.87 1.21 2.91
CA TYR C 756 12.57 0.69 3.31
C TYR C 756 12.64 -0.05 4.65
N GLY C 757 13.81 -0.51 5.04
CA GLY C 757 13.99 -1.14 6.34
C GLY C 757 15.00 -2.27 6.27
N SER C 758 15.01 -3.12 7.28
CA SER C 758 15.89 -4.27 7.40
C SER C 758 15.10 -5.55 7.49
N PHE C 759 14.10 -5.68 6.62
CA PHE C 759 13.31 -6.92 6.58
C PHE C 759 14.12 -8.10 6.05
N CYS C 760 15.07 -7.84 5.15
CA CYS C 760 15.84 -8.94 4.56
C CYS C 760 16.83 -9.53 5.55
N THR C 761 17.37 -8.70 6.45
CA THR C 761 18.30 -9.20 7.46
C THR C 761 17.61 -10.16 8.43
N GLN C 762 16.42 -9.79 8.91
CA GLN C 762 15.62 -10.69 9.74
C GLN C 762 15.04 -11.85 8.93
N LEU C 763 14.87 -11.67 7.62
CA LEU C 763 14.27 -12.71 6.79
C LEU C 763 15.27 -13.81 6.47
N ASN C 764 16.48 -13.42 6.08
CA ASN C 764 17.55 -14.38 5.85
C ASN C 764 18.05 -14.98 7.16
N ARG C 765 17.97 -14.22 8.26
CA ARG C 765 18.30 -14.75 9.57
C ARG C 765 17.30 -15.80 10.03
N ALA C 766 16.01 -15.58 9.72
CA ALA C 766 14.99 -16.60 10.01
C ALA C 766 15.12 -17.79 9.07
N LEU C 767 15.59 -17.56 7.84
CA LEU C 767 15.59 -18.61 6.84
C LEU C 767 16.82 -19.51 6.92
N THR C 768 17.98 -18.99 7.31
CA THR C 768 19.14 -19.89 7.45
C THR C 768 19.14 -20.57 8.81
N GLY C 769 18.35 -20.06 9.75
CA GLY C 769 18.14 -20.77 11.01
C GLY C 769 17.32 -22.02 10.82
N ILE C 770 16.45 -22.02 9.80
CA ILE C 770 15.76 -23.23 9.37
C ILE C 770 16.76 -24.28 8.88
N ALA C 771 17.74 -23.87 8.07
CA ALA C 771 18.72 -24.79 7.49
C ALA C 771 19.64 -25.38 8.55
N VAL C 772 20.09 -24.54 9.50
CA VAL C 772 20.85 -24.99 10.66
C VAL C 772 20.03 -25.93 11.53
N GLU C 773 18.73 -25.64 11.68
CA GLU C 773 17.82 -26.49 12.44
C GLU C 773 17.60 -27.85 11.79
N GLN C 774 17.55 -27.90 10.46
CA GLN C 774 17.24 -29.17 9.80
C GLN C 774 18.47 -30.06 9.74
N ASP C 775 19.66 -29.45 9.65
CA ASP C 775 20.90 -30.21 9.85
C ASP C 775 21.02 -30.72 11.28
N LYS C 776 20.59 -29.91 12.25
CA LYS C 776 20.51 -30.34 13.65
C LYS C 776 19.53 -31.48 13.84
N ASN C 777 18.41 -31.45 13.10
CA ASN C 777 17.40 -32.50 13.14
C ASN C 777 17.93 -33.83 12.61
N THR C 778 18.63 -33.77 11.47
CA THR C 778 19.20 -34.97 10.86
C THR C 778 20.31 -35.57 11.74
N GLN C 779 21.15 -34.70 12.33
CA GLN C 779 22.19 -35.15 13.25
C GLN C 779 21.61 -35.75 14.53
N GLU C 780 20.52 -35.15 15.03
CA GLU C 780 19.89 -35.61 16.28
C GLU C 780 19.18 -36.94 16.08
N VAL C 781 18.63 -37.19 14.89
CA VAL C 781 18.00 -38.48 14.64
C VAL C 781 19.05 -39.56 14.41
N PHE C 782 19.96 -39.34 13.46
CA PHE C 782 20.81 -40.44 13.03
C PHE C 782 22.11 -40.58 13.83
N ALA C 783 22.75 -39.48 14.24
CA ALA C 783 24.02 -39.56 14.95
C ALA C 783 23.74 -39.83 16.43
N GLN C 784 23.48 -41.11 16.73
CA GLN C 784 23.28 -41.56 18.10
C GLN C 784 24.18 -42.72 18.47
N VAL C 785 25.18 -43.02 17.65
CA VAL C 785 26.21 -44.01 17.97
C VAL C 785 27.55 -43.29 18.06
N LYS C 786 28.34 -43.68 19.06
CA LYS C 786 29.67 -43.10 19.21
C LYS C 786 30.65 -43.72 18.22
N GLN C 787 30.43 -44.98 17.87
CA GLN C 787 31.31 -45.76 17.00
C GLN C 787 30.48 -46.39 15.89
N ILE C 788 31.13 -46.69 14.78
CA ILE C 788 30.47 -47.28 13.61
C ILE C 788 30.66 -48.79 13.73
N TYR C 789 29.63 -49.48 14.18
CA TYR C 789 29.69 -50.92 14.34
C TYR C 789 29.45 -51.62 13.02
N LYS C 790 30.18 -52.69 12.79
CA LYS C 790 30.05 -53.49 11.59
C LYS C 790 29.64 -54.91 11.95
N THR C 791 28.91 -55.52 11.06
CA THR C 791 28.49 -56.91 11.12
C THR C 791 29.69 -57.83 10.88
N PRO C 792 29.68 -59.04 11.42
CA PRO C 792 30.71 -60.01 11.08
C PRO C 792 30.59 -60.46 9.64
N PRO C 793 31.70 -60.87 9.00
CA PRO C 793 31.63 -61.32 7.61
C PRO C 793 30.89 -62.63 7.41
N ILE C 794 30.82 -63.47 8.44
CA ILE C 794 29.92 -64.61 8.45
C ILE C 794 28.69 -64.23 9.25
N LYS C 795 27.51 -64.56 8.73
CA LYS C 795 26.24 -64.09 9.27
C LYS C 795 25.42 -65.31 9.68
N ASP C 796 25.52 -65.68 10.96
CA ASP C 796 24.75 -66.77 11.55
C ASP C 796 24.08 -66.21 12.79
N PHE C 797 22.86 -65.70 12.62
CA PHE C 797 22.12 -65.02 13.67
C PHE C 797 20.99 -65.87 14.23
N GLY C 798 21.21 -67.18 14.31
CA GLY C 798 20.22 -68.07 14.86
C GLY C 798 19.07 -68.41 13.94
N GLY C 799 19.24 -68.27 12.62
CA GLY C 799 18.19 -68.49 11.65
C GLY C 799 17.55 -67.20 11.17
N PHE C 800 17.81 -66.09 11.85
CA PHE C 800 17.23 -64.81 11.47
C PHE C 800 18.04 -64.23 10.32
N ASN C 801 17.34 -63.85 9.24
CA ASN C 801 18.00 -63.43 8.00
C ASN C 801 17.81 -61.92 7.89
N PHE C 802 18.92 -61.18 7.91
CA PHE C 802 18.90 -59.73 7.85
C PHE C 802 19.45 -59.20 6.52
N SER C 803 19.39 -60.02 5.47
CA SER C 803 20.01 -59.63 4.20
C SER C 803 19.22 -58.56 3.47
N GLN C 804 17.94 -58.40 3.79
CA GLN C 804 17.13 -57.35 3.21
C GLN C 804 17.41 -55.98 3.82
N ILE C 805 18.01 -55.93 5.00
CA ILE C 805 18.25 -54.67 5.70
C ILE C 805 19.72 -54.40 5.96
N LEU C 806 20.60 -55.39 5.86
CA LEU C 806 22.02 -55.11 5.92
C LEU C 806 22.48 -54.53 4.59
N PRO C 807 23.49 -53.64 4.59
CA PRO C 807 23.88 -52.97 3.34
C PRO C 807 24.61 -53.88 2.36
N ASP C 808 24.51 -53.52 1.08
CA ASP C 808 25.13 -54.28 0.00
C ASP C 808 26.46 -53.67 -0.36
N PRO C 809 27.56 -54.44 -0.39
CA PRO C 809 28.82 -53.88 -0.89
C PRO C 809 28.89 -53.80 -2.40
N SER C 810 27.96 -54.45 -3.11
CA SER C 810 27.96 -54.43 -4.57
C SER C 810 27.49 -53.09 -5.11
N LYS C 811 26.53 -52.47 -4.43
CA LYS C 811 26.02 -51.18 -4.86
C LYS C 811 27.04 -50.07 -4.55
N PRO C 812 27.18 -49.08 -5.43
CA PRO C 812 28.08 -47.96 -5.13
C PRO C 812 27.46 -46.94 -4.16
N SER C 813 26.14 -47.02 -3.98
CA SER C 813 25.45 -46.17 -3.02
C SER C 813 25.61 -46.67 -1.59
N LYS C 814 26.03 -47.94 -1.42
CA LYS C 814 26.29 -48.61 -0.14
C LYS C 814 25.04 -48.62 0.76
N ARG C 815 23.90 -48.98 0.17
CA ARG C 815 22.63 -49.01 0.87
C ARG C 815 22.09 -50.44 0.86
N SER C 816 21.10 -50.68 1.71
CA SER C 816 20.47 -51.99 1.75
C SER C 816 19.42 -52.11 0.65
N PHE C 817 18.83 -53.30 0.57
CA PHE C 817 17.84 -53.58 -0.49
C PHE C 817 16.53 -52.85 -0.24
N ILE C 818 16.10 -52.77 1.02
CA ILE C 818 14.87 -52.05 1.37
C ILE C 818 15.08 -50.54 1.20
N GLU C 819 16.29 -50.06 1.55
CA GLU C 819 16.63 -48.65 1.39
C GLU C 819 16.72 -48.25 -0.08
N ASP C 820 17.16 -49.18 -0.93
CA ASP C 820 17.18 -48.94 -2.38
C ASP C 820 15.77 -48.79 -2.95
N LEU C 821 14.82 -49.61 -2.50
CA LEU C 821 13.45 -49.45 -2.98
C LEU C 821 12.77 -48.23 -2.37
N LEU C 822 13.18 -47.80 -1.18
CA LEU C 822 12.67 -46.55 -0.62
C LEU C 822 13.15 -45.34 -1.42
N PHE C 823 14.44 -45.32 -1.79
CA PHE C 823 14.97 -44.23 -2.60
C PHE C 823 14.48 -44.29 -4.05
N ASN C 824 14.14 -45.48 -4.53
CA ASN C 824 13.52 -45.56 -5.85
C ASN C 824 12.06 -45.16 -5.80
N LYS C 825 11.39 -45.37 -4.67
CA LYS C 825 9.99 -45.00 -4.53
C LYS C 825 9.80 -43.50 -4.37
N VAL C 826 10.64 -42.83 -3.56
CA VAL C 826 10.47 -41.39 -3.41
C VAL C 826 11.18 -40.67 -4.55
N THR C 827 10.41 -40.18 -5.52
CA THR C 827 10.93 -39.39 -6.64
C THR C 827 10.02 -38.19 -6.86
N LEU C 828 10.59 -37.12 -7.40
CA LEU C 828 9.82 -35.92 -7.69
C LEU C 828 9.23 -36.05 -9.10
N ALA C 852 12.97 -25.61 -8.11
CA ALA C 852 13.91 -26.67 -8.41
C ALA C 852 14.90 -26.25 -9.48
N GLN C 853 15.06 -24.95 -9.65
CA GLN C 853 15.98 -24.38 -10.63
C GLN C 853 16.83 -23.34 -9.91
N LYS C 854 17.61 -22.57 -10.68
CA LYS C 854 18.34 -21.44 -10.14
C LYS C 854 18.04 -20.21 -11.00
N PHE C 855 17.13 -19.38 -10.50
CA PHE C 855 16.70 -18.13 -11.12
C PHE C 855 16.18 -17.21 -10.03
N ASN C 856 16.47 -15.91 -10.22
CA ASN C 856 16.25 -14.71 -9.40
C ASN C 856 16.25 -14.93 -7.89
N GLY C 857 17.29 -15.54 -7.35
CA GLY C 857 17.56 -15.55 -5.93
C GLY C 857 17.27 -16.84 -5.20
N LEU C 858 16.61 -17.80 -5.83
CA LEU C 858 16.32 -19.08 -5.21
C LEU C 858 17.56 -19.96 -5.26
N THR C 859 18.11 -20.27 -4.09
CA THR C 859 19.27 -21.14 -3.97
C THR C 859 18.94 -22.26 -2.99
N VAL C 860 19.12 -23.49 -3.45
CA VAL C 860 18.89 -24.68 -2.65
C VAL C 860 20.24 -25.10 -2.08
N LEU C 861 20.31 -25.26 -0.79
CA LEU C 861 21.53 -25.50 -0.05
C LEU C 861 21.69 -26.99 0.26
N PRO C 862 22.86 -27.57 0.01
CA PRO C 862 23.03 -29.02 0.21
C PRO C 862 23.14 -29.37 1.68
N PRO C 863 22.63 -30.54 2.09
CA PRO C 863 22.70 -30.93 3.50
C PRO C 863 24.11 -31.33 3.92
N LEU C 864 24.35 -31.26 5.23
CA LEU C 864 25.65 -31.62 5.78
C LEU C 864 25.91 -33.12 5.72
N LEU C 865 25.04 -33.91 6.32
CA LEU C 865 25.16 -35.36 6.32
C LEU C 865 24.69 -35.87 4.97
N THR C 866 25.61 -36.41 4.17
CA THR C 866 25.20 -36.90 2.87
C THR C 866 24.55 -38.28 3.00
N ASP C 867 24.10 -38.80 1.85
CA ASP C 867 23.24 -39.97 1.79
C ASP C 867 23.99 -41.24 2.20
N GLU C 868 25.27 -41.32 1.83
CA GLU C 868 26.08 -42.47 2.20
C GLU C 868 26.43 -42.44 3.70
N MET C 869 26.53 -41.24 4.28
CA MET C 869 26.77 -41.15 5.71
C MET C 869 25.50 -41.47 6.52
N ILE C 870 24.33 -41.13 5.99
CA ILE C 870 23.08 -41.54 6.64
C ILE C 870 22.90 -43.05 6.56
N ALA C 871 23.25 -43.65 5.42
CA ALA C 871 23.21 -45.09 5.28
C ALA C 871 24.26 -45.78 6.14
N GLN C 872 25.39 -45.12 6.38
CA GLN C 872 26.41 -45.68 7.27
C GLN C 872 25.99 -45.59 8.73
N TYR C 873 25.31 -44.52 9.12
CA TYR C 873 24.68 -44.43 10.44
C TYR C 873 23.63 -45.51 10.67
N THR C 874 22.75 -45.74 9.69
CA THR C 874 21.74 -46.78 9.84
C THR C 874 22.35 -48.18 9.81
N SER C 875 23.44 -48.38 9.06
CA SER C 875 24.15 -49.66 9.09
C SER C 875 24.85 -49.89 10.42
N ALA C 876 25.40 -48.82 11.02
CA ALA C 876 26.03 -48.93 12.33
C ALA C 876 25.00 -49.21 13.42
N LEU C 877 23.83 -48.56 13.35
CA LEU C 877 22.75 -48.81 14.30
C LEU C 877 22.20 -50.21 14.15
N LEU C 878 22.08 -50.69 12.90
CA LEU C 878 21.61 -52.05 12.63
C LEU C 878 22.58 -53.10 13.13
N ALA C 879 23.88 -52.89 12.90
CA ALA C 879 24.89 -53.84 13.35
C ALA C 879 25.02 -53.84 14.87
N GLY C 880 24.84 -52.68 15.49
CA GLY C 880 24.79 -52.62 16.95
C GLY C 880 23.59 -53.34 17.54
N THR C 881 22.39 -53.10 16.99
CA THR C 881 21.19 -53.72 17.55
C THR C 881 21.05 -55.18 17.15
N ILE C 882 21.83 -55.67 16.19
CA ILE C 882 21.82 -57.09 15.89
C ILE C 882 22.89 -57.83 16.71
N THR C 883 24.12 -57.30 16.74
CA THR C 883 25.19 -58.04 17.37
C THR C 883 25.45 -57.67 18.83
N SER C 884 24.70 -56.74 19.42
CA SER C 884 24.99 -56.35 20.78
C SER C 884 23.77 -56.12 21.66
N GLY C 885 22.56 -56.20 21.12
CA GLY C 885 21.39 -55.96 21.95
C GLY C 885 21.15 -54.48 22.16
N TRP C 886 20.69 -54.14 23.35
CA TRP C 886 20.57 -52.74 23.76
C TRP C 886 21.78 -52.25 24.54
N THR C 887 22.85 -53.06 24.62
CA THR C 887 24.00 -52.68 25.42
C THR C 887 24.85 -51.60 24.75
N PHE C 888 24.74 -51.46 23.42
CA PHE C 888 25.49 -50.42 22.73
C PHE C 888 24.84 -49.06 22.88
N GLY C 889 23.56 -49.00 23.26
CA GLY C 889 22.91 -47.75 23.56
C GLY C 889 23.13 -47.23 24.95
N ALA C 890 23.78 -48.02 25.81
CA ALA C 890 24.05 -47.65 27.19
C ALA C 890 25.52 -47.36 27.45
N GLY C 891 26.42 -48.15 26.88
CA GLY C 891 27.85 -47.96 27.06
C GLY C 891 28.59 -48.53 25.89
N ALA C 892 29.63 -49.30 26.18
CA ALA C 892 30.31 -50.06 25.14
C ALA C 892 29.43 -51.22 24.69
N ALA C 893 29.60 -51.62 23.43
CA ALA C 893 28.81 -52.69 22.86
C ALA C 893 29.28 -54.03 23.42
N LEU C 894 28.40 -54.69 24.15
CA LEU C 894 28.66 -56.00 24.72
C LEU C 894 27.99 -57.03 23.83
N GLN C 895 28.77 -58.02 23.37
CA GLN C 895 28.29 -59.02 22.44
C GLN C 895 27.33 -59.97 23.13
N ILE C 896 26.33 -60.41 22.38
CA ILE C 896 25.41 -61.47 22.80
C ILE C 896 24.97 -62.17 21.53
N PRO C 897 24.77 -63.49 21.54
CA PRO C 897 24.13 -64.14 20.38
C PRO C 897 22.68 -63.70 20.24
N PHE C 898 22.18 -63.75 19.00
CA PHE C 898 20.86 -63.20 18.71
C PHE C 898 19.76 -64.08 19.26
N ALA C 899 20.03 -65.38 19.43
CA ALA C 899 19.06 -66.27 20.06
C ALA C 899 18.97 -66.03 21.57
N MET C 900 19.96 -65.37 22.16
CA MET C 900 19.83 -64.98 23.55
C MET C 900 19.30 -63.56 23.68
N GLN C 901 19.58 -62.71 22.69
CA GLN C 901 19.03 -61.35 22.67
C GLN C 901 17.53 -61.37 22.46
N MET C 902 17.03 -62.27 21.62
CA MET C 902 15.59 -62.39 21.44
C MET C 902 14.92 -63.02 22.66
N ALA C 903 15.67 -63.81 23.44
CA ALA C 903 15.13 -64.34 24.69
C ALA C 903 15.06 -63.26 25.77
N TYR C 904 16.03 -62.34 25.76
CA TYR C 904 15.96 -61.13 26.57
C TYR C 904 14.74 -60.29 26.21
N ARG C 905 14.49 -60.16 24.91
CA ARG C 905 13.37 -59.33 24.46
C ARG C 905 12.02 -60.02 24.66
N PHE C 906 12.01 -61.35 24.75
CA PHE C 906 10.80 -62.04 25.20
C PHE C 906 10.61 -61.89 26.70
N ASN C 907 11.71 -61.81 27.48
CA ASN C 907 11.58 -61.52 28.91
C ASN C 907 11.09 -60.09 29.15
N GLY C 908 11.36 -59.19 28.22
CA GLY C 908 10.87 -57.83 28.34
C GLY C 908 9.36 -57.68 28.18
N ILE C 909 8.71 -58.62 27.49
CA ILE C 909 7.26 -58.54 27.27
C ILE C 909 6.50 -59.51 28.17
N GLY C 910 7.17 -60.15 29.11
CA GLY C 910 6.49 -60.92 30.12
C GLY C 910 6.23 -62.37 29.80
N VAL C 911 6.89 -62.92 28.79
CA VAL C 911 6.75 -64.34 28.47
C VAL C 911 8.12 -64.96 28.71
N THR C 912 8.17 -66.27 28.95
CA THR C 912 9.39 -66.89 29.42
C THR C 912 10.40 -67.10 28.29
N GLN C 913 11.56 -67.65 28.64
CA GLN C 913 12.65 -67.81 27.67
C GLN C 913 12.40 -69.00 26.75
N ASN C 914 11.74 -70.05 27.24
CA ASN C 914 11.71 -71.31 26.52
C ASN C 914 10.72 -71.29 25.36
N VAL C 915 9.86 -70.28 25.28
CA VAL C 915 8.94 -70.18 24.15
C VAL C 915 9.65 -69.68 22.91
N LEU C 916 10.84 -69.10 23.05
CA LEU C 916 11.75 -68.89 21.94
C LEU C 916 12.59 -70.11 21.63
N TYR C 917 13.19 -70.71 22.65
CA TYR C 917 14.17 -71.77 22.45
C TYR C 917 13.55 -73.07 21.99
N GLU C 918 12.26 -73.27 22.24
CA GLU C 918 11.54 -74.38 21.64
C GLU C 918 10.85 -73.99 20.34
N ASN C 919 10.96 -72.73 19.91
CA ASN C 919 10.34 -72.27 18.67
C ASN C 919 11.25 -71.39 17.84
N GLN C 920 12.57 -71.64 17.83
CA GLN C 920 13.54 -70.78 17.16
C GLN C 920 13.35 -70.78 15.64
N LYS C 921 13.14 -71.97 15.07
CA LYS C 921 13.00 -72.09 13.62
C LYS C 921 11.68 -71.50 13.15
N LEU C 922 10.62 -71.69 13.94
CA LEU C 922 9.31 -71.11 13.62
C LEU C 922 9.33 -69.59 13.72
N ILE C 923 9.99 -69.06 14.76
CA ILE C 923 10.07 -67.61 14.96
C ILE C 923 10.96 -66.96 13.91
N ALA C 924 12.04 -67.65 13.52
CA ALA C 924 12.92 -67.17 12.46
C ALA C 924 12.23 -67.20 11.10
N ASN C 925 11.41 -68.23 10.85
CA ASN C 925 10.65 -68.31 9.60
C ASN C 925 9.58 -67.25 9.52
N GLN C 926 8.91 -66.97 10.64
CA GLN C 926 7.91 -65.91 10.72
C GLN C 926 8.55 -64.53 10.52
N PHE C 927 9.73 -64.31 11.10
CA PHE C 927 10.44 -63.05 10.94
C PHE C 927 10.92 -62.86 9.49
N ASN C 928 11.44 -63.92 8.88
CA ASN C 928 11.92 -63.83 7.50
C ASN C 928 10.77 -63.65 6.52
N SER C 929 9.62 -64.27 6.80
CA SER C 929 8.44 -64.07 5.95
C SER C 929 7.87 -62.67 6.10
N ALA C 930 7.90 -62.11 7.31
CA ALA C 930 7.42 -60.74 7.52
C ALA C 930 8.35 -59.72 6.87
N ILE C 931 9.67 -59.94 7.00
CA ILE C 931 10.67 -59.07 6.37
C ILE C 931 10.58 -59.16 4.84
N GLY C 932 10.27 -60.35 4.32
CA GLY C 932 10.01 -60.48 2.89
C GLY C 932 8.71 -59.84 2.46
N LYS C 933 7.74 -59.74 3.36
CA LYS C 933 6.50 -59.02 3.05
C LYS C 933 6.69 -57.51 3.07
N ILE C 934 7.73 -57.01 3.77
CA ILE C 934 7.99 -55.57 3.84
C ILE C 934 8.32 -54.98 2.47
N GLN C 935 9.21 -55.62 1.70
CA GLN C 935 9.59 -55.02 0.41
C GLN C 935 8.50 -55.24 -0.63
N ASP C 936 7.66 -56.26 -0.45
CA ASP C 936 6.51 -56.44 -1.32
C ASP C 936 5.45 -55.36 -1.06
N SER C 937 5.24 -55.02 0.21
CA SER C 937 4.33 -53.94 0.55
C SER C 937 4.86 -52.57 0.14
N LEU C 938 6.19 -52.38 0.16
CA LEU C 938 6.78 -51.14 -0.34
C LEU C 938 6.75 -51.02 -1.86
N SER C 939 7.10 -52.10 -2.58
CA SER C 939 7.18 -52.03 -4.03
C SER C 939 5.83 -52.23 -4.72
N SER C 940 4.81 -52.69 -3.99
CA SER C 940 3.50 -52.87 -4.62
C SER C 940 2.52 -51.76 -4.25
N THR C 941 2.97 -50.74 -3.55
CA THR C 941 2.11 -49.62 -3.15
C THR C 941 2.84 -48.31 -3.42
N ALA C 942 2.24 -47.47 -4.26
CA ALA C 942 2.81 -46.17 -4.60
C ALA C 942 2.47 -45.09 -3.60
N SER C 943 1.55 -45.34 -2.67
CA SER C 943 1.13 -44.35 -1.69
C SER C 943 1.60 -44.69 -0.28
N ALA C 944 2.58 -45.57 -0.16
CA ALA C 944 3.10 -45.93 1.16
C ALA C 944 3.99 -44.83 1.73
N LEU C 945 4.67 -44.08 0.86
CA LEU C 945 5.63 -43.06 1.26
C LEU C 945 5.03 -41.66 1.21
N GLY C 946 3.75 -41.53 1.53
CA GLY C 946 3.07 -40.25 1.37
C GLY C 946 3.46 -39.24 2.42
N LYS C 947 3.93 -39.71 3.59
CA LYS C 947 4.37 -38.80 4.65
C LYS C 947 5.67 -38.10 4.27
N LEU C 948 6.56 -38.80 3.55
CA LEU C 948 7.71 -38.13 2.98
C LEU C 948 7.36 -37.32 1.75
N GLN C 949 6.39 -37.80 0.94
CA GLN C 949 6.11 -37.15 -0.33
C GLN C 949 5.34 -35.85 -0.15
N ASP C 950 4.57 -35.72 0.93
CA ASP C 950 3.78 -34.51 1.16
C ASP C 950 4.67 -33.33 1.53
N VAL C 951 5.80 -33.58 2.17
CA VAL C 951 6.74 -32.51 2.52
C VAL C 951 7.41 -31.95 1.28
N VAL C 952 7.82 -32.85 0.37
CA VAL C 952 8.45 -32.44 -0.89
C VAL C 952 7.43 -31.75 -1.80
N ASN C 953 6.18 -32.23 -1.79
CA ASN C 953 5.14 -31.60 -2.59
C ASN C 953 4.74 -30.22 -2.05
N GLN C 954 4.70 -30.08 -0.71
CA GLN C 954 4.37 -28.79 -0.10
C GLN C 954 5.47 -27.77 -0.33
N ASN C 955 6.74 -28.20 -0.25
CA ASN C 955 7.85 -27.30 -0.51
C ASN C 955 7.94 -26.93 -1.98
N ALA C 956 7.62 -27.88 -2.87
CA ALA C 956 7.61 -27.61 -4.30
C ALA C 956 6.49 -26.65 -4.68
N GLN C 957 5.30 -26.79 -4.08
CA GLN C 957 4.21 -25.89 -4.44
C GLN C 957 4.41 -24.52 -3.79
N ALA C 958 5.11 -24.47 -2.64
CA ALA C 958 5.43 -23.17 -2.05
C ALA C 958 6.47 -22.41 -2.86
N LEU C 959 7.50 -23.12 -3.36
CA LEU C 959 8.49 -22.48 -4.21
C LEU C 959 7.93 -22.13 -5.58
N ASN C 960 7.01 -22.95 -6.10
CA ASN C 960 6.37 -22.62 -7.38
C ASN C 960 5.40 -21.46 -7.24
N THR C 961 4.74 -21.33 -6.09
CA THR C 961 3.88 -20.18 -5.83
C THR C 961 4.72 -18.92 -5.64
N LEU C 962 5.90 -19.06 -5.00
CA LEU C 962 6.82 -17.95 -4.80
C LEU C 962 7.40 -17.46 -6.13
N VAL C 963 7.65 -18.38 -7.07
CA VAL C 963 8.03 -18.00 -8.42
C VAL C 963 6.84 -17.40 -9.17
N LYS C 964 5.64 -17.98 -8.99
CA LYS C 964 4.48 -17.61 -9.80
C LYS C 964 3.79 -16.34 -9.31
N GLN C 965 4.26 -15.78 -8.18
CA GLN C 965 3.77 -14.47 -7.76
C GLN C 965 4.31 -13.31 -8.60
N LEU C 966 5.30 -13.55 -9.44
CA LEU C 966 6.09 -12.51 -10.11
C LEU C 966 5.42 -11.94 -11.39
N SER C 967 4.17 -12.26 -11.72
CA SER C 967 3.49 -11.74 -12.90
C SER C 967 2.25 -10.97 -12.48
N SER C 968 2.39 -10.12 -11.47
CA SER C 968 1.25 -9.45 -10.86
C SER C 968 1.37 -7.94 -11.04
N ASN C 969 0.29 -7.32 -11.54
CA ASN C 969 0.30 -5.88 -11.75
C ASN C 969 0.16 -5.11 -10.45
N PHE C 970 -0.50 -5.70 -9.44
CA PHE C 970 -0.84 -5.11 -8.15
C PHE C 970 -1.62 -3.80 -8.27
N GLY C 971 -2.52 -3.68 -9.25
CA GLY C 971 -3.49 -2.61 -9.29
C GLY C 971 -3.42 -1.68 -10.48
N ALA C 972 -2.23 -1.24 -10.89
CA ALA C 972 -2.12 -0.22 -11.92
C ALA C 972 -1.99 -0.87 -13.30
N ILE C 973 -1.52 -0.08 -14.27
CA ILE C 973 -1.60 -0.44 -15.69
C ILE C 973 -0.61 -1.56 -16.02
N SER C 974 0.64 -1.42 -15.63
CA SER C 974 1.70 -2.28 -16.15
C SER C 974 2.47 -2.96 -15.03
N SER C 975 2.93 -4.18 -15.32
CA SER C 975 3.88 -4.88 -14.47
C SER C 975 5.32 -4.54 -14.81
N VAL C 976 5.55 -3.84 -15.93
CA VAL C 976 6.89 -3.62 -16.44
C VAL C 976 7.40 -2.28 -15.93
N LEU C 977 8.51 -2.34 -15.17
CA LEU C 977 9.18 -1.17 -14.64
C LEU C 977 9.68 -0.25 -15.75
N ASN C 978 10.16 -0.86 -16.83
CA ASN C 978 10.66 -0.11 -17.99
C ASN C 978 9.53 0.62 -18.72
N ASP C 979 8.37 -0.04 -18.85
CA ASP C 979 7.22 0.60 -19.50
C ASP C 979 6.63 1.70 -18.63
N ILE C 980 6.68 1.53 -17.30
CA ILE C 980 6.26 2.60 -16.38
C ILE C 980 7.20 3.80 -16.47
N LEU C 981 8.52 3.56 -16.50
CA LEU C 981 9.49 4.63 -16.57
C LEU C 981 9.52 5.30 -17.94
N SER C 982 9.12 4.58 -18.99
CA SER C 982 9.20 5.13 -20.33
C SER C 982 7.91 5.83 -20.73
N ARG C 983 6.76 5.29 -20.32
CA ARG C 983 5.48 5.85 -20.73
C ARG C 983 4.90 6.85 -19.74
N LEU C 984 5.59 7.14 -18.65
CA LEU C 984 5.08 8.07 -17.64
C LEU C 984 6.23 8.93 -17.13
N ASP C 985 5.98 9.61 -16.02
CA ASP C 985 6.81 10.64 -15.42
C ASP C 985 7.35 10.18 -14.06
N PRO C 986 8.64 10.42 -13.78
CA PRO C 986 9.33 9.79 -12.62
C PRO C 986 8.82 10.19 -11.23
N PRO C 987 8.50 11.46 -10.90
CA PRO C 987 7.94 11.67 -9.54
C PRO C 987 6.43 11.44 -9.42
N GLU C 988 5.78 10.81 -10.40
CA GLU C 988 4.46 10.24 -10.21
C GLU C 988 4.40 8.77 -10.56
N ALA C 989 5.53 8.15 -10.92
CA ALA C 989 5.61 6.70 -11.04
C ALA C 989 5.87 6.01 -9.71
N GLU C 990 6.14 6.81 -8.66
CA GLU C 990 6.63 6.28 -7.38
C GLU C 990 5.56 5.49 -6.64
N VAL C 991 4.28 5.81 -6.86
CA VAL C 991 3.18 5.07 -6.28
C VAL C 991 3.12 3.66 -6.86
N GLN C 992 3.40 3.54 -8.17
CA GLN C 992 3.46 2.25 -8.84
C GLN C 992 4.62 1.41 -8.35
N ILE C 993 5.78 2.05 -8.10
CA ILE C 993 6.92 1.30 -7.56
C ILE C 993 6.65 0.88 -6.11
N ASP C 994 5.95 1.72 -5.33
CA ASP C 994 5.56 1.39 -3.97
C ASP C 994 4.61 0.20 -3.89
N ARG C 995 3.60 0.13 -4.76
CA ARG C 995 2.66 -0.99 -4.68
C ARG C 995 3.32 -2.30 -5.15
N LEU C 996 4.26 -2.20 -6.12
CA LEU C 996 5.01 -3.39 -6.53
C LEU C 996 5.93 -3.90 -5.41
N ILE C 997 6.62 -2.99 -4.71
CA ILE C 997 7.54 -3.34 -3.63
C ILE C 997 6.78 -3.98 -2.45
N THR C 998 5.68 -3.34 -2.03
CA THR C 998 4.93 -3.84 -0.87
C THR C 998 4.22 -5.16 -1.16
N GLY C 999 3.63 -5.31 -2.36
CA GLY C 999 2.98 -6.57 -2.69
C GLY C 999 3.96 -7.73 -2.84
N ARG C 1000 5.14 -7.46 -3.40
CA ARG C 1000 6.06 -8.54 -3.69
C ARG C 1000 6.86 -8.94 -2.45
N LEU C 1001 7.17 -7.98 -1.58
CA LEU C 1001 7.75 -8.31 -0.28
C LEU C 1001 6.73 -8.95 0.65
N GLN C 1002 5.43 -8.62 0.48
CA GLN C 1002 4.38 -9.29 1.24
C GLN C 1002 4.26 -10.76 0.82
N SER C 1003 4.43 -11.05 -0.47
CA SER C 1003 4.47 -12.44 -0.95
C SER C 1003 5.67 -13.20 -0.40
N LEU C 1004 6.83 -12.54 -0.34
CA LEU C 1004 8.03 -13.19 0.22
C LEU C 1004 7.89 -13.42 1.72
N GLN C 1005 7.29 -12.48 2.44
CA GLN C 1005 7.07 -12.61 3.88
C GLN C 1005 6.07 -13.73 4.18
N THR C 1006 5.06 -13.88 3.33
CA THR C 1006 4.09 -14.98 3.44
C THR C 1006 4.78 -16.32 3.23
N TYR C 1007 5.70 -16.41 2.27
CA TYR C 1007 6.45 -17.65 2.03
C TYR C 1007 7.35 -18.02 3.20
N VAL C 1008 8.05 -17.04 3.79
CA VAL C 1008 8.93 -17.34 4.91
C VAL C 1008 8.13 -17.70 6.17
N THR C 1009 6.95 -17.11 6.34
CA THR C 1009 6.06 -17.49 7.45
C THR C 1009 5.54 -18.92 7.31
N GLN C 1010 5.10 -19.31 6.10
CA GLN C 1010 4.64 -20.68 5.85
C GLN C 1010 5.77 -21.69 5.98
N GLN C 1011 6.98 -21.32 5.55
CA GLN C 1011 8.12 -22.22 5.63
C GLN C 1011 8.58 -22.40 7.07
N LEU C 1012 8.48 -21.35 7.89
CA LEU C 1012 8.85 -21.46 9.31
C LEU C 1012 7.82 -22.28 10.08
N ILE C 1013 6.54 -22.15 9.70
CA ILE C 1013 5.47 -22.98 10.27
C ILE C 1013 5.67 -24.46 9.93
N ARG C 1014 6.02 -24.74 8.67
CA ARG C 1014 6.30 -26.11 8.25
C ARG C 1014 7.58 -26.68 8.87
N ALA C 1015 8.59 -25.82 9.09
CA ALA C 1015 9.84 -26.27 9.69
C ALA C 1015 9.66 -26.60 11.17
N ALA C 1016 8.75 -25.91 11.87
CA ALA C 1016 8.43 -26.28 13.25
C ALA C 1016 7.75 -27.65 13.32
N GLU C 1017 6.86 -27.95 12.37
CA GLU C 1017 6.20 -29.25 12.30
C GLU C 1017 7.16 -30.38 11.99
N ILE C 1018 8.09 -30.13 11.06
CA ILE C 1018 9.07 -31.17 10.70
C ILE C 1018 10.11 -31.32 11.81
N ARG C 1019 10.36 -30.25 12.58
CA ARG C 1019 11.23 -30.36 13.76
C ARG C 1019 10.57 -31.17 14.87
N ALA C 1020 9.25 -31.03 15.04
CA ALA C 1020 8.52 -31.87 15.99
C ALA C 1020 8.49 -33.33 15.55
N SER C 1021 8.34 -33.57 14.25
CA SER C 1021 8.39 -34.93 13.71
C SER C 1021 9.79 -35.53 13.82
N ALA C 1022 10.82 -34.69 13.72
CA ALA C 1022 12.19 -35.16 13.86
C ALA C 1022 12.52 -35.45 15.32
N ASN C 1023 11.93 -34.69 16.25
CA ASN C 1023 12.08 -35.00 17.67
C ASN C 1023 11.39 -36.31 18.03
N LEU C 1024 10.21 -36.55 17.43
CA LEU C 1024 9.52 -37.82 17.62
C LEU C 1024 10.28 -38.98 16.99
N ALA C 1025 10.90 -38.75 15.83
CA ALA C 1025 11.67 -39.80 15.17
C ALA C 1025 12.97 -40.09 15.91
N ALA C 1026 13.58 -39.06 16.51
CA ALA C 1026 14.77 -39.26 17.34
C ALA C 1026 14.44 -40.00 18.63
N THR C 1027 13.27 -39.71 19.21
CA THR C 1027 12.79 -40.44 20.38
C THR C 1027 12.50 -41.89 20.05
N LYS C 1028 11.88 -42.15 18.89
CA LYS C 1028 11.58 -43.52 18.47
C LYS C 1028 12.84 -44.30 18.12
N MET C 1029 13.83 -43.64 17.51
CA MET C 1029 15.11 -44.29 17.24
C MET C 1029 15.84 -44.61 18.54
N SER C 1030 15.92 -43.63 19.44
CA SER C 1030 16.69 -43.79 20.66
C SER C 1030 15.98 -44.66 21.69
N GLU C 1031 14.70 -44.97 21.49
CA GLU C 1031 13.99 -45.84 22.42
C GLU C 1031 13.59 -47.19 21.85
N CYS C 1032 13.02 -47.25 20.64
CA CYS C 1032 12.72 -48.53 20.01
C CYS C 1032 13.95 -49.22 19.44
N VAL C 1033 14.97 -48.48 19.02
CA VAL C 1033 16.14 -49.09 18.40
C VAL C 1033 17.24 -49.36 19.42
N LEU C 1034 17.55 -48.39 20.28
CA LEU C 1034 18.57 -48.55 21.30
C LEU C 1034 18.07 -49.27 22.55
N GLY C 1035 16.81 -49.71 22.57
CA GLY C 1035 16.29 -50.46 23.69
C GLY C 1035 14.97 -51.11 23.37
N GLN C 1036 14.35 -51.75 24.36
CA GLN C 1036 13.04 -52.35 24.21
C GLN C 1036 12.03 -51.51 25.00
N SER C 1037 10.95 -51.12 24.35
CA SER C 1037 10.02 -50.16 24.91
C SER C 1037 8.83 -50.86 25.54
N LYS C 1038 8.52 -50.47 26.78
CA LYS C 1038 7.32 -50.94 27.47
C LYS C 1038 6.12 -50.06 27.21
N ARG C 1039 6.28 -48.95 26.48
CA ARG C 1039 5.15 -48.13 26.07
C ARG C 1039 4.36 -48.86 24.99
N VAL C 1040 3.08 -49.07 25.25
CA VAL C 1040 2.26 -49.85 24.32
C VAL C 1040 1.88 -49.01 23.12
N ASP C 1041 2.06 -49.60 21.93
CA ASP C 1041 1.88 -49.05 20.58
C ASP C 1041 2.74 -47.84 20.27
N PHE C 1042 3.82 -47.61 21.03
CA PHE C 1042 4.79 -46.58 20.64
C PHE C 1042 5.65 -47.07 19.50
N CYS C 1043 6.04 -48.34 19.54
CA CYS C 1043 6.87 -48.97 18.52
C CYS C 1043 6.06 -50.11 17.92
N GLY C 1044 5.23 -49.79 16.94
CA GLY C 1044 4.43 -50.81 16.28
C GLY C 1044 3.04 -50.93 16.84
N LYS C 1045 2.48 -52.14 16.70
CA LYS C 1045 1.14 -52.45 17.19
C LYS C 1045 1.22 -53.80 17.92
N GLY C 1046 1.29 -53.75 19.24
CA GLY C 1046 1.41 -54.96 20.04
C GLY C 1046 2.58 -54.92 21.00
N TYR C 1047 3.11 -56.08 21.35
CA TYR C 1047 4.24 -56.16 22.27
C TYR C 1047 5.54 -56.00 21.50
N HIS C 1048 6.24 -54.90 21.76
CA HIS C 1048 7.43 -54.54 21.00
C HIS C 1048 8.62 -55.42 21.37
N LEU C 1049 9.35 -55.87 20.35
CA LEU C 1049 10.58 -56.60 20.55
C LEU C 1049 11.81 -55.80 20.15
N MET C 1050 11.89 -55.38 18.90
CA MET C 1050 13.00 -54.57 18.41
C MET C 1050 12.54 -53.79 17.19
N SER C 1051 13.33 -52.79 16.84
CA SER C 1051 13.05 -52.01 15.65
C SER C 1051 14.35 -51.86 14.86
N PHE C 1052 14.20 -51.75 13.53
CA PHE C 1052 15.34 -51.58 12.67
C PHE C 1052 15.20 -50.31 11.86
N PRO C 1053 16.15 -49.39 11.96
CA PRO C 1053 16.08 -48.16 11.18
C PRO C 1053 16.54 -48.36 9.74
N GLN C 1054 15.83 -47.68 8.84
CA GLN C 1054 16.24 -47.61 7.45
C GLN C 1054 16.30 -46.15 7.04
N SER C 1055 17.28 -45.82 6.20
CA SER C 1055 17.43 -44.48 5.69
C SER C 1055 16.36 -44.20 4.65
N ALA C 1056 15.97 -42.95 4.56
CA ALA C 1056 14.93 -42.46 3.68
C ALA C 1056 15.44 -41.12 3.15
N PRO C 1057 14.89 -40.63 1.97
CA PRO C 1057 15.37 -39.37 1.39
C PRO C 1057 15.31 -38.11 2.25
N HIS C 1058 14.24 -37.94 3.02
CA HIS C 1058 14.19 -36.87 4.01
C HIS C 1058 13.53 -37.36 5.30
N GLY C 1059 13.88 -38.56 5.72
CA GLY C 1059 13.25 -39.10 6.91
C GLY C 1059 13.93 -40.37 7.36
N VAL C 1060 13.19 -41.16 8.12
CA VAL C 1060 13.66 -42.45 8.62
C VAL C 1060 12.48 -43.41 8.64
N VAL C 1061 12.75 -44.67 8.33
CA VAL C 1061 11.75 -45.73 8.34
C VAL C 1061 12.15 -46.74 9.39
N PHE C 1062 11.26 -46.99 10.35
CA PHE C 1062 11.48 -47.96 11.41
C PHE C 1062 10.69 -49.22 11.10
N LEU C 1063 11.32 -50.37 11.23
CA LEU C 1063 10.67 -51.66 11.02
C LEU C 1063 10.47 -52.32 12.38
N HIS C 1064 9.30 -52.10 12.96
CA HIS C 1064 9.01 -52.52 14.33
C HIS C 1064 8.67 -54.01 14.37
N VAL C 1065 9.59 -54.81 14.85
CA VAL C 1065 9.37 -56.25 15.05
C VAL C 1065 8.56 -56.42 16.32
N THR C 1066 7.39 -57.04 16.21
CA THR C 1066 6.39 -56.95 17.25
C THR C 1066 5.74 -58.31 17.45
N TYR C 1067 5.59 -58.70 18.71
CA TYR C 1067 4.98 -59.96 19.11
C TYR C 1067 3.47 -59.77 19.23
N VAL C 1068 2.70 -60.54 18.45
CA VAL C 1068 1.24 -60.48 18.47
C VAL C 1068 0.73 -61.85 18.87
N PRO C 1069 -0.02 -61.99 19.96
CA PRO C 1069 -0.58 -63.30 20.32
C PRO C 1069 -1.76 -63.68 19.45
N ALA C 1070 -1.97 -64.99 19.32
CA ALA C 1070 -3.04 -65.52 18.48
C ALA C 1070 -3.43 -66.89 18.98
N GLN C 1071 -4.50 -67.43 18.37
CA GLN C 1071 -5.03 -68.79 18.57
C GLN C 1071 -5.37 -69.07 20.02
N GLU C 1072 -6.35 -68.34 20.55
CA GLU C 1072 -6.66 -68.41 21.97
C GLU C 1072 -7.75 -69.45 22.24
N LYS C 1073 -7.97 -69.75 23.52
CA LYS C 1073 -8.93 -70.75 23.94
C LYS C 1073 -9.57 -70.28 25.25
N ASN C 1074 -10.77 -70.78 25.58
CA ASN C 1074 -11.41 -70.48 26.84
C ASN C 1074 -10.65 -71.25 27.91
N PHE C 1075 -10.48 -70.65 29.07
CA PHE C 1075 -9.97 -71.38 30.22
C PHE C 1075 -10.71 -70.93 31.45
N THR C 1076 -11.21 -71.89 32.22
CA THR C 1076 -11.96 -71.57 33.42
C THR C 1076 -10.98 -71.19 34.52
N THR C 1077 -11.06 -69.93 34.96
CA THR C 1077 -10.02 -69.33 35.77
C THR C 1077 -10.52 -69.09 37.19
N ALA C 1078 -9.58 -68.86 38.09
CA ALA C 1078 -9.87 -68.67 39.50
C ALA C 1078 -8.81 -67.76 40.10
N PRO C 1079 -9.16 -66.90 41.05
CA PRO C 1079 -8.15 -66.05 41.68
C PRO C 1079 -7.26 -66.76 42.67
N ALA C 1080 -7.69 -67.89 43.23
CA ALA C 1080 -6.95 -68.51 44.31
C ALA C 1080 -7.19 -70.00 44.35
N ILE C 1081 -6.40 -70.67 45.18
CA ILE C 1081 -6.36 -72.13 45.33
C ILE C 1081 -6.36 -72.42 46.82
N CYS C 1082 -7.17 -73.39 47.24
CA CYS C 1082 -7.19 -73.80 48.64
C CYS C 1082 -6.48 -75.13 48.79
N HIS C 1083 -5.47 -75.17 49.65
CA HIS C 1083 -4.84 -76.42 50.02
C HIS C 1083 -4.38 -76.26 51.46
N ASP C 1084 -4.78 -77.23 52.31
CA ASP C 1084 -4.57 -77.24 53.76
C ASP C 1084 -5.12 -75.99 54.44
N GLY C 1085 -6.25 -75.48 53.96
CA GLY C 1085 -6.89 -74.33 54.58
C GLY C 1085 -6.20 -73.01 54.33
N LYS C 1086 -5.39 -72.90 53.28
CA LYS C 1086 -4.64 -71.69 53.00
C LYS C 1086 -4.96 -71.21 51.59
N ALA C 1087 -5.01 -69.89 51.43
CA ALA C 1087 -5.22 -69.28 50.11
C ALA C 1087 -3.90 -69.22 49.37
N HIS C 1088 -3.90 -69.71 48.14
CA HIS C 1088 -2.69 -69.83 47.33
C HIS C 1088 -2.81 -68.90 46.13
N PHE C 1089 -1.75 -68.17 45.85
CA PHE C 1089 -1.74 -67.09 44.88
C PHE C 1089 -0.59 -67.29 43.89
N PRO C 1090 -0.81 -67.02 42.60
CA PRO C 1090 0.23 -67.30 41.62
C PRO C 1090 1.32 -66.24 41.59
N ARG C 1091 2.55 -66.69 41.34
CA ARG C 1091 3.67 -65.77 41.31
C ARG C 1091 3.72 -65.00 40.00
N GLU C 1092 3.92 -65.70 38.88
CA GLU C 1092 4.09 -65.07 37.58
C GLU C 1092 3.16 -65.70 36.56
N GLY C 1093 1.93 -65.97 36.96
CA GLY C 1093 0.98 -66.58 36.08
C GLY C 1093 -0.43 -66.45 36.59
N VAL C 1094 -1.31 -67.30 36.07
CA VAL C 1094 -2.71 -67.37 36.47
C VAL C 1094 -3.11 -68.82 36.66
N PHE C 1095 -4.14 -69.04 37.49
CA PHE C 1095 -4.71 -70.36 37.65
C PHE C 1095 -5.80 -70.58 36.61
N VAL C 1096 -5.66 -71.64 35.81
CA VAL C 1096 -6.61 -71.99 34.76
C VAL C 1096 -6.95 -73.48 34.87
N SER C 1097 -7.98 -73.89 34.14
CA SER C 1097 -8.40 -75.28 34.08
C SER C 1097 -8.98 -75.59 32.72
N ASN C 1098 -8.92 -76.86 32.32
CA ASN C 1098 -9.47 -77.30 31.04
C ASN C 1098 -10.78 -78.08 31.18
N GLY C 1099 -11.54 -77.80 32.23
CA GLY C 1099 -12.76 -78.53 32.49
C GLY C 1099 -12.60 -79.68 33.44
N THR C 1100 -11.37 -80.13 33.63
CA THR C 1100 -11.20 -81.28 34.50
C THR C 1100 -10.38 -80.94 35.74
N HIS C 1101 -9.16 -80.51 35.51
CA HIS C 1101 -7.96 -80.58 36.32
C HIS C 1101 -7.21 -79.26 36.24
N TRP C 1102 -6.25 -79.03 37.12
CA TRP C 1102 -5.94 -77.65 37.51
C TRP C 1102 -4.47 -77.32 37.57
N PHE C 1103 -4.09 -76.20 36.94
CA PHE C 1103 -2.71 -75.93 36.54
C PHE C 1103 -2.49 -74.44 36.29
N VAL C 1104 -1.21 -74.01 36.35
CA VAL C 1104 -0.79 -72.63 36.13
C VAL C 1104 -0.26 -72.52 34.70
N THR C 1105 -0.56 -71.41 34.03
CA THR C 1105 0.17 -71.03 32.84
C THR C 1105 0.54 -69.55 32.94
N GLN C 1106 1.49 -69.14 32.11
CA GLN C 1106 1.84 -67.73 32.04
C GLN C 1106 0.77 -66.97 31.26
N ARG C 1107 0.79 -65.64 31.42
CA ARG C 1107 -0.34 -64.82 30.99
C ARG C 1107 -0.37 -64.54 29.50
N ASN C 1108 0.73 -64.74 28.78
CA ASN C 1108 0.80 -64.39 27.37
C ASN C 1108 1.03 -65.59 26.47
N PHE C 1109 1.08 -66.79 27.02
CA PHE C 1109 1.30 -68.01 26.25
C PHE C 1109 0.72 -69.17 27.04
N TYR C 1110 0.06 -70.09 26.35
CA TYR C 1110 -0.50 -71.23 27.06
C TYR C 1110 0.59 -72.28 27.26
N GLU C 1111 1.14 -72.33 28.47
CA GLU C 1111 2.12 -73.35 28.83
C GLU C 1111 1.66 -73.99 30.13
N PRO C 1112 0.94 -75.11 30.06
CA PRO C 1112 0.43 -75.76 31.28
C PRO C 1112 1.53 -76.39 32.12
N GLN C 1113 1.44 -76.15 33.42
CA GLN C 1113 2.36 -76.75 34.37
C GLN C 1113 1.64 -76.95 35.70
N ILE C 1114 2.00 -78.06 36.38
CA ILE C 1114 1.32 -78.55 37.57
C ILE C 1114 1.60 -77.61 38.74
N ILE C 1115 0.56 -77.33 39.54
CA ILE C 1115 0.64 -76.39 40.64
C ILE C 1115 1.50 -76.99 41.75
N THR C 1116 2.67 -76.42 41.96
CA THR C 1116 3.52 -76.79 43.07
C THR C 1116 3.56 -75.63 44.05
N THR C 1117 4.40 -75.74 45.07
CA THR C 1117 4.57 -74.68 46.05
C THR C 1117 5.69 -73.72 45.66
N ASP C 1118 6.31 -73.91 44.50
CA ASP C 1118 7.41 -73.08 44.05
C ASP C 1118 7.02 -72.05 43.01
N ASN C 1119 5.86 -72.20 42.36
CA ASN C 1119 5.35 -71.21 41.43
C ASN C 1119 4.14 -70.48 42.00
N THR C 1120 3.96 -70.55 43.31
CA THR C 1120 2.72 -70.14 43.96
C THR C 1120 3.02 -69.78 45.41
N PHE C 1121 2.60 -68.57 45.81
CA PHE C 1121 2.84 -68.11 47.18
C PHE C 1121 1.53 -68.09 47.96
N VAL C 1122 1.65 -68.24 49.27
CA VAL C 1122 0.53 -68.44 50.18
C VAL C 1122 0.28 -67.15 50.94
N SER C 1123 -0.95 -66.65 50.91
CA SER C 1123 -1.31 -65.45 51.67
C SER C 1123 -2.76 -65.54 52.09
N GLY C 1124 -3.02 -65.69 53.38
CA GLY C 1124 -4.37 -65.68 53.89
C GLY C 1124 -4.91 -67.08 54.13
N ASN C 1125 -6.21 -67.13 54.39
CA ASN C 1125 -6.92 -68.39 54.62
C ASN C 1125 -7.97 -68.61 53.53
N CYS C 1126 -8.70 -69.73 53.65
CA CYS C 1126 -9.61 -70.23 52.63
C CYS C 1126 -11.01 -69.62 52.75
N ASP C 1127 -11.15 -68.44 53.35
CA ASP C 1127 -12.46 -67.92 53.72
C ASP C 1127 -12.70 -66.47 53.30
N VAL C 1128 -11.74 -65.79 52.67
CA VAL C 1128 -11.89 -64.36 52.42
C VAL C 1128 -12.04 -64.07 50.93
N VAL C 1129 -11.25 -64.72 50.07
CA VAL C 1129 -11.26 -64.45 48.64
C VAL C 1129 -12.44 -65.18 48.00
N ILE C 1130 -13.07 -64.55 47.01
CA ILE C 1130 -14.11 -65.18 46.21
C ILE C 1130 -13.44 -65.90 45.04
N GLY C 1131 -13.99 -67.05 44.65
CA GLY C 1131 -13.48 -67.80 43.53
C GLY C 1131 -12.54 -68.94 43.87
N ILE C 1132 -12.40 -69.30 45.14
CA ILE C 1132 -11.40 -70.27 45.54
C ILE C 1132 -11.90 -71.69 45.24
N VAL C 1133 -11.04 -72.54 44.66
CA VAL C 1133 -11.35 -73.95 44.43
C VAL C 1133 -10.34 -74.82 45.18
N ASN C 1134 -10.59 -76.13 45.14
CA ASN C 1134 -9.81 -77.13 45.88
C ASN C 1134 -9.07 -78.05 44.91
N ASN C 1135 -7.79 -78.31 45.21
CA ASN C 1135 -7.02 -79.39 44.58
C ASN C 1135 -5.87 -79.79 45.51
N THR C 1136 -4.90 -80.50 44.95
CA THR C 1136 -3.64 -80.81 45.64
C THR C 1136 -2.55 -79.87 45.16
N VAL C 1137 -1.55 -79.66 46.01
CA VAL C 1137 -0.35 -78.88 45.70
C VAL C 1137 0.84 -79.79 46.00
N TYR C 1138 1.68 -80.03 44.99
CA TYR C 1138 2.68 -81.09 45.08
C TYR C 1138 3.92 -80.60 45.84
N ASP C 1139 4.47 -81.49 46.69
CA ASP C 1139 5.70 -81.29 47.45
C ASP C 1139 6.80 -82.19 46.90
N PRO C 1140 7.94 -81.63 46.46
CA PRO C 1140 8.98 -82.47 45.84
C PRO C 1140 10.00 -83.06 46.81
N LEU C 1141 9.68 -83.10 48.10
CA LEU C 1141 10.63 -83.56 49.13
C LEU C 1141 10.36 -84.97 49.61
N GLN C 1142 9.10 -85.41 49.59
CA GLN C 1142 8.71 -86.63 50.29
C GLN C 1142 9.14 -87.96 49.66
N PRO C 1143 9.14 -88.18 48.28
CA PRO C 1143 9.75 -89.42 47.75
C PRO C 1143 11.24 -89.59 48.07
N GLU C 1144 12.01 -88.51 47.96
CA GLU C 1144 13.42 -88.57 48.33
C GLU C 1144 13.62 -88.69 49.84
N LEU C 1145 12.67 -88.20 50.65
CA LEU C 1145 12.75 -88.42 52.08
C LEU C 1145 12.44 -89.86 52.47
N ASP C 1146 11.45 -90.48 51.82
CA ASP C 1146 10.93 -91.76 52.28
C ASP C 1146 11.49 -92.96 51.54
N SER C 1147 11.39 -93.00 50.21
CA SER C 1147 11.59 -94.25 49.49
C SER C 1147 13.06 -94.61 49.28
N PHE C 1148 13.98 -93.68 49.55
CA PHE C 1148 15.39 -93.92 49.30
C PHE C 1148 16.22 -93.97 50.58
N LYS C 1149 16.16 -92.93 51.40
CA LYS C 1149 16.93 -92.90 52.65
C LYS C 1149 16.01 -92.90 53.86
N GLN D 1 4.22 65.42 -24.31
CA GLN D 1 2.87 65.78 -23.90
C GLN D 1 2.90 66.87 -22.82
N VAL D 2 3.80 66.72 -21.86
CA VAL D 2 3.97 67.71 -20.80
C VAL D 2 4.96 68.77 -21.27
N GLN D 3 4.53 70.03 -21.23
CA GLN D 3 5.37 71.13 -21.66
C GLN D 3 5.21 72.29 -20.68
N LEU D 4 6.34 72.85 -20.26
CA LEU D 4 6.37 74.01 -19.38
C LEU D 4 7.12 75.15 -20.05
N VAL D 5 6.52 76.33 -20.08
CA VAL D 5 7.14 77.54 -20.62
C VAL D 5 7.10 78.61 -19.54
N GLU D 6 8.03 79.57 -19.60
CA GLU D 6 8.05 80.67 -18.64
C GLU D 6 8.01 82.00 -19.38
N SER D 7 7.27 82.96 -18.81
CA SER D 7 7.13 84.30 -19.38
C SER D 7 7.08 85.34 -18.27
N GLY D 8 6.99 86.61 -18.68
CA GLY D 8 6.83 87.70 -17.73
C GLY D 8 8.13 88.28 -17.18
N GLY D 9 9.27 87.93 -17.77
CA GLY D 9 10.53 88.41 -17.26
C GLY D 9 10.82 89.85 -17.67
N GLY D 10 11.81 90.43 -17.00
CA GLY D 10 12.18 91.80 -17.28
C GLY D 10 13.36 92.23 -16.42
N LEU D 11 13.68 93.52 -16.50
CA LEU D 11 14.78 94.10 -15.75
C LEU D 11 14.21 95.01 -14.67
N VAL D 12 14.58 94.74 -13.42
CA VAL D 12 14.11 95.52 -12.28
C VAL D 12 15.33 96.03 -11.53
N GLN D 13 15.12 97.05 -10.70
CA GLN D 13 16.17 97.58 -9.84
C GLN D 13 16.07 96.95 -8.46
N ALA D 14 16.92 97.42 -7.54
CA ALA D 14 16.95 96.90 -6.18
C ALA D 14 15.74 97.39 -5.38
N GLY D 15 14.96 96.43 -4.88
CA GLY D 15 13.76 96.73 -4.12
C GLY D 15 12.49 96.71 -4.92
N GLY D 16 12.54 96.30 -6.19
CA GLY D 16 11.38 96.29 -7.05
C GLY D 16 10.51 95.06 -6.84
N SER D 17 9.52 94.92 -7.72
CA SER D 17 8.59 93.81 -7.66
C SER D 17 8.31 93.29 -9.06
N LEU D 18 8.06 91.98 -9.15
CA LEU D 18 7.80 91.33 -10.42
C LEU D 18 6.98 90.07 -10.11
N ARG D 19 6.34 89.53 -11.15
CA ARG D 19 5.51 88.33 -11.01
C ARG D 19 5.63 87.52 -12.30
N LEU D 20 6.23 86.34 -12.21
CA LEU D 20 6.37 85.45 -13.35
C LEU D 20 5.24 84.44 -13.39
N SER D 21 5.23 83.64 -14.45
CA SER D 21 4.25 82.58 -14.66
C SER D 21 4.92 81.38 -15.31
N CYS D 22 4.38 80.19 -15.00
CA CYS D 22 4.79 78.96 -15.68
C CYS D 22 3.53 78.27 -16.16
N ALA D 23 3.22 78.43 -17.45
CA ALA D 23 2.07 77.77 -18.05
C ALA D 23 2.35 76.29 -18.22
N ALA D 24 1.41 75.46 -17.77
CA ALA D 24 1.58 74.01 -17.75
C ALA D 24 0.56 73.37 -18.67
N SER D 25 0.95 72.27 -19.30
CA SER D 25 0.09 71.51 -20.19
C SER D 25 0.37 70.02 -20.03
N GLY D 26 -0.62 69.21 -20.37
CA GLY D 26 -0.48 67.77 -20.33
C GLY D 26 -0.75 67.12 -18.99
N PHE D 27 -0.97 67.90 -17.94
CA PHE D 27 -1.22 67.37 -16.61
C PHE D 27 -2.02 68.42 -15.82
N PRO D 28 -2.87 67.99 -14.90
CA PRO D 28 -3.46 68.93 -13.94
C PRO D 28 -2.55 69.17 -12.75
N VAL D 29 -2.60 70.39 -12.22
CA VAL D 29 -1.77 70.75 -11.07
C VAL D 29 -2.41 70.42 -9.73
N LYS D 30 -3.55 69.75 -9.72
CA LYS D 30 -4.20 69.31 -8.50
C LYS D 30 -3.70 67.93 -8.04
N ASN D 31 -2.82 67.30 -8.81
CA ASN D 31 -2.39 65.94 -8.53
C ASN D 31 -0.87 65.76 -8.52
N PHE D 32 -0.10 66.76 -8.94
CA PHE D 32 1.34 66.61 -9.02
C PHE D 32 2.03 67.80 -8.37
N GLU D 33 3.08 67.50 -7.61
CA GLU D 33 3.85 68.53 -6.92
C GLU D 33 4.79 69.23 -7.90
N MET D 34 5.00 70.52 -7.70
CA MET D 34 5.94 71.28 -8.51
C MET D 34 6.93 72.01 -7.61
N GLU D 35 8.12 72.26 -8.15
CA GLU D 35 9.17 73.03 -7.51
C GLU D 35 9.68 74.04 -8.51
N TRP D 36 10.24 75.15 -8.02
CA TRP D 36 10.84 76.10 -8.95
C TRP D 36 12.31 76.24 -8.61
N TYR D 37 13.16 76.31 -9.65
CA TYR D 37 14.60 76.40 -9.47
C TYR D 37 15.13 77.63 -10.21
N ARG D 38 16.32 78.08 -9.84
CA ARG D 38 16.95 79.20 -10.50
C ARG D 38 18.42 78.89 -10.76
N LYS D 39 19.01 79.57 -11.74
CA LYS D 39 20.41 79.42 -12.08
C LYS D 39 21.06 80.80 -12.19
N ALA D 40 21.90 81.13 -11.20
CA ALA D 40 22.68 82.35 -11.17
C ALA D 40 23.92 82.20 -12.04
N PRO D 41 24.48 83.30 -12.56
CA PRO D 41 25.76 83.21 -13.28
C PRO D 41 26.91 82.89 -12.35
N GLY D 42 27.61 81.79 -12.64
CA GLY D 42 28.72 81.36 -11.82
C GLY D 42 28.35 80.53 -10.61
N LYS D 43 27.06 80.26 -10.40
CA LYS D 43 26.60 79.48 -9.26
C LYS D 43 25.81 78.27 -9.75
N GLU D 44 25.66 77.29 -8.85
CA GLU D 44 24.90 76.09 -9.18
C GLU D 44 23.40 76.35 -9.07
N ARG D 45 22.62 75.39 -9.57
CA ARG D 45 21.17 75.50 -9.54
C ARG D 45 20.65 75.23 -8.13
N GLU D 46 19.75 76.11 -7.66
CA GLU D 46 19.21 76.01 -6.31
C GLU D 46 17.70 76.20 -6.32
N TRP D 47 17.03 75.54 -5.38
CA TRP D 47 15.59 75.56 -5.27
C TRP D 47 15.10 76.85 -4.62
N VAL D 48 13.98 77.38 -5.11
CA VAL D 48 13.40 78.62 -4.63
C VAL D 48 12.14 78.38 -3.81
N ALA D 49 11.09 77.83 -4.44
CA ALA D 49 9.80 77.72 -3.79
C ALA D 49 9.03 76.54 -4.39
N ALA D 50 8.04 76.06 -3.65
CA ALA D 50 7.29 74.88 -4.05
C ALA D 50 5.91 74.89 -3.41
N ILE D 51 4.94 74.32 -4.14
CA ILE D 51 3.60 74.06 -3.63
C ILE D 51 3.35 72.56 -3.71
N GLN D 52 2.73 72.01 -2.67
CA GLN D 52 2.36 70.60 -2.68
C GLN D 52 1.18 70.36 -3.63
N SER D 53 0.94 69.08 -3.93
CA SER D 53 -0.11 68.71 -4.87
C SER D 53 -1.49 68.87 -4.27
N GLY D 54 -1.60 68.81 -2.94
CA GLY D 54 -2.88 69.06 -2.30
C GLY D 54 -3.25 70.53 -2.28
N GLY D 55 -2.27 71.42 -2.41
CA GLY D 55 -2.52 72.85 -2.40
C GLY D 55 -2.61 73.48 -1.03
N VAL D 56 -2.11 72.80 0.01
CA VAL D 56 -2.22 73.31 1.37
C VAL D 56 -0.97 74.02 1.86
N GLU D 57 0.20 73.43 1.67
CA GLU D 57 1.42 73.94 2.29
C GLU D 57 2.38 74.46 1.23
N THR D 58 2.94 75.64 1.50
CA THR D 58 3.92 76.27 0.62
C THR D 58 5.21 76.49 1.39
N TYR D 59 6.33 76.27 0.70
CA TYR D 59 7.64 76.34 1.32
C TYR D 59 8.57 77.18 0.46
N TYR D 60 9.55 77.80 1.12
CA TYR D 60 10.53 78.66 0.47
C TYR D 60 11.91 78.31 0.99
N ALA D 61 12.95 78.74 0.26
CA ALA D 61 14.32 78.51 0.69
C ALA D 61 14.71 79.48 1.81
N ASP D 62 15.90 79.26 2.37
CA ASP D 62 16.32 79.94 3.59
C ASP D 62 16.58 81.43 3.38
N SER D 63 17.08 81.80 2.20
CA SER D 63 17.37 83.21 1.95
C SER D 63 16.16 83.98 1.44
N VAL D 64 15.04 83.32 1.11
CA VAL D 64 13.91 83.99 0.48
C VAL D 64 12.65 83.87 1.32
N LYS D 65 12.80 83.55 2.61
CA LYS D 65 11.64 83.51 3.49
C LYS D 65 11.14 84.90 3.85
N GLY D 66 9.84 85.11 3.74
CA GLY D 66 9.23 86.36 4.16
C GLY D 66 9.10 87.38 3.04
N ARG D 67 9.76 87.14 1.92
CA ARG D 67 9.78 88.07 0.80
C ARG D 67 9.14 87.52 -0.46
N PHE D 68 9.19 86.20 -0.69
CA PHE D 68 8.58 85.61 -1.87
C PHE D 68 7.27 84.94 -1.49
N THR D 69 6.30 84.96 -2.41
CA THR D 69 4.99 84.37 -2.19
C THR D 69 4.57 83.62 -3.44
N ILE D 70 4.41 82.29 -3.32
CA ILE D 70 4.09 81.45 -4.47
C ILE D 70 2.59 81.15 -4.43
N SER D 71 1.96 81.09 -5.62
CA SER D 71 0.54 80.85 -5.72
C SER D 71 0.27 79.94 -6.91
N ARG D 72 -0.92 79.37 -6.95
CA ARG D 72 -1.32 78.50 -8.04
C ARG D 72 -2.68 78.93 -8.57
N ASP D 73 -2.91 78.61 -9.84
CA ASP D 73 -4.21 78.81 -10.49
C ASP D 73 -4.55 77.52 -11.20
N ASN D 74 -5.47 76.74 -10.61
CA ASN D 74 -5.77 75.41 -11.13
C ASN D 74 -6.65 75.49 -12.38
N ALA D 75 -7.40 76.58 -12.54
CA ALA D 75 -8.25 76.73 -13.72
C ALA D 75 -7.45 77.08 -14.96
N LYS D 76 -6.45 77.95 -14.84
CA LYS D 76 -5.65 78.38 -15.98
C LYS D 76 -4.40 77.52 -16.17
N ASN D 77 -4.16 76.56 -15.26
CA ASN D 77 -3.02 75.62 -15.27
C ASN D 77 -1.68 76.35 -15.27
N THR D 78 -1.57 77.37 -14.40
CA THR D 78 -0.43 78.26 -14.40
C THR D 78 -0.04 78.58 -12.95
N VAL D 79 1.26 78.47 -12.66
CA VAL D 79 1.81 78.68 -11.33
C VAL D 79 2.51 80.04 -11.29
N TYR D 80 2.22 80.82 -10.24
CA TYR D 80 2.74 82.17 -10.10
C TYR D 80 3.58 82.31 -8.83
N LEU D 81 4.51 83.26 -8.88
CA LEU D 81 5.33 83.67 -7.74
C LEU D 81 5.43 85.18 -7.74
N GLN D 82 5.07 85.80 -6.61
CA GLN D 82 5.21 87.24 -6.43
C GLN D 82 6.53 87.51 -5.73
N MET D 83 7.35 88.37 -6.34
CA MET D 83 8.64 88.77 -5.79
C MET D 83 8.52 90.13 -5.13
N ASN D 84 9.00 90.23 -3.90
CA ASN D 84 9.01 91.49 -3.17
C ASN D 84 10.36 91.65 -2.49
N SER D 85 10.81 92.91 -2.41
CA SER D 85 12.12 93.32 -1.86
C SER D 85 13.29 92.61 -2.53
N LEU D 86 13.41 92.80 -3.84
CA LEU D 86 14.41 92.09 -4.64
C LEU D 86 15.80 92.65 -4.41
N LYS D 87 16.78 91.77 -4.33
CA LYS D 87 18.19 92.05 -4.09
C LYS D 87 19.01 91.65 -5.31
N PRO D 88 20.20 92.22 -5.50
CA PRO D 88 21.05 91.79 -6.63
C PRO D 88 21.65 90.40 -6.50
N GLU D 89 21.55 89.75 -5.34
CA GLU D 89 21.93 88.35 -5.21
C GLU D 89 20.96 87.40 -5.92
N ASP D 90 19.73 87.85 -6.22
CA ASP D 90 18.73 87.03 -6.87
C ASP D 90 18.76 87.16 -8.39
N THR D 91 19.85 87.65 -8.96
CA THR D 91 20.00 87.74 -10.40
C THR D 91 20.25 86.34 -10.97
N ALA D 92 19.20 85.76 -11.56
CA ALA D 92 19.28 84.37 -12.01
C ALA D 92 18.28 84.08 -13.12
N VAL D 93 18.47 82.96 -13.82
CA VAL D 93 17.53 82.49 -14.82
C VAL D 93 16.58 81.49 -14.16
N TYR D 94 15.29 81.79 -14.19
CA TYR D 94 14.30 81.06 -13.42
C TYR D 94 13.67 79.96 -14.28
N TYR D 95 13.63 78.75 -13.75
CA TYR D 95 13.02 77.61 -14.43
C TYR D 95 11.94 77.00 -13.54
N CYS D 96 10.88 76.51 -14.17
CA CYS D 96 9.84 75.78 -13.46
C CYS D 96 9.97 74.28 -13.71
N PHE D 97 9.74 73.51 -12.64
CA PHE D 97 10.01 72.08 -12.64
C PHE D 97 8.76 71.34 -12.18
N VAL D 98 8.56 70.14 -12.74
CA VAL D 98 7.50 69.24 -12.30
C VAL D 98 7.96 67.81 -12.63
N TYR D 99 7.42 66.84 -11.90
CA TYR D 99 7.74 65.43 -12.10
C TYR D 99 6.44 64.68 -12.39
N VAL D 100 6.05 64.64 -13.67
CA VAL D 100 4.86 63.91 -14.12
C VAL D 100 5.39 62.78 -15.02
N GLY D 101 5.65 61.62 -14.42
CA GLY D 101 6.24 60.51 -15.14
C GLY D 101 7.74 60.69 -15.32
N ARG D 102 8.12 61.59 -16.22
CA ARG D 102 9.49 62.04 -16.40
C ARG D 102 9.59 63.51 -16.03
N SER D 103 10.83 63.99 -15.95
CA SER D 103 11.07 65.38 -15.60
C SER D 103 11.04 66.24 -16.86
N TYR D 104 10.42 67.41 -16.76
CA TYR D 104 10.34 68.35 -17.87
C TYR D 104 10.82 69.72 -17.42
N ILE D 105 11.79 70.25 -18.15
CA ILE D 105 12.45 71.49 -17.80
C ILE D 105 12.08 72.57 -18.82
N GLY D 106 11.63 73.71 -18.31
CA GLY D 106 11.29 74.85 -19.14
C GLY D 106 12.52 75.52 -19.73
N GLN D 107 12.26 76.39 -20.70
CA GLN D 107 13.35 77.10 -21.38
C GLN D 107 13.96 78.19 -20.52
N GLY D 108 13.19 78.79 -19.62
CA GLY D 108 13.70 79.77 -18.69
C GLY D 108 13.58 81.19 -19.24
N THR D 109 13.49 82.14 -18.32
CA THR D 109 13.41 83.55 -18.64
C THR D 109 14.40 84.31 -17.76
N GLN D 110 15.15 85.22 -18.38
CA GLN D 110 16.19 85.97 -17.69
C GLN D 110 15.59 87.05 -16.79
N VAL D 111 15.95 87.00 -15.51
CA VAL D 111 15.53 88.00 -14.54
C VAL D 111 16.79 88.63 -13.94
N THR D 112 16.97 89.93 -14.17
CA THR D 112 18.14 90.65 -13.70
C THR D 112 17.72 91.72 -12.71
N VAL D 113 18.39 91.75 -11.55
CA VAL D 113 18.18 92.79 -10.55
C VAL D 113 19.47 93.61 -10.49
N SER D 114 19.38 94.87 -10.89
CA SER D 114 20.55 95.75 -10.92
C SER D 114 20.16 97.20 -10.68
N GLN E 1 -2.77 43.66 -55.49
CA GLN E 1 -1.73 44.54 -54.97
C GLN E 1 -0.49 44.50 -55.86
N VAL E 2 -0.05 43.29 -56.19
CA VAL E 2 1.10 43.10 -57.07
C VAL E 2 0.65 43.25 -58.52
N GLN E 3 1.29 44.15 -59.25
CA GLN E 3 0.89 44.44 -60.62
C GLN E 3 2.13 44.67 -61.47
N LEU E 4 2.13 44.09 -62.67
CA LEU E 4 3.18 44.31 -63.66
C LEU E 4 2.56 44.84 -64.94
N VAL E 5 3.20 45.84 -65.55
CA VAL E 5 2.82 46.36 -66.85
C VAL E 5 4.04 46.29 -67.76
N GLU E 6 3.81 46.24 -69.07
CA GLU E 6 4.90 46.23 -70.03
C GLU E 6 4.70 47.35 -71.05
N SER E 7 5.78 48.03 -71.41
CA SER E 7 5.78 49.10 -72.40
C SER E 7 7.07 49.07 -73.20
N GLY E 8 7.23 50.08 -74.05
CA GLY E 8 8.46 50.22 -74.82
C GLY E 8 8.53 49.38 -76.08
N GLY E 9 7.46 48.67 -76.43
CA GLY E 9 7.50 47.83 -77.60
C GLY E 9 7.34 48.59 -78.90
N GLY E 10 7.62 47.90 -80.00
CA GLY E 10 7.50 48.51 -81.30
C GLY E 10 7.84 47.53 -82.39
N LEU E 11 7.90 48.03 -83.62
CA LEU E 11 8.25 47.22 -84.78
C LEU E 11 9.63 47.62 -85.27
N VAL E 12 10.51 46.63 -85.39
CA VAL E 12 11.90 46.85 -85.78
C VAL E 12 12.23 45.88 -86.90
N GLN E 13 13.35 46.13 -87.57
CA GLN E 13 13.85 45.25 -88.63
C GLN E 13 14.90 44.30 -88.06
N ALA E 14 15.43 43.45 -88.95
CA ALA E 14 16.47 42.50 -88.57
C ALA E 14 17.80 43.21 -88.34
N GLY E 15 18.41 42.94 -87.19
CA GLY E 15 19.65 43.57 -86.78
C GLY E 15 19.47 44.83 -85.96
N GLY E 16 18.25 45.19 -85.61
CA GLY E 16 17.97 46.40 -84.86
C GLY E 16 18.19 46.21 -83.37
N SER E 17 17.80 47.23 -82.61
CA SER E 17 17.96 47.23 -81.17
C SER E 17 16.83 48.02 -80.54
N LEU E 18 16.42 47.57 -79.35
CA LEU E 18 15.35 48.22 -78.60
C LEU E 18 15.56 47.91 -77.12
N ARG E 19 15.13 48.84 -76.27
CA ARG E 19 15.27 48.71 -74.83
C ARG E 19 13.87 48.56 -74.23
N LEU E 20 13.66 47.48 -73.48
CA LEU E 20 12.33 47.13 -73.01
C LEU E 20 12.27 47.19 -71.49
N SER E 21 11.07 47.44 -70.97
CA SER E 21 10.86 47.62 -69.54
C SER E 21 9.69 46.79 -69.03
N CYS E 22 9.70 46.57 -67.72
CA CYS E 22 8.57 45.94 -67.02
C CYS E 22 8.50 46.56 -65.62
N ALA E 23 7.53 47.43 -65.40
CA ALA E 23 7.39 48.11 -64.12
C ALA E 23 6.73 47.18 -63.10
N ALA E 24 7.13 47.32 -61.84
CA ALA E 24 6.61 46.51 -60.75
C ALA E 24 6.06 47.41 -59.64
N SER E 25 5.04 46.93 -58.95
CA SER E 25 4.43 47.68 -57.85
C SER E 25 4.02 46.72 -56.74
N GLY E 26 4.08 47.23 -55.51
CA GLY E 26 3.60 46.49 -54.36
C GLY E 26 4.61 45.59 -53.69
N PHE E 27 5.80 45.44 -54.26
CA PHE E 27 6.82 44.55 -53.72
C PHE E 27 8.19 45.07 -54.15
N PRO E 28 9.22 44.91 -53.30
CA PRO E 28 10.57 45.30 -53.72
C PRO E 28 11.22 44.24 -54.61
N VAL E 29 12.13 44.71 -55.48
CA VAL E 29 12.83 43.83 -56.39
C VAL E 29 14.06 43.17 -55.76
N LYS E 30 14.41 43.56 -54.53
CA LYS E 30 15.61 43.06 -53.87
C LYS E 30 15.36 41.75 -53.12
N ASN E 31 14.11 41.28 -53.09
CA ASN E 31 13.78 40.08 -52.36
C ASN E 31 13.09 39.01 -53.21
N PHE E 32 12.83 39.29 -54.49
CA PHE E 32 12.10 38.37 -55.34
C PHE E 32 12.84 38.18 -56.65
N GLU E 33 12.68 37.01 -57.25
CA GLU E 33 13.35 36.69 -58.50
C GLU E 33 12.47 37.05 -59.69
N MET E 34 13.10 37.41 -60.80
CA MET E 34 12.41 37.80 -62.01
C MET E 34 12.61 36.77 -63.11
N GLU E 35 11.58 36.57 -63.92
CA GLU E 35 11.69 35.79 -65.15
C GLU E 35 10.94 36.52 -66.26
N TRP E 36 11.39 36.31 -67.49
CA TRP E 36 10.78 36.90 -68.67
C TRP E 36 10.41 35.79 -69.65
N TYR E 37 9.18 35.84 -70.14
CA TYR E 37 8.64 34.82 -71.02
C TYR E 37 8.18 35.45 -72.32
N ARG E 38 8.15 34.65 -73.38
CA ARG E 38 7.70 35.13 -74.68
C ARG E 38 6.74 34.11 -75.31
N LYS E 39 5.81 34.62 -76.11
CA LYS E 39 4.82 33.81 -76.80
C LYS E 39 4.90 34.09 -78.29
N ALA E 40 5.53 33.19 -79.03
CA ALA E 40 5.53 33.30 -80.48
C ALA E 40 4.18 32.86 -81.05
N PRO E 41 3.78 33.35 -82.21
CA PRO E 41 2.57 32.82 -82.86
C PRO E 41 2.77 31.41 -83.36
N GLY E 42 1.93 30.50 -82.86
CA GLY E 42 2.03 29.09 -83.20
C GLY E 42 2.98 28.29 -82.35
N LYS E 43 3.61 28.91 -81.35
CA LYS E 43 4.53 28.22 -80.45
C LYS E 43 4.09 28.42 -79.01
N GLU E 44 4.57 27.53 -78.13
CA GLU E 44 4.25 27.62 -76.72
C GLU E 44 5.07 28.72 -76.04
N ARG E 45 4.69 29.04 -74.80
CA ARG E 45 5.39 30.06 -74.05
C ARG E 45 6.72 29.53 -73.54
N GLU E 46 7.79 30.31 -73.74
CA GLU E 46 9.13 29.87 -73.40
C GLU E 46 9.87 30.96 -72.63
N TRP E 47 10.76 30.52 -71.74
CA TRP E 47 11.51 31.42 -70.86
C TRP E 47 12.65 32.07 -71.61
N VAL E 48 12.87 33.37 -71.33
CA VAL E 48 13.88 34.17 -72.00
C VAL E 48 15.10 34.41 -71.11
N ALA E 49 14.91 35.09 -69.98
CA ALA E 49 16.02 35.48 -69.14
C ALA E 49 15.55 35.61 -67.70
N ALA E 50 16.51 35.58 -66.77
CA ALA E 50 16.19 35.64 -65.35
C ALA E 50 17.30 36.34 -64.58
N ILE E 51 16.90 37.08 -63.55
CA ILE E 51 17.81 37.70 -62.58
C ILE E 51 17.46 37.14 -61.21
N GLN E 52 18.49 36.82 -60.42
CA GLN E 52 18.29 36.36 -59.06
C GLN E 52 17.82 37.50 -58.16
N SER E 53 17.34 37.12 -56.97
CA SER E 53 16.79 38.10 -56.03
C SER E 53 17.89 38.95 -55.40
N GLY E 54 19.10 38.39 -55.27
CA GLY E 54 20.21 39.17 -54.77
C GLY E 54 20.81 40.10 -55.80
N GLY E 55 20.53 39.86 -57.07
CA GLY E 55 21.07 40.67 -58.14
C GLY E 55 22.48 40.30 -58.56
N VAL E 56 22.98 39.13 -58.15
CA VAL E 56 24.35 38.74 -58.45
C VAL E 56 24.48 37.97 -59.76
N GLU E 57 23.60 37.01 -60.03
CA GLU E 57 23.74 36.11 -61.16
C GLU E 57 22.60 36.32 -62.15
N THR E 58 22.95 36.43 -63.43
CA THR E 58 21.99 36.62 -64.49
C THR E 58 22.15 35.50 -65.52
N TYR E 59 21.01 35.00 -66.01
CA TYR E 59 20.99 33.86 -66.92
C TYR E 59 20.09 34.15 -68.10
N TYR E 60 20.36 33.47 -69.21
CA TYR E 60 19.61 33.62 -70.45
C TYR E 60 19.33 32.24 -71.03
N ALA E 61 18.42 32.18 -71.99
CA ALA E 61 18.11 30.92 -72.66
C ALA E 61 19.18 30.57 -73.67
N ASP E 62 19.08 29.35 -74.22
CA ASP E 62 20.13 28.78 -75.06
C ASP E 62 20.27 29.49 -76.40
N SER E 63 19.15 29.92 -76.99
CA SER E 63 19.22 30.61 -78.27
C SER E 63 19.59 32.07 -78.13
N VAL E 64 19.56 32.65 -76.93
CA VAL E 64 19.73 34.09 -76.78
C VAL E 64 20.94 34.44 -75.93
N LYS E 65 21.87 33.50 -75.78
CA LYS E 65 23.13 33.82 -75.09
C LYS E 65 24.06 34.63 -75.98
N GLY E 66 24.63 35.70 -75.44
CA GLY E 66 25.57 36.52 -76.17
C GLY E 66 24.95 37.75 -76.82
N ARG E 67 23.63 37.77 -76.91
CA ARG E 67 22.91 38.86 -77.54
C ARG E 67 22.00 39.64 -76.60
N PHE E 68 21.44 39.00 -75.58
CA PHE E 68 20.51 39.65 -74.67
C PHE E 68 21.21 40.08 -73.40
N THR E 69 20.71 41.16 -72.79
CA THR E 69 21.23 41.66 -71.53
C THR E 69 20.06 42.15 -70.69
N ILE E 70 19.82 41.49 -69.57
CA ILE E 70 18.71 41.84 -68.69
C ILE E 70 19.27 42.53 -67.44
N SER E 71 18.57 43.55 -66.96
CA SER E 71 19.04 44.34 -65.83
C SER E 71 17.85 44.76 -64.98
N ARG E 72 18.15 45.36 -63.84
CA ARG E 72 17.11 45.83 -62.94
C ARG E 72 17.51 47.19 -62.38
N ASP E 73 16.50 47.98 -62.03
CA ASP E 73 16.70 49.26 -61.35
C ASP E 73 15.96 49.19 -60.03
N ASN E 74 16.72 49.21 -58.93
CA ASN E 74 16.13 49.01 -57.61
C ASN E 74 15.39 50.25 -57.13
N ALA E 75 15.81 51.43 -57.60
CA ALA E 75 15.17 52.66 -57.17
C ALA E 75 13.82 52.88 -57.85
N LYS E 76 13.71 52.55 -59.14
CA LYS E 76 12.52 52.84 -59.92
C LYS E 76 11.53 51.67 -59.98
N ASN E 77 11.88 50.52 -59.37
CA ASN E 77 11.05 49.31 -59.25
C ASN E 77 10.63 48.77 -60.63
N THR E 78 11.57 48.80 -61.57
CA THR E 78 11.30 48.43 -62.96
C THR E 78 12.44 47.55 -63.47
N VAL E 79 12.07 46.45 -64.13
CA VAL E 79 13.04 45.51 -64.70
C VAL E 79 13.23 45.83 -66.17
N TYR E 80 14.49 45.96 -66.59
CA TYR E 80 14.84 46.40 -67.93
C TYR E 80 15.53 45.30 -68.71
N LEU E 81 15.65 45.51 -70.02
CA LEU E 81 16.29 44.58 -70.94
C LEU E 81 17.01 45.36 -72.04
N GLN E 82 18.30 45.06 -72.22
CA GLN E 82 19.05 45.54 -73.38
C GLN E 82 19.04 44.43 -74.43
N MET E 83 18.33 44.67 -75.53
CA MET E 83 18.05 43.66 -76.53
C MET E 83 18.77 44.02 -77.83
N ASN E 84 19.57 43.09 -78.35
CA ASN E 84 20.40 43.34 -79.52
C ASN E 84 20.45 42.09 -80.40
N SER E 85 21.05 42.27 -81.58
CA SER E 85 21.44 41.20 -82.54
C SER E 85 20.23 40.40 -83.03
N LEU E 86 19.32 41.07 -83.72
CA LEU E 86 18.01 40.49 -84.03
C LEU E 86 18.05 39.52 -85.20
N LYS E 87 17.20 38.50 -85.10
CA LYS E 87 16.77 37.52 -86.07
C LYS E 87 15.26 37.57 -86.23
N PRO E 88 14.70 37.07 -87.34
CA PRO E 88 13.23 37.02 -87.46
C PRO E 88 12.55 35.98 -86.56
N GLU E 89 13.31 35.10 -85.90
CA GLU E 89 12.72 34.09 -85.02
C GLU E 89 12.21 34.67 -83.70
N ASP E 90 12.58 35.89 -83.34
CA ASP E 90 12.23 36.48 -82.05
C ASP E 90 10.95 37.31 -82.11
N THR E 91 10.09 37.08 -83.10
CA THR E 91 8.81 37.77 -83.18
C THR E 91 7.83 37.15 -82.19
N ALA E 92 7.65 37.80 -81.05
CA ALA E 92 6.83 37.24 -79.98
C ALA E 92 6.25 38.32 -79.07
N VAL E 93 5.19 37.99 -78.34
CA VAL E 93 4.62 38.87 -77.33
C VAL E 93 5.32 38.61 -76.01
N TYR E 94 5.80 39.67 -75.37
CA TYR E 94 6.78 39.58 -74.30
C TYR E 94 6.11 39.81 -72.96
N TYR E 95 6.25 38.85 -72.04
CA TYR E 95 5.63 38.93 -70.71
C TYR E 95 6.68 38.75 -69.63
N CYS E 96 6.69 39.65 -68.65
CA CYS E 96 7.52 39.49 -67.47
C CYS E 96 6.76 38.71 -66.41
N PHE E 97 7.49 38.11 -65.48
CA PHE E 97 6.93 37.08 -64.62
C PHE E 97 7.62 37.10 -63.26
N VAL E 98 6.84 36.92 -62.20
CA VAL E 98 7.36 36.98 -60.83
C VAL E 98 6.44 36.15 -59.95
N TYR E 99 7.00 35.57 -58.87
CA TYR E 99 6.25 34.88 -57.84
C TYR E 99 6.26 35.73 -56.57
N VAL E 100 5.21 36.52 -56.36
CA VAL E 100 5.01 37.24 -55.11
C VAL E 100 3.74 36.66 -54.48
N GLY E 101 3.89 35.61 -53.69
CA GLY E 101 2.75 34.95 -53.08
C GLY E 101 2.00 34.08 -54.09
N ARG E 102 1.25 34.73 -54.97
CA ARG E 102 0.71 34.14 -56.18
C ARG E 102 1.46 34.68 -57.38
N SER E 103 1.20 34.09 -58.54
CA SER E 103 1.83 34.55 -59.76
C SER E 103 1.05 35.71 -60.36
N TYR E 104 1.76 36.71 -60.86
CA TYR E 104 1.15 37.86 -61.51
C TYR E 104 1.83 38.11 -62.84
N ILE E 105 1.04 38.01 -63.92
CA ILE E 105 1.53 38.14 -65.28
C ILE E 105 0.93 39.41 -65.88
N GLY E 106 1.79 40.24 -66.47
CA GLY E 106 1.38 41.47 -67.11
C GLY E 106 0.65 41.23 -68.43
N GLN E 107 0.13 42.33 -68.98
CA GLN E 107 -0.66 42.26 -70.20
C GLN E 107 0.20 42.00 -71.44
N GLY E 108 1.48 42.34 -71.39
CA GLY E 108 2.39 42.05 -72.47
C GLY E 108 2.55 43.23 -73.43
N THR E 109 3.60 43.15 -74.25
CA THR E 109 3.86 44.14 -75.27
C THR E 109 4.20 43.44 -76.58
N GLN E 110 4.00 44.13 -77.69
CA GLN E 110 4.18 43.54 -79.01
C GLN E 110 5.50 43.99 -79.63
N VAL E 111 6.32 43.02 -80.00
CA VAL E 111 7.56 43.26 -80.73
C VAL E 111 7.51 42.43 -82.00
N THR E 112 7.54 43.09 -83.15
CA THR E 112 7.47 42.43 -84.45
C THR E 112 8.75 42.70 -85.22
N VAL E 113 9.45 41.63 -85.59
CA VAL E 113 10.73 41.73 -86.29
C VAL E 113 10.50 41.20 -87.70
N SER E 114 10.55 42.08 -88.69
CA SER E 114 10.36 41.71 -90.08
C SER E 114 11.11 42.65 -91.01
N GLN F 1 -32.20 56.36 -27.74
CA GLN F 1 -32.03 55.92 -29.12
C GLN F 1 -33.38 55.62 -29.76
N VAL F 2 -34.21 54.87 -29.05
CA VAL F 2 -35.55 54.54 -29.54
C VAL F 2 -36.48 55.72 -29.27
N GLN F 3 -37.10 56.23 -30.34
CA GLN F 3 -37.94 57.41 -30.24
C GLN F 3 -39.18 57.21 -31.10
N LEU F 4 -40.34 57.54 -30.53
CA LEU F 4 -41.61 57.51 -31.24
C LEU F 4 -42.25 58.89 -31.17
N VAL F 5 -42.74 59.38 -32.31
CA VAL F 5 -43.49 60.63 -32.39
C VAL F 5 -44.83 60.32 -33.05
N GLU F 6 -45.84 61.13 -32.76
CA GLU F 6 -47.17 60.95 -33.36
C GLU F 6 -47.61 62.25 -34.03
N SER F 7 -48.28 62.12 -35.17
CA SER F 7 -48.82 63.24 -35.91
C SER F 7 -50.12 62.83 -36.61
N GLY F 8 -50.62 63.72 -37.46
CA GLY F 8 -51.79 63.42 -38.26
C GLY F 8 -53.13 63.64 -37.58
N GLY F 9 -53.14 64.18 -36.36
CA GLY F 9 -54.37 64.36 -35.63
C GLY F 9 -55.17 65.56 -36.09
N GLY F 10 -56.42 65.61 -35.62
CA GLY F 10 -57.29 66.71 -35.99
C GLY F 10 -58.65 66.56 -35.32
N LEU F 11 -59.55 67.48 -35.65
CA LEU F 11 -60.90 67.45 -35.11
C LEU F 11 -61.88 67.10 -36.22
N VAL F 12 -62.65 66.03 -35.99
CA VAL F 12 -63.59 65.50 -36.98
C VAL F 12 -64.94 65.34 -36.30
N GLN F 13 -65.97 65.14 -37.11
CA GLN F 13 -67.33 64.91 -36.62
C GLN F 13 -67.61 63.40 -36.54
N ALA F 14 -68.84 63.07 -36.13
CA ALA F 14 -69.25 61.68 -36.01
C ALA F 14 -69.50 61.06 -37.37
N GLY F 15 -68.83 59.94 -37.65
CA GLY F 15 -68.92 59.25 -38.90
C GLY F 15 -67.83 59.58 -39.90
N GLY F 16 -66.89 60.43 -39.52
CA GLY F 16 -65.80 60.82 -40.40
C GLY F 16 -64.66 59.82 -40.40
N SER F 17 -63.56 60.23 -41.02
CA SER F 17 -62.38 59.40 -41.11
C SER F 17 -61.13 60.28 -41.06
N LEU F 18 -60.08 59.72 -40.45
CA LEU F 18 -58.79 60.40 -40.37
C LEU F 18 -57.72 59.32 -40.28
N ARG F 19 -56.51 59.68 -40.69
CA ARG F 19 -55.41 58.73 -40.83
C ARG F 19 -54.23 59.20 -39.97
N LEU F 20 -53.99 58.52 -38.85
CA LEU F 20 -52.91 58.87 -37.95
C LEU F 20 -51.66 58.04 -38.25
N SER F 21 -50.57 58.40 -37.58
CA SER F 21 -49.30 57.71 -37.76
C SER F 21 -48.51 57.68 -36.45
N CYS F 22 -47.50 56.80 -36.42
CA CYS F 22 -46.52 56.76 -35.34
C CYS F 22 -45.17 56.41 -35.97
N ALA F 23 -44.33 57.41 -36.15
CA ALA F 23 -43.01 57.20 -36.74
C ALA F 23 -42.07 56.56 -35.72
N ALA F 24 -41.18 55.71 -36.19
CA ALA F 24 -40.25 54.97 -35.33
C ALA F 24 -38.83 55.21 -35.79
N SER F 25 -37.91 55.22 -34.82
CA SER F 25 -36.49 55.40 -35.10
C SER F 25 -35.67 54.55 -34.14
N GLY F 26 -34.53 54.07 -34.63
CA GLY F 26 -33.60 53.32 -33.82
C GLY F 26 -33.82 51.83 -33.77
N PHE F 27 -34.92 51.33 -34.34
CA PHE F 27 -35.21 49.90 -34.33
C PHE F 27 -36.03 49.57 -35.58
N PRO F 28 -35.85 48.38 -36.15
CA PRO F 28 -36.76 47.92 -37.21
C PRO F 28 -38.06 47.37 -36.63
N VAL F 29 -39.13 47.53 -37.41
CA VAL F 29 -40.44 47.03 -37.00
C VAL F 29 -40.68 45.58 -37.43
N LYS F 30 -39.69 44.95 -38.08
CA LYS F 30 -39.81 43.58 -38.55
C LYS F 30 -39.43 42.56 -37.48
N ASN F 31 -38.99 43.01 -36.31
CA ASN F 31 -38.51 42.12 -35.27
C ASN F 31 -39.16 42.36 -33.90
N PHE F 32 -40.01 43.37 -33.77
CA PHE F 32 -40.57 43.72 -32.47
C PHE F 32 -42.09 43.78 -32.56
N GLU F 33 -42.72 43.46 -31.43
CA GLU F 33 -44.17 43.57 -31.32
C GLU F 33 -44.54 44.88 -30.66
N MET F 34 -45.44 45.63 -31.30
CA MET F 34 -45.82 46.95 -30.83
C MET F 34 -47.32 47.02 -30.62
N GLU F 35 -47.75 47.82 -29.66
CA GLU F 35 -49.15 47.99 -29.31
C GLU F 35 -49.53 49.47 -29.41
N TRP F 36 -50.83 49.74 -29.44
CA TRP F 36 -51.36 51.08 -29.55
C TRP F 36 -52.21 51.35 -28.31
N TYR F 37 -52.10 52.55 -27.75
CA TYR F 37 -52.83 52.88 -26.53
C TYR F 37 -53.51 54.23 -26.67
N ARG F 38 -54.61 54.41 -25.93
CA ARG F 38 -55.33 55.68 -25.93
C ARG F 38 -55.71 56.06 -24.51
N LYS F 39 -55.87 57.37 -24.28
CA LYS F 39 -56.25 57.92 -22.99
C LYS F 39 -57.46 58.84 -23.17
N ALA F 40 -58.63 58.37 -22.79
CA ALA F 40 -59.82 59.20 -22.76
C ALA F 40 -59.79 60.12 -21.55
N PRO F 41 -60.44 61.29 -21.61
CA PRO F 41 -60.57 62.12 -20.41
C PRO F 41 -61.50 61.49 -19.38
N GLY F 42 -60.97 61.25 -18.19
CA GLY F 42 -61.71 60.60 -17.12
C GLY F 42 -61.68 59.10 -17.13
N LYS F 43 -61.00 58.48 -18.10
CA LYS F 43 -60.90 57.03 -18.19
C LYS F 43 -59.44 56.61 -18.17
N GLU F 44 -59.20 55.34 -17.86
CA GLU F 44 -57.85 54.81 -17.79
C GLU F 44 -57.33 54.49 -19.19
N ARG F 45 -56.02 54.24 -19.27
CA ARG F 45 -55.40 53.92 -20.54
C ARG F 45 -55.70 52.47 -20.93
N GLU F 46 -56.09 52.27 -22.20
CA GLU F 46 -56.53 50.97 -22.67
C GLU F 46 -55.90 50.62 -24.01
N TRP F 47 -55.78 49.32 -24.26
CA TRP F 47 -55.18 48.82 -25.49
C TRP F 47 -56.19 48.87 -26.63
N VAL F 48 -55.72 49.26 -27.82
CA VAL F 48 -56.56 49.40 -29.00
C VAL F 48 -56.27 48.32 -30.04
N ALA F 49 -55.05 48.30 -30.57
CA ALA F 49 -54.73 47.41 -31.68
C ALA F 49 -53.24 47.11 -31.69
N ALA F 50 -52.88 45.98 -32.29
CA ALA F 50 -51.49 45.54 -32.34
C ALA F 50 -51.28 44.62 -33.53
N ILE F 51 -50.05 44.62 -34.05
CA ILE F 51 -49.57 43.69 -35.07
C ILE F 51 -48.36 42.96 -34.49
N GLN F 52 -48.25 41.66 -34.77
CA GLN F 52 -47.10 40.88 -34.34
C GLN F 52 -45.84 41.26 -35.10
N SER F 53 -44.70 40.71 -34.64
CA SER F 53 -43.40 41.06 -35.20
C SER F 53 -43.19 40.50 -36.60
N GLY F 54 -43.84 39.38 -36.91
CA GLY F 54 -43.77 38.85 -38.26
C GLY F 54 -44.64 39.59 -39.25
N GLY F 55 -45.61 40.36 -38.76
CA GLY F 55 -46.54 41.05 -39.62
C GLY F 55 -47.67 40.22 -40.17
N VAL F 56 -47.93 39.05 -39.57
CA VAL F 56 -48.94 38.14 -40.10
C VAL F 56 -50.31 38.34 -39.46
N GLU F 57 -50.39 38.50 -38.15
CA GLU F 57 -51.65 38.52 -37.44
C GLU F 57 -51.93 39.92 -36.88
N THR F 58 -53.14 40.40 -37.11
CA THR F 58 -53.57 41.71 -36.66
C THR F 58 -54.78 41.58 -35.75
N TYR F 59 -54.80 42.36 -34.67
CA TYR F 59 -55.84 42.26 -33.66
C TYR F 59 -56.34 43.64 -33.28
N TYR F 60 -57.57 43.67 -32.74
CA TYR F 60 -58.22 44.90 -32.31
C TYR F 60 -58.90 44.63 -30.97
N ALA F 61 -59.26 45.71 -30.27
CA ALA F 61 -60.02 45.58 -29.04
C ALA F 61 -61.49 45.29 -29.34
N ASP F 62 -62.24 44.98 -28.28
CA ASP F 62 -63.61 44.45 -28.42
C ASP F 62 -64.59 45.49 -28.93
N SER F 63 -64.41 46.75 -28.55
CA SER F 63 -65.33 47.78 -29.01
C SER F 63 -65.02 48.28 -30.42
N VAL F 64 -63.84 47.97 -30.96
CA VAL F 64 -63.40 48.59 -32.21
C VAL F 64 -63.15 47.55 -33.29
N LYS F 65 -63.71 46.35 -33.13
CA LYS F 65 -63.63 45.35 -34.19
C LYS F 65 -64.60 45.65 -35.33
N GLY F 66 -64.13 45.55 -36.57
CA GLY F 66 -64.98 45.74 -37.74
C GLY F 66 -64.97 47.15 -38.28
N ARG F 67 -64.40 48.08 -37.53
CA ARG F 67 -64.35 49.48 -37.92
C ARG F 67 -62.94 50.02 -38.07
N PHE F 68 -61.93 49.37 -37.48
CA PHE F 68 -60.57 49.85 -37.55
C PHE F 68 -59.78 49.01 -38.54
N THR F 69 -58.70 49.60 -39.08
CA THR F 69 -57.81 48.93 -40.01
C THR F 69 -56.38 49.37 -39.73
N ILE F 70 -55.56 48.44 -39.28
CA ILE F 70 -54.18 48.74 -38.90
C ILE F 70 -53.23 48.10 -39.94
N SER F 71 -52.22 48.86 -40.34
CA SER F 71 -51.21 48.38 -41.28
C SER F 71 -49.88 49.04 -40.95
N ARG F 72 -48.80 48.47 -41.49
CA ARG F 72 -47.46 48.97 -41.21
C ARG F 72 -46.72 49.17 -42.52
N ASP F 73 -45.75 50.08 -42.49
CA ASP F 73 -44.87 50.35 -43.63
C ASP F 73 -43.45 50.09 -43.17
N ASN F 74 -42.84 49.02 -43.70
CA ASN F 74 -41.52 48.62 -43.22
C ASN F 74 -40.42 49.48 -43.83
N ALA F 75 -40.68 50.08 -45.01
CA ALA F 75 -39.67 50.87 -45.68
C ALA F 75 -39.50 52.24 -45.01
N LYS F 76 -40.58 52.88 -44.59
CA LYS F 76 -40.53 54.22 -44.03
C LYS F 76 -40.42 54.22 -42.51
N ASN F 77 -40.46 53.02 -41.88
CA ASN F 77 -40.42 52.79 -40.43
C ASN F 77 -41.54 53.55 -39.71
N THR F 78 -42.73 53.52 -40.30
CA THR F 78 -43.90 54.22 -39.77
C THR F 78 -45.09 53.29 -39.80
N VAL F 79 -45.82 53.22 -38.70
CA VAL F 79 -47.04 52.44 -38.58
C VAL F 79 -48.23 53.38 -38.71
N TYR F 80 -49.18 53.01 -39.58
CA TYR F 80 -50.28 53.88 -39.94
C TYR F 80 -51.60 53.26 -39.50
N LEU F 81 -52.63 54.10 -39.40
CA LEU F 81 -53.95 53.68 -38.96
C LEU F 81 -54.99 54.22 -39.93
N GLN F 82 -55.81 53.33 -40.47
CA GLN F 82 -56.96 53.71 -41.27
C GLN F 82 -58.20 53.48 -40.42
N MET F 83 -58.91 54.57 -40.13
CA MET F 83 -59.86 54.63 -39.03
C MET F 83 -61.20 55.15 -39.54
N ASN F 84 -62.29 54.46 -39.15
CA ASN F 84 -63.60 54.67 -39.74
C ASN F 84 -64.69 54.50 -38.69
N SER F 85 -65.90 54.95 -39.06
CA SER F 85 -67.18 54.75 -38.33
C SER F 85 -67.14 55.34 -36.92
N LEU F 86 -67.05 56.66 -36.86
CA LEU F 86 -66.81 57.37 -35.60
C LEU F 86 -68.05 57.56 -34.74
N LYS F 87 -67.87 57.31 -33.46
CA LYS F 87 -68.71 57.55 -32.29
C LYS F 87 -68.06 58.64 -31.44
N PRO F 88 -68.84 59.32 -30.57
CA PRO F 88 -68.19 60.26 -29.64
C PRO F 88 -67.38 59.60 -28.52
N GLU F 89 -67.51 58.28 -28.33
CA GLU F 89 -66.78 57.56 -27.28
C GLU F 89 -65.29 57.42 -27.57
N ASP F 90 -64.84 57.64 -28.82
CA ASP F 90 -63.44 57.51 -29.19
C ASP F 90 -62.66 58.81 -29.03
N THR F 91 -63.22 59.79 -28.32
CA THR F 91 -62.51 61.03 -28.05
C THR F 91 -61.44 60.78 -27.00
N ALA F 92 -60.19 60.68 -27.45
CA ALA F 92 -59.09 60.30 -26.57
C ALA F 92 -57.76 60.84 -27.07
N VAL F 93 -56.74 60.79 -26.22
CA VAL F 93 -55.37 61.12 -26.61
C VAL F 93 -54.65 59.83 -26.94
N TYR F 94 -54.16 59.74 -28.18
CA TYR F 94 -53.73 58.49 -28.78
C TYR F 94 -52.21 58.39 -28.74
N TYR F 95 -51.71 57.28 -28.20
CA TYR F 95 -50.27 57.04 -28.10
C TYR F 95 -49.89 55.76 -28.82
N CYS F 96 -48.61 55.60 -29.13
CA CYS F 96 -48.07 54.32 -29.56
C CYS F 96 -47.07 53.81 -28.52
N PHE F 97 -46.75 52.52 -28.63
CA PHE F 97 -46.09 51.82 -27.54
C PHE F 97 -45.31 50.64 -28.10
N VAL F 98 -44.10 50.43 -27.57
CA VAL F 98 -43.21 49.38 -28.07
C VAL F 98 -42.27 48.97 -26.93
N TYR F 99 -41.81 47.72 -26.97
CA TYR F 99 -40.76 47.21 -26.08
C TYR F 99 -39.50 46.98 -26.91
N VAL F 100 -38.60 47.96 -26.92
CA VAL F 100 -37.26 47.78 -27.49
C VAL F 100 -36.28 47.99 -26.33
N GLY F 101 -35.96 46.90 -25.63
CA GLY F 101 -35.12 46.99 -24.46
C GLY F 101 -35.87 47.51 -23.25
N ARG F 102 -36.14 48.82 -23.25
CA ARG F 102 -37.07 49.46 -22.34
C ARG F 102 -38.30 49.94 -23.11
N SER F 103 -39.28 50.44 -22.39
CA SER F 103 -40.49 50.95 -23.01
C SER F 103 -40.33 52.42 -23.35
N TYR F 104 -40.78 52.81 -24.54
CA TYR F 104 -40.72 54.19 -24.98
C TYR F 104 -42.09 54.63 -25.49
N ILE F 105 -42.63 55.66 -24.85
CA ILE F 105 -43.95 56.18 -25.14
C ILE F 105 -43.80 57.58 -25.72
N GLY F 106 -44.48 57.81 -26.85
CA GLY F 106 -44.45 59.08 -27.52
C GLY F 106 -45.30 60.14 -26.81
N GLN F 107 -45.21 61.37 -27.35
CA GLN F 107 -45.92 62.50 -26.74
C GLN F 107 -47.42 62.44 -26.98
N GLY F 108 -47.86 61.87 -28.10
CA GLY F 108 -49.26 61.67 -28.36
C GLY F 108 -49.83 62.73 -29.30
N THR F 109 -51.07 62.49 -29.74
CA THR F 109 -51.80 63.40 -30.60
C THR F 109 -53.23 63.53 -30.07
N GLN F 110 -53.88 64.63 -30.43
CA GLN F 110 -55.23 64.91 -29.96
C GLN F 110 -56.24 64.73 -31.09
N VAL F 111 -57.17 63.81 -30.89
CA VAL F 111 -58.29 63.61 -31.81
C VAL F 111 -59.57 63.81 -31.02
N THR F 112 -60.37 64.80 -31.42
CA THR F 112 -61.63 65.11 -30.75
C THR F 112 -62.77 64.86 -31.72
N VAL F 113 -63.67 63.95 -31.35
CA VAL F 113 -64.79 63.56 -32.20
C VAL F 113 -66.06 64.11 -31.54
N SER F 114 -66.61 65.18 -32.11
CA SER F 114 -67.82 65.78 -31.61
C SER F 114 -68.60 66.45 -32.73
N GLN G 1 -9.28 37.93 3.45
CA GLN G 1 -9.17 37.15 4.68
C GLN G 1 -9.42 38.04 5.90
N VAL G 2 -9.39 39.35 5.70
CA VAL G 2 -9.62 40.32 6.76
C VAL G 2 -10.85 41.13 6.40
N GLN G 3 -11.87 41.10 7.28
CA GLN G 3 -13.11 41.83 7.06
C GLN G 3 -13.27 42.84 8.19
N LEU G 4 -13.62 44.07 7.85
CA LEU G 4 -13.79 45.15 8.82
C LEU G 4 -15.23 45.62 8.81
N VAL G 5 -15.85 45.64 9.98
CA VAL G 5 -17.19 46.19 10.17
C VAL G 5 -17.07 47.36 11.16
N GLU G 6 -17.46 48.55 10.71
CA GLU G 6 -17.29 49.76 11.50
C GLU G 6 -18.63 50.39 11.82
N SER G 7 -18.67 51.11 12.93
CA SER G 7 -19.88 51.79 13.40
C SER G 7 -19.47 52.96 14.28
N GLY G 8 -20.45 53.63 14.85
CA GLY G 8 -20.21 54.74 15.75
C GLY G 8 -20.38 56.13 15.15
N GLY G 9 -20.82 56.22 13.90
CA GLY G 9 -21.07 57.51 13.28
C GLY G 9 -22.44 58.07 13.63
N GLY G 10 -22.69 59.27 13.12
CA GLY G 10 -23.95 59.93 13.35
C GLY G 10 -23.78 61.44 13.28
N SER G 11 -24.84 62.14 13.70
CA SER G 11 -24.88 63.59 13.68
C SER G 11 -24.61 64.16 15.07
N VAL G 12 -23.88 65.26 15.10
CA VAL G 12 -23.48 65.89 16.36
C VAL G 12 -23.29 67.37 16.09
N GLN G 13 -23.37 68.19 17.15
CA GLN G 13 -23.18 69.62 17.05
C GLN G 13 -21.70 69.98 17.12
N ALA G 14 -21.42 71.28 17.02
CA ALA G 14 -20.05 71.77 17.10
C ALA G 14 -19.56 71.73 18.54
N GLY G 15 -18.35 71.19 18.72
CA GLY G 15 -17.76 71.03 20.03
C GLY G 15 -18.16 69.75 20.75
N GLY G 16 -18.97 68.91 20.12
CA GLY G 16 -19.39 67.67 20.73
C GLY G 16 -18.33 66.59 20.67
N SER G 17 -18.68 65.42 21.18
CA SER G 17 -17.77 64.29 21.25
C SER G 17 -18.45 63.04 20.71
N LEU G 18 -17.67 62.21 20.05
CA LEU G 18 -18.12 60.94 19.52
C LEU G 18 -16.98 59.93 19.59
N ARG G 19 -17.26 58.70 19.13
CA ARG G 19 -16.29 57.62 19.21
C ARG G 19 -16.58 56.66 18.05
N LEU G 20 -15.59 56.47 17.18
CA LEU G 20 -15.71 55.48 16.11
C LEU G 20 -15.04 54.18 16.52
N SER G 21 -15.61 53.08 16.06
CA SER G 21 -15.04 51.76 16.27
C SER G 21 -14.94 51.05 14.93
N CYS G 22 -14.00 50.12 14.83
CA CYS G 22 -13.83 49.29 13.64
C CYS G 22 -13.33 47.93 14.09
N ALA G 23 -14.20 46.93 14.03
CA ALA G 23 -13.90 45.58 14.50
C ALA G 23 -13.29 44.79 13.36
N ALA G 24 -12.29 43.97 13.67
CA ALA G 24 -11.61 43.14 12.70
C ALA G 24 -12.00 41.67 12.90
N SER G 25 -12.21 40.98 11.79
CA SER G 25 -12.55 39.56 11.81
C SER G 25 -11.74 38.83 10.76
N GLY G 26 -11.28 37.63 11.12
CA GLY G 26 -10.48 36.81 10.22
C GLY G 26 -9.07 36.61 10.77
N SER G 27 -8.07 36.89 9.94
CA SER G 27 -6.67 36.77 10.32
C SER G 27 -6.27 37.99 11.15
N ILE G 28 -6.48 37.87 12.46
CA ILE G 28 -6.21 38.96 13.39
C ILE G 28 -4.71 39.12 13.59
N SER G 29 -3.98 38.01 13.70
CA SER G 29 -2.55 38.04 14.02
C SER G 29 -1.69 38.54 12.88
N SER G 30 -2.18 38.50 11.64
CA SER G 30 -1.44 39.02 10.51
C SER G 30 -1.54 40.54 10.39
N ILE G 31 -2.48 41.17 11.08
CA ILE G 31 -2.68 42.61 10.97
C ILE G 31 -1.60 43.33 11.76
N THR G 32 -0.82 44.17 11.07
CA THR G 32 0.27 44.91 11.68
C THR G 32 0.03 46.42 11.74
N TYR G 33 -0.98 46.93 11.04
CA TYR G 33 -1.14 48.37 10.86
C TYR G 33 -2.59 48.68 10.54
N LEU G 34 -3.18 49.59 11.32
CA LEU G 34 -4.55 50.03 11.12
C LEU G 34 -4.55 51.53 10.88
N GLY G 35 -5.12 51.95 9.75
CA GLY G 35 -5.19 53.35 9.39
C GLY G 35 -6.63 53.80 9.23
N TRP G 36 -6.89 55.06 9.57
CA TRP G 36 -8.21 55.65 9.46
C TRP G 36 -8.22 56.67 8.32
N PHE G 37 -9.13 56.47 7.36
CA PHE G 37 -9.24 57.34 6.20
C PHE G 37 -10.44 58.25 6.33
N ARG G 38 -10.43 59.33 5.55
CA ARG G 38 -11.49 60.34 5.61
C ARG G 38 -11.61 60.99 4.24
N GLN G 39 -12.83 61.02 3.73
CA GLN G 39 -13.12 61.60 2.41
C GLN G 39 -14.14 62.72 2.58
N ALA G 40 -13.68 63.96 2.47
CA ALA G 40 -14.55 65.13 2.54
C ALA G 40 -15.34 65.27 1.24
N PRO G 41 -16.51 65.90 1.31
CA PRO G 41 -17.24 66.23 0.06
C PRO G 41 -16.50 67.29 -0.74
N GLY G 42 -16.23 66.98 -2.00
CA GLY G 42 -15.45 67.86 -2.85
C GLY G 42 -13.95 67.74 -2.68
N LYS G 43 -13.47 66.72 -1.98
CA LYS G 43 -12.06 66.52 -1.74
C LYS G 43 -11.69 65.05 -1.92
N GLU G 44 -10.41 64.82 -2.20
CA GLU G 44 -9.88 63.47 -2.29
C GLU G 44 -9.75 62.88 -0.88
N ARG G 45 -9.86 61.55 -0.80
CA ARG G 45 -9.74 60.84 0.46
C ARG G 45 -8.31 60.88 0.97
N GLU G 46 -8.11 61.38 2.17
CA GLU G 46 -6.80 61.62 2.75
C GLU G 46 -6.55 60.67 3.92
N GLY G 47 -5.42 60.87 4.60
CA GLY G 47 -5.06 60.08 5.77
C GLY G 47 -5.09 60.95 7.01
N VAL G 48 -5.65 60.39 8.09
CA VAL G 48 -5.87 61.15 9.31
C VAL G 48 -5.13 60.50 10.48
N ALA G 49 -5.38 59.22 10.72
CA ALA G 49 -4.89 58.57 11.93
C ALA G 49 -4.17 57.28 11.56
N ALA G 50 -3.26 56.87 12.44
CA ALA G 50 -2.47 55.67 12.23
C ALA G 50 -2.07 55.09 13.58
N LEU G 51 -1.92 53.76 13.61
CA LEU G 51 -1.50 53.05 14.81
C LEU G 51 -0.83 51.75 14.41
N ILE G 52 0.27 51.42 15.08
CA ILE G 52 0.93 50.14 14.88
C ILE G 52 0.42 49.18 15.95
N THR G 53 0.00 47.98 15.53
CA THR G 53 -0.50 47.00 16.48
C THR G 53 0.63 46.38 17.29
N VAL G 54 1.81 46.20 16.66
CA VAL G 54 2.94 45.60 17.35
C VAL G 54 3.59 46.56 18.34
N ASN G 55 3.75 47.84 17.97
CA ASN G 55 4.50 48.79 18.79
C ASN G 55 3.62 49.68 19.66
N GLY G 56 2.42 50.02 19.19
CA GLY G 56 1.56 50.94 19.91
C GLY G 56 1.80 52.40 19.61
N HIS G 57 2.70 52.72 18.68
CA HIS G 57 2.95 54.11 18.32
C HIS G 57 1.82 54.66 17.46
N THR G 58 1.52 55.94 17.66
CA THR G 58 0.43 56.60 16.96
C THR G 58 0.98 57.73 16.09
N TYR G 59 0.29 57.96 14.97
CA TYR G 59 0.62 59.04 14.06
C TYR G 59 -0.63 59.84 13.74
N TYR G 60 -0.50 61.17 13.74
CA TYR G 60 -1.62 62.06 13.47
C TYR G 60 -1.19 63.14 12.48
N ALA G 61 -2.14 63.59 11.67
CA ALA G 61 -1.86 64.64 10.70
C ALA G 61 -1.84 66.01 11.39
N ASP G 62 -1.39 67.02 10.64
CA ASP G 62 -1.26 68.36 11.18
C ASP G 62 -2.60 69.05 11.40
N SER G 63 -3.64 68.65 10.67
CA SER G 63 -4.95 69.27 10.84
C SER G 63 -5.81 68.60 11.90
N VAL G 64 -5.35 67.47 12.46
CA VAL G 64 -6.12 66.74 13.47
C VAL G 64 -5.25 66.54 14.71
N LYS G 65 -4.14 67.28 14.80
CA LYS G 65 -3.22 67.11 15.92
C LYS G 65 -3.74 67.81 17.16
N GLY G 66 -3.69 67.12 18.29
CA GLY G 66 -4.16 67.65 19.55
C GLY G 66 -5.62 67.41 19.84
N ARG G 67 -6.40 66.97 18.86
CA ARG G 67 -7.83 66.73 19.02
C ARG G 67 -8.24 65.28 18.78
N PHE G 68 -7.52 64.54 17.95
CA PHE G 68 -7.90 63.20 17.55
C PHE G 68 -7.03 62.17 18.28
N THR G 69 -7.66 61.07 18.67
CA THR G 69 -7.00 60.03 19.46
C THR G 69 -7.40 58.66 18.93
N VAL G 70 -6.42 57.82 18.61
CA VAL G 70 -6.65 56.46 18.17
C VAL G 70 -6.12 55.51 19.26
N SER G 71 -6.85 54.41 19.49
CA SER G 71 -6.49 53.46 20.54
C SER G 71 -6.80 52.05 20.06
N LEU G 72 -6.16 51.08 20.70
CA LEU G 72 -6.23 49.68 20.30
C LEU G 72 -6.79 48.84 21.44
N ASP G 73 -7.66 47.89 21.08
CA ASP G 73 -8.21 46.92 22.02
C ASP G 73 -8.03 45.55 21.40
N ASN G 74 -7.10 44.76 21.94
CA ASN G 74 -6.84 43.42 21.42
C ASN G 74 -7.80 42.38 21.98
N ALA G 75 -8.56 42.72 23.01
CA ALA G 75 -9.51 41.75 23.59
C ALA G 75 -10.72 41.56 22.70
N LYS G 76 -11.27 42.65 22.17
CA LYS G 76 -12.42 42.60 21.29
C LYS G 76 -12.03 42.68 19.82
N ASN G 77 -10.72 42.79 19.53
CA ASN G 77 -10.12 42.93 18.18
C ASN G 77 -10.69 44.13 17.43
N THR G 78 -10.85 45.24 18.17
CA THR G 78 -11.50 46.43 17.63
C THR G 78 -10.62 47.64 17.90
N VAL G 79 -10.32 48.39 16.84
CA VAL G 79 -9.59 49.66 16.95
C VAL G 79 -10.62 50.76 17.18
N TYR G 80 -10.23 51.78 17.96
CA TYR G 80 -11.11 52.86 18.34
C TYR G 80 -10.53 54.21 17.91
N LEU G 81 -11.41 55.13 17.53
CA LEU G 81 -11.04 56.50 17.19
C LEU G 81 -11.90 57.44 18.01
N GLN G 82 -11.25 58.30 18.81
CA GLN G 82 -11.94 59.16 19.77
C GLN G 82 -11.95 60.59 19.22
N MET G 83 -13.10 61.24 19.28
CA MET G 83 -13.30 62.61 18.76
C MET G 83 -13.45 63.58 19.92
N ASN G 84 -12.47 64.47 20.09
CA ASN G 84 -12.58 65.62 20.97
C ASN G 84 -12.47 66.91 20.15
N SER G 85 -13.26 67.91 20.57
CA SER G 85 -13.25 69.30 20.05
C SER G 85 -13.54 69.36 18.54
N LEU G 86 -14.76 68.97 18.18
CA LEU G 86 -15.11 68.84 16.76
C LEU G 86 -15.44 70.19 16.14
N LYS G 87 -15.23 70.28 14.83
CA LYS G 87 -15.49 71.44 13.99
C LYS G 87 -16.26 70.99 12.75
N PRO G 88 -17.01 71.89 12.11
CA PRO G 88 -17.76 71.49 10.90
C PRO G 88 -16.92 71.16 9.67
N GLU G 89 -15.61 71.43 9.68
CA GLU G 89 -14.75 71.00 8.57
C GLU G 89 -14.43 69.50 8.60
N ASP G 90 -14.75 68.80 9.69
CA ASP G 90 -14.56 67.37 9.79
C ASP G 90 -15.77 66.57 9.34
N THR G 91 -16.78 67.22 8.77
CA THR G 91 -17.97 66.52 8.28
C THR G 91 -17.61 65.76 6.99
N ALA G 92 -17.47 64.44 7.11
CA ALA G 92 -16.95 63.62 6.03
C ALA G 92 -17.36 62.17 6.25
N LEU G 93 -17.03 61.35 5.26
CA LEU G 93 -17.17 59.90 5.37
C LEU G 93 -15.88 59.32 5.94
N TYR G 94 -16.00 58.52 6.99
CA TYR G 94 -14.85 57.96 7.67
C TYR G 94 -14.70 56.47 7.35
N TYR G 95 -13.48 56.05 7.04
CA TYR G 95 -13.17 54.69 6.65
C TYR G 95 -12.06 54.15 7.55
N CYS G 96 -12.11 52.85 7.83
CA CYS G 96 -11.05 52.15 8.53
C CYS G 96 -10.42 51.10 7.61
N ALA G 97 -9.09 50.98 7.70
CA ALA G 97 -8.35 50.08 6.83
C ALA G 97 -7.35 49.28 7.67
N ALA G 98 -7.01 48.09 7.18
CA ALA G 98 -6.09 47.19 7.86
C ALA G 98 -4.97 46.79 6.90
N ALA G 99 -3.76 46.65 7.44
CA ALA G 99 -2.59 46.28 6.66
C ALA G 99 -1.90 45.08 7.28
N ALA G 100 -1.23 44.30 6.43
CA ALA G 100 -0.49 43.12 6.85
C ALA G 100 0.94 43.11 6.34
N TRP G 101 1.45 44.24 5.85
CA TRP G 101 2.77 44.31 5.23
C TRP G 101 3.70 45.31 5.91
N GLY G 102 3.33 45.80 7.09
CA GLY G 102 4.10 46.82 7.76
C GLY G 102 3.35 48.13 7.85
N TYR G 103 4.02 49.19 8.31
CA TYR G 103 3.34 50.45 8.57
C TYR G 103 3.94 51.54 7.68
N ALA G 104 3.06 52.45 7.25
CA ALA G 104 3.46 53.50 6.31
C ALA G 104 2.73 54.79 6.66
N TRP G 105 3.50 55.83 6.97
CA TRP G 105 2.97 57.16 7.25
C TRP G 105 3.58 58.16 6.28
N PRO G 106 2.76 59.00 5.60
CA PRO G 106 1.31 59.14 5.65
C PRO G 106 0.53 58.08 4.85
N LEU G 107 -0.78 58.02 5.10
CA LEU G 107 -1.63 57.06 4.41
C LEU G 107 -1.79 57.42 2.94
N HIS G 108 -1.83 56.40 2.09
CA HIS G 108 -2.02 56.58 0.66
C HIS G 108 -3.09 55.62 0.18
N GLN G 109 -3.93 56.08 -0.76
CA GLN G 109 -5.08 55.32 -1.23
C GLN G 109 -4.66 54.19 -2.17
N ASP G 110 -3.51 54.33 -2.82
CA ASP G 110 -3.10 53.38 -3.85
C ASP G 110 -2.43 52.13 -3.31
N ASP G 111 -2.23 52.03 -1.99
CA ASP G 111 -1.64 50.82 -1.42
C ASP G 111 -2.71 49.74 -1.25
N TYR G 112 -2.26 48.57 -0.77
CA TYR G 112 -3.16 47.45 -0.56
C TYR G 112 -3.76 47.53 0.83
N TRP G 113 -5.08 47.62 0.91
CA TRP G 113 -5.79 47.72 2.18
C TRP G 113 -7.01 46.81 2.17
N TYR G 114 -7.43 46.42 3.37
CA TYR G 114 -8.74 45.82 3.55
C TYR G 114 -9.72 46.91 3.97
N TRP G 115 -10.67 47.22 3.08
CA TRP G 115 -11.50 48.41 3.21
C TRP G 115 -12.82 48.08 3.88
N GLY G 116 -13.35 49.05 4.62
CA GLY G 116 -14.65 48.94 5.24
C GLY G 116 -15.76 49.51 4.37
N GLN G 117 -16.96 49.58 4.95
CA GLN G 117 -18.12 50.05 4.21
C GLN G 117 -18.30 51.57 4.32
N GLY G 118 -17.64 52.21 5.28
CA GLY G 118 -17.77 53.64 5.45
C GLY G 118 -18.93 54.04 6.35
N THR G 119 -18.74 55.08 7.15
CA THR G 119 -19.78 55.59 8.04
C THR G 119 -19.89 57.10 7.88
N GLN G 120 -21.06 57.63 8.24
CA GLN G 120 -21.33 59.05 8.06
C GLN G 120 -21.14 59.81 9.38
N VAL G 121 -20.34 60.87 9.32
CA VAL G 121 -20.11 61.75 10.46
C VAL G 121 -20.53 63.15 10.05
N THR G 122 -21.50 63.73 10.75
CA THR G 122 -22.01 65.05 10.44
C THR G 122 -21.81 65.97 11.64
N VAL G 123 -21.00 67.01 11.46
CA VAL G 123 -20.75 68.01 12.49
C VAL G 123 -21.25 69.34 11.97
N SER G 124 -22.15 69.97 12.73
CA SER G 124 -22.72 71.26 12.33
C SER G 124 -22.65 72.26 13.47
N GLN H 1 18.54 23.51 -26.25
CA GLN H 1 19.35 22.45 -25.68
C GLN H 1 20.76 22.47 -26.26
N VAL H 2 20.96 23.28 -27.30
CA VAL H 2 22.25 23.39 -27.98
C VAL H 2 22.74 24.82 -27.80
N GLN H 3 23.92 24.96 -27.19
CA GLN H 3 24.53 26.26 -26.94
C GLN H 3 25.84 26.34 -27.69
N LEU H 4 26.05 27.42 -28.44
CA LEU H 4 27.25 27.61 -29.24
C LEU H 4 28.00 28.84 -28.76
N VAL H 5 29.29 28.66 -28.48
CA VAL H 5 30.20 29.76 -28.14
C VAL H 5 31.32 29.75 -29.16
N GLU H 6 31.46 30.84 -29.90
CA GLU H 6 32.45 30.94 -30.97
C GLU H 6 33.45 32.06 -30.69
N SER H 7 34.66 31.88 -31.20
CA SER H 7 35.74 32.84 -31.03
C SER H 7 36.69 32.70 -32.22
N GLY H 8 37.86 33.31 -32.10
CA GLY H 8 38.87 33.25 -33.13
C GLY H 8 38.89 34.39 -34.10
N GLY H 9 38.12 35.46 -33.85
CA GLY H 9 38.11 36.61 -34.72
C GLY H 9 39.28 37.55 -34.45
N GLY H 10 39.32 38.62 -35.22
CA GLY H 10 40.36 39.61 -35.11
C GLY H 10 40.58 40.31 -36.43
N SER H 11 41.67 41.07 -36.49
CA SER H 11 42.04 41.84 -37.67
C SER H 11 43.35 41.35 -38.26
N VAL H 12 43.40 41.30 -39.59
CA VAL H 12 44.59 40.84 -40.30
C VAL H 12 44.59 41.55 -41.66
N GLN H 13 45.78 41.71 -42.24
CA GLN H 13 45.96 42.24 -43.58
C GLN H 13 45.43 41.24 -44.61
N ALA H 14 45.01 41.76 -45.76
CA ALA H 14 44.51 40.92 -46.85
C ALA H 14 45.63 40.08 -47.45
N GLY H 15 45.32 38.83 -47.75
CA GLY H 15 46.31 37.84 -48.10
C GLY H 15 46.80 37.01 -46.94
N GLY H 16 46.43 37.37 -45.71
CA GLY H 16 46.77 36.59 -44.54
C GLY H 16 45.78 35.47 -44.28
N SER H 17 45.88 34.91 -43.08
CA SER H 17 45.04 33.78 -42.70
C SER H 17 44.46 34.00 -41.32
N LEU H 18 43.26 33.46 -41.13
CA LEU H 18 42.60 33.41 -39.83
C LEU H 18 41.87 32.08 -39.71
N ARG H 19 41.52 31.71 -38.48
CA ARG H 19 40.85 30.43 -38.24
C ARG H 19 39.78 30.66 -37.18
N LEU H 20 38.52 30.46 -37.56
CA LEU H 20 37.41 30.54 -36.62
C LEU H 20 37.07 29.17 -36.06
N SER H 21 36.58 29.15 -34.84
CA SER H 21 36.12 27.94 -34.19
C SER H 21 34.79 28.21 -33.49
N CYS H 22 33.96 27.18 -33.38
CA CYS H 22 32.66 27.29 -32.72
C CYS H 22 32.46 26.05 -31.87
N ALA H 23 32.46 26.21 -30.55
CA ALA H 23 32.35 25.11 -29.61
C ALA H 23 30.89 24.82 -29.32
N ALA H 24 30.52 23.55 -29.31
CA ALA H 24 29.16 23.11 -29.07
C ALA H 24 29.05 22.44 -27.71
N SER H 25 27.98 22.78 -26.99
CA SER H 25 27.71 22.21 -25.67
C SER H 25 26.24 21.87 -25.57
N GLY H 26 25.95 20.72 -24.96
CA GLY H 26 24.59 20.26 -24.77
C GLY H 26 24.37 18.91 -25.44
N SER H 27 23.29 18.81 -26.22
CA SER H 27 22.96 17.60 -26.96
C SER H 27 23.81 17.56 -28.23
N ILE H 28 25.00 16.97 -28.09
CA ILE H 28 25.98 16.93 -29.18
C ILE H 28 25.55 15.95 -30.26
N SER H 29 25.02 14.79 -29.87
CA SER H 29 24.67 13.74 -30.82
C SER H 29 23.43 14.07 -31.66
N SER H 30 22.61 15.02 -31.21
CA SER H 30 21.47 15.44 -32.00
C SER H 30 21.83 16.44 -33.09
N ILE H 31 23.03 17.03 -33.04
CA ILE H 31 23.46 18.00 -34.03
C ILE H 31 23.88 17.26 -35.30
N THR H 32 23.26 17.62 -36.42
CA THR H 32 23.49 16.94 -37.69
C THR H 32 24.22 17.79 -38.72
N TYR H 33 24.27 19.11 -38.54
CA TYR H 33 24.65 19.99 -39.64
C TYR H 33 25.14 21.31 -39.08
N LEU H 34 26.36 21.69 -39.46
CA LEU H 34 26.96 22.96 -39.07
C LEU H 34 27.06 23.85 -40.30
N GLY H 35 26.52 25.06 -40.20
CA GLY H 35 26.61 26.04 -41.27
C GLY H 35 27.22 27.33 -40.76
N TRP H 36 28.08 27.93 -41.58
CA TRP H 36 28.73 29.19 -41.24
C TRP H 36 28.05 30.32 -42.00
N PHE H 37 27.60 31.33 -41.27
CA PHE H 37 26.86 32.45 -41.83
C PHE H 37 27.76 33.68 -41.88
N ARG H 38 27.36 34.64 -42.71
CA ARG H 38 28.15 35.84 -42.93
C ARG H 38 27.22 36.98 -43.35
N GLN H 39 27.30 38.09 -42.63
CA GLN H 39 26.46 39.26 -42.89
C GLN H 39 27.35 40.47 -43.10
N ALA H 40 27.49 40.89 -44.36
CA ALA H 40 28.22 42.10 -44.72
C ALA H 40 27.44 43.33 -44.29
N PRO H 41 28.13 44.44 -44.04
CA PRO H 41 27.42 45.71 -43.81
C PRO H 41 26.73 46.20 -45.07
N GLY H 42 25.43 46.44 -44.97
CA GLY H 42 24.61 46.77 -46.12
C GLY H 42 24.12 45.59 -46.93
N LYS H 43 24.25 44.38 -46.40
CA LYS H 43 23.84 43.17 -47.11
C LYS H 43 23.12 42.23 -46.16
N GLU H 44 22.27 41.38 -46.74
CA GLU H 44 21.58 40.35 -45.99
C GLU H 44 22.55 39.23 -45.61
N ARG H 45 22.28 38.57 -44.49
CA ARG H 45 23.11 37.48 -43.99
C ARG H 45 22.96 36.26 -44.91
N GLU H 46 24.08 35.81 -45.47
CA GLU H 46 24.11 34.75 -46.47
C GLU H 46 24.86 33.53 -45.91
N GLY H 47 25.05 32.54 -46.78
CA GLY H 47 25.71 31.30 -46.41
C GLY H 47 27.05 31.16 -47.08
N VAL H 48 28.01 30.59 -46.35
CA VAL H 48 29.39 30.45 -46.84
C VAL H 48 29.80 28.99 -46.86
N ALA H 49 29.68 28.30 -45.72
CA ALA H 49 30.22 26.97 -45.59
C ALA H 49 29.18 26.04 -44.98
N ALA H 50 29.34 24.75 -45.24
CA ALA H 50 28.41 23.74 -44.76
C ALA H 50 29.19 22.48 -44.38
N LEU H 51 28.66 21.74 -43.42
CA LEU H 51 29.32 20.52 -42.94
C LEU H 51 28.28 19.57 -42.38
N ILE H 52 28.27 18.35 -42.89
CA ILE H 52 27.43 17.28 -42.35
C ILE H 52 28.26 16.52 -41.31
N THR H 53 27.69 16.33 -40.12
CA THR H 53 28.42 15.65 -39.05
C THR H 53 28.52 14.14 -39.31
N VAL H 54 27.45 13.56 -39.86
CA VAL H 54 27.43 12.11 -40.09
C VAL H 54 28.28 11.72 -41.29
N ASN H 55 28.14 12.42 -42.41
CA ASN H 55 28.80 12.03 -43.66
C ASN H 55 30.16 12.69 -43.86
N GLY H 56 30.36 13.90 -43.35
CA GLY H 56 31.59 14.62 -43.57
C GLY H 56 31.66 15.40 -44.87
N HIS H 57 30.57 15.48 -45.62
CA HIS H 57 30.57 16.20 -46.89
C HIS H 57 30.51 17.70 -46.65
N THR H 58 31.23 18.45 -47.49
CA THR H 58 31.34 19.89 -47.36
C THR H 58 30.75 20.59 -48.57
N TYR H 59 30.12 21.74 -48.33
CA TYR H 59 29.58 22.58 -49.38
C TYR H 59 30.06 24.01 -49.17
N TYR H 60 30.37 24.68 -50.28
CA TYR H 60 30.88 26.05 -50.24
C TYR H 60 30.16 26.90 -51.26
N ALA H 61 30.09 28.21 -51.00
CA ALA H 61 29.53 29.14 -51.97
C ALA H 61 30.55 29.42 -53.08
N ASP H 62 30.07 30.06 -54.14
CA ASP H 62 30.90 30.34 -55.30
C ASP H 62 31.93 31.43 -55.05
N SER H 63 31.65 32.36 -54.12
CA SER H 63 32.60 33.41 -53.81
C SER H 63 33.70 32.96 -52.85
N VAL H 64 33.54 31.80 -52.21
CA VAL H 64 34.51 31.31 -51.22
C VAL H 64 35.07 29.97 -51.67
N LYS H 65 34.77 29.58 -52.91
CA LYS H 65 35.22 28.28 -53.41
C LYS H 65 36.70 28.33 -53.78
N GLY H 66 37.45 27.36 -53.29
CA GLY H 66 38.88 27.28 -53.53
C GLY H 66 39.74 28.02 -52.52
N ARG H 67 39.13 28.87 -51.69
CA ARG H 67 39.86 29.63 -50.68
C ARG H 67 39.48 29.26 -49.26
N PHE H 68 38.26 28.81 -49.03
CA PHE H 68 37.75 28.55 -47.68
C PHE H 68 37.58 27.05 -47.49
N THR H 69 37.85 26.59 -46.28
CA THR H 69 37.67 25.17 -45.93
C THR H 69 37.06 25.07 -44.55
N VAL H 70 36.35 23.96 -44.31
CA VAL H 70 35.66 23.72 -43.05
C VAL H 70 36.01 22.31 -42.58
N SER H 71 36.19 22.15 -41.27
CA SER H 71 36.57 20.87 -40.69
C SER H 71 35.89 20.71 -39.34
N LEU H 72 35.75 19.45 -38.91
CA LEU H 72 35.07 19.11 -37.67
C LEU H 72 36.02 18.34 -36.76
N ASP H 73 35.96 18.67 -35.47
CA ASP H 73 36.73 17.97 -34.44
C ASP H 73 35.71 17.39 -33.44
N ASN H 74 35.54 16.08 -33.47
CA ASN H 74 34.57 15.42 -32.60
C ASN H 74 35.12 15.21 -31.19
N ALA H 75 36.43 15.33 -30.99
CA ALA H 75 36.99 15.17 -29.65
C ALA H 75 36.71 16.39 -28.79
N LYS H 76 36.85 17.58 -29.36
CA LYS H 76 36.60 18.83 -28.65
C LYS H 76 35.19 19.35 -28.86
N ASN H 77 34.39 18.68 -29.70
CA ASN H 77 33.03 19.05 -30.13
C ASN H 77 32.99 20.47 -30.70
N THR H 78 33.97 20.78 -31.54
CA THR H 78 34.16 22.13 -32.06
C THR H 78 34.40 22.07 -33.55
N VAL H 79 33.58 22.78 -34.33
CA VAL H 79 33.74 22.90 -35.77
C VAL H 79 34.76 24.01 -36.03
N TYR H 80 35.50 23.89 -37.12
CA TYR H 80 36.56 24.84 -37.46
C TYR H 80 36.33 25.41 -38.85
N LEU H 81 36.72 26.67 -39.02
CA LEU H 81 36.61 27.37 -40.30
C LEU H 81 37.94 28.08 -40.55
N GLN H 82 38.72 27.56 -41.49
CA GLN H 82 40.03 28.11 -41.82
C GLN H 82 39.91 28.99 -43.06
N MET H 83 40.43 30.21 -42.98
CA MET H 83 40.38 31.18 -44.07
C MET H 83 41.77 31.30 -44.69
N ASN H 84 41.86 31.03 -45.98
CA ASN H 84 43.07 31.24 -46.77
C ASN H 84 42.80 32.22 -47.90
N SER H 85 43.83 33.05 -48.19
CA SER H 85 43.85 34.05 -49.27
C SER H 85 42.72 35.06 -49.15
N LEU H 86 42.74 35.84 -48.07
CA LEU H 86 41.66 36.76 -47.77
C LEU H 86 41.72 38.01 -48.64
N LYS H 87 40.56 38.55 -48.95
CA LYS H 87 40.34 39.75 -49.73
C LYS H 87 39.50 40.72 -48.91
N PRO H 88 39.63 42.04 -49.14
CA PRO H 88 38.91 43.01 -48.28
C PRO H 88 37.40 43.09 -48.47
N GLU H 89 36.79 42.27 -49.33
CA GLU H 89 35.34 42.17 -49.37
C GLU H 89 34.77 41.20 -48.33
N ASP H 90 35.62 40.57 -47.53
CA ASP H 90 35.20 39.60 -46.52
C ASP H 90 35.00 40.21 -45.14
N THR H 91 35.03 41.55 -45.03
CA THR H 91 34.81 42.20 -43.74
C THR H 91 33.33 42.14 -43.38
N ALA H 92 32.99 41.26 -42.44
CA ALA H 92 31.60 40.97 -42.11
C ALA H 92 31.51 40.36 -40.73
N LEU H 93 30.27 40.18 -40.26
CA LEU H 93 30.00 39.46 -39.02
C LEU H 93 29.78 38.00 -39.33
N TYR H 94 30.52 37.12 -38.64
CA TYR H 94 30.43 35.69 -38.88
C TYR H 94 29.65 35.01 -37.77
N TYR H 95 28.83 34.03 -38.14
CA TYR H 95 27.99 33.29 -37.21
C TYR H 95 28.14 31.79 -37.46
N CYS H 96 28.06 31.01 -36.39
CA CYS H 96 28.00 29.57 -36.48
C CYS H 96 26.61 29.08 -36.07
N ALA H 97 26.07 28.15 -36.86
CA ALA H 97 24.73 27.64 -36.63
C ALA H 97 24.77 26.12 -36.60
N ALA H 98 24.04 25.55 -35.65
CA ALA H 98 23.92 24.10 -35.49
C ALA H 98 22.49 23.68 -35.80
N ALA H 99 22.36 22.59 -36.55
CA ALA H 99 21.06 22.08 -36.96
C ALA H 99 20.85 20.67 -36.41
N ALA H 100 19.59 20.39 -36.05
CA ALA H 100 19.21 19.10 -35.52
C ALA H 100 18.08 18.43 -36.30
N TRP H 101 17.75 18.94 -37.48
CA TRP H 101 16.64 18.40 -38.28
C TRP H 101 17.11 17.77 -39.58
N GLY H 102 18.42 17.77 -39.84
CA GLY H 102 18.94 17.32 -41.11
C GLY H 102 19.84 18.35 -41.75
N TYR H 103 20.12 18.22 -43.05
CA TYR H 103 21.03 19.15 -43.71
C TYR H 103 20.30 19.82 -44.87
N ALA H 104 20.54 21.12 -45.01
CA ALA H 104 19.86 21.92 -46.03
C ALA H 104 20.86 22.85 -46.69
N TRP H 105 21.01 22.72 -48.01
CA TRP H 105 21.85 23.59 -48.80
C TRP H 105 21.01 24.24 -49.89
N PRO H 106 21.10 25.57 -50.08
CA PRO H 106 21.93 26.57 -49.40
C PRO H 106 21.38 27.02 -48.04
N LEU H 107 22.20 27.74 -47.28
CA LEU H 107 21.82 28.18 -45.95
C LEU H 107 20.78 29.29 -46.03
N HIS H 108 19.80 29.22 -45.13
CA HIS H 108 18.70 30.18 -45.09
C HIS H 108 18.47 30.62 -43.66
N GLN H 109 18.14 31.90 -43.48
CA GLN H 109 17.98 32.50 -42.16
C GLN H 109 16.66 32.10 -41.50
N ASP H 110 15.61 31.87 -42.31
CA ASP H 110 14.27 31.65 -41.80
C ASP H 110 14.05 30.25 -41.23
N ASP H 111 14.97 29.33 -41.46
CA ASP H 111 14.84 27.99 -40.91
C ASP H 111 15.28 28.00 -39.44
N TYR H 112 15.01 26.91 -38.72
CA TYR H 112 15.38 26.81 -37.31
C TYR H 112 16.87 26.53 -37.18
N TRP H 113 17.58 27.45 -36.51
CA TRP H 113 19.00 27.27 -36.20
C TRP H 113 19.24 27.60 -34.73
N TYR H 114 20.26 26.96 -34.18
CA TYR H 114 20.83 27.41 -32.92
C TYR H 114 21.96 28.40 -33.21
N TRP H 115 21.74 29.66 -32.87
CA TRP H 115 22.57 30.75 -33.35
C TRP H 115 23.65 31.10 -32.35
N GLY H 116 24.83 31.48 -32.87
CA GLY H 116 25.92 31.94 -32.04
C GLY H 116 25.79 33.41 -31.67
N GLN H 117 26.77 33.88 -30.92
CA GLN H 117 26.75 35.26 -30.44
C GLN H 117 27.28 36.24 -31.48
N GLY H 118 27.95 35.75 -32.52
CA GLY H 118 28.48 36.63 -33.54
C GLY H 118 29.90 37.10 -33.26
N THR H 119 30.77 37.02 -34.25
CA THR H 119 32.15 37.46 -34.12
C THR H 119 32.48 38.42 -35.26
N GLN H 120 33.48 39.27 -35.04
CA GLN H 120 33.88 40.26 -36.03
C GLN H 120 35.17 39.85 -36.72
N VAL H 121 35.12 39.79 -38.04
CA VAL H 121 36.30 39.54 -38.86
C VAL H 121 36.49 40.77 -39.75
N THR H 122 37.61 41.47 -39.57
CA THR H 122 37.87 42.71 -40.30
C THR H 122 39.18 42.55 -41.07
N VAL H 123 39.11 42.73 -42.39
CA VAL H 123 40.29 42.67 -43.26
C VAL H 123 40.33 43.95 -44.09
N SER H 124 41.52 44.31 -44.57
CA SER H 124 41.70 45.52 -45.34
C SER H 124 42.87 45.39 -46.32
N GLN I 1 -23.64 15.93 -27.11
CA GLN I 1 -23.85 14.53 -26.81
C GLN I 1 -25.00 13.96 -27.65
N VAL I 2 -25.72 14.85 -28.33
CA VAL I 2 -26.86 14.47 -29.16
C VAL I 2 -26.53 14.84 -30.60
N GLN I 3 -26.55 13.82 -31.47
CA GLN I 3 -26.25 14.01 -32.90
C GLN I 3 -27.48 13.62 -33.70
N LEU I 4 -27.90 14.49 -34.61
CA LEU I 4 -29.08 14.26 -35.43
C LEU I 4 -28.68 14.20 -36.90
N VAL I 5 -29.11 13.14 -37.57
CA VAL I 5 -28.93 12.97 -39.02
C VAL I 5 -30.31 12.85 -39.63
N GLU I 6 -30.64 13.78 -40.53
CA GLU I 6 -31.97 13.83 -41.12
C GLU I 6 -31.90 13.53 -42.61
N SER I 7 -33.02 13.04 -43.15
CA SER I 7 -33.14 12.67 -44.56
C SER I 7 -34.60 12.73 -44.95
N GLY I 8 -34.91 12.22 -46.13
CA GLY I 8 -36.27 12.17 -46.62
C GLY I 8 -36.70 13.30 -47.51
N GLY I 9 -35.77 14.16 -47.94
CA GLY I 9 -36.11 15.28 -48.79
C GLY I 9 -36.27 14.87 -50.25
N GLY I 10 -36.61 15.86 -51.06
CA GLY I 10 -36.81 15.64 -52.48
C GLY I 10 -37.82 16.62 -53.03
N SER I 11 -38.18 16.40 -54.29
CA SER I 11 -39.13 17.25 -55.00
C SER I 11 -40.39 16.48 -55.36
N VAL I 12 -41.53 17.16 -55.25
CA VAL I 12 -42.83 16.55 -55.55
C VAL I 12 -43.75 17.68 -56.01
N GLN I 13 -44.76 17.34 -56.81
CA GLN I 13 -45.82 18.25 -57.20
C GLN I 13 -46.70 18.56 -56.00
N ALA I 14 -47.33 19.75 -56.05
CA ALA I 14 -48.24 20.16 -54.99
C ALA I 14 -49.49 19.30 -54.98
N GLY I 15 -49.96 18.97 -53.78
CA GLY I 15 -50.99 17.98 -53.59
C GLY I 15 -50.48 16.57 -53.37
N GLY I 16 -49.16 16.36 -53.51
CA GLY I 16 -48.56 15.07 -53.25
C GLY I 16 -48.21 14.90 -51.78
N SER I 17 -47.35 13.91 -51.53
CA SER I 17 -46.96 13.57 -50.16
C SER I 17 -45.45 13.38 -50.09
N LEU I 18 -44.90 13.73 -48.93
CA LEU I 18 -43.51 13.46 -48.60
C LEU I 18 -43.45 13.06 -47.13
N ARG I 19 -42.28 12.55 -46.72
CA ARG I 19 -42.13 12.06 -45.34
C ARG I 19 -40.68 12.29 -44.91
N LEU I 20 -40.48 13.18 -43.94
CA LEU I 20 -39.16 13.43 -43.41
C LEU I 20 -38.90 12.55 -42.19
N SER I 21 -37.61 12.28 -41.95
CA SER I 21 -37.17 11.55 -40.77
C SER I 21 -35.94 12.22 -40.20
N CYS I 22 -35.73 12.04 -38.90
CA CYS I 22 -34.58 12.62 -38.20
C CYS I 22 -34.10 11.61 -37.16
N ALA I 23 -33.00 10.93 -37.46
CA ALA I 23 -32.46 9.87 -36.62
C ALA I 23 -31.63 10.48 -35.50
N ALA I 24 -31.88 10.04 -34.27
CA ALA I 24 -31.18 10.53 -33.10
C ALA I 24 -30.19 9.48 -32.60
N SER I 25 -28.97 9.95 -32.29
CA SER I 25 -27.92 9.08 -31.78
C SER I 25 -27.23 9.78 -30.62
N GLY I 26 -26.91 9.01 -29.58
CA GLY I 26 -26.23 9.53 -28.40
C GLY I 26 -27.07 9.30 -27.15
N SER I 27 -27.22 10.37 -26.36
CA SER I 27 -28.03 10.33 -25.14
C SER I 27 -29.50 10.45 -25.52
N ILE I 28 -30.11 9.29 -25.78
CA ILE I 28 -31.50 9.23 -26.26
C ILE I 28 -32.48 9.57 -25.14
N SER I 29 -32.22 9.06 -23.93
CA SER I 29 -33.14 9.22 -22.82
C SER I 29 -33.16 10.64 -22.26
N SER I 30 -32.13 11.44 -22.53
CA SER I 30 -32.12 12.84 -22.10
C SER I 30 -32.93 13.74 -23.02
N ILE I 31 -33.28 13.27 -24.22
CA ILE I 31 -34.05 14.08 -25.17
C ILE I 31 -35.51 14.09 -24.75
N THR I 32 -36.06 15.29 -24.54
CA THR I 32 -37.42 15.45 -24.05
C THR I 32 -38.38 16.03 -25.07
N TYR I 33 -37.88 16.60 -26.16
CA TYR I 33 -38.71 17.46 -27.01
C TYR I 33 -38.12 17.53 -28.41
N LEU I 34 -38.94 17.23 -29.41
CA LEU I 34 -38.55 17.30 -30.81
C LEU I 34 -39.32 18.43 -31.48
N GLY I 35 -38.60 19.35 -32.10
CA GLY I 35 -39.20 20.45 -32.83
C GLY I 35 -38.74 20.48 -34.27
N TRP I 36 -39.68 20.70 -35.18
CA TRP I 36 -39.38 20.78 -36.61
C TRP I 36 -39.37 22.24 -37.02
N PHE I 37 -38.27 22.68 -37.62
CA PHE I 37 -38.08 24.06 -38.03
C PHE I 37 -38.20 24.18 -39.55
N ARG I 38 -38.43 25.41 -40.00
CA ARG I 38 -38.64 25.67 -41.42
C ARG I 38 -38.22 27.11 -41.71
N GLN I 39 -37.35 27.27 -42.70
CA GLN I 39 -36.83 28.58 -43.08
C GLN I 39 -37.10 28.80 -44.57
N ALA I 40 -38.08 29.64 -44.88
CA ALA I 40 -38.39 30.02 -46.24
C ALA I 40 -37.31 30.95 -46.80
N PRO I 41 -37.11 30.97 -48.11
CA PRO I 41 -36.23 31.98 -48.71
C PRO I 41 -36.81 33.38 -48.57
N GLY I 42 -36.02 34.28 -47.98
CA GLY I 42 -36.50 35.61 -47.67
C GLY I 42 -37.27 35.73 -46.38
N LYS I 43 -37.24 34.71 -45.52
CA LYS I 43 -37.97 34.71 -44.27
C LYS I 43 -37.11 34.13 -43.15
N GLU I 44 -37.43 34.52 -41.92
CA GLU I 44 -36.77 33.99 -40.74
C GLU I 44 -37.25 32.56 -40.49
N ARG I 45 -36.37 31.75 -39.88
CA ARG I 45 -36.68 30.36 -39.56
C ARG I 45 -37.72 30.30 -38.44
N GLU I 46 -38.85 29.66 -38.72
CA GLU I 46 -39.99 29.60 -37.81
C GLU I 46 -40.23 28.17 -37.35
N GLY I 47 -41.31 27.99 -36.61
CA GLY I 47 -41.66 26.68 -36.06
C GLY I 47 -42.90 26.12 -36.73
N VAL I 48 -42.90 24.80 -36.92
CA VAL I 48 -43.99 24.11 -37.61
C VAL I 48 -44.60 23.05 -36.71
N ALA I 49 -43.77 22.15 -36.19
CA ALA I 49 -44.27 20.98 -35.48
C ALA I 49 -43.54 20.83 -34.16
N ALA I 50 -44.19 20.14 -33.23
CA ALA I 50 -43.65 19.91 -31.90
C ALA I 50 -44.08 18.54 -31.41
N LEU I 51 -43.24 17.93 -30.57
CA LEU I 51 -43.51 16.61 -30.04
C LEU I 51 -42.82 16.45 -28.70
N ILE I 52 -43.58 16.07 -27.69
CA ILE I 52 -43.03 15.71 -26.38
C ILE I 52 -42.78 14.21 -26.37
N THR I 53 -41.57 13.80 -25.99
CA THR I 53 -41.22 12.38 -26.01
C THR I 53 -41.90 11.65 -24.85
N VAL I 54 -42.02 12.30 -23.70
CA VAL I 54 -42.62 11.66 -22.53
C VAL I 54 -44.13 11.55 -22.66
N ASN I 55 -44.81 12.61 -23.09
CA ASN I 55 -46.26 12.65 -23.08
C ASN I 55 -46.89 12.27 -24.42
N GLY I 56 -46.22 12.55 -25.53
CA GLY I 56 -46.79 12.30 -26.84
C GLY I 56 -47.69 13.39 -27.37
N HIS I 57 -47.77 14.53 -26.70
CA HIS I 57 -48.63 15.62 -27.15
C HIS I 57 -47.98 16.36 -28.32
N THR I 58 -48.81 16.76 -29.28
CA THR I 58 -48.34 17.41 -30.50
C THR I 58 -48.87 18.83 -30.57
N TYR I 59 -48.02 19.74 -31.07
CA TYR I 59 -48.40 21.12 -31.30
C TYR I 59 -48.09 21.48 -32.75
N TYR I 60 -48.99 22.25 -33.36
CA TYR I 60 -48.89 22.59 -34.77
C TYR I 60 -49.11 24.09 -34.95
N ALA I 61 -48.44 24.66 -35.95
CA ALA I 61 -48.67 26.05 -36.30
C ALA I 61 -49.99 26.19 -37.08
N ASP I 62 -50.45 27.43 -37.20
CA ASP I 62 -51.74 27.71 -37.84
C ASP I 62 -51.70 27.52 -39.34
N SER I 63 -50.53 27.67 -39.97
CA SER I 63 -50.41 27.46 -41.41
C SER I 63 -50.29 25.98 -41.78
N VAL I 64 -50.03 25.11 -40.82
CA VAL I 64 -49.83 23.68 -41.10
C VAL I 64 -50.86 22.86 -40.34
N LYS I 65 -51.84 23.52 -39.73
CA LYS I 65 -52.85 22.83 -38.94
C LYS I 65 -53.84 22.11 -39.84
N GLY I 66 -54.07 20.82 -39.57
CA GLY I 66 -54.95 20.00 -40.36
C GLY I 66 -54.30 19.32 -41.55
N ARG I 67 -53.08 19.70 -41.90
CA ARG I 67 -52.35 19.11 -43.01
C ARG I 67 -51.07 18.39 -42.60
N PHE I 68 -50.43 18.83 -41.53
CA PHE I 68 -49.13 18.30 -41.13
C PHE I 68 -49.29 17.51 -39.83
N THR I 69 -48.61 16.38 -39.75
CA THR I 69 -48.64 15.55 -38.55
C THR I 69 -47.22 15.10 -38.21
N VAL I 70 -47.00 14.80 -36.93
CA VAL I 70 -45.69 14.38 -36.42
C VAL I 70 -45.87 13.14 -35.56
N SER I 71 -44.94 12.20 -35.67
CA SER I 71 -45.00 10.96 -34.91
C SER I 71 -43.59 10.54 -34.50
N LEU I 72 -43.52 9.74 -33.45
CA LEU I 72 -42.25 9.30 -32.88
C LEU I 72 -42.14 7.78 -32.95
N ASP I 73 -40.94 7.31 -33.29
CA ASP I 73 -40.64 5.88 -33.33
C ASP I 73 -39.52 5.64 -32.32
N ASN I 74 -39.88 5.08 -31.17
CA ASN I 74 -38.90 4.83 -30.12
C ASN I 74 -38.02 3.62 -30.38
N ALA I 75 -38.45 2.72 -31.28
CA ALA I 75 -37.63 1.55 -31.60
C ALA I 75 -36.44 1.92 -32.47
N LYS I 76 -36.63 2.85 -33.40
CA LYS I 76 -35.56 3.30 -34.28
C LYS I 76 -34.91 4.60 -33.81
N ASN I 77 -35.44 5.20 -32.74
CA ASN I 77 -35.02 6.51 -32.17
C ASN I 77 -35.05 7.62 -33.22
N THR I 78 -36.13 7.64 -34.00
CA THR I 78 -36.25 8.53 -35.14
C THR I 78 -37.65 9.14 -35.15
N VAL I 79 -37.72 10.46 -35.16
CA VAL I 79 -38.98 11.19 -35.23
C VAL I 79 -39.39 11.29 -36.71
N TYR I 80 -40.69 11.29 -36.97
CA TYR I 80 -41.23 11.29 -38.31
C TYR I 80 -42.11 12.52 -38.54
N LEU I 81 -42.08 13.03 -39.76
CA LEU I 81 -42.88 14.18 -40.17
C LEU I 81 -43.54 13.85 -41.49
N GLN I 82 -44.87 13.68 -41.49
CA GLN I 82 -45.62 13.31 -42.69
C GLN I 82 -46.34 14.55 -43.22
N MET I 83 -46.15 14.82 -44.51
CA MET I 83 -46.71 16.00 -45.17
C MET I 83 -47.83 15.56 -46.10
N ASN I 84 -49.04 16.02 -45.81
CA ASN I 84 -50.21 15.77 -46.64
C ASN I 84 -50.80 17.10 -47.13
N SER I 85 -51.31 17.06 -48.37
CA SER I 85 -51.95 18.19 -49.08
C SER I 85 -51.03 19.40 -49.19
N LEU I 86 -49.92 19.23 -49.91
CA LEU I 86 -48.89 20.25 -49.98
C LEU I 86 -49.29 21.37 -50.93
N LYS I 87 -48.84 22.58 -50.61
CA LYS I 87 -49.06 23.80 -51.37
C LYS I 87 -47.71 24.42 -51.69
N PRO I 88 -47.58 25.18 -52.79
CA PRO I 88 -46.26 25.68 -53.20
C PRO I 88 -45.66 26.80 -52.34
N GLU I 89 -46.31 27.22 -51.25
CA GLU I 89 -45.69 28.10 -50.28
C GLU I 89 -44.83 27.37 -49.26
N ASP I 90 -44.76 26.04 -49.33
CA ASP I 90 -43.99 25.23 -48.39
C ASP I 90 -42.58 24.94 -48.88
N THR I 91 -42.13 25.57 -49.97
CA THR I 91 -40.77 25.36 -50.46
C THR I 91 -39.78 26.07 -49.54
N ALA I 92 -39.07 25.30 -48.71
CA ALA I 92 -38.22 25.87 -47.67
C ALA I 92 -37.19 24.83 -47.25
N LEU I 93 -36.26 25.28 -46.40
CA LEU I 93 -35.29 24.39 -45.77
C LEU I 93 -35.85 23.91 -44.44
N TYR I 94 -35.94 22.60 -44.26
CA TYR I 94 -36.47 22.02 -43.04
C TYR I 94 -35.35 21.54 -42.12
N TYR I 95 -35.56 21.68 -40.82
CA TYR I 95 -34.58 21.31 -39.81
C TYR I 95 -35.27 20.55 -38.68
N CYS I 96 -34.56 19.60 -38.09
CA CYS I 96 -35.03 18.90 -36.90
C CYS I 96 -34.16 19.28 -35.70
N ALA I 97 -34.82 19.52 -34.57
CA ALA I 97 -34.13 19.94 -33.36
C ALA I 97 -34.56 19.08 -32.19
N ALA I 98 -33.57 18.71 -31.37
CA ALA I 98 -33.80 17.91 -30.18
C ALA I 98 -33.47 18.73 -28.95
N ALA I 99 -34.34 18.67 -27.94
CA ALA I 99 -34.19 19.43 -26.72
C ALA I 99 -34.02 18.50 -25.52
N ALA I 100 -33.23 18.95 -24.56
CA ALA I 100 -32.97 18.20 -23.33
C ALA I 100 -33.29 18.97 -22.07
N TRP I 101 -34.00 20.09 -22.17
CA TRP I 101 -34.29 20.95 -21.02
C TRP I 101 -35.78 21.03 -20.71
N GLY I 102 -36.62 20.39 -21.52
CA GLY I 102 -38.07 20.50 -21.37
C GLY I 102 -38.73 20.86 -22.68
N TYR I 103 -40.00 21.30 -22.61
CA TYR I 103 -40.74 21.60 -23.83
C TYR I 103 -41.20 23.06 -23.80
N ALA I 104 -41.09 23.72 -24.95
CA ALA I 104 -41.43 25.13 -25.06
C ALA I 104 -42.14 25.37 -26.39
N TRP I 105 -43.34 25.92 -26.33
CA TRP I 105 -44.11 26.30 -27.50
C TRP I 105 -44.44 27.78 -27.44
N PRO I 106 -44.22 28.56 -28.51
CA PRO I 106 -43.72 28.20 -29.86
C PRO I 106 -42.21 28.03 -29.94
N LEU I 107 -41.74 27.49 -31.06
CA LEU I 107 -40.32 27.24 -31.26
C LEU I 107 -39.57 28.55 -31.47
N HIS I 108 -38.37 28.62 -30.90
CA HIS I 108 -37.54 29.82 -30.97
C HIS I 108 -36.12 29.42 -31.31
N GLN I 109 -35.46 30.23 -32.14
CA GLN I 109 -34.12 29.92 -32.63
C GLN I 109 -33.03 30.18 -31.58
N ASP I 110 -33.27 31.17 -30.71
CA ASP I 110 -32.24 31.62 -29.77
C ASP I 110 -32.06 30.69 -28.57
N ASP I 111 -32.95 29.73 -28.37
CA ASP I 111 -32.81 28.80 -27.27
C ASP I 111 -31.81 27.70 -27.68
N TYR I 112 -31.39 26.89 -26.71
CA TYR I 112 -30.43 25.82 -26.96
C TYR I 112 -31.12 24.65 -27.67
N TRP I 113 -30.63 24.32 -28.86
CA TRP I 113 -31.10 23.14 -29.59
C TRP I 113 -29.92 22.37 -30.12
N TYR I 114 -30.13 21.06 -30.29
CA TYR I 114 -29.22 20.24 -31.09
C TYR I 114 -29.73 20.21 -32.53
N TRP I 115 -28.96 20.81 -33.43
CA TRP I 115 -29.42 21.12 -34.78
C TRP I 115 -28.97 20.05 -35.77
N GLY I 116 -29.86 19.74 -36.71
CA GLY I 116 -29.54 18.84 -37.80
C GLY I 116 -28.83 19.55 -38.94
N GLN I 117 -28.51 18.77 -39.98
CA GLN I 117 -27.76 19.32 -41.10
C GLN I 117 -28.66 20.03 -42.11
N GLY I 118 -29.97 19.82 -42.02
CA GLY I 118 -30.91 20.49 -42.92
C GLY I 118 -31.10 19.79 -44.25
N THR I 119 -32.33 19.81 -44.76
CA THR I 119 -32.65 19.20 -46.05
C THR I 119 -33.51 20.17 -46.86
N GLN I 120 -33.48 19.99 -48.17
CA GLN I 120 -34.28 20.84 -49.07
C GLN I 120 -35.56 20.13 -49.48
N VAL I 121 -36.69 20.81 -49.24
CA VAL I 121 -38.00 20.34 -49.69
C VAL I 121 -38.52 21.36 -50.69
N THR I 122 -38.68 20.95 -51.94
CA THR I 122 -39.10 21.84 -53.01
C THR I 122 -40.41 21.33 -53.60
N VAL I 123 -41.45 22.15 -53.54
CA VAL I 123 -42.76 21.85 -54.11
C VAL I 123 -43.14 22.97 -55.06
N SER I 124 -44.01 22.66 -56.02
CA SER I 124 -44.42 23.65 -57.02
C SER I 124 -45.81 23.34 -57.57
#